data_5THR
#
_entry.id   5THR
#
_cell.length_a   1.00
_cell.length_b   1.00
_cell.length_c   1.00
_cell.angle_alpha   90.00
_cell.angle_beta   90.00
_cell.angle_gamma   90.00
#
_symmetry.space_group_name_H-M   'P 1'
#
loop_
_entity.id
_entity.type
_entity.pdbx_description
1 polymer 'BG505 SOSIP gp41'
2 polymer 'BG505 SOSIP gp120'
3 polymer 'T-cell surface glycoprotein CD4'
4 polymer '17b Fab VL domain'
5 polymer '17b Fab VH domain'
6 polymer '8ANC195 G52K5 VH domain'
7 polymer '8ANC195 G52K5 VL domain'
8 branched alpha-D-mannopyranose-(1-3)-beta-D-mannopyranose-(1-4)-2-acetamido-2-deoxy-beta-D-glucopyranose-(1-4)-2-acetamido-2-deoxy-beta-D-glucopyranose
9 branched alpha-D-mannopyranose-(1-3)-[alpha-D-mannopyranose-(1-6)]beta-D-mannopyranose-(1-4)-2-acetamido-2-deoxy-beta-D-glucopyranose-(1-4)-2-acetamido-2-deoxy-beta-D-glucopyranose
#
loop_
_entity_poly.entity_id
_entity_poly.type
_entity_poly.pdbx_seq_one_letter_code
_entity_poly.pdbx_strand_id
1 'polypeptide(L)'
;AVGIGAVFLGFLGAAGSTMGAASMTLTVQARNLLSGIVQQQSNLLRAPEAQQHLLKLTVWGIKQLQARVLAVERYLRDQQ
LLGIWGCSGKLICCTNVPWNSSWSNRNLSEIWDNMTWLQWDKEISNYTQIIYGLLEESQNQQEKNEQDLLALD
;
A,B,C
2 'polypeptide(L)'
;AENLWVTVYYGVPVWKDAETTLFCASDAKAYETEKHNVWATHACVPTDPNPQEIHLENVTEEFNMWKNNMVEQMHTDIIS
LWDQSLKPCVKLTPLCVTLQCTNVTNNITDDMRGELKNCSFNMTTELRDKKQKVYSLFYRLDVVQINENQGNRSNNSNKE
YRLINCNTSAITQACPKVSFEPIPIHYCAPAGFAILKCKDKKFNGTGPCPSVSTVQCTHGIKPVVSTQLLLNGSLAEEEV
MIRSENITNNAKNILVQFNTPVQINCTRPNNNTRKSIRIGPGQAFYATGDIIGDIRQAHCNVSKATWNETLGKVVKQLRK
HFGNNTIIRFANSSGGDLEVTTHSFNCGGEFFYCNTSGLFNSTWISNTSVQGSNSTGSNDSITLPCRIKQIINMWQRIGQ
AMYAPPIQGVIRCVSNITGLILTRDGGSTNSTTETFRPGGGDMRDNWRSELYKYKVVKIEPLGVAPTRCKRRVVGRRRRR
R
;
D,E,F
3 'polypeptide(L)'
;KKVVLGKKGDTVELTCTASQKKSIQFHWKNSNQIKILGNQGSFLTKGPSKLNDRADSRRSLWDQGNFPLIIKNLKIEDSD
TYICEVEDQKEEVQLLVFGLTANSDTHLLQGQSLTLTLESPPGSSPSVQCRSPRGKNIQGGKTLSVSQLELQDSGTWTCT
VLQNQKKVEFKIDIVVLAFQKAIDGRHHHHHH
;
G,H,I
4 'polypeptide(L)'
;DIVMTQSPATLSVSPGERATLSCRASESVSSDLAWYQQKPGQAPRLLIYGASTRATGVPARFSGSGSGAEFTLTISSLQS
EDFAVYYCQQYNNWPPRYTFGQGTRLEIKRTVAAPSVFIFPPSDEQLKSGTASVVCLLNNFYPREAKVQWKVDNALQSGN
SQESVTEQDSKDSTYSLSSTLTLSKADYEKHKVYACEVTHQGLSSPVTKSFNRG
;
J,K,L
5 'polypeptide(L)'
;EVQLVESGAEVKKPGSSVKVSCKASGDTFIRYSFTWVRQAPGQGLEWMGRIITILDVAHYAPHLQGRVTITADKSTSTVY
LELRNLRSDDTAVYFCAGVYEGEADEGEYDNNGFLKHWGQGTLVTVSSASTKGPSVFPLAPSSKSTSGGTAALGCLVKDY
FPEPVTVSWNSGALTSGVHTFPAVLQSSGLYSLSSVVTVPSSSLGTQTYICNVNHKPSNTKVDKKVEPK
;
M,N,O
6 'polypeptide(L)'
;QIHLVQSGTEVKKPGSSVTVSCKAYGVNTFGLYAVNWVRQAPGQSLEYIGQIWRWKSSASHHFRGRVLISAVDLTGSSPP
ISSLEIKNLTSDDTAVYFCTTTSTYDKWSGLHHDGVMAFSSWGQGTLISVSAASTKGPSVFPLAPSSKSTSGGTAALGCL
VKDYFPEPVTVSWNSGALTSGVHTFPAVLQSSGLYSLSSVVTVPSSSLGTQTYICNVNHKPSNTKVDKRVEPKSCDKTHH
HHHH
;
P,R,T
7 'polypeptide(L)'
;DIQMTQSPSTLSASIGDTVRISCRASQSITGNWVAWYQQRPGKAPRLLIYRGAALLGGVPSRFSGSAAGTDFTLTIGNLQ
AEDFGTFYCQQYDTYPGTFGQGTKVEVKRTVAAPSVFIFPPSDEQLKSGTASVVCLLNNFYPREAKVQWKVDNALQSGNS
QESVTEQDSKDSTYSLSSTLTLSKADYEKHKVYACEVTHQGLSSPVTKSFNRGEC
;
Q,S,U
#
# COMPACT_ATOMS: atom_id res chain seq x y z
N LEU A 9 12.55 -18.40 -36.60
CA LEU A 9 13.22 -17.30 -37.30
C LEU A 9 13.14 -16.03 -36.47
N GLY A 10 12.00 -15.35 -36.51
CA GLY A 10 11.83 -14.12 -35.76
C GLY A 10 10.42 -13.97 -35.23
N PHE A 11 10.29 -12.97 -34.35
CA PHE A 11 9.01 -12.61 -33.75
C PHE A 11 8.27 -11.93 -34.88
N LEU A 12 7.53 -12.71 -35.66
CA LEU A 12 6.81 -12.26 -36.86
C LEU A 12 7.78 -11.66 -37.88
N GLY A 13 8.68 -12.51 -38.36
CA GLY A 13 9.68 -12.10 -39.33
C GLY A 13 9.63 -12.89 -40.62
N ALA A 14 8.50 -13.54 -40.91
CA ALA A 14 8.37 -14.34 -42.12
C ALA A 14 6.96 -14.20 -42.69
N ALA A 15 6.81 -14.58 -43.97
CA ALA A 15 5.52 -14.52 -44.66
C ALA A 15 5.49 -15.58 -45.75
N GLY A 16 4.74 -16.67 -45.51
CA GLY A 16 4.64 -17.75 -46.48
C GLY A 16 3.34 -18.52 -46.38
N SER A 17 3.18 -19.48 -47.30
CA SER A 17 1.99 -20.34 -47.36
C SER A 17 2.03 -21.32 -46.20
N THR A 18 0.86 -21.79 -45.75
CA THR A 18 0.72 -22.70 -44.60
C THR A 18 0.69 -24.22 -44.81
N MET A 19 1.38 -25.01 -43.95
CA MET A 19 1.47 -25.52 -42.56
C MET A 19 2.75 -25.80 -41.70
N GLY A 20 3.92 -26.09 -42.27
CA GLY A 20 5.06 -26.58 -41.46
C GLY A 20 6.22 -25.78 -40.86
N ALA A 21 6.84 -24.87 -41.60
CA ALA A 21 7.98 -24.11 -41.09
C ALA A 21 7.58 -23.32 -39.86
N ALA A 22 6.28 -23.09 -39.63
CA ALA A 22 5.93 -22.46 -38.37
C ALA A 22 6.25 -23.41 -37.24
N SER A 23 6.13 -24.72 -37.49
CA SER A 23 6.49 -25.69 -36.49
C SER A 23 7.99 -25.61 -36.39
N MET A 24 8.67 -25.37 -37.51
CA MET A 24 10.13 -25.28 -37.45
C MET A 24 10.68 -23.96 -36.87
N THR A 25 10.06 -22.81 -37.17
CA THR A 25 10.47 -21.49 -36.71
C THR A 25 10.13 -21.41 -35.24
N LEU A 26 8.99 -21.98 -34.83
CA LEU A 26 8.59 -22.01 -33.44
C LEU A 26 9.48 -23.05 -32.81
N THR A 27 10.02 -23.96 -33.64
CA THR A 27 10.91 -24.96 -33.08
C THR A 27 12.22 -24.32 -32.69
N VAL A 28 12.73 -23.39 -33.55
CA VAL A 28 13.97 -22.71 -33.26
C VAL A 28 13.79 -21.74 -32.10
N GLN A 29 12.68 -20.97 -32.11
CA GLN A 29 12.42 -20.01 -31.04
C GLN A 29 12.28 -20.75 -29.72
N ALA A 30 11.60 -21.89 -29.72
CA ALA A 30 11.44 -22.71 -28.53
C ALA A 30 12.73 -23.40 -28.14
N ARG A 31 13.67 -23.59 -29.08
CA ARG A 31 14.96 -24.18 -28.75
C ARG A 31 15.74 -23.14 -27.96
N ASN A 32 15.47 -21.86 -28.23
CA ASN A 32 16.12 -20.78 -27.49
C ASN A 32 15.07 -19.91 -26.79
N LEU A 33 14.13 -20.58 -26.12
CA LEU A 33 12.95 -20.10 -25.40
C LEU A 33 13.27 -19.26 -24.16
N LEU A 34 14.53 -18.98 -23.88
CA LEU A 34 14.79 -18.20 -22.68
C LEU A 34 15.31 -16.81 -22.97
N SER A 35 15.89 -16.57 -24.16
CA SER A 35 16.52 -15.30 -24.54
C SER A 35 17.63 -15.07 -23.52
N GLY A 36 18.30 -16.16 -23.15
CA GLY A 36 19.37 -16.16 -22.17
C GLY A 36 19.76 -17.57 -21.79
N THR A 58 5.38 7.74 0.88
CA THR A 58 5.84 9.00 0.31
C THR A 58 6.79 8.77 -0.85
N VAL A 59 7.57 7.68 -0.79
CA VAL A 59 8.56 7.35 -1.80
C VAL A 59 8.44 5.95 -2.38
N TRP A 60 8.58 5.87 -3.71
CA TRP A 60 8.75 4.71 -4.59
C TRP A 60 7.75 3.55 -4.88
N GLY A 61 6.49 3.79 -5.28
CA GLY A 61 5.83 2.53 -5.65
C GLY A 61 4.53 1.72 -5.55
N ILE A 62 3.54 2.01 -4.70
CA ILE A 62 2.39 1.09 -4.54
C ILE A 62 1.57 0.55 -5.72
N LYS A 63 1.29 1.33 -6.77
CA LYS A 63 0.45 0.81 -7.86
C LYS A 63 1.06 -0.31 -8.72
N GLN A 64 2.36 -0.26 -9.03
CA GLN A 64 2.99 -1.27 -9.87
C GLN A 64 3.07 -2.68 -9.27
N LEU A 65 3.18 -2.78 -7.93
CA LEU A 65 3.30 -4.09 -7.30
C LEU A 65 2.05 -4.94 -7.46
N GLN A 66 0.85 -4.36 -7.34
CA GLN A 66 -0.38 -5.13 -7.46
C GLN A 66 -0.53 -5.68 -8.88
N ALA A 67 -0.06 -4.94 -9.89
CA ALA A 67 -0.13 -5.42 -11.27
C ALA A 67 0.82 -6.60 -11.44
N ARG A 68 1.98 -6.54 -10.78
CA ARG A 68 2.90 -7.66 -10.88
C ARG A 68 2.33 -8.89 -10.18
N VAL A 69 1.63 -8.69 -9.06
CA VAL A 69 1.04 -9.81 -8.33
C VAL A 69 -0.08 -10.44 -9.15
N LEU A 70 -0.92 -9.60 -9.77
CA LEU A 70 -2.02 -10.13 -10.57
C LEU A 70 -1.47 -10.85 -11.80
N ALA A 71 -0.37 -10.33 -12.35
CA ALA A 71 0.24 -10.97 -13.52
C ALA A 71 0.82 -12.33 -13.16
N VAL A 72 1.47 -12.45 -12.01
CA VAL A 72 2.03 -13.75 -11.65
C VAL A 72 0.92 -14.70 -11.21
N GLU A 73 -0.19 -14.19 -10.65
CA GLU A 73 -1.30 -15.06 -10.27
C GLU A 73 -1.94 -15.63 -11.53
N ARG A 74 -2.11 -14.79 -12.54
CA ARG A 74 -2.71 -15.24 -13.80
C ARG A 74 -1.78 -16.19 -14.53
N TYR A 75 -0.47 -15.88 -14.52
CA TYR A 75 0.50 -16.74 -15.20
C TYR A 75 0.59 -18.09 -14.52
N LEU A 76 0.62 -18.11 -13.18
CA LEU A 76 0.72 -19.38 -12.46
C LEU A 76 -0.59 -20.17 -12.53
N ARG A 77 -1.73 -19.49 -12.62
CA ARG A 77 -3.01 -20.19 -12.75
C ARG A 77 -3.00 -20.83 -14.14
N ASP A 78 -2.43 -20.13 -15.12
CA ASP A 78 -2.33 -20.68 -16.46
C ASP A 78 -1.36 -21.87 -16.46
N GLN A 79 -0.29 -21.78 -15.66
CA GLN A 79 0.71 -22.84 -15.58
C GLN A 79 0.22 -24.10 -14.87
N GLN A 80 -0.66 -23.96 -13.87
CA GLN A 80 -1.17 -25.15 -13.20
C GLN A 80 -2.17 -25.81 -14.15
N LEU A 81 -2.93 -24.99 -14.90
CA LEU A 81 -3.85 -25.57 -15.87
C LEU A 81 -3.03 -26.22 -16.98
N LEU A 82 -1.83 -25.70 -17.22
CA LEU A 82 -0.91 -26.24 -18.21
C LEU A 82 -0.42 -27.57 -17.67
N GLY A 83 -0.22 -27.65 -16.34
CA GLY A 83 0.26 -28.82 -15.63
C GLY A 83 -0.71 -29.96 -15.53
N ILE A 84 -2.01 -29.71 -15.68
CA ILE A 84 -2.99 -30.78 -15.57
C ILE A 84 -3.29 -31.39 -16.94
N TRP A 85 -2.39 -31.17 -17.90
CA TRP A 85 -2.53 -31.68 -19.27
C TRP A 85 -1.91 -33.04 -19.56
N GLY A 86 -2.39 -33.65 -20.65
CA GLY A 86 -1.91 -34.95 -21.09
C GLY A 86 -0.84 -34.98 -22.17
N CYS A 87 -0.17 -33.88 -22.48
CA CYS A 87 0.88 -33.94 -23.49
C CYS A 87 2.25 -33.70 -22.83
N SER A 88 2.40 -32.59 -22.11
CA SER A 88 3.61 -32.16 -21.41
C SER A 88 4.83 -32.06 -22.33
N GLY A 89 4.63 -32.06 -23.64
CA GLY A 89 5.73 -31.99 -24.58
C GLY A 89 5.56 -30.85 -25.55
N LYS A 90 6.69 -30.45 -26.14
CA LYS A 90 6.69 -29.31 -27.04
C LYS A 90 7.15 -29.51 -28.48
N LEU A 91 6.32 -28.98 -29.38
CA LEU A 91 6.41 -28.84 -30.84
C LEU A 91 6.33 -30.12 -31.65
N ILE A 92 6.38 -31.26 -30.98
CA ILE A 92 6.20 -32.54 -31.63
C ILE A 92 5.51 -33.30 -30.52
N CYS A 93 4.20 -33.54 -30.65
CA CYS A 93 3.49 -34.22 -29.59
C CYS A 93 2.37 -35.09 -30.08
N CYS A 94 2.32 -36.28 -29.55
CA CYS A 94 1.23 -37.13 -29.94
C CYS A 94 0.37 -37.56 -28.76
N THR A 95 -0.63 -36.74 -28.50
CA THR A 95 -1.56 -36.98 -27.44
C THR A 95 -2.65 -37.80 -28.12
N ASN A 96 -3.41 -38.55 -27.32
CA ASN A 96 -4.38 -39.51 -27.87
C ASN A 96 -5.66 -39.22 -28.67
N VAL A 97 -6.05 -37.99 -28.98
CA VAL A 97 -7.30 -37.92 -29.76
C VAL A 97 -7.05 -38.13 -31.24
N PRO A 98 -7.85 -38.95 -31.86
CA PRO A 98 -7.73 -39.17 -33.28
C PRO A 98 -8.26 -37.97 -34.05
N TRP A 99 -7.35 -37.25 -34.70
CA TRP A 99 -7.67 -36.16 -35.60
C TRP A 99 -8.19 -37.02 -36.72
N ASN A 100 -9.50 -37.24 -36.72
CA ASN A 100 -10.17 -38.15 -37.62
C ASN A 100 -10.14 -37.69 -39.08
N SER A 101 -10.54 -38.59 -39.98
CA SER A 101 -10.55 -38.33 -41.40
C SER A 101 -11.47 -37.18 -41.79
N SER A 102 -12.42 -36.84 -40.91
CA SER A 102 -13.30 -35.71 -41.18
C SER A 102 -12.43 -34.47 -41.06
N TRP A 103 -11.44 -34.52 -40.18
CA TRP A 103 -10.51 -33.41 -39.99
C TRP A 103 -9.21 -33.68 -40.72
N SER A 104 -8.81 -34.94 -40.88
CA SER A 104 -7.55 -35.29 -41.54
C SER A 104 -7.61 -35.33 -43.06
N ASN A 105 -6.84 -34.44 -43.69
CA ASN A 105 -6.73 -34.34 -45.13
C ASN A 105 -5.27 -34.14 -45.47
N ARG A 106 -4.40 -34.00 -44.46
CA ARG A 106 -2.99 -33.74 -44.67
C ARG A 106 -2.20 -34.86 -45.33
N ASN A 107 -1.52 -34.54 -46.43
CA ASN A 107 -0.68 -35.49 -47.13
C ASN A 107 0.53 -35.68 -46.21
N LEU A 108 1.20 -36.83 -46.37
CA LEU A 108 2.35 -37.15 -45.51
C LEU A 108 3.49 -36.13 -45.51
N SER A 109 4.02 -35.81 -46.69
CA SER A 109 5.13 -34.86 -46.75
C SER A 109 4.66 -33.41 -46.64
N GLU A 110 3.37 -33.15 -46.88
CA GLU A 110 2.85 -31.79 -46.81
C GLU A 110 2.66 -31.29 -45.39
N ILE A 111 2.83 -32.16 -44.40
CA ILE A 111 2.65 -31.77 -43.01
C ILE A 111 3.66 -30.74 -42.54
N TRP A 112 4.93 -30.88 -42.92
CA TRP A 112 5.93 -29.92 -42.45
C TRP A 112 6.67 -29.13 -43.53
N ASP A 113 6.05 -28.05 -44.04
CA ASP A 113 6.71 -27.17 -45.01
C ASP A 113 6.91 -25.68 -44.69
N ASN A 114 5.82 -24.92 -44.38
CA ASN A 114 5.86 -23.46 -44.11
C ASN A 114 4.50 -22.99 -43.58
N MET A 115 4.39 -21.95 -42.70
CA MET A 115 3.07 -21.46 -42.21
C MET A 115 2.86 -20.06 -41.60
N THR A 116 2.32 -19.06 -42.35
CA THR A 116 2.01 -17.83 -41.59
C THR A 116 0.54 -17.47 -41.31
N TRP A 117 -0.21 -16.90 -42.31
CA TRP A 117 -1.66 -16.65 -42.60
C TRP A 117 -2.91 -16.33 -41.73
N LEU A 118 -3.11 -15.11 -41.17
CA LEU A 118 -4.11 -14.69 -40.15
C LEU A 118 -5.61 -14.98 -39.91
N GLN A 119 -6.53 -14.59 -40.81
CA GLN A 119 -7.95 -14.87 -40.53
C GLN A 119 -8.10 -16.37 -40.56
N TRP A 120 -7.35 -16.96 -41.47
CA TRP A 120 -7.20 -18.36 -41.68
C TRP A 120 -6.59 -18.88 -40.40
N ASP A 121 -5.60 -18.18 -39.84
CA ASP A 121 -4.95 -18.61 -38.59
C ASP A 121 -5.83 -18.68 -37.38
N LYS A 122 -6.75 -17.73 -37.22
CA LYS A 122 -7.55 -17.83 -36.02
C LYS A 122 -8.44 -19.03 -36.20
N GLU A 123 -8.81 -19.31 -37.43
CA GLU A 123 -9.60 -20.52 -37.51
C GLU A 123 -8.70 -21.74 -37.32
N ILE A 124 -7.46 -21.67 -37.78
CA ILE A 124 -6.52 -22.76 -37.62
C ILE A 124 -6.20 -22.93 -36.14
N SER A 125 -5.95 -21.84 -35.41
CA SER A 125 -5.62 -21.77 -34.00
C SER A 125 -6.79 -22.23 -33.14
N ASN A 126 -8.02 -21.91 -33.55
CA ASN A 126 -9.16 -22.38 -32.79
C ASN A 126 -9.25 -23.89 -33.01
N TYR A 127 -8.88 -24.36 -34.22
CA TYR A 127 -8.89 -25.80 -34.49
C TYR A 127 -7.79 -26.45 -33.66
N THR A 128 -6.66 -25.75 -33.46
CA THR A 128 -5.54 -26.24 -32.67
C THR A 128 -6.03 -26.46 -31.26
N GLN A 129 -6.81 -25.51 -30.73
CA GLN A 129 -7.26 -25.67 -29.35
C GLN A 129 -8.31 -26.76 -29.18
N ILE A 130 -9.20 -26.94 -30.16
CA ILE A 130 -10.22 -27.98 -30.03
C ILE A 130 -9.51 -29.33 -30.00
N ILE A 131 -8.48 -29.51 -30.83
CA ILE A 131 -7.79 -30.78 -30.76
C ILE A 131 -7.08 -30.84 -29.42
N TYR A 132 -6.52 -29.73 -28.94
CA TYR A 132 -5.83 -29.75 -27.66
C TYR A 132 -6.64 -30.24 -26.47
N GLY A 133 -7.83 -29.66 -26.29
CA GLY A 133 -8.68 -30.08 -25.20
C GLY A 133 -9.13 -31.51 -25.40
N LEU A 134 -9.47 -31.87 -26.64
CA LEU A 134 -9.88 -33.24 -26.84
C LEU A 134 -8.70 -34.16 -26.55
N LEU A 135 -7.49 -33.86 -27.10
CA LEU A 135 -6.29 -34.68 -26.97
C LEU A 135 -5.92 -34.96 -25.54
N GLU A 136 -5.81 -33.90 -24.74
CA GLU A 136 -5.43 -34.02 -23.36
C GLU A 136 -6.52 -34.71 -22.56
N GLU A 137 -7.78 -34.52 -22.94
CA GLU A 137 -8.87 -35.22 -22.26
C GLU A 137 -8.78 -36.71 -22.59
N SER A 138 -8.38 -37.07 -23.81
CA SER A 138 -8.25 -38.46 -24.19
C SER A 138 -7.04 -39.13 -23.59
N GLN A 139 -5.93 -38.41 -23.44
CA GLN A 139 -4.75 -39.01 -22.85
C GLN A 139 -5.00 -39.06 -21.36
N ASN A 140 -5.79 -38.13 -20.84
CA ASN A 140 -6.09 -38.16 -19.41
C ASN A 140 -7.02 -39.36 -19.27
N GLN A 141 -7.90 -39.57 -20.26
CA GLN A 141 -8.84 -40.68 -20.22
C GLN A 141 -8.14 -42.03 -20.40
N GLN A 142 -7.12 -42.10 -21.24
CA GLN A 142 -6.42 -43.37 -21.44
C GLN A 142 -5.50 -43.59 -20.25
N GLU A 143 -4.89 -42.51 -19.73
CA GLU A 143 -4.01 -42.65 -18.57
C GLU A 143 -4.83 -43.11 -17.38
N LYS A 144 -6.04 -42.55 -17.21
CA LYS A 144 -6.97 -42.89 -16.14
C LYS A 144 -7.59 -44.27 -16.35
N ASN A 145 -7.92 -44.61 -17.60
CA ASN A 145 -8.54 -45.89 -17.96
C ASN A 145 -7.54 -47.00 -17.74
N GLU A 146 -6.32 -46.81 -18.19
CA GLU A 146 -5.25 -47.77 -18.02
C GLU A 146 -4.89 -47.81 -16.55
N GLN A 147 -4.99 -46.67 -15.89
CA GLN A 147 -4.67 -46.57 -14.48
C GLN A 147 -5.66 -47.54 -13.81
N ASP A 148 -6.95 -47.43 -14.08
CA ASP A 148 -7.86 -48.36 -13.44
C ASP A 148 -7.66 -49.83 -13.85
N LEU A 149 -7.31 -50.07 -15.13
CA LEU A 149 -7.16 -51.40 -15.72
C LEU A 149 -5.85 -52.22 -15.89
N LEU A 150 -4.68 -51.57 -16.00
CA LEU A 150 -3.39 -52.21 -16.33
C LEU A 150 -2.84 -53.47 -15.64
N ALA A 151 -2.79 -53.51 -14.32
CA ALA A 151 -2.25 -52.73 -13.24
C ALA A 151 -0.75 -52.96 -13.04
N LEU A 152 0.03 -52.91 -14.12
CA LEU A 152 1.50 -52.73 -14.18
C LEU A 152 2.46 -53.13 -13.03
N ASP A 153 2.46 -54.38 -12.59
CA ASP A 153 3.40 -54.68 -11.49
C ASP A 153 4.87 -54.61 -11.94
N GLY B 10 -22.20 -32.98 -6.19
CA GLY B 10 -22.28 -31.59 -5.77
C GLY B 10 -21.42 -31.25 -4.58
N PHE B 11 -21.36 -29.95 -4.28
CA PHE B 11 -20.58 -29.45 -3.15
C PHE B 11 -21.41 -29.84 -1.93
N LEU B 12 -21.14 -31.02 -1.39
CA LEU B 12 -21.87 -31.63 -0.27
C LEU B 12 -23.36 -31.79 -0.62
N GLY B 13 -23.60 -32.59 -1.64
CA GLY B 13 -24.95 -32.86 -2.12
C GLY B 13 -25.34 -34.33 -2.09
N ALA B 14 -24.65 -35.13 -1.28
CA ALA B 14 -24.94 -36.56 -1.19
C ALA B 14 -24.76 -37.03 0.25
N ALA B 15 -25.33 -38.20 0.55
CA ALA B 15 -25.26 -38.79 1.88
C ALA B 15 -25.36 -40.32 1.75
N GLY B 16 -24.23 -41.01 1.92
CA GLY B 16 -24.22 -42.46 1.83
C GLY B 16 -23.11 -43.10 2.64
N SER B 17 -23.10 -44.44 2.63
CA SER B 17 -22.10 -45.24 3.35
C SER B 17 -20.76 -45.12 2.63
N THR B 18 -19.65 -45.29 3.37
CA THR B 18 -18.29 -45.16 2.84
C THR B 18 -17.53 -46.38 2.31
N MET B 19 -16.80 -46.26 1.18
CA MET B 19 -15.61 -45.66 0.55
C MET B 19 -15.44 -45.08 -0.91
N GLY B 20 -16.20 -45.55 -1.92
CA GLY B 20 -15.87 -45.19 -3.32
C GLY B 20 -16.45 -44.06 -4.17
N ALA B 21 -17.76 -43.85 -4.18
CA ALA B 21 -18.38 -42.82 -5.01
C ALA B 21 -17.83 -41.46 -4.64
N ALA B 22 -17.21 -41.30 -3.46
CA ALA B 22 -16.58 -40.01 -3.21
C ALA B 22 -15.38 -39.87 -4.13
N SER B 23 -14.73 -40.99 -4.47
CA SER B 23 -13.63 -40.92 -5.42
C SER B 23 -14.29 -40.62 -6.74
N MET B 24 -15.51 -41.13 -6.98
CA MET B 24 -16.20 -40.86 -8.24
C MET B 24 -16.83 -39.44 -8.35
N THR B 25 -17.43 -38.90 -7.29
CA THR B 25 -18.08 -37.61 -7.26
C THR B 25 -16.97 -36.57 -7.30
N LEU B 26 -15.85 -36.84 -6.61
CA LEU B 26 -14.71 -35.97 -6.62
C LEU B 26 -14.08 -36.13 -7.97
N THR B 27 -14.29 -37.28 -8.60
CA THR B 27 -13.72 -37.47 -9.92
C THR B 27 -14.49 -36.58 -10.90
N VAL B 28 -15.81 -36.49 -10.77
CA VAL B 28 -16.61 -35.65 -11.67
C VAL B 28 -16.31 -34.17 -11.41
N GLN B 29 -16.27 -33.77 -10.13
CA GLN B 29 -15.99 -32.39 -9.78
C GLN B 29 -14.60 -32.00 -10.29
N ALA B 30 -13.63 -32.90 -10.14
CA ALA B 30 -12.28 -32.66 -10.62
C ALA B 30 -12.19 -32.72 -12.14
N ARG B 31 -13.15 -33.39 -12.80
CA ARG B 31 -13.16 -33.43 -14.26
C ARG B 31 -13.59 -32.05 -14.73
N ASN B 32 -14.39 -31.36 -13.91
CA ASN B 32 -14.84 -30.00 -14.24
C ASN B 32 -14.38 -29.03 -13.14
N LEU B 33 -13.11 -29.14 -12.75
CA LEU B 33 -12.39 -28.45 -11.69
C LEU B 33 -12.16 -26.96 -11.94
N LEU B 34 -12.70 -26.40 -13.02
CA LEU B 34 -12.44 -24.98 -13.22
C LEU B 34 -13.69 -24.13 -13.06
N SER B 35 -14.89 -24.72 -13.17
CA SER B 35 -16.18 -24.01 -13.14
C SER B 35 -16.14 -23.00 -14.28
N GLY B 36 -15.55 -23.44 -15.40
CA GLY B 36 -15.38 -22.62 -16.59
C GLY B 36 -14.48 -23.32 -17.59
N THR B 58 -7.35 8.56 -0.43
CA THR B 58 -8.67 9.12 -0.21
C THR B 58 -9.77 8.26 -0.84
N VAL B 59 -9.45 7.65 -1.97
CA VAL B 59 -10.39 6.84 -2.73
C VAL B 59 -9.91 5.42 -3.03
N TRP B 60 -10.82 4.45 -2.86
CA TRP B 60 -10.83 3.04 -3.26
C TRP B 60 -9.89 1.89 -2.76
N GLY B 61 -9.73 1.63 -1.45
CA GLY B 61 -8.95 0.39 -1.28
C GLY B 61 -7.82 -0.26 -0.49
N ILE B 62 -6.96 0.40 0.29
CA ILE B 62 -5.80 -0.27 0.91
C ILE B 62 -5.92 -1.59 1.70
N LYS B 63 -6.95 -1.80 2.52
CA LYS B 63 -7.01 -3.03 3.31
C LYS B 63 -7.21 -4.33 2.55
N GLN B 64 -8.03 -4.36 1.51
CA GLN B 64 -8.30 -5.57 0.75
C GLN B 64 -7.11 -6.15 -0.02
N LEU B 65 -6.20 -5.29 -0.50
CA LEU B 65 -5.06 -5.76 -1.28
C LEU B 65 -4.10 -6.63 -0.49
N GLN B 66 -3.83 -6.29 0.78
CA GLN B 66 -2.90 -7.07 1.59
C GLN B 66 -3.47 -8.46 1.85
N ALA B 67 -4.80 -8.57 1.99
CA ALA B 67 -5.41 -9.88 2.20
C ALA B 67 -5.29 -10.72 0.93
N ARG B 68 -5.41 -10.08 -0.23
CA ARG B 68 -5.26 -10.84 -1.46
C ARG B 68 -3.81 -11.30 -1.63
N VAL B 69 -2.86 -10.45 -1.22
CA VAL B 69 -1.45 -10.82 -1.33
C VAL B 69 -1.11 -11.96 -0.38
N LEU B 70 -1.64 -11.91 0.85
CA LEU B 70 -1.36 -12.97 1.81
C LEU B 70 -2.02 -14.27 1.35
N ALA B 71 -3.19 -14.15 0.73
CA ALA B 71 -3.89 -15.34 0.24
C ALA B 71 -3.12 -16.00 -0.89
N VAL B 72 -2.56 -15.20 -1.80
CA VAL B 72 -1.81 -15.82 -2.88
C VAL B 72 -0.44 -16.31 -2.41
N GLU B 73 0.13 -15.69 -1.38
CA GLU B 73 1.40 -16.16 -0.84
C GLU B 73 1.17 -17.53 -0.20
N ARG B 74 0.07 -17.66 0.54
CA ARG B 74 -0.25 -18.92 1.18
C ARG B 74 -0.62 -19.99 0.17
N TYR B 75 -1.38 -19.61 -0.87
CA TYR B 75 -1.79 -20.55 -1.89
C TYR B 75 -0.57 -21.03 -2.69
N LEU B 76 0.33 -20.12 -3.04
CA LEU B 76 1.52 -20.49 -3.79
C LEU B 76 2.50 -21.29 -2.96
N ARG B 77 2.58 -21.00 -1.65
CA ARG B 77 3.46 -21.74 -0.77
C ARG B 77 2.89 -23.16 -0.69
N ASP B 78 1.57 -23.28 -0.68
CA ASP B 78 0.93 -24.59 -0.66
C ASP B 78 1.19 -25.31 -1.98
N GLN B 79 1.18 -24.56 -3.09
CA GLN B 79 1.41 -25.12 -4.43
C GLN B 79 2.84 -25.58 -4.65
N GLN B 80 3.83 -24.91 -4.07
CA GLN B 80 5.20 -25.36 -4.25
C GLN B 80 5.39 -26.60 -3.41
N LEU B 81 4.77 -26.64 -2.23
CA LEU B 81 4.87 -27.84 -1.40
C LEU B 81 4.12 -28.97 -2.11
N LEU B 82 3.11 -28.61 -2.91
CA LEU B 82 2.35 -29.57 -3.69
C LEU B 82 3.27 -30.07 -4.80
N GLY B 83 4.11 -29.18 -5.32
CA GLY B 83 5.05 -29.45 -6.39
C GLY B 83 6.23 -30.31 -6.01
N ILE B 84 6.57 -30.41 -4.73
CA ILE B 84 7.72 -31.21 -4.31
C ILE B 84 7.27 -32.63 -3.95
N TRP B 85 6.09 -33.03 -4.42
CA TRP B 85 5.53 -34.35 -4.17
C TRP B 85 5.84 -35.45 -5.18
N GLY B 86 5.67 -36.70 -4.73
CA GLY B 86 5.92 -37.87 -5.56
C GLY B 86 4.73 -38.50 -6.26
N CYS B 87 3.57 -37.85 -6.32
CA CYS B 87 2.44 -38.45 -7.04
C CYS B 87 2.13 -37.67 -8.30
N SER B 88 1.88 -36.36 -8.17
CA SER B 88 1.55 -35.43 -9.25
C SER B 88 0.33 -35.87 -10.07
N GLY B 89 -0.44 -36.84 -9.57
CA GLY B 89 -1.61 -37.32 -10.27
C GLY B 89 -2.84 -37.17 -9.42
N LYS B 90 -3.99 -37.15 -10.08
CA LYS B 90 -5.26 -36.94 -9.39
C LYS B 90 -6.32 -38.01 -9.52
N LEU B 91 -6.86 -38.37 -8.35
CA LEU B 91 -7.97 -39.28 -8.02
C LEU B 91 -7.75 -40.75 -8.21
N ILE B 92 -6.65 -41.12 -8.87
CA ILE B 92 -6.29 -42.51 -9.07
C ILE B 92 -4.78 -42.37 -9.03
N CYS B 93 -4.12 -42.81 -7.96
CA CYS B 93 -2.67 -42.66 -7.88
C CYS B 93 -1.99 -43.76 -7.11
N CYS B 94 -0.94 -44.32 -7.69
CA CYS B 94 -0.17 -45.33 -7.00
C CYS B 94 1.23 -44.84 -6.69
N THR B 95 1.36 -44.18 -5.56
CA THR B 95 2.64 -43.67 -5.11
C THR B 95 3.16 -44.85 -4.30
N ASN B 96 4.48 -44.92 -4.13
CA ASN B 96 5.10 -46.10 -3.52
C ASN B 96 4.97 -46.61 -2.08
N VAL B 97 4.24 -46.00 -1.15
CA VAL B 97 4.22 -46.65 0.17
C VAL B 97 3.23 -47.78 0.25
N PRO B 98 3.66 -48.89 0.77
CA PRO B 98 2.76 -50.03 0.94
C PRO B 98 1.79 -49.78 2.08
N TRP B 99 0.51 -49.58 1.73
CA TRP B 99 -0.56 -49.48 2.71
C TRP B 99 -0.60 -50.95 3.07
N ASN B 100 0.12 -51.29 4.12
CA ASN B 100 0.35 -52.65 4.56
C ASN B 100 -0.92 -53.31 5.07
N SER B 101 -0.83 -54.63 5.28
CA SER B 101 -1.94 -55.44 5.75
C SER B 101 -2.45 -55.00 7.12
N SER B 102 -1.63 -54.27 7.89
CA SER B 102 -2.07 -53.77 9.18
C SER B 102 -3.10 -52.69 8.88
N TRP B 103 -2.92 -51.99 7.77
CA TRP B 103 -3.86 -50.96 7.35
C TRP B 103 -4.79 -51.49 6.27
N SER B 104 -4.34 -52.45 5.45
CA SER B 104 -5.14 -53.00 4.37
C SER B 104 -6.13 -54.09 4.77
N ASN B 105 -7.42 -53.79 4.61
CA ASN B 105 -8.50 -54.72 4.90
C ASN B 105 -9.51 -54.62 3.78
N ARG B 106 -9.31 -53.72 2.83
CA ARG B 106 -10.23 -53.51 1.72
C ARG B 106 -10.39 -54.66 0.74
N ASN B 107 -11.64 -55.10 0.55
CA ASN B 107 -11.93 -56.16 -0.40
C ASN B 107 -11.74 -55.51 -1.77
N LEU B 108 -11.49 -56.34 -2.78
CA LEU B 108 -11.24 -55.84 -4.13
C LEU B 108 -12.34 -54.98 -4.74
N SER B 109 -13.58 -55.50 -4.78
CA SER B 109 -14.66 -54.72 -5.36
C SER B 109 -15.23 -53.68 -4.40
N GLU B 110 -14.93 -53.81 -3.11
CA GLU B 110 -15.44 -52.85 -2.13
C GLU B 110 -14.67 -51.54 -2.11
N ILE B 111 -13.57 -51.46 -2.85
CA ILE B 111 -12.76 -50.24 -2.87
C ILE B 111 -13.51 -49.06 -3.49
N TRP B 112 -14.28 -49.27 -4.55
CA TRP B 112 -14.98 -48.15 -5.17
C TRP B 112 -16.52 -48.23 -5.23
N ASP B 113 -17.21 -47.90 -4.13
CA ASP B 113 -18.68 -47.87 -4.13
C ASP B 113 -19.41 -46.56 -3.78
N ASN B 114 -19.16 -45.94 -2.61
CA ASN B 114 -19.84 -44.71 -2.12
C ASN B 114 -19.14 -44.18 -0.87
N MET B 115 -19.09 -42.85 -0.57
CA MET B 115 -18.46 -42.33 0.67
C MET B 115 -18.77 -40.94 1.26
N THR B 116 -19.62 -40.82 2.32
CA THR B 116 -19.67 -39.46 2.90
C THR B 116 -19.03 -39.18 4.27
N TRP B 117 -19.69 -39.57 5.41
CA TRP B 117 -19.38 -39.79 6.86
C TRP B 117 -18.42 -39.12 7.88
N LEU B 118 -18.65 -37.90 8.39
CA LEU B 118 -17.74 -37.01 9.19
C LEU B 118 -16.78 -37.34 10.36
N GLN B 119 -17.24 -37.89 11.50
CA GLN B 119 -16.30 -38.18 12.58
C GLN B 119 -15.33 -39.23 12.12
N TRP B 120 -15.92 -40.15 11.42
CA TRP B 120 -15.27 -41.21 10.76
C TRP B 120 -14.38 -40.55 9.73
N ASP B 121 -14.85 -39.50 9.03
CA ASP B 121 -14.05 -38.81 8.02
C ASP B 121 -12.76 -38.13 8.45
N LYS B 122 -12.73 -37.46 9.63
CA LYS B 122 -11.44 -36.85 9.94
C LYS B 122 -10.51 -37.98 10.28
N GLU B 123 -11.06 -39.05 10.84
CA GLU B 123 -10.10 -40.12 11.08
C GLU B 123 -9.66 -40.70 9.75
N ILE B 124 -10.57 -40.76 8.79
CA ILE B 124 -10.26 -41.26 7.46
C ILE B 124 -9.31 -40.31 6.76
N SER B 125 -9.56 -39.01 6.80
CA SER B 125 -8.78 -37.92 6.18
C SER B 125 -7.40 -37.81 6.81
N ASN B 126 -7.30 -37.99 8.12
CA ASN B 126 -5.99 -37.93 8.75
C ASN B 126 -5.24 -39.18 8.30
N TYR B 127 -5.97 -40.29 8.12
CA TYR B 127 -5.35 -41.51 7.63
C TYR B 127 -4.90 -41.29 6.18
N THR B 128 -5.67 -40.49 5.41
CA THR B 128 -5.35 -40.15 4.03
C THR B 128 -4.03 -39.42 4.00
N GLN B 129 -3.86 -38.47 4.92
CA GLN B 129 -2.65 -37.68 4.92
C GLN B 129 -1.42 -38.46 5.36
N ILE B 130 -1.58 -39.37 6.32
CA ILE B 130 -0.43 -40.15 6.78
C ILE B 130 0.07 -40.99 5.62
N ILE B 131 -0.84 -41.58 4.84
CA ILE B 131 -0.29 -42.33 3.73
C ILE B 131 0.28 -41.35 2.71
N TYR B 132 -0.33 -40.16 2.55
CA TYR B 132 0.24 -39.21 1.59
C TYR B 132 1.69 -38.83 1.83
N GLY B 133 2.00 -38.46 3.06
CA GLY B 133 3.37 -38.11 3.38
C GLY B 133 4.26 -39.31 3.25
N LEU B 134 3.79 -40.47 3.72
CA LEU B 134 4.64 -41.63 3.58
C LEU B 134 4.84 -41.94 2.10
N LEU B 135 3.75 -41.95 1.28
CA LEU B 135 3.77 -42.30 -0.14
C LEU B 135 4.73 -41.46 -0.92
N GLU B 136 4.60 -40.14 -0.80
CA GLU B 136 5.43 -39.22 -1.53
C GLU B 136 6.87 -39.28 -1.04
N GLU B 137 7.08 -39.58 0.25
CA GLU B 137 8.44 -39.74 0.76
C GLU B 137 9.04 -41.00 0.18
N SER B 138 8.24 -42.05 -0.03
CA SER B 138 8.73 -43.29 -0.60
C SER B 138 8.99 -43.20 -2.08
N GLN B 139 8.16 -42.44 -2.80
CA GLN B 139 8.37 -42.31 -4.23
C GLN B 139 9.52 -41.35 -4.41
N ASN B 140 9.69 -40.43 -3.47
CA ASN B 140 10.81 -39.50 -3.57
C ASN B 140 12.02 -40.37 -3.25
N GLN B 141 11.88 -41.31 -2.33
CA GLN B 141 12.98 -42.19 -1.95
C GLN B 141 13.32 -43.18 -3.06
N GLN B 142 12.32 -43.70 -3.79
CA GLN B 142 12.62 -44.64 -4.85
C GLN B 142 13.13 -43.85 -6.05
N GLU B 143 12.58 -42.66 -6.28
CA GLU B 143 13.02 -41.83 -7.39
C GLU B 143 14.48 -41.43 -7.15
N LYS B 144 14.81 -41.09 -5.90
CA LYS B 144 16.16 -40.70 -5.47
C LYS B 144 17.10 -41.90 -5.44
N ASN B 145 16.61 -43.06 -4.99
CA ASN B 145 17.39 -44.27 -4.86
C ASN B 145 17.76 -44.83 -6.23
N GLU B 146 16.78 -44.88 -7.12
CA GLU B 146 16.94 -45.31 -8.49
C GLU B 146 17.79 -44.21 -9.08
N GLN B 147 17.46 -43.03 -8.71
CA GLN B 147 18.14 -41.89 -9.19
C GLN B 147 19.61 -41.89 -8.84
N ASP B 148 20.08 -42.74 -7.83
CA ASP B 148 21.46 -43.08 -7.39
C ASP B 148 22.02 -44.35 -8.03
N LEU B 149 21.14 -45.29 -8.32
CA LEU B 149 21.48 -46.59 -8.88
C LEU B 149 21.26 -47.14 -10.30
N LEU B 150 20.32 -46.58 -11.08
CA LEU B 150 19.69 -47.17 -12.28
C LEU B 150 20.16 -48.11 -13.41
N ALA B 151 21.15 -47.81 -14.24
CA ALA B 151 21.64 -46.79 -15.14
C ALA B 151 21.12 -46.53 -16.58
N LEU B 152 19.82 -46.55 -16.85
CA LEU B 152 19.01 -45.83 -17.83
C LEU B 152 19.72 -45.00 -18.93
N ASP B 153 20.71 -45.55 -19.62
CA ASP B 153 21.34 -44.64 -20.62
C ASP B 153 20.49 -44.49 -21.87
N GLY C 10 25.29 -31.13 8.82
CA GLY C 10 24.77 -29.86 9.30
C GLY C 10 24.97 -28.71 8.34
N PHE C 11 24.35 -27.58 8.67
CA PHE C 11 24.45 -26.36 7.86
C PHE C 11 25.85 -25.87 8.14
N LEU C 12 26.82 -26.31 7.33
CA LEU C 12 28.24 -26.02 7.47
C LEU C 12 28.73 -26.51 8.84
N GLY C 13 28.68 -27.82 9.01
CA GLY C 13 29.09 -28.47 10.25
C GLY C 13 30.19 -29.50 10.06
N ALA C 14 30.91 -29.45 8.94
CA ALA C 14 31.98 -30.40 8.67
C ALA C 14 33.14 -29.72 7.96
N ALA C 15 34.29 -30.38 7.97
CA ALA C 15 35.51 -29.87 7.35
C ALA C 15 36.38 -31.04 6.91
N GLY C 16 36.42 -31.33 5.60
CA GLY C 16 37.23 -32.43 5.10
C GLY C 16 37.66 -32.22 3.66
N SER C 17 38.47 -33.18 3.16
CA SER C 17 38.99 -33.16 1.80
C SER C 17 37.85 -33.46 0.83
N THR C 18 37.96 -32.98 -0.42
CA THR C 18 36.92 -33.13 -1.45
C THR C 18 36.97 -34.32 -2.44
N MET C 19 35.82 -34.95 -2.75
CA MET C 19 34.52 -34.87 -3.43
C MET C 19 33.14 -35.47 -2.99
N GLY C 20 33.06 -36.56 -2.22
CA GLY C 20 31.78 -37.26 -2.02
C GLY C 20 30.80 -37.11 -0.86
N ALA C 21 31.24 -37.07 0.39
CA ALA C 21 30.34 -36.96 1.54
C ALA C 21 29.51 -35.69 1.44
N ALA C 22 29.93 -34.71 0.64
CA ALA C 22 29.04 -33.56 0.47
C ALA C 22 27.81 -34.01 -0.28
N SER C 23 27.97 -35.00 -1.17
CA SER C 23 26.82 -35.54 -1.88
C SER C 23 26.04 -36.30 -0.83
N MET C 24 26.73 -36.93 0.11
CA MET C 24 26.02 -37.67 1.16
C MET C 24 25.38 -36.79 2.26
N THR C 25 26.03 -35.71 2.70
CA THR C 25 25.55 -34.82 3.75
C THR C 25 24.42 -34.01 3.13
N LEU C 26 24.55 -33.63 1.85
CA LEU C 26 23.51 -32.91 1.17
C LEU C 26 22.43 -33.92 0.88
N THR C 27 22.80 -35.20 0.81
CA THR C 27 21.79 -36.21 0.59
C THR C 27 20.93 -36.33 1.84
N VAL C 28 21.55 -36.29 3.03
CA VAL C 28 20.79 -36.39 4.29
C VAL C 28 19.94 -35.14 4.50
N GLN C 29 20.53 -33.95 4.27
CA GLN C 29 19.80 -32.70 4.42
C GLN C 29 18.63 -32.67 3.46
N ALA C 30 18.85 -33.12 2.23
CA ALA C 30 17.79 -33.17 1.23
C ALA C 30 16.77 -34.27 1.52
N ARG C 31 17.16 -35.29 2.31
CA ARG C 31 16.22 -36.34 2.69
C ARG C 31 15.26 -35.72 3.69
N ASN C 32 15.73 -34.72 4.45
CA ASN C 32 14.88 -34.02 5.41
C ASN C 32 14.84 -32.53 5.05
N LEU C 33 14.60 -32.23 3.78
CA LEU C 33 14.56 -30.94 3.08
C LEU C 33 13.41 -30.04 3.51
N LEU C 34 12.60 -30.45 4.49
CA LEU C 34 11.51 -29.55 4.84
C LEU C 34 11.64 -28.95 6.22
N SER C 35 12.44 -29.54 7.12
CA SER C 35 12.60 -29.12 8.51
C SER C 35 11.21 -29.20 9.14
N GLY C 36 10.48 -30.23 8.75
CA GLY C 36 9.12 -30.47 9.21
C GLY C 36 8.48 -31.59 8.41
N THR C 58 -2.48 3.64 9.12
CA THR C 58 -2.08 4.08 10.45
C THR C 58 -1.51 2.94 11.28
N VAL C 59 -2.03 1.74 11.06
CA VAL C 59 -1.63 0.55 11.81
C VAL C 59 -1.19 -0.63 10.95
N TRP C 60 -0.09 -1.27 11.36
CA TRP C 60 0.49 -2.55 10.97
C TRP C 60 1.12 -2.94 9.58
N GLY C 61 2.07 -2.20 8.99
CA GLY C 61 2.59 -2.90 7.81
C GLY C 61 3.02 -2.71 6.35
N ILE C 62 2.76 -1.63 5.63
CA ILE C 62 3.06 -1.58 4.17
C ILE C 62 4.43 -1.96 3.59
N LYS C 63 5.56 -1.63 4.23
CA LYS C 63 6.86 -1.95 3.62
C LYS C 63 7.23 -3.42 3.53
N GLN C 64 6.91 -4.23 4.54
CA GLN C 64 7.26 -5.66 4.53
C GLN C 64 6.56 -6.51 3.46
N LEU C 65 5.33 -6.15 3.08
CA LEU C 65 4.59 -6.94 2.10
C LEU C 65 5.22 -6.92 0.71
N GLN C 66 5.74 -5.77 0.26
CA GLN C 66 6.35 -5.67 -1.06
C GLN C 66 7.61 -6.53 -1.12
N ALA C 67 8.35 -6.63 -0.01
CA ALA C 67 9.55 -7.46 0.01
C ALA C 67 9.17 -8.92 -0.08
N ARG C 68 8.05 -9.30 0.57
CA ARG C 68 7.61 -10.69 0.48
C ARG C 68 7.16 -11.01 -0.93
N VAL C 69 6.52 -10.04 -1.60
CA VAL C 69 6.05 -10.25 -2.97
C VAL C 69 7.23 -10.39 -3.92
N LEU C 70 8.24 -9.53 -3.76
CA LEU C 70 9.40 -9.58 -4.65
C LEU C 70 10.15 -10.89 -4.40
N ALA C 71 10.17 -11.34 -3.15
CA ALA C 71 10.85 -12.59 -2.83
C ALA C 71 10.15 -13.79 -3.45
N VAL C 72 8.81 -13.80 -3.41
CA VAL C 72 8.11 -14.94 -4.01
C VAL C 72 8.15 -14.84 -5.53
N GLU C 73 8.22 -13.63 -6.10
CA GLU C 73 8.33 -13.49 -7.55
C GLU C 73 9.67 -14.02 -8.02
N ARG C 74 10.73 -13.69 -7.28
CA ARG C 74 12.06 -14.15 -7.63
C ARG C 74 12.20 -15.64 -7.42
N TYR C 75 11.62 -16.16 -6.34
CA TYR C 75 11.69 -17.59 -6.06
C TYR C 75 10.92 -18.38 -7.10
N LEU C 76 9.72 -17.92 -7.47
CA LEU C 76 8.91 -18.62 -8.46
C LEU C 76 9.51 -18.51 -9.86
N ARG C 77 10.18 -17.38 -10.16
CA ARG C 77 10.82 -17.21 -11.45
C ARG C 77 11.99 -18.21 -11.49
N ASP C 78 12.66 -18.39 -10.35
CA ASP C 78 13.74 -19.36 -10.26
C ASP C 78 13.17 -20.78 -10.40
N GLN C 79 11.98 -21.02 -9.84
CA GLN C 79 11.34 -22.34 -9.91
C GLN C 79 10.83 -22.71 -11.29
N GLN C 80 10.38 -21.74 -12.08
CA GLN C 80 9.91 -22.08 -13.43
C GLN C 80 11.15 -22.34 -14.26
N LEU C 81 12.24 -21.59 -14.02
CA LEU C 81 13.48 -21.86 -14.74
C LEU C 81 14.01 -23.22 -14.32
N LEU C 82 13.70 -23.62 -13.08
CA LEU C 82 14.10 -24.91 -12.53
C LEU C 82 13.26 -25.96 -13.26
N GLY C 83 12.00 -25.62 -13.55
CA GLY C 83 11.04 -26.49 -14.21
C GLY C 83 11.29 -26.73 -15.68
N ILE C 84 12.06 -25.87 -16.35
CA ILE C 84 12.32 -26.06 -17.77
C ILE C 84 13.61 -26.85 -17.99
N TRP C 85 14.05 -27.57 -16.96
CA TRP C 85 15.28 -28.37 -17.00
C TRP C 85 15.13 -29.83 -17.40
N GLY C 86 16.24 -30.41 -17.83
CA GLY C 86 16.30 -31.80 -18.25
C GLY C 86 16.75 -32.84 -17.24
N CYS C 87 16.81 -32.53 -15.94
CA CYS C 87 17.19 -33.54 -14.98
C CYS C 87 15.99 -33.88 -14.09
N SER C 88 15.37 -32.85 -13.50
CA SER C 88 14.21 -32.93 -12.61
C SER C 88 14.44 -33.82 -11.41
N GLY C 89 15.69 -34.17 -11.12
CA GLY C 89 15.99 -35.04 -10.01
C GLY C 89 17.08 -34.50 -9.10
N LYS C 90 17.09 -35.05 -7.88
CA LYS C 90 18.03 -34.66 -6.84
C LYS C 90 19.07 -35.63 -6.27
N LEU C 91 20.27 -35.07 -6.14
CA LEU C 91 21.55 -35.48 -5.58
C LEU C 91 22.24 -36.54 -6.35
N ILE C 92 21.52 -37.18 -7.25
CA ILE C 92 22.17 -38.17 -8.08
C ILE C 92 21.47 -38.04 -9.39
N CYS C 93 22.13 -37.64 -10.45
CA CYS C 93 21.38 -37.44 -11.68
C CYS C 93 22.24 -37.63 -12.89
N CYS C 94 21.72 -38.31 -13.87
CA CYS C 94 22.52 -38.38 -15.05
C CYS C 94 21.82 -37.83 -16.27
N THR C 95 22.05 -36.56 -16.48
CA THR C 95 21.50 -35.84 -17.58
C THR C 95 22.55 -36.09 -18.67
N ASN C 96 22.14 -35.92 -19.92
CA ASN C 96 22.98 -36.30 -21.06
C ASN C 96 24.31 -35.66 -21.50
N VAL C 97 24.88 -34.65 -20.86
CA VAL C 97 26.15 -34.19 -21.43
C VAL C 97 27.31 -35.04 -20.98
N PRO C 98 28.16 -35.41 -21.90
CA PRO C 98 29.34 -36.19 -21.56
C PRO C 98 30.38 -35.29 -20.89
N TRP C 99 30.60 -35.52 -19.60
CA TRP C 99 31.64 -34.88 -18.82
C TRP C 99 32.79 -35.63 -19.44
N ASN C 100 33.38 -35.05 -20.47
CA ASN C 100 34.39 -35.68 -21.28
C ASN C 100 35.69 -35.92 -20.54
N SER C 101 36.58 -36.70 -21.16
CA SER C 101 37.87 -37.03 -20.58
C SER C 101 38.73 -35.81 -20.33
N SER C 102 38.44 -34.68 -20.99
CA SER C 102 39.21 -33.46 -20.74
C SER C 102 38.82 -33.00 -19.35
N TRP C 103 37.57 -33.25 -18.96
CA TRP C 103 37.07 -32.91 -17.64
C TRP C 103 37.09 -34.11 -16.72
N SER C 104 36.93 -35.32 -17.26
CA SER C 104 36.88 -36.53 -16.45
C SER C 104 38.23 -37.12 -16.08
N ASN C 105 38.50 -37.15 -14.78
CA ASN C 105 39.72 -37.70 -14.20
C ASN C 105 39.37 -38.51 -12.97
N ARG C 106 38.11 -38.50 -12.57
CA ARG C 106 37.65 -39.18 -11.37
C ARG C 106 37.78 -40.69 -11.40
N ASN C 107 38.47 -41.24 -10.41
CA ASN C 107 38.61 -42.68 -10.29
C ASN C 107 37.23 -43.16 -9.87
N LEU C 108 36.94 -44.45 -10.12
CA LEU C 108 35.62 -44.99 -9.82
C LEU C 108 35.20 -44.90 -8.35
N SER C 109 36.01 -45.41 -7.42
CA SER C 109 35.64 -45.36 -6.02
C SER C 109 35.90 -44.00 -5.39
N GLU C 110 36.72 -43.16 -6.03
CA GLU C 110 37.04 -41.84 -5.49
C GLU C 110 35.91 -40.83 -5.68
N ILE C 111 34.89 -41.20 -6.44
CA ILE C 111 33.79 -40.29 -6.71
C ILE C 111 33.00 -39.92 -5.45
N TRP C 112 32.73 -40.89 -4.57
CA TRP C 112 31.94 -40.58 -3.39
C TRP C 112 32.62 -40.81 -2.03
N ASP C 113 33.46 -39.87 -1.59
CA ASP C 113 34.09 -39.96 -0.27
C ASP C 113 33.86 -38.86 0.78
N ASN C 114 34.15 -37.57 0.47
CA ASN C 114 34.04 -36.42 1.40
C ASN C 114 34.24 -35.10 0.63
N MET C 115 33.61 -33.95 1.00
CA MET C 115 33.85 -32.66 0.30
C MET C 115 33.54 -31.28 0.93
N THR C 116 34.54 -30.53 1.44
CA THR C 116 34.12 -29.16 1.83
C THR C 116 34.60 -27.96 1.00
N TRP C 117 35.87 -27.50 1.15
CA TRP C 117 36.82 -26.61 0.42
C TRP C 117 36.66 -25.33 -0.46
N LEU C 118 36.35 -24.14 0.08
CA LEU C 118 35.94 -22.88 -0.59
C LEU C 118 36.46 -22.19 -1.86
N GLN C 119 37.74 -21.81 -1.91
CA GLN C 119 38.21 -21.12 -3.10
C GLN C 119 38.13 -22.09 -4.27
N TRP C 120 38.49 -23.30 -3.95
CA TRP C 120 38.44 -24.45 -4.78
C TRP C 120 36.97 -24.66 -5.09
N ASP C 121 36.09 -24.48 -4.09
CA ASP C 121 34.65 -24.67 -4.29
C ASP C 121 33.98 -23.75 -5.29
N LYS C 122 34.35 -22.47 -5.31
CA LYS C 122 33.66 -21.64 -6.30
C LYS C 122 34.15 -22.09 -7.65
N GLU C 123 35.40 -22.55 -7.73
CA GLU C 123 35.74 -23.04 -9.05
C GLU C 123 35.02 -24.36 -9.32
N ILE C 124 34.82 -25.18 -8.29
CA ILE C 124 34.13 -26.46 -8.43
C ILE C 124 32.66 -26.21 -8.76
N SER C 125 32.00 -25.28 -8.05
CA SER C 125 30.60 -24.88 -8.19
C SER C 125 30.36 -24.24 -9.54
N ASN C 126 31.30 -23.45 -10.05
CA ASN C 126 31.11 -22.86 -11.37
C ASN C 126 31.23 -23.99 -12.37
N TYR C 127 32.09 -24.99 -12.09
CA TYR C 127 32.20 -26.15 -12.98
C TYR C 127 30.90 -26.94 -12.91
N THR C 128 30.26 -27.00 -11.73
CA THR C 128 28.99 -27.70 -11.53
C THR C 128 27.96 -27.05 -12.43
N GLN C 129 27.94 -25.73 -12.48
CA GLN C 129 26.93 -25.06 -13.29
C GLN C 129 27.15 -25.21 -14.78
N ILE C 130 28.41 -25.21 -15.22
CA ILE C 130 28.67 -25.34 -16.65
C ILE C 130 28.19 -26.72 -17.10
N ILE C 131 28.42 -27.75 -16.26
CA ILE C 131 27.92 -29.04 -16.69
C ILE C 131 26.40 -28.99 -16.62
N TYR C 132 25.83 -28.30 -15.63
CA TYR C 132 24.37 -28.23 -15.54
C TYR C 132 23.66 -27.68 -16.76
N GLY C 133 24.11 -26.52 -17.23
CA GLY C 133 23.51 -25.95 -18.40
C GLY C 133 23.75 -26.81 -19.61
N LEU C 134 24.98 -27.34 -19.73
CA LEU C 134 25.21 -28.20 -20.88
C LEU C 134 24.32 -29.44 -20.78
N LEU C 135 24.27 -30.10 -19.59
CA LEU C 135 23.53 -31.34 -19.36
C LEU C 135 22.06 -31.21 -19.71
N GLU C 136 21.42 -30.21 -19.16
CA GLU C 136 20.01 -29.98 -19.37
C GLU C 136 19.74 -29.56 -20.81
N GLU C 137 20.68 -28.85 -21.43
CA GLU C 137 20.53 -28.50 -22.84
C GLU C 137 20.63 -29.77 -23.69
N SER C 138 21.49 -30.72 -23.30
CA SER C 138 21.63 -31.95 -24.04
C SER C 138 20.48 -32.91 -23.84
N GLN C 139 19.90 -32.94 -22.65
CA GLN C 139 18.78 -33.83 -22.42
C GLN C 139 17.58 -33.17 -23.05
N ASN C 140 17.57 -31.84 -23.11
CA ASN C 140 16.46 -31.16 -23.75
C ASN C 140 16.65 -31.45 -25.22
N GLN C 141 17.90 -31.49 -25.68
CA GLN C 141 18.20 -31.76 -27.09
C GLN C 141 17.92 -33.21 -27.46
N GLN C 142 18.18 -34.17 -26.57
CA GLN C 142 17.90 -35.56 -26.89
C GLN C 142 16.41 -35.80 -26.76
N GLU C 143 15.77 -35.16 -25.77
CA GLU C 143 14.34 -35.31 -25.59
C GLU C 143 13.62 -34.74 -26.81
N LYS C 144 14.08 -33.59 -27.30
CA LYS C 144 13.53 -32.91 -28.48
C LYS C 144 13.87 -33.66 -29.76
N ASN C 145 15.09 -34.18 -29.86
CA ASN C 145 15.59 -34.90 -31.04
C ASN C 145 14.83 -36.20 -31.17
N GLU C 146 14.67 -36.93 -30.07
CA GLU C 146 13.92 -38.18 -30.05
C GLU C 146 12.46 -37.83 -30.24
N GLN C 147 12.05 -36.70 -29.70
CA GLN C 147 10.70 -36.22 -29.79
C GLN C 147 10.38 -35.95 -31.23
N ASP C 148 11.34 -35.62 -32.08
CA ASP C 148 11.06 -35.41 -33.49
C ASP C 148 11.15 -36.76 -34.22
N LEU C 149 12.11 -37.61 -33.83
CA LEU C 149 12.45 -38.90 -34.45
C LEU C 149 11.98 -40.32 -34.05
N LEU C 150 11.68 -40.57 -32.77
CA LEU C 150 11.42 -41.89 -32.18
C LEU C 150 10.66 -43.05 -32.82
N ALA C 151 9.49 -42.82 -33.39
CA ALA C 151 8.27 -42.17 -33.04
C ALA C 151 7.31 -43.04 -32.21
N LEU C 152 7.79 -43.75 -31.17
CA LEU C 152 7.15 -44.37 -29.98
C LEU C 152 5.66 -44.78 -29.88
N ASP C 153 5.10 -45.56 -30.81
CA ASP C 153 3.65 -45.84 -30.63
C ASP C 153 3.28 -46.69 -29.41
N ALA D 1 2.56 -52.01 -5.94
CA ALA D 1 2.72 -53.46 -5.97
C ALA D 1 1.36 -54.09 -5.80
N GLU D 2 1.33 -55.42 -5.65
CA GLU D 2 0.06 -56.13 -5.49
C GLU D 2 -0.66 -55.69 -4.23
N ASN D 3 0.04 -55.02 -3.31
CA ASN D 3 -0.51 -54.48 -2.10
C ASN D 3 -1.30 -53.22 -2.44
N LEU D 4 -1.93 -52.62 -1.43
CA LEU D 4 -2.71 -51.42 -1.65
C LEU D 4 -1.89 -50.15 -1.57
N TRP D 5 -1.98 -49.33 -2.59
CA TRP D 5 -1.32 -48.04 -2.62
C TRP D 5 -2.51 -47.09 -2.71
N VAL D 6 -2.44 -45.96 -2.01
CA VAL D 6 -3.58 -45.05 -2.00
C VAL D 6 -3.45 -43.86 -2.93
N THR D 7 -4.60 -43.38 -3.38
CA THR D 7 -4.78 -42.31 -4.33
C THR D 7 -4.64 -40.91 -3.75
N VAL D 8 -4.52 -39.92 -4.64
CA VAL D 8 -4.37 -38.52 -4.27
C VAL D 8 -5.51 -37.70 -4.88
N TYR D 9 -6.34 -37.10 -4.05
CA TYR D 9 -7.44 -36.33 -4.63
C TYR D 9 -7.02 -34.86 -4.75
N TYR D 10 -7.92 -34.05 -5.31
CA TYR D 10 -7.67 -32.62 -5.49
C TYR D 10 -8.99 -31.87 -5.67
N GLY D 11 -9.08 -30.70 -5.04
CA GLY D 11 -10.29 -29.88 -5.10
C GLY D 11 -11.42 -30.63 -4.43
N VAL D 12 -11.27 -30.90 -3.14
CA VAL D 12 -12.25 -31.67 -2.38
C VAL D 12 -13.07 -30.91 -1.34
N PRO D 13 -14.36 -31.22 -1.16
CA PRO D 13 -15.11 -30.57 -0.09
C PRO D 13 -14.98 -31.33 1.22
N VAL D 14 -13.76 -31.78 1.50
CA VAL D 14 -13.44 -32.46 2.75
C VAL D 14 -13.02 -31.25 3.60
N TRP D 15 -12.95 -31.42 4.91
CA TRP D 15 -12.52 -30.31 5.76
C TRP D 15 -11.83 -30.79 7.01
N LYS D 16 -11.14 -29.85 7.66
CA LYS D 16 -10.44 -30.08 8.92
C LYS D 16 -10.81 -28.90 9.80
N ASP D 17 -11.01 -29.18 11.08
CA ASP D 17 -11.43 -28.14 12.01
C ASP D 17 -10.33 -27.11 12.22
N ALA D 18 -10.73 -25.84 12.30
CA ALA D 18 -9.81 -24.73 12.49
C ALA D 18 -10.18 -23.93 13.73
N GLU D 19 -9.14 -23.41 14.39
CA GLU D 19 -9.26 -22.59 15.60
C GLU D 19 -8.47 -21.31 15.34
N THR D 20 -9.18 -20.24 14.96
CA THR D 20 -8.50 -18.98 14.65
C THR D 20 -9.35 -17.73 14.85
N THR D 21 -8.78 -16.61 14.41
CA THR D 21 -9.40 -15.29 14.49
C THR D 21 -9.91 -14.83 13.14
N LEU D 22 -11.21 -14.55 13.05
CA LEU D 22 -11.75 -14.07 11.79
C LEU D 22 -11.67 -12.54 11.81
N PHE D 23 -11.98 -11.89 10.70
CA PHE D 23 -11.91 -10.45 10.64
C PHE D 23 -13.26 -9.83 10.28
N CYS D 24 -13.43 -8.57 10.69
CA CYS D 24 -14.68 -7.85 10.44
C CYS D 24 -14.82 -7.52 8.97
N ALA D 25 -16.06 -7.47 8.49
CA ALA D 25 -16.36 -7.14 7.10
C ALA D 25 -17.46 -6.08 7.14
N SER D 26 -17.05 -4.83 7.17
CA SER D 26 -17.96 -3.69 7.18
C SER D 26 -17.32 -2.63 6.29
N ASP D 27 -18.08 -2.11 5.34
CA ASP D 27 -17.60 -1.14 4.37
C ASP D 27 -16.87 0.06 4.95
N ALA D 28 -15.83 0.49 4.24
CA ALA D 28 -15.02 1.63 4.66
C ALA D 28 -15.76 2.93 4.39
N LYS D 29 -16.81 3.22 5.18
CA LYS D 29 -17.64 4.43 5.08
C LYS D 29 -16.94 5.52 5.88
N ALA D 30 -15.69 5.24 6.14
CA ALA D 30 -14.58 5.76 6.84
C ALA D 30 -14.17 7.10 6.41
N TYR D 31 -14.36 7.27 5.15
CA TYR D 31 -13.93 8.41 4.42
C TYR D 31 -15.02 9.43 4.23
N GLU D 32 -16.28 9.00 4.23
CA GLU D 32 -17.35 9.94 3.98
C GLU D 32 -18.26 10.32 5.14
N THR D 33 -18.88 9.35 5.83
CA THR D 33 -19.77 9.74 6.93
C THR D 33 -18.96 10.36 8.05
N GLU D 34 -18.20 9.51 8.78
CA GLU D 34 -17.26 9.84 9.85
C GLU D 34 -16.65 8.61 10.52
N LYS D 35 -15.48 8.77 11.17
CA LYS D 35 -14.78 7.74 11.92
C LYS D 35 -14.96 7.85 13.43
N HIS D 36 -16.11 8.34 13.87
CA HIS D 36 -16.36 8.56 15.28
C HIS D 36 -16.99 7.38 16.01
N ASN D 37 -16.64 6.15 15.57
CA ASN D 37 -17.19 4.85 16.02
C ASN D 37 -18.55 4.46 15.43
N VAL D 38 -18.94 4.95 14.31
CA VAL D 38 -20.29 4.41 14.14
C VAL D 38 -20.24 2.96 13.62
N TRP D 39 -20.11 2.10 14.66
CA TRP D 39 -20.17 0.71 15.12
C TRP D 39 -19.13 -0.25 14.53
N ALA D 40 -18.46 0.17 13.51
CA ALA D 40 -17.32 -0.53 12.96
C ALA D 40 -16.37 0.44 12.29
N THR D 41 -16.65 1.74 12.33
CA THR D 41 -15.83 2.62 11.50
C THR D 41 -14.54 3.28 12.03
N HIS D 42 -13.54 2.51 12.46
CA HIS D 42 -12.21 3.09 12.69
C HIS D 42 -11.24 2.64 11.60
N ALA D 43 -11.05 1.34 11.42
CA ALA D 43 -10.22 0.83 10.33
C ALA D 43 -10.73 -0.53 9.86
N CYS D 44 -12.05 -0.74 9.90
CA CYS D 44 -12.54 -2.07 9.57
C CYS D 44 -12.47 -2.44 8.09
N VAL D 45 -12.24 -3.72 7.85
CA VAL D 45 -12.12 -4.29 6.52
C VAL D 45 -13.49 -4.22 5.83
N PRO D 46 -13.55 -3.80 4.57
CA PRO D 46 -14.85 -3.71 3.89
C PRO D 46 -15.50 -5.07 3.66
N THR D 47 -16.74 -5.03 3.20
CA THR D 47 -17.54 -6.21 2.93
C THR D 47 -17.48 -6.57 1.46
N ASP D 48 -17.39 -7.87 1.18
CA ASP D 48 -17.40 -8.38 -0.17
C ASP D 48 -18.79 -8.04 -0.70
N PRO D 49 -18.91 -7.30 -1.81
CA PRO D 49 -20.24 -6.95 -2.33
C PRO D 49 -21.05 -8.14 -2.79
N ASN D 50 -20.43 -9.30 -2.98
CA ASN D 50 -21.10 -10.53 -3.41
C ASN D 50 -20.93 -11.61 -2.35
N PRO D 51 -21.83 -11.69 -1.37
CA PRO D 51 -21.71 -12.73 -0.34
C PRO D 51 -21.92 -14.10 -0.96
N GLN D 52 -20.99 -15.01 -0.69
CA GLN D 52 -21.05 -16.34 -1.26
C GLN D 52 -21.67 -17.34 -0.29
N GLU D 53 -22.45 -18.26 -0.85
CA GLU D 53 -23.14 -19.28 -0.06
C GLU D 53 -23.46 -20.48 -0.93
N ILE D 54 -23.14 -21.67 -0.44
CA ILE D 54 -23.41 -22.91 -1.16
C ILE D 54 -24.19 -23.79 -0.19
N HIS D 55 -25.38 -24.19 -0.58
CA HIS D 55 -26.20 -25.02 0.29
C HIS D 55 -25.63 -26.43 0.34
N LEU D 56 -25.73 -27.05 1.50
CA LEU D 56 -25.24 -28.40 1.71
C LEU D 56 -26.47 -29.30 1.76
N GLU D 57 -26.56 -30.25 0.84
CA GLU D 57 -27.70 -31.15 0.74
C GLU D 57 -27.51 -32.47 1.47
N ASN D 58 -28.56 -32.87 2.20
CA ASN D 58 -28.60 -34.11 2.98
C ASN D 58 -27.47 -34.21 4.01
N VAL D 59 -27.06 -33.08 4.56
CA VAL D 59 -26.00 -33.02 5.56
C VAL D 59 -26.63 -32.72 6.91
N THR D 60 -26.82 -33.75 7.73
CA THR D 60 -27.39 -33.58 9.06
C THR D 60 -26.26 -33.09 9.95
N GLU D 61 -25.98 -31.79 9.85
CA GLU D 61 -24.90 -31.16 10.60
C GLU D 61 -25.44 -30.51 11.87
N GLU D 62 -24.82 -30.84 12.99
CA GLU D 62 -25.24 -30.28 14.27
C GLU D 62 -24.51 -28.96 14.54
N PHE D 63 -25.11 -28.14 15.38
CA PHE D 63 -24.54 -26.85 15.75
C PHE D 63 -24.84 -26.53 17.21
N ASN D 64 -23.83 -25.98 17.88
CA ASN D 64 -23.92 -25.59 19.28
C ASN D 64 -23.61 -24.11 19.32
N MET D 65 -24.47 -23.33 19.97
CA MET D 65 -24.28 -21.89 20.04
C MET D 65 -23.37 -21.52 21.21
N TRP D 66 -22.76 -22.51 21.86
CA TRP D 66 -21.86 -22.26 22.98
C TRP D 66 -20.41 -22.57 22.62
N LYS D 67 -20.17 -23.37 21.58
CA LYS D 67 -18.81 -23.72 21.17
C LYS D 67 -18.48 -23.30 19.74
N ASN D 68 -18.90 -22.09 19.36
CA ASN D 68 -18.68 -21.57 18.01
C ASN D 68 -17.24 -21.30 17.58
N ASN D 69 -16.52 -20.53 18.41
CA ASN D 69 -15.15 -20.01 18.24
C ASN D 69 -15.18 -18.82 17.26
N MET D 70 -16.32 -18.55 16.62
CA MET D 70 -16.42 -17.38 15.76
C MET D 70 -16.86 -16.28 16.70
N VAL D 71 -17.59 -16.73 17.73
CA VAL D 71 -18.09 -15.84 18.76
C VAL D 71 -16.88 -15.20 19.45
N GLU D 72 -15.89 -16.03 19.78
CA GLU D 72 -14.66 -15.62 20.48
C GLU D 72 -13.98 -14.33 20.02
N GLN D 73 -14.04 -14.04 18.71
CA GLN D 73 -13.41 -12.83 18.19
C GLN D 73 -14.27 -11.59 18.15
N MET D 74 -15.59 -11.73 18.07
CA MET D 74 -16.51 -10.60 17.98
C MET D 74 -16.46 -9.63 19.16
N HIS D 75 -16.46 -10.14 20.40
CA HIS D 75 -16.44 -9.27 21.56
C HIS D 75 -15.07 -8.60 21.72
N THR D 76 -14.02 -9.27 21.23
CA THR D 76 -12.68 -8.69 21.30
C THR D 76 -12.66 -7.51 20.34
N ASP D 77 -13.25 -7.68 19.16
CA ASP D 77 -13.30 -6.60 18.18
C ASP D 77 -14.18 -5.45 18.68
N ILE D 78 -15.28 -5.79 19.35
CA ILE D 78 -16.21 -4.79 19.88
C ILE D 78 -15.61 -4.03 21.06
N ILE D 79 -14.94 -4.71 22.00
CA ILE D 79 -14.33 -4.00 23.13
C ILE D 79 -13.21 -3.10 22.65
N SER D 80 -12.37 -3.60 21.73
CA SER D 80 -11.27 -2.79 21.22
C SER D 80 -11.85 -1.57 20.49
N LEU D 81 -12.96 -1.79 19.80
CA LEU D 81 -13.61 -0.71 19.09
C LEU D 81 -14.24 0.32 20.01
N TRP D 82 -14.89 -0.09 21.11
CA TRP D 82 -15.49 0.88 22.03
C TRP D 82 -14.37 1.65 22.73
N ASP D 83 -13.19 1.03 22.90
CA ASP D 83 -12.07 1.73 23.52
C ASP D 83 -11.50 2.83 22.61
N GLN D 84 -11.28 2.54 21.32
CA GLN D 84 -10.76 3.52 20.36
C GLN D 84 -11.80 4.60 20.16
N SER D 85 -13.03 4.19 20.36
CA SER D 85 -14.33 4.81 20.21
C SER D 85 -14.88 5.70 21.30
N LEU D 86 -16.20 5.99 21.20
CA LEU D 86 -17.00 6.79 22.11
C LEU D 86 -16.56 6.34 23.48
N LYS D 87 -15.94 7.24 24.17
CA LYS D 87 -15.22 7.51 25.38
C LYS D 87 -16.10 8.18 26.41
N PRO D 88 -16.01 7.69 27.61
CA PRO D 88 -16.71 8.32 28.73
C PRO D 88 -15.70 9.29 29.32
N CYS D 89 -16.19 10.18 30.16
CA CYS D 89 -15.28 11.11 30.80
C CYS D 89 -14.70 10.46 32.05
N VAL D 90 -15.30 9.35 32.50
CA VAL D 90 -14.85 8.63 33.68
C VAL D 90 -14.66 7.15 33.37
N LYS D 91 -13.48 6.63 33.69
CA LYS D 91 -13.13 5.23 33.51
C LYS D 91 -12.70 4.71 34.88
N LEU D 92 -13.26 3.57 35.29
CA LEU D 92 -12.92 2.99 36.59
C LEU D 92 -12.55 1.53 36.48
N THR D 93 -11.39 1.17 37.02
CA THR D 93 -10.90 -0.21 37.00
C THR D 93 -10.32 -0.59 38.36
N PRO D 94 -11.12 -1.19 39.24
CA PRO D 94 -10.61 -1.58 40.56
C PRO D 94 -9.69 -2.79 40.42
N LEU D 95 -8.44 -2.63 40.85
CA LEU D 95 -7.45 -3.69 40.74
C LEU D 95 -6.46 -3.68 41.90
N CYS D 96 -6.21 -4.87 42.46
CA CYS D 96 -5.26 -4.98 43.55
C CYS D 96 -3.85 -4.83 42.99
N VAL D 97 -3.33 -3.60 43.04
CA VAL D 97 -2.00 -3.32 42.52
C VAL D 97 -1.16 -2.61 43.57
N ASN D 165 -9.54 -4.39 49.48
CA ASN D 165 -8.22 -4.97 49.23
C ASN D 165 -7.58 -4.43 47.97
N CYS D 166 -8.39 -4.16 46.96
CA CYS D 166 -7.89 -3.64 45.69
C CYS D 166 -7.83 -2.13 45.61
N ASN D 167 -7.07 -1.65 44.63
CA ASN D 167 -6.90 -0.22 44.39
C ASN D 167 -7.77 0.21 43.21
N THR D 168 -8.77 1.05 43.50
CA THR D 168 -9.66 1.53 42.44
C THR D 168 -8.92 2.52 41.57
N SER D 169 -8.69 2.15 40.31
CA SER D 169 -7.99 3.04 39.39
C SER D 169 -8.99 3.91 38.64
N ALA D 170 -8.48 5.01 38.08
CA ALA D 170 -9.35 5.92 37.35
C ALA D 170 -8.59 6.57 36.21
N ILE D 171 -9.25 6.64 35.05
CA ILE D 171 -8.72 7.26 33.84
C ILE D 171 -9.71 8.31 33.39
N THR D 172 -9.26 9.55 33.28
CA THR D 172 -10.12 10.66 32.88
C THR D 172 -9.75 11.18 31.49
N GLN D 173 -10.75 11.19 30.59
CA GLN D 173 -10.57 11.68 29.24
C GLN D 173 -11.80 12.45 28.81
N ALA D 174 -11.88 12.80 27.52
CA ALA D 174 -13.02 13.54 27.04
C ALA D 174 -14.16 12.60 26.67
N CYS D 175 -15.38 13.14 26.67
CA CYS D 175 -16.57 12.37 26.33
C CYS D 175 -17.50 13.11 25.36
N PRO D 176 -17.16 13.14 24.08
CA PRO D 176 -18.04 13.80 23.11
C PRO D 176 -19.13 12.84 22.70
N LYS D 177 -20.29 13.39 22.38
CA LYS D 177 -21.42 12.56 21.98
C LYS D 177 -21.85 12.86 20.55
N VAL D 178 -22.10 11.79 19.80
CA VAL D 178 -22.50 11.88 18.41
C VAL D 178 -23.74 11.00 18.21
N SER D 179 -24.45 11.23 17.11
CA SER D 179 -25.60 10.40 16.77
C SER D 179 -25.00 9.04 16.45
N PHE D 180 -25.48 8.01 17.14
CA PHE D 180 -24.96 6.67 16.96
C PHE D 180 -26.02 5.71 16.46
N GLU D 181 -25.63 4.83 15.56
CA GLU D 181 -26.49 3.82 14.95
C GLU D 181 -25.65 2.61 14.60
N PRO D 182 -26.13 1.40 14.90
CA PRO D 182 -25.34 0.20 14.59
C PRO D 182 -25.33 -0.07 13.09
N ILE D 183 -24.17 -0.44 12.59
CA ILE D 183 -24.04 -0.74 11.16
C ILE D 183 -23.86 -2.26 11.03
N PRO D 184 -24.30 -2.86 9.91
CA PRO D 184 -24.14 -4.32 9.78
C PRO D 184 -22.69 -4.71 9.59
N ILE D 185 -22.27 -5.76 10.31
CA ILE D 185 -20.92 -6.28 10.24
C ILE D 185 -20.91 -7.72 9.80
N HIS D 186 -20.44 -7.96 8.58
CA HIS D 186 -20.32 -9.32 8.07
C HIS D 186 -19.02 -9.82 8.66
N TYR D 187 -18.87 -11.14 8.74
CA TYR D 187 -17.65 -11.72 9.29
C TYR D 187 -16.97 -12.61 8.26
N CYS D 188 -15.88 -12.12 7.69
CA CYS D 188 -15.13 -12.86 6.70
C CYS D 188 -13.95 -13.61 7.31
N ALA D 189 -13.56 -14.69 6.66
CA ALA D 189 -12.51 -15.59 7.05
C ALA D 189 -11.30 -15.49 6.13
N PRO D 190 -10.11 -15.93 6.61
CA PRO D 190 -8.91 -15.91 5.74
C PRO D 190 -8.98 -17.00 4.69
N ALA D 191 -7.89 -17.22 3.93
CA ALA D 191 -7.85 -18.25 2.90
C ALA D 191 -8.19 -19.61 3.51
N GLY D 192 -9.32 -20.18 3.05
CA GLY D 192 -9.81 -21.42 3.58
C GLY D 192 -10.77 -21.03 4.68
N PHE D 193 -10.77 -21.76 5.80
CA PHE D 193 -11.62 -21.46 6.96
C PHE D 193 -13.10 -21.35 6.59
N ALA D 194 -13.63 -22.42 6.00
CA ALA D 194 -15.02 -22.44 5.56
C ALA D 194 -15.98 -22.33 6.74
N ILE D 195 -16.93 -21.43 6.59
CA ILE D 195 -17.94 -21.15 7.59
C ILE D 195 -19.22 -21.85 7.13
N LEU D 196 -19.98 -22.43 8.08
CA LEU D 196 -21.21 -23.17 7.78
C LEU D 196 -22.48 -22.58 8.40
N LYS D 197 -23.43 -22.17 7.55
CA LYS D 197 -24.68 -21.56 8.01
C LYS D 197 -25.84 -22.53 8.19
N CYS D 198 -26.31 -22.65 9.43
CA CYS D 198 -27.45 -23.48 9.73
C CYS D 198 -28.69 -22.70 9.27
N LYS D 199 -29.56 -23.34 8.50
CA LYS D 199 -30.75 -22.67 8.02
C LYS D 199 -32.01 -23.50 8.23
N ASP D 200 -32.08 -24.23 9.33
CA ASP D 200 -33.27 -25.03 9.61
C ASP D 200 -34.34 -24.18 10.26
N LYS D 201 -35.47 -24.78 10.63
CA LYS D 201 -36.53 -24.06 11.30
C LYS D 201 -36.42 -24.30 12.81
N LYS D 202 -36.49 -25.56 13.23
CA LYS D 202 -36.40 -25.90 14.65
C LYS D 202 -34.96 -25.95 15.15
N PHE D 203 -34.44 -24.80 15.56
CA PHE D 203 -33.08 -24.67 16.09
C PHE D 203 -33.14 -24.24 17.54
N ASN D 204 -32.84 -25.17 18.44
CA ASN D 204 -32.86 -24.93 19.87
C ASN D 204 -31.47 -24.63 20.43
N GLY D 205 -30.63 -23.95 19.63
CA GLY D 205 -29.29 -23.57 20.04
C GLY D 205 -28.33 -24.73 20.02
N THR D 206 -28.53 -25.66 20.94
CA THR D 206 -27.72 -26.85 21.04
C THR D 206 -28.45 -27.97 20.31
N GLY D 207 -28.60 -27.79 18.99
CA GLY D 207 -29.31 -28.76 18.20
C GLY D 207 -28.81 -28.96 16.79
N PRO D 208 -29.27 -30.05 16.18
CA PRO D 208 -28.88 -30.37 14.81
C PRO D 208 -29.56 -29.46 13.79
N CYS D 209 -29.04 -29.51 12.58
CA CYS D 209 -29.58 -28.70 11.49
C CYS D 209 -29.71 -29.51 10.20
N PRO D 210 -30.94 -29.77 9.74
CA PRO D 210 -31.08 -30.50 8.48
C PRO D 210 -30.63 -29.66 7.30
N SER D 211 -31.07 -28.40 7.28
CA SER D 211 -30.73 -27.45 6.22
C SER D 211 -29.46 -26.67 6.55
N VAL D 212 -28.34 -27.11 6.01
CA VAL D 212 -27.04 -26.48 6.23
C VAL D 212 -26.57 -25.88 4.91
N SER D 213 -25.90 -24.74 4.99
CA SER D 213 -25.39 -24.05 3.81
C SER D 213 -24.07 -23.35 4.14
N THR D 214 -22.97 -23.84 3.61
CA THR D 214 -21.69 -23.20 3.92
C THR D 214 -21.62 -21.81 3.28
N VAL D 215 -20.81 -20.93 3.90
CA VAL D 215 -20.61 -19.56 3.43
C VAL D 215 -19.15 -19.17 3.52
N GLN D 216 -18.77 -18.16 2.74
CA GLN D 216 -17.40 -17.66 2.76
C GLN D 216 -17.33 -16.57 3.82
N CYS D 217 -18.39 -15.78 3.93
CA CYS D 217 -18.53 -14.71 4.90
C CYS D 217 -19.93 -14.82 5.50
N THR D 218 -20.10 -14.30 6.71
CA THR D 218 -21.42 -14.38 7.35
C THR D 218 -22.50 -13.55 6.67
N HIS D 219 -23.73 -13.71 7.13
CA HIS D 219 -24.87 -12.99 6.56
C HIS D 219 -24.94 -11.56 7.06
N GLY D 220 -26.03 -10.86 6.76
CA GLY D 220 -26.22 -9.48 7.16
C GLY D 220 -26.54 -9.32 8.62
N ILE D 221 -25.55 -9.59 9.47
CA ILE D 221 -25.71 -9.49 10.91
C ILE D 221 -25.63 -8.04 11.36
N LYS D 222 -26.68 -7.58 12.06
CA LYS D 222 -26.75 -6.23 12.61
C LYS D 222 -26.73 -6.34 14.13
N PRO D 223 -25.57 -6.45 14.75
CA PRO D 223 -25.53 -6.59 16.21
C PRO D 223 -25.67 -5.27 16.92
N VAL D 224 -26.13 -5.37 18.17
CA VAL D 224 -26.31 -4.22 19.07
C VAL D 224 -25.92 -4.66 20.48
N VAL D 225 -24.93 -3.97 21.06
CA VAL D 225 -24.54 -4.26 22.43
C VAL D 225 -25.71 -3.75 23.26
N SER D 226 -26.42 -4.65 23.92
CA SER D 226 -27.58 -4.23 24.69
C SER D 226 -27.97 -5.16 25.83
N THR D 227 -28.97 -4.70 26.56
CA THR D 227 -29.59 -5.37 27.70
C THR D 227 -30.60 -6.41 27.24
N GLN D 228 -31.50 -6.77 28.14
CA GLN D 228 -32.50 -7.85 28.11
C GLN D 228 -33.06 -8.20 26.73
N LEU D 229 -33.58 -7.24 25.98
CA LEU D 229 -34.11 -7.54 24.66
C LEU D 229 -33.14 -7.04 23.59
N LEU D 230 -32.72 -7.93 22.71
CA LEU D 230 -31.78 -7.54 21.65
C LEU D 230 -32.40 -6.54 20.70
N LEU D 231 -31.66 -5.47 20.41
CA LEU D 231 -32.13 -4.40 19.54
C LEU D 231 -31.58 -4.60 18.13
N ASN D 232 -32.38 -4.23 17.13
CA ASN D 232 -32.01 -4.25 15.70
C ASN D 232 -31.27 -5.48 15.18
N GLY D 233 -31.55 -6.67 15.71
CA GLY D 233 -30.82 -7.84 15.25
C GLY D 233 -31.53 -8.77 14.28
N SER D 234 -31.17 -10.05 14.34
CA SER D 234 -31.74 -11.06 13.45
C SER D 234 -33.11 -11.53 13.95
N LEU D 235 -33.67 -12.56 13.33
CA LEU D 235 -34.99 -13.06 13.69
C LEU D 235 -35.00 -14.56 13.98
N ALA D 236 -36.02 -15.01 14.70
CA ALA D 236 -36.17 -16.41 15.08
C ALA D 236 -36.97 -17.16 14.01
N GLU D 237 -37.39 -18.39 14.33
CA GLU D 237 -38.12 -19.21 13.36
C GLU D 237 -39.58 -19.57 13.68
N GLU D 238 -40.44 -18.81 13.01
CA GLU D 238 -41.89 -18.75 12.84
C GLU D 238 -42.73 -18.32 14.04
N GLU D 239 -42.23 -18.40 15.28
CA GLU D 239 -42.95 -17.67 16.32
C GLU D 239 -41.90 -16.88 17.08
N VAL D 240 -41.01 -17.65 17.72
CA VAL D 240 -39.76 -17.37 18.44
C VAL D 240 -39.06 -18.73 18.51
N MET D 241 -37.81 -18.76 18.97
CA MET D 241 -37.10 -20.02 19.17
C MET D 241 -36.36 -20.05 20.51
N ILE D 242 -36.65 -21.05 21.32
CA ILE D 242 -36.03 -21.22 22.63
C ILE D 242 -34.67 -21.87 22.37
N ARG D 243 -33.63 -21.06 22.25
CA ARG D 243 -32.29 -21.54 21.95
C ARG D 243 -31.33 -21.66 23.12
N SER D 244 -31.79 -21.42 24.35
CA SER D 244 -30.93 -21.47 25.52
C SER D 244 -30.22 -22.81 25.73
N GLU D 245 -29.17 -22.77 26.58
CA GLU D 245 -28.38 -23.95 26.93
C GLU D 245 -29.34 -25.02 27.46
N ASN D 246 -30.05 -24.69 28.51
CA ASN D 246 -31.09 -25.51 29.10
C ASN D 246 -32.41 -24.81 28.79
N ILE D 247 -33.48 -25.58 28.57
CA ILE D 247 -34.75 -24.94 28.27
C ILE D 247 -35.43 -24.50 29.55
N THR D 248 -35.71 -25.44 30.45
CA THR D 248 -36.38 -25.09 31.70
C THR D 248 -35.61 -25.34 32.98
N ASN D 249 -34.29 -25.14 32.95
CA ASN D 249 -33.49 -25.27 34.16
C ASN D 249 -33.59 -23.91 34.80
N ASN D 250 -33.64 -23.89 36.12
CA ASN D 250 -33.68 -22.64 36.84
C ASN D 250 -32.26 -22.15 37.07
N ALA D 251 -31.27 -22.66 36.32
CA ALA D 251 -29.88 -22.28 36.48
C ALA D 251 -29.27 -21.60 35.25
N LYS D 252 -29.94 -21.61 34.10
CA LYS D 252 -29.39 -21.00 32.92
C LYS D 252 -30.20 -19.78 32.48
N ASN D 253 -29.60 -18.97 31.61
CA ASN D 253 -30.26 -17.79 31.08
C ASN D 253 -31.04 -18.17 29.83
N ILE D 254 -32.27 -17.68 29.74
CA ILE D 254 -33.13 -18.00 28.60
C ILE D 254 -32.65 -17.17 27.41
N LEU D 255 -32.32 -17.86 26.32
CA LEU D 255 -31.82 -17.24 25.09
C LEU D 255 -32.82 -17.38 23.94
N VAL D 256 -33.67 -16.36 23.76
CA VAL D 256 -34.68 -16.35 22.71
C VAL D 256 -34.50 -15.07 21.91
N GLN D 257 -34.80 -15.14 20.61
CA GLN D 257 -34.72 -13.98 19.75
C GLN D 257 -36.11 -13.76 19.19
N PHE D 258 -36.44 -12.53 18.81
CA PHE D 258 -37.76 -12.27 18.27
C PHE D 258 -37.87 -12.72 16.82
N ASN D 259 -39.02 -12.49 16.21
CA ASN D 259 -39.24 -12.84 14.81
C ASN D 259 -39.81 -11.61 14.14
N THR D 260 -40.39 -10.70 14.90
CA THR D 260 -40.92 -9.48 14.34
C THR D 260 -40.17 -8.30 14.91
N PRO D 261 -39.86 -7.30 14.10
CA PRO D 261 -39.16 -6.13 14.65
C PRO D 261 -40.13 -5.33 15.48
N VAL D 262 -39.98 -5.39 16.81
CA VAL D 262 -40.88 -4.67 17.70
C VAL D 262 -40.45 -3.22 17.74
N GLN D 263 -41.21 -2.35 17.07
CA GLN D 263 -40.91 -0.94 17.03
C GLN D 263 -41.20 -0.27 18.36
N ILE D 264 -40.19 0.37 18.93
CA ILE D 264 -40.33 1.09 20.19
C ILE D 264 -40.04 2.56 19.88
N ASN D 265 -41.00 3.43 20.19
CA ASN D 265 -40.87 4.85 19.95
C ASN D 265 -40.59 5.57 21.27
N CYS D 266 -39.41 6.15 21.37
CA CYS D 266 -38.97 6.82 22.59
C CYS D 266 -38.82 8.33 22.41
N THR D 267 -39.54 9.09 23.22
CA THR D 267 -39.48 10.55 23.18
C THR D 267 -39.08 11.09 24.54
N HIS D 299 -38.94 8.70 28.06
CA HIS D 299 -40.08 7.79 28.01
C HIS D 299 -40.24 7.15 26.64
N CYS D 300 -40.69 5.90 26.61
CA CYS D 300 -40.88 5.15 25.38
C CYS D 300 -42.32 4.69 25.18
N ASN D 301 -42.93 5.13 24.07
CA ASN D 301 -44.29 4.74 23.75
C ASN D 301 -44.29 3.31 23.24
N VAL D 302 -44.26 2.35 24.16
CA VAL D 302 -44.25 0.94 23.82
C VAL D 302 -45.67 0.54 23.40
N SER D 303 -45.78 -0.11 22.24
CA SER D 303 -47.09 -0.54 21.76
C SER D 303 -47.62 -1.64 22.67
N LYS D 304 -48.94 -1.86 22.63
CA LYS D 304 -49.52 -2.88 23.49
C LYS D 304 -49.99 -4.10 22.71
N ALA D 305 -50.49 -3.91 21.49
CA ALA D 305 -50.94 -5.05 20.70
C ALA D 305 -49.76 -5.91 20.26
N THR D 306 -48.65 -5.27 19.88
CA THR D 306 -47.46 -6.02 19.46
C THR D 306 -46.85 -6.67 20.68
N TRP D 307 -46.89 -6.00 21.85
CA TRP D 307 -46.32 -6.57 23.06
C TRP D 307 -47.14 -7.76 23.52
N ASN D 308 -48.47 -7.67 23.41
CA ASN D 308 -49.32 -8.78 23.79
C ASN D 308 -49.11 -9.93 22.81
N GLU D 309 -48.86 -9.61 21.54
CA GLU D 309 -48.63 -10.66 20.55
C GLU D 309 -47.30 -11.36 20.78
N THR D 310 -46.24 -10.61 21.15
CA THR D 310 -44.95 -11.24 21.37
C THR D 310 -45.02 -12.06 22.65
N LEU D 311 -45.77 -11.60 23.66
CA LEU D 311 -45.91 -12.38 24.88
C LEU D 311 -46.71 -13.65 24.57
N GLY D 312 -47.69 -13.56 23.68
CA GLY D 312 -48.48 -14.72 23.30
C GLY D 312 -47.71 -15.75 22.49
N LYS D 313 -46.86 -15.30 21.57
CA LYS D 313 -46.08 -16.22 20.76
C LYS D 313 -45.05 -16.91 21.64
N VAL D 314 -44.39 -16.15 22.53
CA VAL D 314 -43.39 -16.74 23.41
C VAL D 314 -44.04 -17.68 24.42
N VAL D 315 -45.22 -17.32 24.93
CA VAL D 315 -45.88 -18.19 25.92
C VAL D 315 -46.31 -19.49 25.27
N LYS D 316 -46.75 -19.46 24.00
CA LYS D 316 -47.12 -20.72 23.36
C LYS D 316 -45.89 -21.56 23.10
N GLN D 317 -44.77 -20.93 22.70
CA GLN D 317 -43.55 -21.70 22.46
C GLN D 317 -42.99 -22.30 23.76
N LEU D 318 -43.15 -21.59 24.88
CA LEU D 318 -42.70 -22.11 26.16
C LEU D 318 -43.57 -23.30 26.54
N ARG D 319 -44.87 -23.24 26.21
CA ARG D 319 -45.74 -24.38 26.51
C ARG D 319 -45.41 -25.57 25.64
N LYS D 320 -45.06 -25.32 24.37
CA LYS D 320 -44.70 -26.39 23.45
C LYS D 320 -43.41 -27.03 23.93
N HIS D 321 -42.49 -26.22 24.44
CA HIS D 321 -41.23 -26.72 24.96
C HIS D 321 -41.52 -27.39 26.30
N PHE D 322 -42.24 -26.73 27.21
CA PHE D 322 -42.56 -27.38 28.47
C PHE D 322 -43.96 -27.06 28.99
N GLY D 323 -44.73 -28.11 29.27
CA GLY D 323 -46.06 -27.99 29.82
C GLY D 323 -47.19 -28.05 28.82
N ASN D 324 -47.94 -29.16 28.79
CA ASN D 324 -49.05 -29.25 27.86
C ASN D 324 -50.19 -28.36 28.34
N ASN D 325 -50.75 -28.68 29.50
CA ASN D 325 -51.84 -27.87 30.09
C ASN D 325 -51.29 -27.01 31.22
N THR D 326 -50.65 -25.90 30.86
CA THR D 326 -50.09 -25.02 31.87
C THR D 326 -50.33 -23.55 31.56
N ILE D 327 -50.41 -22.75 32.62
CA ILE D 327 -50.61 -21.32 32.53
C ILE D 327 -49.27 -20.68 32.84
N ILE D 328 -48.83 -19.74 32.01
CA ILE D 328 -47.57 -19.06 32.22
C ILE D 328 -47.87 -17.58 32.39
N ARG D 329 -47.54 -17.05 33.56
CA ARG D 329 -47.78 -15.66 33.90
C ARG D 329 -46.44 -14.93 33.97
N PHE D 330 -46.45 -13.65 33.63
CA PHE D 330 -45.24 -12.84 33.64
C PHE D 330 -45.19 -11.95 34.88
N ALA D 331 -44.02 -11.83 35.48
CA ALA D 331 -43.81 -11.02 36.68
C ALA D 331 -42.95 -9.80 36.35
N ASN D 332 -42.88 -8.88 37.31
CA ASN D 332 -42.11 -7.65 37.14
C ASN D 332 -40.60 -7.90 37.20
N SER D 333 -39.80 -6.84 37.20
CA SER D 333 -38.35 -6.96 37.20
C SER D 333 -37.74 -7.77 38.36
N SER D 334 -36.57 -8.34 38.10
CA SER D 334 -35.86 -9.15 39.09
C SER D 334 -35.17 -8.29 40.14
N GLY D 335 -34.52 -7.20 39.72
CA GLY D 335 -33.82 -6.33 40.64
C GLY D 335 -32.35 -6.25 40.33
N GLY D 336 -31.69 -5.17 40.75
CA GLY D 336 -30.28 -5.01 40.50
C GLY D 336 -29.86 -3.62 40.10
N ASP D 337 -28.98 -3.51 39.11
CA ASP D 337 -28.49 -2.22 38.66
C ASP D 337 -29.51 -1.49 37.76
N LEU D 338 -29.09 -0.34 37.23
CA LEU D 338 -29.96 0.45 36.35
C LEU D 338 -30.28 -0.33 35.09
N GLU D 339 -29.26 -0.85 34.41
CA GLU D 339 -29.45 -1.62 33.19
C GLU D 339 -30.12 -2.98 33.45
N VAL D 340 -30.22 -3.40 34.71
CA VAL D 340 -30.83 -4.68 35.02
C VAL D 340 -32.34 -4.51 35.13
N THR D 341 -32.80 -3.60 35.99
CA THR D 341 -34.23 -3.38 36.14
C THR D 341 -34.79 -2.72 34.88
N THR D 342 -34.12 -1.69 34.41
CA THR D 342 -34.53 -1.00 33.20
C THR D 342 -33.86 -1.68 32.01
N HIS D 343 -33.92 -1.06 30.83
CA HIS D 343 -33.32 -1.64 29.63
C HIS D 343 -32.52 -0.62 28.84
N SER D 344 -31.25 -0.93 28.59
CA SER D 344 -30.39 -0.04 27.81
C SER D 344 -30.55 -0.42 26.34
N PHE D 345 -30.59 0.61 25.48
CA PHE D 345 -30.75 0.41 24.05
C PHE D 345 -30.33 1.67 23.33
N ASN D 346 -29.89 1.50 22.08
CA ASN D 346 -29.46 2.64 21.28
C ASN D 346 -30.63 3.49 20.83
N CYS D 347 -30.85 4.61 21.50
CA CYS D 347 -31.91 5.55 21.16
C CYS D 347 -31.22 6.83 20.70
N GLY D 348 -30.91 6.88 19.40
CA GLY D 348 -30.22 8.03 18.83
C GLY D 348 -28.86 8.28 19.44
N GLY D 349 -28.20 7.25 19.94
CA GLY D 349 -26.90 7.39 20.57
C GLY D 349 -27.02 7.28 22.07
N GLU D 350 -28.08 7.87 22.63
CA GLU D 350 -28.30 7.82 24.06
C GLU D 350 -28.86 6.48 24.51
N PHE D 351 -29.13 6.34 25.81
CA PHE D 351 -29.67 5.12 26.37
C PHE D 351 -30.78 5.41 27.38
N PHE D 352 -32.03 5.42 26.91
CA PHE D 352 -33.12 5.65 27.84
C PHE D 352 -33.27 4.43 28.73
N TYR D 353 -33.79 4.63 29.94
CA TYR D 353 -33.95 3.54 30.90
C TYR D 353 -35.34 3.35 31.49
N CYS D 354 -36.15 2.57 30.81
CA CYS D 354 -37.51 2.25 31.24
C CYS D 354 -37.59 0.92 31.96
N ASN D 355 -38.09 0.91 33.19
CA ASN D 355 -38.24 -0.34 33.93
C ASN D 355 -39.33 -1.13 33.21
N THR D 356 -38.98 -2.34 32.76
CA THR D 356 -39.92 -3.21 32.08
C THR D 356 -40.70 -4.04 33.08
N SER D 357 -41.32 -3.37 34.05
CA SER D 357 -42.10 -4.03 35.08
C SER D 357 -43.58 -3.85 34.78
N GLY D 358 -43.94 -2.81 34.03
CA GLY D 358 -45.31 -2.56 33.66
C GLY D 358 -45.70 -3.25 32.38
N LEU D 359 -44.79 -4.04 31.81
CA LEU D 359 -45.01 -4.78 30.57
C LEU D 359 -45.28 -6.26 30.83
N PHE D 360 -44.54 -6.86 31.74
CA PHE D 360 -44.68 -8.28 32.05
C PHE D 360 -45.65 -8.60 33.18
N ASN D 361 -46.95 -8.52 32.89
CA ASN D 361 -47.97 -8.84 33.88
C ASN D 361 -49.11 -9.56 33.15
N SER D 362 -48.82 -10.19 32.01
CA SER D 362 -49.83 -10.87 31.22
C SER D 362 -50.03 -12.34 31.58
N THR D 363 -51.28 -12.71 31.83
CA THR D 363 -51.65 -14.07 32.15
C THR D 363 -52.24 -14.70 30.89
N TRP D 364 -51.58 -15.73 30.38
CA TRP D 364 -52.05 -16.39 29.16
C TRP D 364 -52.78 -17.67 29.52
N ILE D 365 -53.77 -18.02 28.71
CA ILE D 365 -54.61 -19.19 28.95
C ILE D 365 -54.36 -20.30 27.95
N SER D 366 -53.98 -21.47 28.44
CA SER D 366 -53.76 -22.63 27.58
C SER D 366 -55.10 -23.34 27.40
N ASN D 367 -55.77 -23.62 28.52
CA ASN D 367 -57.06 -24.28 28.50
C ASN D 367 -58.20 -23.32 28.13
N ASN D 379 -54.88 0.28 24.70
CA ASN D 379 -54.10 -0.39 23.65
C ASN D 379 -53.61 0.67 22.65
N ASP D 380 -53.06 1.77 23.17
CA ASP D 380 -52.54 2.83 22.32
C ASP D 380 -51.03 2.93 22.45
N SER D 381 -50.52 3.08 23.67
CA SER D 381 -49.09 3.17 23.94
C SER D 381 -48.77 2.98 25.41
N ILE D 382 -47.92 2.00 25.72
CA ILE D 382 -47.50 1.77 27.11
C ILE D 382 -46.29 2.67 27.31
N THR D 383 -46.54 3.92 27.68
CA THR D 383 -45.46 4.88 27.88
C THR D 383 -44.78 4.62 29.21
N LEU D 384 -43.69 3.88 29.17
CA LEU D 384 -42.97 3.57 30.38
C LEU D 384 -42.07 4.75 30.77
N PRO D 385 -41.76 4.90 32.07
CA PRO D 385 -40.89 6.00 32.49
C PRO D 385 -39.42 5.68 32.29
N CYS D 386 -38.79 6.40 31.35
CA CYS D 386 -37.38 6.21 31.06
C CYS D 386 -36.51 7.23 31.79
N ARG D 387 -35.19 7.12 31.60
CA ARG D 387 -34.25 8.01 32.28
C ARG D 387 -33.16 8.54 31.35
N ILE D 388 -32.80 9.82 31.55
CA ILE D 388 -31.74 10.44 30.76
C ILE D 388 -30.42 9.88 31.26
N LYS D 389 -29.63 9.35 30.34
CA LYS D 389 -28.36 8.69 30.65
C LYS D 389 -27.13 9.61 30.60
N GLN D 390 -26.53 9.82 31.75
CA GLN D 390 -25.30 10.61 31.89
C GLN D 390 -24.20 9.84 32.60
N ILE D 391 -24.55 9.09 33.64
CA ILE D 391 -23.60 8.28 34.41
C ILE D 391 -24.18 6.90 34.65
N ILE D 392 -23.53 5.88 34.10
CA ILE D 392 -23.95 4.49 34.24
C ILE D 392 -22.73 3.62 34.49
N ASN D 393 -22.98 2.39 34.90
CA ASN D 393 -21.90 1.44 35.10
C ASN D 393 -21.42 1.07 33.71
N MET D 394 -20.12 0.92 33.53
CA MET D 394 -19.62 0.56 32.22
C MET D 394 -19.95 -0.89 31.91
N TRP D 395 -20.34 -1.16 30.67
CA TRP D 395 -20.69 -2.51 30.28
C TRP D 395 -19.47 -3.25 29.77
N GLN D 396 -18.41 -2.53 29.40
CA GLN D 396 -17.19 -3.16 28.91
C GLN D 396 -16.55 -3.98 30.02
N ARG D 397 -16.25 -3.34 31.14
CA ARG D 397 -15.66 -4.00 32.31
C ARG D 397 -16.31 -3.46 33.57
N ILE D 398 -15.73 -3.80 34.72
CA ILE D 398 -16.27 -3.37 36.00
C ILE D 398 -15.85 -1.94 36.31
N GLY D 399 -16.82 -1.03 36.38
CA GLY D 399 -16.54 0.36 36.66
C GLY D 399 -17.73 1.22 36.31
N GLN D 400 -17.49 2.53 36.28
CA GLN D 400 -18.52 3.52 35.97
C GLN D 400 -18.08 4.46 34.84
N ALA D 401 -19.05 5.20 34.31
CA ALA D 401 -18.80 6.13 33.21
C ALA D 401 -19.48 7.47 33.45
N MET D 402 -19.18 8.42 32.57
CA MET D 402 -19.75 9.76 32.60
C MET D 402 -19.64 10.33 31.20
N TYR D 403 -20.76 10.84 30.70
CA TYR D 403 -20.82 11.40 29.35
C TYR D 403 -21.30 12.85 29.32
N ALA D 404 -21.40 13.39 28.12
CA ALA D 404 -21.84 14.75 27.84
C ALA D 404 -23.36 14.82 27.85
N PRO D 405 -23.92 15.97 28.23
CA PRO D 405 -25.39 16.10 28.25
C PRO D 405 -25.94 15.99 26.85
N PRO D 406 -27.19 15.53 26.71
CA PRO D 406 -27.78 15.39 25.38
C PRO D 406 -28.07 16.75 24.75
N ILE D 407 -28.15 16.75 23.43
CA ILE D 407 -28.42 17.97 22.68
C ILE D 407 -29.92 18.22 22.62
N GLN D 408 -30.73 17.28 23.11
CA GLN D 408 -32.18 17.40 23.10
C GLN D 408 -32.80 17.14 24.46
N GLY D 409 -33.78 17.96 24.84
CA GLY D 409 -34.47 17.74 26.10
C GLY D 409 -35.36 16.51 26.01
N VAL D 410 -36.14 16.45 24.94
CA VAL D 410 -37.00 15.31 24.62
C VAL D 410 -36.26 14.72 23.44
N ILE D 411 -35.73 13.51 23.61
CA ILE D 411 -34.94 12.86 22.58
C ILE D 411 -35.74 11.91 21.72
N ARG D 412 -35.79 12.18 20.43
CA ARG D 412 -36.51 11.36 19.46
C ARG D 412 -35.55 10.32 18.89
N CYS D 413 -36.08 9.12 18.65
CA CYS D 413 -35.31 8.04 18.05
C CYS D 413 -36.29 7.00 17.54
N VAL D 414 -35.83 6.21 16.58
CA VAL D 414 -36.63 5.14 15.98
C VAL D 414 -35.82 3.86 16.12
N SER D 415 -36.36 2.89 16.84
CA SER D 415 -35.67 1.64 17.06
C SER D 415 -36.57 0.42 17.02
N ASN D 416 -36.10 -0.63 16.38
CA ASN D 416 -36.80 -1.90 16.27
C ASN D 416 -36.02 -2.86 17.15
N ILE D 417 -36.71 -3.49 18.10
CA ILE D 417 -36.08 -4.40 19.04
C ILE D 417 -36.44 -5.83 18.65
N THR D 418 -35.43 -6.71 18.55
CA THR D 418 -35.59 -8.10 18.14
C THR D 418 -34.80 -9.09 19.01
N GLY D 419 -35.44 -9.61 20.05
CA GLY D 419 -34.77 -10.54 20.93
C GLY D 419 -35.47 -10.68 22.27
N LEU D 420 -35.29 -11.81 22.95
CA LEU D 420 -35.91 -12.02 24.24
C LEU D 420 -34.99 -12.81 25.18
N ILE D 421 -34.27 -12.10 26.03
CA ILE D 421 -33.39 -12.70 27.00
C ILE D 421 -33.85 -12.12 28.33
N LEU D 422 -34.32 -12.99 29.22
CA LEU D 422 -34.83 -12.55 30.51
C LEU D 422 -34.57 -13.61 31.57
N THR D 423 -34.73 -13.24 32.83
CA THR D 423 -34.49 -14.14 33.95
C THR D 423 -35.74 -14.93 34.35
N ARG D 424 -35.65 -15.69 35.44
CA ARG D 424 -36.81 -16.45 35.89
C ARG D 424 -36.78 -16.58 37.40
N ASP D 425 -37.95 -16.83 37.98
CA ASP D 425 -38.03 -17.02 39.42
C ASP D 425 -37.29 -18.30 39.77
N GLY D 426 -37.74 -19.41 39.21
CA GLY D 426 -37.11 -20.69 39.44
C GLY D 426 -37.74 -21.56 40.49
N GLY D 427 -38.99 -21.29 40.88
CA GLY D 427 -39.64 -22.11 41.88
C GLY D 427 -40.29 -23.33 41.25
N SER D 428 -40.94 -24.12 42.09
CA SER D 428 -41.63 -25.31 41.59
C SER D 428 -43.05 -25.44 42.15
N THR D 429 -44.06 -24.81 41.51
CA THR D 429 -44.12 -23.87 40.34
C THR D 429 -43.44 -24.46 39.06
N ASN D 430 -43.60 -25.77 38.82
CA ASN D 430 -42.96 -26.35 37.64
C ASN D 430 -43.92 -26.33 36.46
N SER D 431 -45.07 -27.00 36.58
CA SER D 431 -46.06 -27.06 35.51
C SER D 431 -47.39 -26.52 35.99
N THR D 432 -47.49 -26.15 37.27
CA THR D 432 -48.72 -25.58 37.81
C THR D 432 -48.83 -24.23 37.11
N THR D 433 -47.81 -23.40 37.30
CA THR D 433 -47.73 -22.11 36.64
C THR D 433 -46.25 -21.84 36.42
N GLU D 434 -45.95 -21.13 35.35
CA GLU D 434 -44.59 -20.74 35.03
C GLU D 434 -44.50 -19.23 35.14
N THR D 435 -43.47 -18.74 35.83
CA THR D 435 -43.34 -17.31 36.01
C THR D 435 -41.93 -16.88 35.61
N PHE D 436 -41.86 -15.85 34.79
CA PHE D 436 -40.60 -15.34 34.28
C PHE D 436 -40.49 -13.84 34.52
N ARG D 437 -39.26 -13.38 34.78
CA ARG D 437 -39.02 -11.97 35.03
C ARG D 437 -38.02 -11.39 34.05
N PRO D 438 -38.11 -10.10 33.73
CA PRO D 438 -37.14 -9.50 32.82
C PRO D 438 -35.77 -9.39 33.47
N GLY D 439 -34.78 -9.10 32.65
CA GLY D 439 -33.42 -8.99 33.10
C GLY D 439 -32.50 -9.67 32.11
N GLY D 440 -31.28 -9.96 32.52
CA GLY D 440 -30.34 -10.61 31.65
C GLY D 440 -29.65 -9.70 30.66
N GLY D 441 -29.38 -10.21 29.46
CA GLY D 441 -28.70 -9.44 28.43
C GLY D 441 -27.23 -9.29 28.78
N ASP D 442 -26.54 -10.42 28.86
CA ASP D 442 -25.12 -10.44 29.18
C ASP D 442 -24.33 -9.95 27.98
N MET D 443 -23.15 -9.39 28.23
CA MET D 443 -22.33 -8.93 27.12
C MET D 443 -21.71 -10.18 26.51
N ARG D 444 -21.35 -11.14 27.36
CA ARG D 444 -20.80 -12.41 26.93
C ARG D 444 -21.89 -13.20 26.18
N ASP D 445 -23.11 -13.21 26.70
CA ASP D 445 -24.19 -13.94 26.05
C ASP D 445 -24.77 -13.27 24.80
N ASN D 446 -24.83 -11.93 24.75
CA ASN D 446 -25.34 -11.28 23.53
C ASN D 446 -24.32 -11.54 22.43
N TRP D 447 -23.04 -11.55 22.82
CA TRP D 447 -21.92 -11.85 21.97
C TRP D 447 -22.08 -13.25 21.38
N ARG D 448 -22.53 -14.21 22.20
CA ARG D 448 -22.76 -15.55 21.69
C ARG D 448 -24.04 -15.61 20.85
N SER D 449 -25.03 -14.77 21.19
CA SER D 449 -26.33 -14.73 20.54
C SER D 449 -26.33 -14.21 19.11
N GLU D 450 -25.32 -13.44 18.70
CA GLU D 450 -25.35 -12.98 17.31
C GLU D 450 -24.89 -14.05 16.32
N LEU D 451 -23.76 -14.69 16.62
CA LEU D 451 -23.10 -15.71 15.77
C LEU D 451 -23.43 -17.17 16.07
N TYR D 452 -24.66 -17.45 16.50
CA TYR D 452 -25.16 -18.75 16.94
C TYR D 452 -25.40 -19.94 15.99
N LYS D 453 -25.10 -19.84 14.68
CA LYS D 453 -25.35 -20.98 13.81
C LYS D 453 -24.13 -21.39 12.99
N TYR D 454 -22.94 -21.07 13.45
CA TYR D 454 -21.75 -21.33 12.66
C TYR D 454 -20.58 -22.06 13.31
N LYS D 455 -19.62 -22.45 12.48
CA LYS D 455 -18.37 -23.08 12.89
C LYS D 455 -17.39 -22.92 11.72
N VAL D 456 -16.10 -22.96 12.03
CA VAL D 456 -15.05 -22.77 11.04
C VAL D 456 -14.16 -24.00 10.84
N VAL D 457 -14.07 -24.46 9.59
CA VAL D 457 -13.26 -25.59 9.19
C VAL D 457 -12.48 -25.22 7.93
N LYS D 458 -11.29 -25.81 7.77
CA LYS D 458 -10.44 -25.52 6.61
C LYS D 458 -9.92 -26.80 5.98
N ILE D 459 -9.32 -26.69 4.79
CA ILE D 459 -8.82 -27.86 4.07
C ILE D 459 -7.83 -27.55 2.96
N GLU D 460 -6.99 -28.53 2.63
CA GLU D 460 -6.02 -28.70 1.57
C GLU D 460 -6.61 -29.74 0.62
N PRO D 461 -6.37 -29.65 -0.67
CA PRO D 461 -7.02 -30.58 -1.62
C PRO D 461 -6.56 -32.03 -1.60
N LEU D 462 -6.98 -32.86 -0.63
CA LEU D 462 -6.56 -34.27 -0.55
C LEU D 462 -7.63 -35.27 -0.10
N GLY D 463 -7.29 -36.58 -0.13
CA GLY D 463 -8.18 -37.67 0.26
C GLY D 463 -7.84 -39.00 -0.42
N VAL D 464 -8.10 -40.15 0.20
CA VAL D 464 -7.76 -41.43 -0.43
C VAL D 464 -8.82 -42.50 -0.67
N ALA D 465 -8.39 -43.54 -1.40
CA ALA D 465 -8.99 -44.79 -1.83
C ALA D 465 -7.84 -45.78 -1.94
N PRO D 466 -7.72 -46.75 -1.07
CA PRO D 466 -6.58 -47.67 -1.20
C PRO D 466 -6.73 -48.68 -2.33
N THR D 467 -6.03 -48.48 -3.43
CA THR D 467 -6.16 -49.36 -4.59
C THR D 467 -4.90 -50.11 -5.02
N ARG D 468 -5.06 -50.91 -6.06
CA ARG D 468 -3.97 -51.70 -6.64
C ARG D 468 -3.74 -51.18 -8.03
N CYS D 469 -3.87 -49.88 -8.20
CA CYS D 469 -3.68 -49.30 -9.51
C CYS D 469 -2.23 -49.31 -9.98
N LYS D 470 -1.25 -49.18 -9.11
CA LYS D 470 0.15 -49.31 -9.52
C LYS D 470 0.58 -48.44 -10.72
N ARG D 471 0.59 -47.13 -10.61
CA ARG D 471 1.01 -46.34 -11.78
C ARG D 471 2.46 -45.97 -11.53
N ARG D 472 3.25 -45.75 -12.59
CA ARG D 472 4.64 -45.35 -12.38
C ARG D 472 4.61 -43.95 -11.75
N VAL D 473 5.24 -43.82 -10.57
CA VAL D 473 5.29 -42.58 -9.80
C VAL D 473 3.89 -42.04 -9.47
N ALA E 1 -1.12 -42.98 -32.85
CA ALA E 1 -1.28 -44.12 -33.73
C ALA E 1 -0.80 -43.73 -35.12
N GLU E 2 -1.01 -44.60 -36.11
CA GLU E 2 -0.59 -44.32 -37.48
C GLU E 2 -1.31 -43.09 -38.03
N ASN E 3 -2.39 -42.67 -37.38
CA ASN E 3 -3.14 -41.49 -37.74
C ASN E 3 -2.36 -40.25 -37.29
N LEU E 4 -2.88 -39.08 -37.59
CA LEU E 4 -2.21 -37.85 -37.20
C LEU E 4 -2.59 -37.38 -35.81
N TRP E 5 -1.58 -37.14 -34.98
CA TRP E 5 -1.79 -36.60 -33.65
C TRP E 5 -1.06 -35.26 -33.74
N VAL E 6 -1.62 -34.22 -33.12
CA VAL E 6 -1.00 -32.90 -33.24
C VAL E 6 -0.17 -32.49 -32.05
N THR E 7 0.82 -31.66 -32.33
CA THR E 7 1.81 -31.14 -31.42
C THR E 7 1.36 -30.00 -30.54
N VAL E 8 2.14 -29.71 -29.50
CA VAL E 8 1.85 -28.64 -28.54
C VAL E 8 3.01 -27.64 -28.53
N TYR E 9 2.73 -26.40 -28.91
CA TYR E 9 3.82 -25.44 -28.92
C TYR E 9 3.85 -24.67 -27.60
N TYR E 10 4.83 -23.78 -27.45
CA TYR E 10 4.97 -22.98 -26.24
C TYR E 10 5.83 -21.76 -26.53
N GLY E 11 5.42 -20.61 -25.98
CA GLY E 11 6.12 -19.35 -26.17
C GLY E 11 6.04 -18.96 -27.64
N VAL E 12 4.82 -18.75 -28.12
CA VAL E 12 4.59 -18.44 -29.53
C VAL E 12 4.13 -17.02 -29.85
N PRO E 13 4.59 -16.42 -30.98
CA PRO E 13 4.08 -15.11 -31.34
C PRO E 13 2.82 -15.22 -32.19
N VAL E 14 1.94 -16.13 -31.79
CA VAL E 14 0.64 -16.33 -32.42
C VAL E 14 -0.20 -15.37 -31.58
N TRP E 15 -1.39 -15.02 -32.05
CA TRP E 15 -2.25 -14.15 -31.27
C TRP E 15 -3.72 -14.40 -31.53
N LYS E 16 -4.55 -13.88 -30.63
CA LYS E 16 -6.00 -13.97 -30.72
C LYS E 16 -6.49 -12.57 -30.42
N ASP E 17 -7.53 -12.14 -31.14
CA ASP E 17 -8.05 -10.79 -30.97
C ASP E 17 -8.69 -10.61 -29.60
N ALA E 18 -8.47 -9.44 -29.01
CA ALA E 18 -9.01 -9.10 -27.71
C ALA E 18 -9.85 -7.83 -27.77
N GLU E 19 -10.88 -7.80 -26.94
CA GLU E 19 -11.81 -6.68 -26.82
C GLU E 19 -11.88 -6.30 -25.34
N THR E 20 -11.12 -5.28 -24.94
CA THR E 20 -11.09 -4.89 -23.53
C THR E 20 -10.75 -3.43 -23.29
N THR E 21 -10.56 -3.11 -22.00
CA THR E 21 -10.22 -1.78 -21.52
C THR E 21 -8.77 -1.68 -21.10
N LEU E 22 -8.03 -0.77 -21.75
CA LEU E 22 -6.64 -0.59 -21.37
C LEU E 22 -6.58 0.46 -20.27
N PHE E 23 -5.41 0.67 -19.67
CA PHE E 23 -5.29 1.65 -18.62
C PHE E 23 -4.28 2.74 -18.96
N CYS E 24 -4.45 3.89 -18.32
CA CYS E 24 -3.56 5.03 -18.57
C CYS E 24 -2.19 4.78 -17.97
N ALA E 25 -1.17 5.35 -18.61
CA ALA E 25 0.21 5.22 -18.14
C ALA E 25 0.80 6.63 -18.14
N SER E 26 0.67 7.31 -17.02
CA SER E 26 1.19 8.65 -16.82
C SER E 26 1.72 8.69 -15.40
N ASP E 27 2.97 9.14 -15.25
CA ASP E 27 3.65 9.18 -13.96
C ASP E 27 2.88 9.85 -12.83
N ALA E 28 3.01 9.28 -11.63
CA ALA E 28 2.35 9.79 -10.45
C ALA E 28 3.04 11.04 -9.95
N LYS E 29 2.88 12.17 -10.67
CA LYS E 29 3.48 13.48 -10.35
C LYS E 29 2.51 14.16 -9.39
N ALA E 30 1.67 13.34 -8.84
CA ALA E 30 0.55 13.35 -7.97
C ALA E 30 0.82 13.91 -6.64
N TYR E 31 2.01 13.65 -6.25
CA TYR E 31 2.53 13.93 -4.96
C TYR E 31 3.32 15.22 -4.92
N GLU E 32 3.89 15.64 -6.04
CA GLU E 32 4.71 16.83 -6.00
C GLU E 32 4.17 18.09 -6.70
N THR E 33 3.80 18.02 -7.98
CA THR E 33 3.31 19.24 -8.63
C THR E 33 1.98 19.65 -8.02
N GLU E 34 0.91 18.89 -8.34
CA GLU E 34 -0.45 19.00 -7.82
C GLU E 34 -1.42 18.02 -8.48
N LYS E 35 -2.54 17.71 -7.81
CA LYS E 35 -3.63 16.85 -8.29
C LYS E 35 -4.83 17.63 -8.79
N HIS E 36 -4.61 18.81 -9.34
CA HIS E 36 -5.70 19.67 -9.78
C HIS E 36 -6.12 19.47 -11.24
N ASN E 37 -6.00 18.21 -11.72
CA ASN E 37 -6.21 17.76 -13.13
C ASN E 37 -5.08 18.04 -14.10
N VAL E 38 -3.86 18.19 -13.68
CA VAL E 38 -3.10 18.51 -14.88
C VAL E 38 -2.78 17.24 -15.69
N TRP E 39 -3.82 16.95 -16.51
CA TRP E 39 -4.29 16.17 -17.67
C TRP E 39 -4.37 14.66 -17.47
N ALA E 40 -3.77 14.17 -16.42
CA ALA E 40 -3.90 12.79 -16.00
C ALA E 40 -3.72 12.69 -14.50
N THR E 41 -3.52 13.78 -13.79
CA THR E 41 -3.12 13.63 -12.40
C THR E 41 -4.17 13.56 -11.26
N HIS E 42 -5.09 12.58 -11.27
CA HIS E 42 -5.89 12.33 -10.07
C HIS E 42 -5.46 11.03 -9.42
N ALA E 43 -5.50 9.91 -10.14
CA ALA E 43 -5.00 8.64 -9.62
C ALA E 43 -4.45 7.79 -10.75
N CYS E 44 -3.84 8.40 -11.75
CA CYS E 44 -3.41 7.60 -12.90
C CYS E 44 -2.20 6.73 -12.65
N VAL E 45 -2.20 5.58 -13.32
CA VAL E 45 -1.14 4.58 -13.23
C VAL E 45 0.13 5.16 -13.85
N PRO E 46 1.30 5.01 -13.23
CA PRO E 46 2.53 5.56 -13.80
C PRO E 46 2.94 4.87 -15.09
N THR E 47 3.95 5.44 -15.73
CA THR E 47 4.49 4.96 -16.99
C THR E 47 5.70 4.09 -16.74
N ASP E 48 5.80 3.00 -17.50
CA ASP E 48 6.94 2.10 -17.44
C ASP E 48 8.11 2.95 -17.96
N PRO E 49 9.19 3.12 -17.18
CA PRO E 49 10.31 3.94 -17.64
C PRO E 49 11.02 3.38 -18.86
N ASN E 50 10.80 2.11 -19.20
CA ASN E 50 11.40 1.45 -20.35
C ASN E 50 10.32 0.98 -21.31
N PRO E 51 9.91 1.84 -22.26
CA PRO E 51 8.88 1.41 -23.22
C PRO E 51 9.42 0.31 -24.11
N GLN E 52 8.66 -0.77 -24.22
CA GLN E 52 9.07 -1.92 -25.00
C GLN E 52 8.46 -1.90 -26.40
N GLU E 53 9.26 -2.32 -27.38
CA GLU E 53 8.84 -2.35 -28.77
C GLU E 53 9.66 -3.37 -29.54
N ILE E 54 8.99 -4.21 -30.31
CA ILE E 54 9.65 -5.23 -31.12
C ILE E 54 9.12 -5.03 -32.54
N HIS E 55 10.02 -4.78 -33.47
CA HIS E 55 9.60 -4.56 -34.85
C HIS E 55 9.18 -5.88 -35.47
N LEU E 56 8.16 -5.82 -36.33
CA LEU E 56 7.64 -6.99 -37.01
C LEU E 56 8.12 -6.91 -38.45
N GLU E 57 8.89 -7.90 -38.88
CA GLU E 57 9.49 -7.92 -40.21
C GLU E 57 8.65 -8.68 -41.23
N ASN E 58 8.50 -8.10 -42.42
CA ASN E 58 7.74 -8.66 -43.54
C ASN E 58 6.29 -8.98 -43.18
N VAL E 59 5.70 -8.20 -42.30
CA VAL E 59 4.32 -8.38 -41.88
C VAL E 59 3.47 -7.27 -42.50
N THR E 60 2.77 -7.59 -43.59
CA THR E 60 1.91 -6.61 -44.25
C THR E 60 0.62 -6.57 -43.44
N GLU E 61 0.67 -5.85 -42.34
CA GLU E 61 -0.46 -5.72 -41.43
C GLU E 61 -1.25 -4.45 -41.72
N GLU E 62 -2.56 -4.60 -41.88
CA GLU E 62 -3.42 -3.47 -42.16
C GLU E 62 -3.92 -2.84 -40.86
N PHE E 63 -4.28 -1.57 -40.94
CA PHE E 63 -4.79 -0.83 -39.79
C PHE E 63 -5.88 0.13 -40.21
N ASN E 64 -6.93 0.21 -39.38
CA ASN E 64 -8.07 1.08 -39.59
C ASN E 64 -8.13 1.98 -38.38
N MET E 65 -8.22 3.29 -38.61
CA MET E 65 -8.27 4.24 -37.51
C MET E 65 -9.70 4.43 -37.02
N TRP E 66 -10.64 3.62 -37.50
CA TRP E 66 -12.03 3.71 -37.08
C TRP E 66 -12.44 2.52 -36.24
N LYS E 67 -11.72 1.39 -36.32
CA LYS E 67 -12.07 0.21 -35.55
C LYS E 67 -10.94 -0.23 -34.61
N ASN E 68 -10.33 0.71 -33.92
CA ASN E 68 -9.22 0.45 -33.01
C ASN E 68 -9.53 -0.37 -31.74
N ASN E 69 -10.55 0.09 -30.99
CA ASN E 69 -11.03 -0.39 -29.69
C ASN E 69 -10.07 0.10 -28.58
N MET E 70 -8.94 0.70 -28.94
CA MET E 70 -8.06 1.26 -27.93
C MET E 70 -8.57 2.68 -27.76
N VAL E 71 -9.14 3.18 -28.85
CA VAL E 71 -9.72 4.51 -28.88
C VAL E 71 -10.86 4.53 -27.86
N GLU E 72 -11.71 3.50 -27.88
CA GLU E 72 -12.89 3.36 -27.01
C GLU E 72 -12.71 3.70 -25.53
N GLN E 73 -11.54 3.44 -24.98
CA GLN E 73 -11.31 3.73 -23.56
C GLN E 73 -10.74 5.12 -23.26
N MET E 74 -10.04 5.74 -24.19
CA MET E 74 -9.43 7.04 -23.98
C MET E 74 -10.40 8.17 -23.64
N HIS E 75 -11.52 8.29 -24.37
CA HIS E 75 -12.48 9.36 -24.11
C HIS E 75 -13.22 9.10 -22.82
N THR E 76 -13.37 7.83 -22.43
CA THR E 76 -14.04 7.50 -21.19
C THR E 76 -13.13 7.95 -20.05
N ASP E 77 -11.82 7.71 -20.20
CA ASP E 77 -10.87 8.14 -19.18
C ASP E 77 -10.79 9.66 -19.11
N ILE E 78 -10.85 10.32 -20.28
CA ILE E 78 -10.78 11.78 -20.35
C ILE E 78 -12.04 12.44 -19.79
N ILE E 79 -13.23 11.93 -20.11
CA ILE E 79 -14.47 12.52 -19.58
C ILE E 79 -14.53 12.34 -18.06
N SER E 80 -14.19 11.13 -17.58
CA SER E 80 -14.20 10.88 -16.14
C SER E 80 -13.20 11.80 -15.46
N LEU E 81 -12.08 12.03 -16.13
CA LEU E 81 -11.06 12.90 -15.58
C LEU E 81 -11.47 14.37 -15.56
N TRP E 82 -12.14 14.86 -16.62
CA TRP E 82 -12.57 16.26 -16.60
C TRP E 82 -13.68 16.45 -15.56
N ASP E 83 -14.44 15.38 -15.28
CA ASP E 83 -15.47 15.48 -14.24
C ASP E 83 -14.89 15.59 -12.83
N GLN E 84 -13.89 14.76 -12.50
CA GLN E 84 -13.23 14.78 -11.19
C GLN E 84 -12.47 16.08 -11.06
N SER E 85 -12.06 16.57 -12.20
CA SER E 85 -11.26 17.71 -12.57
C SER E 85 -11.87 19.09 -12.65
N LEU E 86 -11.12 20.02 -13.28
CA LEU E 86 -11.46 21.42 -13.53
C LEU E 86 -12.89 21.37 -13.97
N LYS E 87 -13.73 21.93 -13.16
CA LYS E 87 -15.11 22.18 -12.88
C LYS E 87 -15.53 23.56 -13.30
N PRO E 88 -16.66 23.62 -13.97
CA PRO E 88 -17.23 24.91 -14.31
C PRO E 88 -18.18 25.26 -13.17
N CYS E 89 -18.59 26.50 -13.13
CA CYS E 89 -19.52 26.89 -12.09
C CYS E 89 -20.93 26.58 -12.55
N VAL E 90 -21.12 26.30 -13.84
CA VAL E 90 -22.43 25.98 -14.40
C VAL E 90 -22.36 24.69 -15.22
N LYS E 91 -23.25 23.76 -14.90
CA LYS E 91 -23.38 22.48 -15.59
C LYS E 91 -24.81 22.39 -16.09
N LEU E 92 -24.99 22.06 -17.36
CA LEU E 92 -26.32 21.95 -17.96
C LEU E 92 -26.52 20.64 -18.69
N THR E 93 -27.59 19.92 -18.34
CA THR E 93 -27.92 18.64 -18.98
C THR E 93 -29.40 18.57 -19.27
N PRO E 94 -29.82 18.95 -20.48
CA PRO E 94 -31.25 18.87 -20.84
C PRO E 94 -31.66 17.43 -21.02
N LEU E 95 -32.63 16.98 -20.23
CA LEU E 95 -33.10 15.60 -20.28
C LEU E 95 -34.60 15.49 -19.99
N CYS E 96 -35.29 14.71 -20.82
CA CYS E 96 -36.73 14.50 -20.61
C CYS E 96 -36.92 13.58 -19.41
N VAL E 97 -37.12 14.17 -18.23
CA VAL E 97 -37.29 13.40 -17.01
C VAL E 97 -38.56 13.85 -16.30
N ASN E 165 -39.74 19.70 -24.82
CA ASN E 165 -40.21 18.43 -24.29
C ASN E 165 -39.39 17.96 -23.09
N CYS E 166 -38.09 18.22 -23.13
CA CYS E 166 -37.20 17.81 -22.07
C CYS E 166 -37.04 18.83 -20.94
N ASN E 167 -36.53 18.36 -19.81
CA ASN E 167 -36.29 19.19 -18.63
C ASN E 167 -34.81 19.55 -18.55
N THR E 168 -34.50 20.83 -18.70
CA THR E 168 -33.12 21.28 -18.64
C THR E 168 -32.65 21.23 -17.20
N SER E 169 -31.68 20.35 -16.92
CA SER E 169 -31.17 20.22 -15.56
C SER E 169 -29.96 21.13 -15.37
N ALA E 170 -29.64 21.41 -14.12
CA ALA E 170 -28.52 22.29 -13.82
C ALA E 170 -27.83 21.86 -12.53
N ILE E 171 -26.50 21.86 -12.55
CA ILE E 171 -25.67 21.51 -11.41
C ILE E 171 -24.71 22.67 -11.19
N THR E 172 -24.75 23.26 -10.00
CA THR E 172 -23.89 24.39 -9.66
C THR E 172 -22.82 24.01 -8.65
N GLN E 173 -21.56 24.25 -9.01
CA GLN E 173 -20.43 23.97 -8.13
C GLN E 173 -19.39 25.07 -8.28
N ALA E 174 -18.22 24.87 -7.69
CA ALA E 174 -17.18 25.87 -7.78
C ALA E 174 -16.37 25.71 -9.06
N CYS E 175 -15.73 26.80 -9.48
CA CYS E 175 -14.90 26.81 -10.68
C CYS E 175 -13.56 27.50 -10.49
N PRO E 176 -12.61 26.83 -9.83
CA PRO E 176 -11.29 27.43 -9.66
C PRO E 176 -10.46 27.22 -10.92
N LYS E 177 -9.58 28.16 -11.19
CA LYS E 177 -8.75 28.06 -12.38
C LYS E 177 -7.27 27.97 -12.02
N VAL E 178 -6.58 27.05 -12.70
CA VAL E 178 -5.16 26.81 -12.46
C VAL E 178 -4.46 26.82 -13.81
N SER E 179 -3.13 26.97 -13.78
CA SER E 179 -2.34 26.90 -15.00
C SER E 179 -2.45 25.46 -15.46
N PHE E 180 -2.89 25.26 -16.69
CA PHE E 180 -3.09 23.92 -17.22
C PHE E 180 -2.21 23.67 -18.44
N GLU E 181 -1.68 22.45 -18.51
CA GLU E 181 -0.82 22.00 -19.58
C GLU E 181 -1.01 20.49 -19.76
N PRO E 182 -1.13 20.03 -21.01
CA PRO E 182 -1.33 18.60 -21.23
C PRO E 182 -0.06 17.81 -20.95
N ILE E 183 -0.22 16.67 -20.30
CA ILE E 183 0.93 15.82 -19.98
C ILE E 183 0.85 14.59 -20.87
N PRO E 184 1.97 13.97 -21.23
CA PRO E 184 1.90 12.79 -22.09
C PRO E 184 1.33 11.59 -21.36
N ILE E 185 0.43 10.88 -22.03
CA ILE E 185 -0.22 9.70 -21.49
C ILE E 185 0.05 8.48 -22.34
N HIS E 186 0.87 7.56 -21.83
CA HIS E 186 1.15 6.33 -22.54
C HIS E 186 -0.05 5.44 -22.22
N TYR E 187 -0.29 4.44 -23.05
CA TYR E 187 -1.41 3.53 -22.83
C TYR E 187 -0.91 2.10 -22.69
N CYS E 188 -0.91 1.60 -21.46
CA CYS E 188 -0.46 0.24 -21.18
C CYS E 188 -1.64 -0.73 -21.11
N ALA E 189 -1.35 -1.99 -21.41
CA ALA E 189 -2.27 -3.09 -21.46
C ALA E 189 -2.06 -4.08 -20.33
N PRO E 190 -3.07 -4.89 -19.99
CA PRO E 190 -2.91 -5.90 -18.93
C PRO E 190 -2.05 -7.06 -19.41
N ALA E 191 -1.95 -8.14 -18.62
CA ALA E 191 -1.14 -9.30 -18.99
C ALA E 191 -1.60 -9.84 -20.34
N GLY E 192 -0.71 -9.79 -21.33
CA GLY E 192 -1.01 -10.19 -22.67
C GLY E 192 -1.47 -8.92 -23.36
N PHE E 193 -2.49 -9.00 -24.21
CA PHE E 193 -3.07 -7.85 -24.92
C PHE E 193 -2.01 -7.06 -25.70
N ALA E 194 -1.32 -7.76 -26.60
CA ALA E 194 -0.26 -7.13 -27.40
C ALA E 194 -0.80 -6.05 -28.30
N ILE E 195 -0.14 -4.90 -28.25
CA ILE E 195 -0.50 -3.72 -29.03
C ILE E 195 0.47 -3.67 -30.21
N LEU E 196 -0.02 -3.28 -31.40
CA LEU E 196 0.79 -3.21 -32.62
C LEU E 196 0.91 -1.82 -33.22
N LYS E 197 2.14 -1.30 -33.31
CA LYS E 197 2.40 0.04 -33.85
C LYS E 197 2.73 0.09 -35.33
N CYS E 198 1.88 0.75 -36.09
CA CYS E 198 2.13 0.93 -37.51
C CYS E 198 3.19 2.02 -37.62
N LYS E 199 4.22 1.77 -38.40
CA LYS E 199 5.29 2.76 -38.57
C LYS E 199 5.66 2.97 -40.04
N ASP E 200 4.68 2.92 -40.92
CA ASP E 200 4.96 3.13 -42.34
C ASP E 200 4.98 4.62 -42.65
N LYS E 201 5.16 4.98 -43.92
CA LYS E 201 5.15 6.37 -44.32
C LYS E 201 3.78 6.72 -44.88
N LYS E 202 3.35 6.01 -45.92
CA LYS E 202 2.05 6.28 -46.53
C LYS E 202 0.91 5.61 -45.78
N PHE E 203 0.38 6.29 -44.77
CA PHE E 203 -0.73 5.79 -43.96
C PHE E 203 -1.93 6.71 -44.15
N ASN E 204 -2.93 6.21 -44.88
CA ASN E 204 -4.15 6.96 -45.16
C ASN E 204 -5.30 6.59 -44.21
N GLY E 205 -4.96 6.28 -42.95
CA GLY E 205 -5.93 5.93 -41.94
C GLY E 205 -6.48 4.53 -42.11
N THR E 206 -7.24 4.35 -43.17
CA THR E 206 -7.83 3.06 -43.48
C THR E 206 -6.92 2.39 -44.51
N GLY E 207 -5.69 2.10 -44.08
CA GLY E 207 -4.73 1.51 -44.98
C GLY E 207 -3.75 0.52 -44.36
N PRO E 208 -3.08 -0.22 -45.22
CA PRO E 208 -2.11 -1.22 -44.76
C PRO E 208 -0.82 -0.56 -44.27
N CYS E 209 -0.03 -1.37 -43.59
CA CYS E 209 1.24 -0.91 -43.05
C CYS E 209 2.36 -1.91 -43.31
N PRO E 210 3.34 -1.57 -44.14
CA PRO E 210 4.46 -2.50 -44.36
C PRO E 210 5.32 -2.60 -43.12
N SER E 211 5.65 -1.45 -42.52
CA SER E 211 6.47 -1.39 -41.31
C SER E 211 5.63 -1.44 -40.04
N VAL E 212 5.52 -2.62 -39.45
CA VAL E 212 4.74 -2.83 -38.24
C VAL E 212 5.70 -3.17 -37.12
N SER E 213 5.38 -2.72 -35.90
CA SER E 213 6.21 -2.98 -34.74
C SER E 213 5.33 -3.09 -33.50
N THR E 214 5.22 -4.29 -32.94
CA THR E 214 4.37 -4.46 -31.76
C THR E 214 4.99 -3.75 -30.55
N VAL E 215 4.14 -3.35 -29.62
CA VAL E 215 4.54 -2.66 -28.39
C VAL E 215 3.79 -3.19 -27.19
N GLN E 216 4.35 -2.99 -26.00
CA GLN E 216 3.68 -3.41 -24.78
C GLN E 216 2.82 -2.26 -24.30
N CYS E 217 3.32 -1.03 -24.48
CA CYS E 217 2.60 0.19 -24.13
C CYS E 217 2.77 1.15 -25.30
N THR E 218 1.84 2.10 -25.43
CA THR E 218 1.92 3.04 -26.53
C THR E 218 3.11 4.00 -26.46
N HIS E 219 3.30 4.77 -27.52
CA HIS E 219 4.40 5.73 -27.58
C HIS E 219 4.11 7.01 -26.79
N GLY E 220 4.96 8.01 -26.93
CA GLY E 220 4.81 9.26 -26.22
C GLY E 220 3.70 10.14 -26.76
N ILE E 221 2.46 9.70 -26.56
CA ILE E 221 1.30 10.42 -27.04
C ILE E 221 0.98 11.60 -26.12
N LYS E 222 0.92 12.79 -26.71
CA LYS E 222 0.58 14.02 -25.98
C LYS E 222 -0.74 14.52 -26.52
N PRO E 223 -1.87 14.02 -26.03
CA PRO E 223 -3.16 14.45 -26.54
C PRO E 223 -3.62 15.77 -25.95
N VAL E 224 -4.49 16.44 -26.69
CA VAL E 224 -5.10 17.71 -26.30
C VAL E 224 -6.54 17.73 -26.79
N VAL E 225 -7.47 17.87 -25.85
CA VAL E 225 -8.89 17.97 -26.21
C VAL E 225 -8.99 19.33 -26.87
N SER E 226 -9.29 19.35 -28.16
CA SER E 226 -9.35 20.62 -28.86
C SER E 226 -10.22 20.63 -30.11
N THR E 227 -10.34 21.82 -30.67
CA THR E 227 -11.07 22.14 -31.88
C THR E 227 -10.25 21.81 -33.13
N GLN E 228 -10.63 22.41 -34.25
CA GLN E 228 -10.19 22.20 -35.62
C GLN E 228 -8.75 21.74 -35.81
N LEU E 229 -7.77 22.43 -35.26
CA LEU E 229 -6.38 22.01 -35.41
C LEU E 229 -5.89 21.41 -34.09
N LEU E 230 -5.40 20.17 -34.17
CA LEU E 230 -4.91 19.50 -32.96
C LEU E 230 -3.70 20.21 -32.37
N LEU E 231 -3.74 20.45 -31.07
CA LEU E 231 -2.66 21.13 -30.37
C LEU E 231 -1.73 20.13 -29.71
N ASN E 232 -0.43 20.47 -29.67
CA ASN E 232 0.62 19.68 -29.01
C ASN E 232 0.62 18.16 -29.22
N GLY E 233 0.21 17.68 -30.38
CA GLY E 233 0.16 16.24 -30.57
C GLY E 233 1.28 15.61 -31.38
N SER E 234 0.96 14.50 -32.05
CA SER E 234 1.93 13.77 -32.85
C SER E 234 2.13 14.42 -34.22
N LEU E 235 2.88 13.75 -35.11
CA LEU E 235 3.16 14.30 -36.43
C LEU E 235 2.80 13.34 -37.56
N ALA E 236 2.63 13.90 -38.77
CA ALA E 236 2.28 13.13 -39.94
C ALA E 236 3.54 12.63 -40.66
N GLU E 237 3.39 12.11 -41.88
CA GLU E 237 4.51 11.57 -42.64
C GLU E 237 4.93 12.28 -43.93
N GLU E 238 5.98 13.07 -43.77
CA GLU E 238 6.85 13.88 -44.62
C GLU E 238 6.25 15.14 -45.23
N GLU E 239 4.93 15.28 -45.34
CA GLU E 239 4.42 16.61 -45.63
C GLU E 239 3.31 16.86 -44.62
N VAL E 240 2.26 16.06 -44.77
CA VAL E 240 1.05 15.81 -43.99
C VAL E 240 0.53 14.46 -44.49
N MET E 241 -0.47 13.90 -43.84
CA MET E 241 -1.10 12.65 -44.31
C MET E 241 -2.62 12.73 -44.25
N ILE E 242 -3.26 12.48 -45.40
CA ILE E 242 -4.72 12.51 -45.50
C ILE E 242 -5.21 11.17 -44.99
N ARG E 243 -5.55 11.10 -43.71
CA ARG E 243 -5.97 9.86 -43.07
C ARG E 243 -7.47 9.68 -42.89
N SER E 244 -8.29 10.59 -43.39
CA SER E 244 -9.74 10.51 -43.24
C SER E 244 -10.38 9.22 -43.77
N GLU E 245 -11.62 8.98 -43.32
CA GLU E 245 -12.40 7.80 -43.73
C GLU E 245 -12.47 7.79 -45.25
N ASN E 246 -13.01 8.86 -45.82
CA ASN E 246 -13.08 9.10 -47.25
C ASN E 246 -12.11 10.23 -47.52
N ILE E 247 -11.46 10.22 -48.68
CA ILE E 247 -10.52 11.29 -48.98
C ILE E 247 -11.27 12.51 -49.51
N THR E 248 -11.99 12.35 -50.62
CA THR E 248 -12.71 13.46 -51.20
C THR E 248 -14.23 13.33 -51.26
N ASN E 249 -14.83 12.71 -50.25
CA ASN E 249 -16.28 12.62 -50.20
C ASN E 249 -16.69 13.91 -49.52
N ASN E 250 -17.80 14.46 -49.94
CA ASN E 250 -18.31 15.66 -49.33
C ASN E 250 -19.19 15.28 -48.12
N ALA E 251 -19.05 14.05 -47.62
CA ALA E 251 -19.83 13.57 -46.48
C ALA E 251 -19.02 13.24 -45.24
N LYS E 252 -17.69 13.17 -45.33
CA LYS E 252 -16.88 12.83 -44.18
C LYS E 252 -16.02 14.00 -43.73
N ASN E 253 -15.48 13.90 -42.51
CA ASN E 253 -14.62 14.93 -41.96
C ASN E 253 -13.19 14.62 -42.35
N ILE E 254 -12.47 15.63 -42.79
CA ILE E 254 -11.08 15.47 -43.21
C ILE E 254 -10.22 15.32 -41.97
N LEU E 255 -9.47 14.22 -41.89
CA LEU E 255 -8.60 13.90 -40.76
C LEU E 255 -7.13 13.93 -41.16
N VAL E 256 -6.49 15.08 -40.95
CA VAL E 256 -5.07 15.27 -41.28
C VAL E 256 -4.36 15.77 -40.03
N GLN E 257 -3.11 15.39 -39.87
CA GLN E 257 -2.31 15.84 -38.74
C GLN E 257 -1.12 16.58 -39.34
N PHE E 258 -0.55 17.51 -38.59
CA PHE E 258 0.60 18.25 -39.10
C PHE E 258 1.88 17.42 -39.03
N ASN E 259 2.99 18.02 -39.44
CA ASN E 259 4.29 17.36 -39.39
C ASN E 259 5.24 18.32 -38.71
N THR E 260 4.92 19.59 -38.69
CA THR E 260 5.78 20.55 -38.03
C THR E 260 4.99 21.18 -36.90
N PRO E 261 5.62 21.41 -35.74
CA PRO E 261 4.89 22.05 -34.65
C PRO E 261 4.70 23.52 -34.99
N VAL E 262 3.48 23.91 -35.34
CA VAL E 262 3.20 25.29 -35.70
C VAL E 262 3.07 26.10 -34.42
N GLN E 263 4.09 26.90 -34.12
CA GLN E 263 4.07 27.72 -32.93
C GLN E 263 3.11 28.89 -33.06
N ILE E 264 2.17 28.99 -32.14
CA ILE E 264 1.19 30.07 -32.11
C ILE E 264 1.43 30.84 -30.81
N ASN E 265 1.69 32.13 -30.93
CA ASN E 265 1.95 32.99 -29.79
C ASN E 265 0.73 33.85 -29.52
N CYS E 266 0.10 33.63 -28.38
CA CYS E 266 -1.11 34.33 -27.99
C CYS E 266 -0.92 35.25 -26.80
N THR E 267 -1.22 36.53 -26.99
CA THR E 267 -1.10 37.52 -25.93
C THR E 267 -2.44 38.20 -25.72
N HIS E 299 -5.74 37.78 -28.36
CA HIS E 299 -5.21 37.78 -29.72
C HIS E 299 -3.99 36.87 -29.84
N CYS E 300 -3.84 36.22 -31.00
CA CYS E 300 -2.73 35.31 -31.26
C CYS E 300 -1.89 35.73 -32.45
N ASN E 301 -0.60 35.97 -32.21
CA ASN E 301 0.32 36.36 -33.28
C ASN E 301 0.66 35.13 -34.11
N VAL E 302 -0.23 34.79 -35.03
CA VAL E 302 -0.04 33.63 -35.90
C VAL E 302 0.98 34.00 -36.96
N SER E 303 1.99 33.15 -37.13
CA SER E 303 3.01 33.42 -38.14
C SER E 303 2.41 33.28 -39.54
N LYS E 304 3.07 33.88 -40.53
CA LYS E 304 2.52 33.82 -41.88
C LYS E 304 3.35 32.91 -42.80
N ALA E 305 4.66 32.85 -42.60
CA ALA E 305 5.49 32.00 -43.44
C ALA E 305 5.22 30.52 -43.14
N THR E 306 5.07 30.19 -41.86
CA THR E 306 4.79 28.81 -41.48
C THR E 306 3.36 28.45 -41.89
N TRP E 307 2.44 29.42 -41.81
CA TRP E 307 1.06 29.15 -42.21
C TRP E 307 0.96 28.95 -43.72
N ASN E 308 1.73 29.73 -44.49
CA ASN E 308 1.72 29.58 -45.93
C ASN E 308 2.39 28.25 -46.28
N GLU E 309 3.39 27.85 -45.50
CA GLU E 309 4.05 26.58 -45.78
C GLU E 309 3.15 25.39 -45.46
N THR E 310 2.38 25.46 -44.37
CA THR E 310 1.51 24.34 -44.03
C THR E 310 0.36 24.29 -45.04
N LEU E 311 -0.11 25.45 -45.53
CA LEU E 311 -1.17 25.45 -46.54
C LEU E 311 -0.61 24.88 -47.83
N GLY E 312 0.66 25.17 -48.14
CA GLY E 312 1.29 24.65 -49.35
C GLY E 312 1.54 23.14 -49.31
N LYS E 313 1.95 22.62 -48.16
CA LYS E 313 2.20 21.19 -48.03
C LYS E 313 0.88 20.44 -48.10
N VAL E 314 -0.15 20.95 -47.43
CA VAL E 314 -1.45 20.29 -47.45
C VAL E 314 -2.08 20.39 -48.84
N VAL E 315 -1.92 21.53 -49.52
CA VAL E 315 -2.52 21.67 -50.84
C VAL E 315 -1.84 20.73 -51.83
N LYS E 316 -0.53 20.51 -51.71
CA LYS E 316 0.12 19.58 -52.63
C LYS E 316 -0.32 18.15 -52.31
N GLN E 317 -0.48 17.82 -51.03
CA GLN E 317 -0.93 16.46 -50.70
C GLN E 317 -2.37 16.21 -51.15
N LEU E 318 -3.21 17.25 -51.10
CA LEU E 318 -4.59 17.10 -51.56
C LEU E 318 -4.58 16.90 -53.07
N ARG E 319 -3.65 17.57 -53.78
CA ARG E 319 -3.58 17.38 -55.23
C ARG E 319 -3.06 15.98 -55.56
N LYS E 320 -2.11 15.48 -54.77
CA LYS E 320 -1.57 14.14 -55.00
C LYS E 320 -2.66 13.12 -54.74
N HIS E 321 -3.51 13.37 -53.74
CA HIS E 321 -4.62 12.49 -53.42
C HIS E 321 -5.67 12.69 -54.49
N PHE E 322 -6.06 13.93 -54.78
CA PHE E 322 -7.06 14.15 -55.83
C PHE E 322 -6.79 15.38 -56.68
N GLY E 323 -6.75 15.18 -58.00
CA GLY E 323 -6.56 16.25 -58.96
C GLY E 323 -5.15 16.48 -59.42
N ASN E 324 -4.85 16.10 -60.67
CA ASN E 324 -3.49 16.31 -61.18
C ASN E 324 -3.29 17.79 -61.45
N ASN E 325 -4.04 18.35 -62.39
CA ASN E 325 -3.97 19.78 -62.73
C ASN E 325 -5.14 20.52 -62.11
N THR E 326 -5.05 20.82 -60.82
CA THR E 326 -6.14 21.51 -60.15
C THR E 326 -5.65 22.58 -59.20
N ILE E 327 -6.47 23.61 -59.03
CA ILE E 327 -6.19 24.73 -58.14
C ILE E 327 -7.07 24.53 -56.91
N ILE E 328 -6.48 24.61 -55.72
CA ILE E 328 -7.24 24.47 -54.49
C ILE E 328 -7.13 25.77 -53.72
N ARG E 329 -8.26 26.41 -53.50
CA ARG E 329 -8.33 27.68 -52.79
C ARG E 329 -8.99 27.46 -51.44
N PHE E 330 -8.60 28.25 -50.45
CA PHE E 330 -9.14 28.13 -49.10
C PHE E 330 -10.16 29.23 -48.83
N ALA E 331 -11.26 28.86 -48.17
CA ALA E 331 -12.33 29.79 -47.84
C ALA E 331 -12.38 30.05 -46.34
N ASN E 332 -13.18 31.04 -45.95
CA ASN E 332 -13.32 31.40 -44.55
C ASN E 332 -14.14 30.37 -43.75
N SER E 333 -14.45 30.68 -42.49
CA SER E 333 -15.17 29.74 -41.63
C SER E 333 -16.53 29.27 -42.14
N SER E 334 -16.93 28.08 -41.70
CA SER E 334 -18.18 27.47 -42.10
C SER E 334 -19.37 28.10 -41.38
N GLY E 335 -19.24 28.34 -40.08
CA GLY E 335 -20.31 28.92 -39.30
C GLY E 335 -20.77 28.01 -38.18
N GLY E 336 -21.36 28.57 -37.13
CA GLY E 336 -21.83 27.76 -36.03
C GLY E 336 -21.59 28.37 -34.67
N ASP E 337 -21.14 27.55 -33.71
CA ASP E 337 -20.88 28.02 -32.36
C ASP E 337 -19.56 28.78 -32.24
N LEU E 338 -19.21 29.16 -31.00
CA LEU E 338 -17.96 29.88 -30.76
C LEU E 338 -16.77 29.03 -31.12
N GLU E 339 -16.72 27.79 -30.61
CA GLU E 339 -15.63 26.88 -30.89
C GLU E 339 -15.63 26.39 -32.35
N VAL E 340 -16.70 26.64 -33.09
CA VAL E 340 -16.77 26.19 -34.48
C VAL E 340 -16.11 27.22 -35.38
N THR E 341 -16.57 28.49 -35.31
CA THR E 341 -15.99 29.53 -36.14
C THR E 341 -14.58 29.84 -35.65
N THR E 342 -14.40 30.00 -34.36
CA THR E 342 -13.10 30.27 -33.77
C THR E 342 -12.44 28.92 -33.44
N HIS E 343 -11.35 28.94 -32.69
CA HIS E 343 -10.64 27.72 -32.33
C HIS E 343 -10.27 27.68 -30.86
N SER E 344 -10.70 26.63 -30.17
CA SER E 344 -10.36 26.47 -28.76
C SER E 344 -9.04 25.72 -28.66
N PHE E 345 -8.21 26.14 -27.72
CA PHE E 345 -6.90 25.54 -27.53
C PHE E 345 -6.38 25.91 -26.15
N ASN E 346 -5.52 25.06 -25.60
CA ASN E 346 -4.95 25.31 -24.28
C ASN E 346 -3.91 26.43 -24.33
N CYS E 347 -4.32 27.62 -23.90
CA CYS E 347 -3.44 28.78 -23.83
C CYS E 347 -3.27 29.11 -22.36
N GLY E 348 -2.30 28.47 -21.72
CA GLY E 348 -2.04 28.67 -20.30
C GLY E 348 -3.23 28.31 -19.42
N GLY E 349 -4.06 27.38 -19.86
CA GLY E 349 -5.22 26.98 -19.10
C GLY E 349 -6.49 27.54 -19.72
N GLU E 350 -6.41 28.79 -20.17
CA GLU E 350 -7.55 29.45 -20.79
C GLU E 350 -7.77 28.97 -22.23
N PHE E 351 -8.76 29.55 -22.89
CA PHE E 351 -9.09 29.19 -24.27
C PHE E 351 -9.40 30.44 -25.10
N PHE E 352 -8.38 30.99 -25.77
CA PHE E 352 -8.62 32.15 -26.62
C PHE E 352 -9.42 31.69 -27.83
N TYR E 353 -10.21 32.61 -28.40
CA TYR E 353 -11.05 32.28 -29.55
C TYR E 353 -10.90 33.19 -30.76
N CYS E 354 -9.96 32.83 -31.64
CA CYS E 354 -9.69 33.57 -32.87
C CYS E 354 -10.39 32.92 -34.06
N ASN E 355 -11.21 33.69 -34.78
CA ASN E 355 -11.87 33.16 -35.97
C ASN E 355 -10.78 32.95 -37.00
N THR E 356 -10.65 31.71 -37.47
CA THR E 356 -9.66 31.36 -38.48
C THR E 356 -10.21 31.60 -39.88
N SER E 357 -10.70 32.82 -40.11
CA SER E 357 -11.25 33.20 -41.41
C SER E 357 -10.26 34.07 -42.14
N GLY E 358 -9.36 34.73 -41.43
CA GLY E 358 -8.35 35.55 -42.03
C GLY E 358 -7.09 34.79 -42.38
N LEU E 359 -7.11 33.48 -42.15
CA LEU E 359 -5.97 32.60 -42.43
C LEU E 359 -6.17 31.79 -43.70
N PHE E 360 -7.39 31.28 -43.93
CA PHE E 360 -7.69 30.46 -45.09
C PHE E 360 -8.22 31.23 -46.30
N ASN E 361 -7.32 31.93 -47.00
CA ASN E 361 -7.70 32.67 -48.20
C ASN E 361 -6.56 32.54 -49.21
N SER E 362 -5.77 31.48 -49.11
CA SER E 362 -4.64 31.26 -49.99
C SER E 362 -4.96 30.46 -51.25
N THR E 363 -4.60 31.02 -52.39
CA THR E 363 -4.80 30.38 -53.69
C THR E 363 -3.46 29.78 -54.11
N TRP E 364 -3.42 28.46 -54.24
CA TRP E 364 -2.18 27.79 -54.63
C TRP E 364 -2.24 27.42 -56.11
N ILE E 365 -1.07 27.43 -56.75
CA ILE E 365 -0.96 27.17 -58.17
C ILE E 365 -0.29 25.84 -58.47
N SER E 366 -1.00 24.96 -59.19
CA SER E 366 -0.43 23.68 -59.57
C SER E 366 0.31 23.87 -60.89
N ASN E 367 -0.35 24.49 -61.86
CA ASN E 367 0.25 24.76 -63.16
C ASN E 367 1.20 25.96 -63.13
N ASN E 379 4.33 39.64 -43.56
CA ASN E 379 4.81 38.32 -43.19
C ASN E 379 5.52 38.40 -41.84
N ASP E 380 4.89 39.08 -40.88
CA ASP E 380 5.46 39.20 -39.54
C ASP E 380 4.61 38.45 -38.53
N SER E 381 3.31 38.74 -38.46
CA SER E 381 2.39 38.08 -37.55
C SER E 381 0.93 38.33 -37.92
N ILE E 382 0.18 37.26 -38.14
CA ILE E 382 -1.26 37.39 -38.46
C ILE E 382 -1.95 37.41 -37.10
N THR E 383 -2.05 38.60 -36.51
CA THR E 383 -2.68 38.74 -35.21
C THR E 383 -4.19 38.67 -35.35
N LEU E 384 -4.74 37.49 -35.15
CA LEU E 384 -6.19 37.33 -35.26
C LEU E 384 -6.86 37.81 -33.98
N PRO E 385 -8.13 38.24 -34.07
CA PRO E 385 -8.84 38.70 -32.87
C PRO E 385 -9.41 37.53 -32.06
N CYS E 386 -8.86 37.32 -30.86
CA CYS E 386 -9.30 36.26 -29.98
C CYS E 386 -10.28 36.76 -28.94
N ARG E 387 -10.77 35.85 -28.09
CA ARG E 387 -11.76 36.21 -27.08
C ARG E 387 -11.45 35.61 -25.71
N ILE E 388 -11.69 36.38 -24.66
CA ILE E 388 -11.48 35.93 -23.29
C ILE E 388 -12.61 34.94 -22.97
N LYS E 389 -12.23 33.75 -22.53
CA LYS E 389 -13.18 32.66 -22.26
C LYS E 389 -13.66 32.59 -20.82
N GLN E 390 -14.95 32.85 -20.62
CA GLN E 390 -15.60 32.76 -19.31
C GLN E 390 -16.81 31.84 -19.35
N ILE E 391 -17.61 31.91 -20.41
CA ILE E 391 -18.80 31.08 -20.58
C ILE E 391 -18.83 30.51 -22.00
N ILE E 392 -18.75 29.19 -22.11
CA ILE E 392 -18.77 28.50 -23.39
C ILE E 392 -19.65 27.26 -23.28
N ASN E 393 -19.98 26.68 -24.42
CA ASN E 393 -20.76 25.46 -24.42
C ASN E 393 -19.80 24.37 -23.95
N MET E 394 -20.30 23.43 -23.14
CA MET E 394 -19.43 22.38 -22.65
C MET E 394 -19.10 21.42 -23.79
N TRP E 395 -17.86 20.97 -23.84
CA TRP E 395 -17.45 20.05 -24.89
C TRP E 395 -17.67 18.61 -24.45
N GLN E 396 -17.81 18.38 -23.14
CA GLN E 396 -18.03 17.02 -22.64
C GLN E 396 -19.37 16.49 -23.13
N ARG E 397 -20.44 17.21 -22.83
CA ARG E 397 -21.78 16.85 -23.26
C ARG E 397 -22.52 18.10 -23.69
N ILE E 398 -23.83 17.97 -23.92
CA ILE E 398 -24.65 19.09 -24.36
C ILE E 398 -25.01 19.99 -23.19
N GLY E 399 -24.54 21.23 -23.22
CA GLY E 399 -24.82 22.18 -22.16
C GLY E 399 -23.85 23.36 -22.23
N GLN E 400 -23.85 24.14 -21.15
CA GLN E 400 -23.00 25.32 -21.04
C GLN E 400 -22.16 25.31 -19.77
N ALA E 401 -21.17 26.20 -19.71
CA ALA E 401 -20.27 26.29 -18.58
C ALA E 401 -20.05 27.74 -18.17
N MET E 402 -19.35 27.90 -17.05
CA MET E 402 -19.00 29.21 -16.50
C MET E 402 -17.78 29.02 -15.60
N TYR E 403 -16.77 29.84 -15.82
CA TYR E 403 -15.53 29.74 -15.06
C TYR E 403 -15.16 31.05 -14.36
N ALA E 404 -14.03 31.03 -13.68
CA ALA E 404 -13.47 32.15 -12.95
C ALA E 404 -12.72 33.09 -13.89
N PRO E 405 -12.69 34.38 -13.58
CA PRO E 405 -11.98 35.32 -14.44
C PRO E 405 -10.50 35.02 -14.46
N PRO E 406 -9.80 35.36 -15.55
CA PRO E 406 -8.37 35.09 -15.62
C PRO E 406 -7.58 35.99 -14.67
N ILE E 407 -6.39 35.51 -14.33
CA ILE E 407 -5.50 36.26 -13.43
C ILE E 407 -4.71 37.29 -14.22
N GLN E 408 -4.81 37.27 -15.54
CA GLN E 408 -4.09 38.19 -16.39
C GLN E 408 -4.98 38.88 -17.41
N GLY E 409 -4.77 40.19 -17.59
CA GLY E 409 -5.55 40.92 -18.58
C GLY E 409 -5.12 40.51 -19.97
N VAL E 410 -3.81 40.51 -20.21
CA VAL E 410 -3.20 40.08 -21.46
C VAL E 410 -2.58 38.75 -21.03
N ILE E 411 -3.08 37.65 -21.57
CA ILE E 411 -2.63 36.32 -21.18
C ILE E 411 -1.55 35.77 -22.11
N ARG E 412 -0.39 35.49 -21.55
CA ARG E 412 0.74 34.94 -22.29
C ARG E 412 0.69 33.42 -22.20
N CYS E 413 1.06 32.77 -23.30
CA CYS E 413 1.13 31.32 -23.37
C CYS E 413 1.98 30.94 -24.57
N VAL E 414 2.52 29.73 -24.53
CA VAL E 414 3.35 29.19 -25.60
C VAL E 414 2.74 27.87 -26.00
N SER E 415 2.30 27.77 -27.25
CA SER E 415 1.68 26.55 -27.73
C SER E 415 2.05 26.18 -29.16
N ASN E 416 2.31 24.90 -29.37
CA ASN E 416 2.65 24.36 -30.68
C ASN E 416 1.43 23.56 -31.11
N ILE E 417 0.89 23.88 -32.28
CA ILE E 417 -0.31 23.23 -32.79
C ILE E 417 0.12 22.25 -33.90
N THR E 418 -0.37 21.00 -33.81
CA THR E 418 -0.03 19.93 -34.76
C THR E 418 -1.25 19.11 -35.19
N GLY E 419 -1.88 19.51 -36.28
CA GLY E 419 -3.05 18.79 -36.77
C GLY E 419 -3.88 19.62 -37.73
N LEU E 420 -4.64 18.96 -38.60
CA LEU E 420 -5.48 19.68 -39.56
C LEU E 420 -6.80 18.95 -39.79
N ILE E 421 -7.84 19.37 -39.08
CA ILE E 421 -9.17 18.80 -39.23
C ILE E 421 -10.05 20.00 -39.54
N LEU E 422 -10.65 20.00 -40.73
CA LEU E 422 -11.50 21.10 -41.14
C LEU E 422 -12.62 20.60 -42.03
N THR E 423 -13.60 21.45 -42.27
CA THR E 423 -14.76 21.11 -43.08
C THR E 423 -14.56 21.41 -44.57
N ARG E 424 -15.61 21.25 -45.37
CA ARG E 424 -15.50 21.54 -46.79
C ARG E 424 -16.83 22.01 -47.32
N ASP E 425 -16.78 22.73 -48.44
CA ASP E 425 -18.01 23.21 -49.07
C ASP E 425 -18.78 21.99 -49.58
N GLY E 426 -18.15 21.24 -50.47
CA GLY E 426 -18.75 20.06 -51.02
C GLY E 426 -19.42 20.20 -52.36
N GLY E 427 -19.12 21.26 -53.10
CA GLY E 427 -19.73 21.45 -54.40
C GLY E 427 -18.96 20.71 -55.46
N SER E 428 -19.43 20.83 -56.70
CA SER E 428 -18.76 20.19 -57.82
C SER E 428 -18.56 21.14 -59.01
N THR E 429 -17.45 21.92 -59.04
CA THR E 429 -16.34 22.17 -58.07
C THR E 429 -15.60 20.85 -57.64
N ASN E 430 -15.42 19.92 -58.57
CA ASN E 430 -14.75 18.68 -58.20
C ASN E 430 -13.25 18.77 -58.45
N SER E 431 -12.85 19.02 -59.70
CA SER E 431 -11.44 19.13 -60.05
C SER E 431 -11.16 20.48 -60.70
N THR E 432 -12.20 21.30 -60.90
CA THR E 432 -12.02 22.62 -61.49
C THR E 432 -11.26 23.38 -60.40
N THR E 433 -11.85 23.46 -59.22
CA THR E 433 -11.24 24.08 -58.07
C THR E 433 -11.73 23.33 -56.85
N GLU E 434 -10.90 23.25 -55.82
CA GLU E 434 -11.27 22.62 -54.57
C GLU E 434 -11.28 23.70 -53.50
N THR E 435 -12.34 23.72 -52.72
CA THR E 435 -12.46 24.74 -51.68
C THR E 435 -12.77 24.08 -50.35
N PHE E 436 -12.02 24.46 -49.33
CA PHE E 436 -12.15 23.90 -48.00
C PHE E 436 -12.31 25.00 -46.96
N ARG E 437 -13.09 24.73 -45.93
CA ARG E 437 -13.33 25.69 -44.87
C ARG E 437 -12.92 25.15 -43.51
N PRO E 438 -12.50 26.01 -42.58
CA PRO E 438 -12.14 25.52 -41.25
C PRO E 438 -13.37 25.07 -40.48
N GLY E 439 -13.12 24.39 -39.38
CA GLY E 439 -14.17 23.85 -38.55
C GLY E 439 -13.80 22.45 -38.11
N GLY E 440 -14.79 21.70 -37.65
CA GLY E 440 -14.53 20.34 -37.22
C GLY E 440 -13.94 20.20 -35.83
N GLY E 441 -13.06 19.22 -35.65
CA GLY E 441 -12.46 18.99 -34.36
C GLY E 441 -13.46 18.38 -33.40
N ASP E 442 -13.96 17.20 -33.75
CA ASP E 442 -14.94 16.49 -32.93
C ASP E 442 -14.24 15.92 -31.72
N MET E 443 -14.98 15.73 -30.63
CA MET E 443 -14.39 15.16 -29.43
C MET E 443 -14.26 13.66 -29.71
N ARG E 444 -15.24 13.11 -30.40
CA ARG E 444 -15.23 11.71 -30.78
C ARG E 444 -14.11 11.49 -31.81
N ASP E 445 -13.97 12.39 -32.79
CA ASP E 445 -12.93 12.23 -33.80
C ASP E 445 -11.52 12.56 -33.31
N ASN E 446 -11.34 13.53 -32.41
CA ASN E 446 -9.99 13.82 -31.92
C ASN E 446 -9.55 12.61 -31.11
N TRP E 447 -10.51 12.03 -30.39
CA TRP E 447 -10.34 10.83 -29.61
C TRP E 447 -9.86 9.69 -30.50
N ARG E 448 -10.42 9.58 -31.71
CA ARG E 448 -9.97 8.55 -32.64
C ARG E 448 -8.61 8.91 -33.25
N SER E 449 -8.37 10.22 -33.41
CA SER E 449 -7.16 10.76 -34.03
C SER E 449 -5.88 10.58 -33.23
N GLU E 450 -5.95 10.39 -31.92
CA GLU E 450 -4.69 10.19 -31.19
C GLU E 450 -4.14 8.77 -31.33
N LEU E 451 -5.00 7.77 -31.13
CA LEU E 451 -4.67 6.34 -31.14
C LEU E 451 -4.87 5.59 -32.47
N TYR E 452 -4.67 6.28 -33.59
CA TYR E 452 -4.90 5.80 -34.95
C TYR E 452 -4.05 4.72 -35.64
N LYS E 453 -3.06 4.11 -34.98
CA LYS E 453 -2.26 3.09 -35.65
C LYS E 453 -2.18 1.78 -34.89
N TYR E 454 -3.14 1.49 -34.03
CA TYR E 454 -3.06 0.32 -33.20
C TYR E 454 -4.25 -0.64 -33.15
N LYS E 455 -4.02 -1.79 -32.52
CA LYS E 455 -5.03 -2.81 -32.28
C LYS E 455 -4.49 -3.71 -31.17
N VAL E 456 -5.40 -4.36 -30.45
CA VAL E 456 -5.03 -5.23 -29.32
C VAL E 456 -5.38 -6.70 -29.53
N VAL E 457 -4.37 -7.57 -29.40
CA VAL E 457 -4.51 -9.01 -29.54
C VAL E 457 -3.78 -9.68 -28.39
N LYS E 458 -4.26 -10.85 -27.96
CA LYS E 458 -3.65 -11.58 -26.86
C LYS E 458 -3.45 -13.05 -27.21
N ILE E 459 -2.70 -13.78 -26.37
CA ILE E 459 -2.40 -15.18 -26.64
C ILE E 459 -1.90 -15.96 -25.43
N GLU E 460 -2.11 -17.29 -25.46
CA GLU E 460 -1.68 -18.38 -24.63
C GLU E 460 -0.64 -19.15 -25.43
N PRO E 461 0.38 -19.72 -24.81
CA PRO E 461 1.44 -20.39 -25.60
C PRO E 461 1.09 -21.69 -26.30
N LEU E 462 0.40 -21.66 -27.45
CA LEU E 462 0.02 -22.88 -28.17
C LEU E 462 0.07 -22.81 -29.71
N GLY E 463 -0.18 -23.95 -30.37
CA GLY E 463 -0.16 -24.07 -31.83
C GLY E 463 0.17 -25.49 -32.33
N VAL E 464 -0.32 -25.92 -33.49
CA VAL E 464 -0.05 -27.29 -33.96
C VAL E 464 0.60 -27.53 -35.30
N ALA E 465 0.94 -28.81 -35.53
CA ALA E 465 1.52 -29.53 -36.65
C ALA E 465 0.97 -30.95 -36.56
N PRO E 466 0.09 -31.37 -37.41
CA PRO E 466 -0.43 -32.74 -37.28
C PRO E 466 0.55 -33.81 -37.72
N THR E 467 1.18 -34.51 -36.78
CA THR E 467 2.18 -35.51 -37.12
C THR E 467 1.89 -36.94 -36.69
N ARG E 468 2.80 -37.84 -37.02
CA ARG E 468 2.71 -39.24 -36.68
C ARG E 468 3.85 -39.56 -35.75
N CYS E 469 4.16 -38.61 -34.88
CA CYS E 469 5.25 -38.82 -33.95
C CYS E 469 4.95 -39.85 -32.88
N LYS E 470 3.72 -39.98 -32.41
CA LYS E 470 3.39 -41.04 -31.45
C LYS E 470 4.28 -41.14 -30.20
N ARG E 471 4.29 -40.15 -29.33
CA ARG E 471 5.15 -40.28 -28.15
C ARG E 471 4.25 -40.75 -27.01
N ARG E 472 4.80 -41.47 -26.02
CA ARG E 472 3.97 -41.90 -24.90
C ARG E 472 3.54 -40.63 -24.15
N VAL E 473 2.23 -40.45 -24.00
CA VAL E 473 1.63 -39.29 -23.34
C VAL E 473 2.07 -37.97 -23.99
N ALA F 1 25.69 -42.58 -19.89
CA ALA F 1 26.43 -43.69 -20.46
C ALA F 1 27.45 -44.16 -19.46
N GLU F 2 28.31 -45.12 -19.85
CA GLU F 2 29.32 -45.65 -18.94
C GLU F 2 30.26 -44.56 -18.43
N ASN F 3 30.25 -43.41 -19.07
CA ASN F 3 31.01 -42.24 -18.68
C ASN F 3 30.35 -41.58 -17.46
N LEU F 4 30.96 -40.54 -16.93
CA LEU F 4 30.41 -39.87 -15.78
C LEU F 4 29.42 -38.77 -16.14
N TRP F 5 28.24 -38.84 -15.54
CA TRP F 5 27.24 -37.81 -15.74
C TRP F 5 27.06 -37.28 -14.32
N VAL F 6 26.89 -35.98 -14.18
CA VAL F 6 26.81 -35.40 -12.84
C VAL F 6 25.41 -35.10 -12.37
N THR F 7 25.27 -35.13 -11.06
CA THR F 7 24.05 -34.96 -10.29
C THR F 7 23.58 -33.53 -10.10
N VAL F 8 22.32 -33.37 -9.70
CA VAL F 8 21.72 -32.07 -9.46
C VAL F 8 21.24 -31.97 -8.02
N TYR F 9 21.82 -31.05 -7.25
CA TYR F 9 21.40 -30.93 -5.86
C TYR F 9 20.31 -29.88 -5.74
N TYR F 10 19.78 -29.71 -4.52
CA TYR F 10 18.73 -28.74 -4.25
C TYR F 10 18.69 -28.42 -2.75
N GLY F 11 18.50 -27.13 -2.44
CA GLY F 11 18.46 -26.67 -1.07
C GLY F 11 19.81 -26.90 -0.42
N VAL F 12 20.84 -26.25 -0.96
CA VAL F 12 22.20 -26.44 -0.48
C VAL F 12 22.84 -25.26 0.27
N PRO F 13 23.64 -25.50 1.31
CA PRO F 13 24.33 -24.38 1.96
C PRO F 13 25.65 -24.09 1.29
N VAL F 14 25.66 -24.12 -0.05
CA VAL F 14 26.81 -23.78 -0.86
C VAL F 14 26.57 -22.29 -1.05
N TRP F 15 27.57 -21.56 -1.49
CA TRP F 15 27.36 -20.13 -1.71
C TRP F 15 28.29 -19.59 -2.79
N LYS F 16 27.95 -18.40 -3.28
CA LYS F 16 28.71 -17.68 -4.29
C LYS F 16 28.82 -16.26 -3.78
N ASP F 17 29.98 -15.64 -3.98
CA ASP F 17 30.20 -14.30 -3.49
C ASP F 17 29.34 -13.27 -4.21
N ALA F 18 28.83 -12.31 -3.46
CA ALA F 18 27.96 -11.27 -3.99
C ALA F 18 28.55 -9.89 -3.69
N GLU F 19 28.31 -8.97 -4.63
CA GLU F 19 28.75 -7.58 -4.54
C GLU F 19 27.53 -6.70 -4.77
N THR F 20 26.92 -6.22 -3.69
CA THR F 20 25.71 -5.42 -3.84
C THR F 20 25.45 -4.43 -2.71
N THR F 21 24.28 -3.81 -2.75
CA THR F 21 23.82 -2.83 -1.77
C THR F 21 22.77 -3.41 -0.85
N LEU F 22 23.05 -3.40 0.46
CA LEU F 22 22.07 -3.90 1.40
C LEU F 22 21.18 -2.73 1.82
N PHE F 23 20.13 -3.01 2.57
CA PHE F 23 19.22 -1.94 3.00
C PHE F 23 19.13 -1.85 4.50
N CYS F 24 18.76 -0.65 4.98
CA CYS F 24 18.66 -0.40 6.41
C CYS F 24 17.46 -1.13 6.99
N ALA F 25 17.59 -1.52 8.26
CA ALA F 25 16.51 -2.21 8.97
C ALA F 25 16.35 -1.49 10.31
N SER F 26 15.49 -0.49 10.34
CA SER F 26 15.19 0.28 11.53
C SER F 26 13.69 0.56 11.49
N ASP F 27 13.01 0.25 12.59
CA ASP F 27 11.56 0.39 12.69
C ASP F 27 11.00 1.75 12.27
N ALA F 28 9.84 1.71 11.62
CA ALA F 28 9.17 2.91 11.15
C ALA F 28 8.52 3.65 12.31
N LYS F 29 9.33 4.28 13.18
CA LYS F 29 8.88 5.04 14.36
C LYS F 29 8.57 6.44 13.88
N ALA F 30 8.42 6.52 12.59
CA ALA F 30 8.19 7.48 11.57
C ALA F 30 6.96 8.25 11.72
N TYR F 31 6.03 7.54 12.25
CA TYR F 31 4.67 7.96 12.40
C TYR F 31 4.37 8.49 13.77
N GLU F 32 5.11 8.05 14.79
CA GLU F 32 4.80 8.49 16.13
C GLU F 32 5.78 9.44 16.82
N THR F 33 7.07 9.10 16.91
CA THR F 33 7.98 10.03 17.59
C THR F 33 8.12 11.31 16.78
N GLU F 34 8.84 11.23 15.64
CA GLU F 34 9.04 12.27 14.64
C GLU F 34 10.01 11.83 13.52
N LYS F 35 9.93 12.48 12.35
CA LYS F 35 10.79 12.27 11.18
C LYS F 35 11.88 13.32 11.04
N HIS F 36 12.36 13.86 12.14
CA HIS F 36 13.35 14.93 12.11
C HIS F 36 14.80 14.45 12.14
N ASN F 37 15.05 13.28 11.53
CA ASN F 37 16.34 12.53 11.50
C ASN F 37 16.66 11.73 12.76
N VAL F 38 15.73 11.33 13.55
CA VAL F 38 16.44 10.68 14.64
C VAL F 38 16.88 9.25 14.25
N TRP F 39 18.07 9.31 13.61
CA TRP F 39 19.23 8.55 13.11
C TRP F 39 18.96 7.56 11.98
N ALA F 40 17.71 7.26 11.75
CA ALA F 40 17.28 6.48 10.60
C ALA F 40 15.87 6.88 10.21
N THR F 41 15.26 7.84 10.87
CA THR F 41 13.85 8.04 10.61
C THR F 41 13.35 9.00 9.51
N HIS F 42 13.71 8.82 8.24
CA HIS F 42 13.02 9.53 7.16
C HIS F 42 12.13 8.56 6.37
N ALA F 43 12.67 7.49 5.83
CA ALA F 43 11.85 6.48 5.16
C ALA F 43 12.51 5.11 5.30
N CYS F 44 13.16 4.84 6.42
CA CYS F 44 13.87 3.58 6.52
C CYS F 44 12.99 2.35 6.69
N VAL F 45 13.48 1.25 6.12
CA VAL F 45 12.80 -0.04 6.15
C VAL F 45 12.80 -0.56 7.58
N PRO F 46 11.68 -1.08 8.08
CA PRO F 46 11.63 -1.59 9.45
C PRO F 46 12.50 -2.82 9.66
N THR F 47 12.63 -3.20 10.93
CA THR F 47 13.43 -4.34 11.34
C THR F 47 12.54 -5.57 11.51
N ASP F 48 13.06 -6.72 11.07
CA ASP F 48 12.38 -7.99 11.23
C ASP F 48 12.35 -8.21 12.74
N PRO F 49 11.17 -8.39 13.36
CA PRO F 49 11.12 -8.59 14.81
C PRO F 49 11.79 -9.87 15.28
N ASN F 50 12.07 -10.81 14.37
CA ASN F 50 12.73 -12.07 14.71
C ASN F 50 14.05 -12.18 13.95
N PRO F 51 15.15 -11.69 14.52
CA PRO F 51 16.45 -11.78 13.83
C PRO F 51 16.86 -13.24 13.72
N GLN F 52 17.22 -13.65 12.52
CA GLN F 52 17.60 -15.04 12.26
C GLN F 52 19.12 -15.21 12.28
N GLU F 53 19.55 -16.34 12.84
CA GLU F 53 20.97 -16.66 12.95
C GLU F 53 21.16 -18.16 13.07
N ILE F 54 22.07 -18.70 12.27
CA ILE F 54 22.38 -20.12 12.29
C ILE F 54 23.88 -20.22 12.49
N HIS F 55 24.29 -20.90 13.56
CA HIS F 55 25.71 -21.04 13.83
C HIS F 55 26.34 -22.01 12.84
N LEU F 56 27.58 -21.73 12.45
CA LEU F 56 28.31 -22.56 11.52
C LEU F 56 29.35 -23.32 12.34
N GLU F 57 29.27 -24.64 12.33
CA GLU F 57 30.15 -25.50 13.12
C GLU F 57 31.38 -25.97 12.35
N ASN F 58 32.54 -25.91 13.01
CA ASN F 58 33.83 -26.34 12.46
C ASN F 58 34.19 -25.63 11.15
N VAL F 59 33.77 -24.38 11.01
CA VAL F 59 34.04 -23.59 9.82
C VAL F 59 35.09 -22.54 10.18
N THR F 60 36.34 -22.80 9.81
CA THR F 60 37.42 -21.85 10.08
C THR F 60 37.33 -20.78 9.00
N GLU F 61 36.40 -19.86 9.17
CA GLU F 61 36.17 -18.79 8.21
C GLU F 61 36.91 -17.53 8.61
N GLU F 62 37.67 -16.98 7.68
CA GLU F 62 38.42 -15.76 7.94
C GLU F 62 37.59 -14.54 7.63
N PHE F 63 37.94 -13.42 8.26
CA PHE F 63 37.24 -12.16 8.07
C PHE F 63 38.22 -10.99 8.08
N ASN F 64 38.00 -10.05 7.17
CA ASN F 64 38.80 -8.85 7.03
C ASN F 64 37.86 -7.68 7.25
N MET F 65 38.24 -6.76 8.13
CA MET F 65 37.39 -5.61 8.41
C MET F 65 37.66 -4.48 7.41
N TRP F 66 38.45 -4.74 6.38
CA TRP F 66 38.77 -3.73 5.38
C TRP F 66 38.12 -4.06 4.04
N LYS F 67 37.74 -5.32 3.80
CA LYS F 67 37.13 -5.71 2.54
C LYS F 67 35.72 -6.29 2.71
N ASN F 68 34.91 -5.68 3.58
CA ASN F 68 33.56 -6.15 3.87
C ASN F 68 32.53 -6.09 2.73
N ASN F 69 32.41 -4.90 2.12
CA ASN F 69 31.45 -4.47 1.08
C ASN F 69 30.08 -4.23 1.72
N MET F 70 29.90 -4.56 2.99
CA MET F 70 28.65 -4.25 3.67
C MET F 70 28.87 -2.86 4.21
N VAL F 71 30.14 -2.59 4.50
CA VAL F 71 30.57 -1.29 4.99
C VAL F 71 30.23 -0.26 3.94
N GLU F 72 30.56 -0.55 2.68
CA GLU F 72 30.35 0.33 1.51
C GLU F 72 29.01 1.05 1.42
N GLN F 73 27.93 0.42 1.87
CA GLN F 73 26.61 1.05 1.80
C GLN F 73 26.20 1.88 3.02
N MET F 74 26.73 1.58 4.19
CA MET F 74 26.37 2.29 5.42
C MET F 74 26.65 3.79 5.41
N HIS F 75 27.83 4.21 4.95
CA HIS F 75 28.16 5.63 4.94
C HIS F 75 27.36 6.36 3.87
N THR F 76 26.98 5.65 2.81
CA THR F 76 26.19 6.26 1.76
C THR F 76 24.80 6.53 2.33
N ASP F 77 24.28 5.57 3.11
CA ASP F 77 22.98 5.73 3.73
C ASP F 77 23.02 6.83 4.78
N ILE F 78 24.12 6.91 5.53
CA ILE F 78 24.29 7.91 6.58
C ILE F 78 24.46 9.32 6.00
N ILE F 79 25.26 9.49 4.94
CA ILE F 79 25.44 10.82 4.35
C ILE F 79 24.13 11.29 3.71
N SER F 80 23.45 10.39 3.00
CA SER F 80 22.17 10.77 2.38
C SER F 80 21.19 11.15 3.47
N LEU F 81 21.24 10.44 4.59
CA LEU F 81 20.36 10.71 5.70
C LEU F 81 20.67 12.04 6.39
N TRP F 82 21.96 12.37 6.60
CA TRP F 82 22.28 13.65 7.23
C TRP F 82 21.91 14.80 6.30
N ASP F 83 21.93 14.55 4.98
CA ASP F 83 21.54 15.60 4.04
C ASP F 83 20.04 15.89 4.08
N GLN F 84 19.19 14.84 4.09
CA GLN F 84 17.73 15.00 4.15
C GLN F 84 17.37 15.58 5.50
N SER F 85 18.22 15.27 6.45
CA SER F 85 18.27 15.52 7.87
C SER F 85 18.74 16.85 8.41
N LEU F 86 19.01 16.88 9.74
CA LEU F 86 19.53 18.00 10.52
C LEU F 86 20.60 18.59 9.64
N LYS F 87 20.34 19.79 9.21
CA LYS F 87 20.78 20.85 8.35
C LYS F 87 21.47 21.93 9.12
N PRO F 88 22.60 22.36 8.60
CA PRO F 88 23.30 23.49 9.18
C PRO F 88 22.77 24.71 8.43
N CYS F 89 23.05 25.88 8.98
CA CYS F 89 22.62 27.08 8.29
C CYS F 89 23.67 27.45 7.25
N VAL F 90 24.86 26.85 7.33
CA VAL F 90 25.95 27.12 6.41
C VAL F 90 26.52 25.83 5.83
N LYS F 91 26.58 25.77 4.50
CA LYS F 91 27.14 24.64 3.77
C LYS F 91 28.24 25.18 2.89
N LEU F 92 29.41 24.55 2.93
CA LEU F 92 30.55 24.99 2.14
C LEU F 92 31.17 23.85 1.35
N THR F 93 31.32 24.05 0.04
CA THR F 93 31.91 23.05 -0.86
C THR F 93 32.88 23.72 -1.82
N PRO F 94 34.16 23.76 -1.48
CA PRO F 94 35.15 24.38 -2.39
C PRO F 94 35.39 23.47 -3.59
N LEU F 95 35.12 23.99 -4.78
CA LEU F 95 35.26 23.21 -6.02
C LEU F 95 35.72 24.07 -7.19
N CYS F 96 36.70 23.57 -7.93
CA CYS F 96 37.18 24.30 -9.10
C CYS F 96 36.14 24.19 -10.22
N VAL F 97 35.26 25.18 -10.31
CA VAL F 97 34.22 25.18 -11.31
C VAL F 97 34.25 26.49 -12.10
N ASN F 165 42.76 28.19 -6.39
CA ASN F 165 42.41 27.72 -7.73
C ASN F 165 40.94 27.38 -7.85
N CYS F 166 40.37 26.84 -6.78
CA CYS F 166 38.97 26.44 -6.77
C CYS F 166 38.01 27.53 -6.32
N ASN F 167 36.74 27.33 -6.63
CA ASN F 167 35.67 28.25 -6.26
C ASN F 167 34.92 27.73 -5.05
N THR F 168 35.02 28.44 -3.93
CA THR F 168 34.34 28.03 -2.71
C THR F 168 32.85 28.28 -2.86
N SER F 169 32.07 27.20 -2.89
CA SER F 169 30.63 27.33 -3.03
C SER F 169 29.97 27.41 -1.66
N ALA F 170 28.74 27.91 -1.64
CA ALA F 170 28.03 28.04 -0.38
C ALA F 170 26.53 27.84 -0.58
N ILE F 171 25.92 27.09 0.32
CA ILE F 171 24.49 26.80 0.31
C ILE F 171 23.94 27.21 1.67
N THR F 172 22.97 28.11 1.67
CA THR F 172 22.38 28.60 2.92
C THR F 172 20.94 28.11 3.08
N GLN F 173 20.67 27.45 4.20
CA GLN F 173 19.35 26.94 4.51
C GLN F 173 19.08 27.11 6.00
N ALA F 174 17.98 26.54 6.49
CA ALA F 174 17.64 26.66 7.89
C ALA F 174 18.36 25.61 8.71
N CYS F 175 18.52 25.90 10.00
CA CYS F 175 19.18 24.99 10.93
C CYS F 175 18.43 24.82 12.25
N PRO F 176 17.35 24.04 12.25
CA PRO F 176 16.61 23.82 13.50
C PRO F 176 17.30 22.71 14.29
N LYS F 177 17.20 22.81 15.61
CA LYS F 177 17.83 21.82 16.46
C LYS F 177 16.80 21.06 17.28
N VAL F 178 16.96 19.75 17.35
CA VAL F 178 16.08 18.87 18.08
C VAL F 178 16.92 17.96 18.97
N SER F 179 16.27 17.35 19.96
CA SER F 179 16.94 16.39 20.83
C SER F 179 17.27 15.21 19.92
N PHE F 180 18.54 14.85 19.86
CA PHE F 180 18.98 13.77 18.99
C PHE F 180 19.59 12.63 19.78
N GLU F 181 19.29 11.40 19.34
CA GLU F 181 19.76 10.18 19.95
C GLU F 181 19.89 9.11 18.87
N PRO F 182 20.99 8.36 18.85
CA PRO F 182 21.15 7.33 17.82
C PRO F 182 20.23 6.15 18.07
N ILE F 183 19.63 5.64 17.00
CA ILE F 183 18.73 4.50 17.12
C ILE F 183 19.42 3.30 16.50
N PRO F 184 19.15 2.08 16.96
CA PRO F 184 19.82 0.91 16.39
C PRO F 184 19.35 0.62 14.97
N ILE F 185 20.31 0.36 14.08
CA ILE F 185 20.03 0.06 12.69
C ILE F 185 20.55 -1.33 12.32
N HIS F 186 19.63 -2.26 12.09
CA HIS F 186 19.99 -3.59 11.67
C HIS F 186 20.20 -3.46 10.17
N TYR F 187 20.96 -4.38 9.59
CA TYR F 187 21.21 -4.34 8.15
C TYR F 187 20.72 -5.61 7.49
N CYS F 188 19.61 -5.52 6.78
CA CYS F 188 19.03 -6.65 6.08
C CYS F 188 19.44 -6.69 4.63
N ALA F 189 19.44 -7.89 4.07
CA ALA F 189 19.84 -8.22 2.73
C ALA F 189 18.65 -8.62 1.86
N PRO F 190 18.78 -8.53 0.52
CA PRO F 190 17.68 -8.96 -0.36
C PRO F 190 17.58 -10.48 -0.41
N ALA F 191 16.73 -11.02 -1.30
CA ALA F 191 16.58 -12.47 -1.43
C ALA F 191 17.92 -13.13 -1.69
N GLY F 192 18.35 -13.96 -0.75
CA GLY F 192 19.65 -14.61 -0.82
C GLY F 192 20.58 -13.68 -0.07
N PHE F 193 21.81 -13.50 -0.56
CA PHE F 193 22.80 -12.60 0.03
C PHE F 193 23.05 -12.90 1.51
N ALA F 194 23.44 -14.14 1.79
CA ALA F 194 23.69 -14.58 3.16
C ALA F 194 24.84 -13.82 3.81
N ILE F 195 24.58 -13.33 5.00
CA ILE F 195 25.53 -12.56 5.79
C ILE F 195 26.11 -13.51 6.83
N LEU F 196 27.42 -13.40 7.12
CA LEU F 196 28.09 -14.28 8.09
C LEU F 196 28.70 -13.55 9.28
N LYS F 197 28.23 -13.88 10.49
CA LYS F 197 28.69 -13.24 11.72
C LYS F 197 29.83 -13.97 12.43
N CYS F 198 30.97 -13.29 12.52
CA CYS F 198 32.11 -13.83 13.24
C CYS F 198 31.80 -13.67 14.73
N LYS F 199 31.96 -14.74 15.50
CA LYS F 199 31.69 -14.66 16.93
C LYS F 199 32.81 -15.27 17.77
N ASP F 200 34.05 -15.10 17.34
CA ASP F 200 35.17 -15.64 18.10
C ASP F 200 35.56 -14.68 19.21
N LYS F 201 36.62 -15.00 19.94
CA LYS F 201 37.10 -14.11 21.00
C LYS F 201 38.28 -13.31 20.47
N LYS F 202 39.33 -13.99 20.02
CA LYS F 202 40.51 -13.30 19.50
C LYS F 202 40.34 -12.87 18.05
N PHE F 203 39.77 -11.69 17.84
CA PHE F 203 39.55 -11.12 16.52
C PHE F 203 40.37 -9.85 16.37
N ASN F 204 41.44 -9.94 15.58
CA ASN F 204 42.34 -8.83 15.32
C ASN F 204 42.04 -8.10 14.02
N GLY F 205 40.75 -8.03 13.65
CA GLY F 205 40.33 -7.36 12.44
C GLY F 205 40.60 -8.15 11.19
N THR F 206 41.87 -8.28 10.84
CA THR F 206 42.29 -9.04 9.67
C THR F 206 42.68 -10.42 10.19
N GLY F 207 41.69 -11.14 10.70
CA GLY F 207 41.95 -12.45 11.25
C GLY F 207 40.86 -13.48 11.06
N PRO F 208 41.24 -14.74 11.27
CA PRO F 208 40.28 -15.83 11.13
C PRO F 208 39.29 -15.88 12.28
N CYS F 209 38.24 -16.66 12.08
CA CYS F 209 37.20 -16.81 13.08
C CYS F 209 36.80 -18.28 13.25
N PRO F 210 37.08 -18.89 14.39
CA PRO F 210 36.67 -20.28 14.60
C PRO F 210 35.15 -20.37 14.74
N SER F 211 34.58 -19.47 15.55
CA SER F 211 33.13 -19.43 15.79
C SER F 211 32.43 -18.50 14.80
N VAL F 212 31.86 -19.09 13.75
CA VAL F 212 31.16 -18.34 12.72
C VAL F 212 29.68 -18.70 12.79
N SER F 213 28.81 -17.72 12.52
CA SER F 213 27.38 -17.93 12.56
C SER F 213 26.70 -17.06 11.50
N THR F 214 26.16 -17.67 10.45
CA THR F 214 25.52 -16.87 9.43
C THR F 214 24.24 -16.22 9.95
N VAL F 215 23.86 -15.09 9.35
CA VAL F 215 22.66 -14.35 9.73
C VAL F 215 21.93 -13.85 8.48
N GLN F 216 20.64 -13.57 8.64
CA GLN F 216 19.84 -13.04 7.55
C GLN F 216 19.95 -11.52 7.58
N CYS F 217 19.98 -10.96 8.80
CA CYS F 217 20.12 -9.53 9.03
C CYS F 217 21.15 -9.37 10.14
N THR F 218 21.79 -8.20 10.18
CA THR F 218 22.81 -7.98 11.21
C THR F 218 22.26 -7.89 12.63
N HIS F 219 23.17 -7.84 13.60
CA HIS F 219 22.79 -7.78 15.00
C HIS F 219 22.35 -6.37 15.42
N GLY F 220 22.15 -6.16 16.72
CA GLY F 220 21.71 -4.87 17.23
C GLY F 220 22.81 -3.83 17.24
N ILE F 221 23.18 -3.38 16.04
CA ILE F 221 24.22 -2.38 15.88
C ILE F 221 23.69 -0.99 16.18
N LYS F 222 24.32 -0.29 17.11
CA LYS F 222 23.97 1.07 17.48
C LYS F 222 25.12 1.97 17.08
N PRO F 223 25.18 2.42 15.84
CA PRO F 223 26.29 3.27 15.40
C PRO F 223 26.10 4.72 15.79
N VAL F 224 27.24 5.41 15.88
CA VAL F 224 27.31 6.83 16.21
C VAL F 224 28.41 7.47 15.38
N VAL F 225 28.06 8.45 14.56
CA VAL F 225 29.05 9.18 13.78
C VAL F 225 29.80 10.00 14.82
N SER F 226 31.08 9.67 15.02
CA SER F 226 31.83 10.38 16.05
C SER F 226 33.34 10.39 15.84
N THR F 227 34.00 11.12 16.73
CA THR F 227 35.44 11.30 16.81
C THR F 227 36.09 10.12 17.52
N GLN F 228 37.31 10.35 18.00
CA GLN F 228 38.28 9.42 18.58
C GLN F 228 37.72 8.20 19.31
N LEU F 229 36.82 8.38 20.26
CA LEU F 229 36.25 7.25 20.97
C LEU F 229 34.83 7.02 20.50
N LEU F 230 34.53 5.81 20.03
CA LEU F 230 33.19 5.50 19.54
C LEU F 230 32.16 5.58 20.66
N LEU F 231 31.05 6.27 20.40
CA LEU F 231 29.99 6.45 21.37
C LEU F 231 28.88 5.44 21.14
N ASN F 232 28.25 4.99 22.23
CA ASN F 232 27.11 4.06 22.22
C ASN F 232 27.14 2.87 21.26
N GLY F 233 28.32 2.30 21.02
CA GLY F 233 28.38 1.19 20.09
C GLY F 233 28.49 -0.21 20.65
N SER F 234 29.13 -1.10 19.89
CA SER F 234 29.30 -2.49 20.32
C SER F 234 30.46 -2.65 21.29
N LEU F 235 30.81 -3.89 21.63
CA LEU F 235 31.88 -4.15 22.57
C LEU F 235 32.96 -5.08 22.03
N ALA F 236 34.13 -5.04 22.66
CA ALA F 236 35.27 -5.87 22.25
C ALA F 236 35.24 -7.21 22.99
N GLU F 237 36.34 -7.97 22.91
CA GLU F 237 36.41 -9.29 23.54
C GLU F 237 37.40 -9.49 24.69
N GLU F 238 36.82 -9.44 25.88
CA GLU F 238 37.23 -9.65 27.26
C GLU F 238 38.16 -8.62 27.90
N GLU F 239 38.91 -7.83 27.12
CA GLU F 239 39.52 -6.67 27.75
C GLU F 239 39.19 -5.47 26.88
N VAL F 240 39.76 -5.55 25.66
CA VAL F 240 39.64 -4.75 24.44
C VAL F 240 40.20 -5.65 23.35
N MET F 241 40.05 -5.26 22.07
CA MET F 241 40.66 -6.00 20.97
C MET F 241 41.34 -5.08 19.97
N ILE F 242 42.63 -5.34 19.72
CA ILE F 242 43.41 -4.54 18.78
C ILE F 242 43.08 -5.07 17.39
N ARG F 243 42.12 -4.44 16.72
CA ARG F 243 41.65 -4.87 15.41
C ARG F 243 42.19 -4.10 14.22
N SER F 244 43.12 -3.16 14.44
CA SER F 244 43.65 -2.35 13.35
C SER F 244 44.31 -3.15 12.22
N GLU F 245 44.50 -2.46 11.07
CA GLU F 245 45.13 -3.04 9.88
C GLU F 245 46.49 -3.59 10.29
N ASN F 246 47.36 -2.73 10.79
CA ASN F 246 48.65 -3.10 11.33
C ASN F 246 48.53 -2.87 12.84
N ILE F 247 49.21 -3.69 13.63
CA ILE F 247 49.12 -3.52 15.08
C ILE F 247 50.06 -2.42 15.56
N THR F 248 51.35 -2.57 15.30
CA THR F 248 52.31 -1.56 15.73
C THR F 248 53.09 -0.85 14.64
N ASN F 249 52.47 -0.62 13.50
CA ASN F 249 53.13 0.13 12.44
C ASN F 249 52.79 1.57 12.78
N ASN F 250 53.75 2.46 12.55
CA ASN F 250 53.54 3.87 12.82
C ASN F 250 52.88 4.55 11.61
N ALA F 251 52.25 3.77 10.72
CA ALA F 251 51.61 4.30 9.54
C ALA F 251 50.10 4.07 9.49
N LYS F 252 49.54 3.25 10.36
CA LYS F 252 48.12 2.98 10.35
C LYS F 252 47.41 3.54 11.58
N ASN F 253 46.08 3.63 11.51
CA ASN F 253 45.28 4.12 12.61
C ASN F 253 44.91 2.94 13.50
N ILE F 254 45.04 3.12 14.81
CA ILE F 254 44.74 2.06 15.75
C ILE F 254 43.22 1.95 15.86
N LEU F 255 42.69 0.75 15.61
CA LEU F 255 41.26 0.47 15.65
C LEU F 255 40.90 -0.49 16.77
N VAL F 256 40.51 0.07 17.92
CA VAL F 256 40.15 -0.70 19.10
C VAL F 256 38.76 -0.24 19.54
N GLN F 257 37.99 -1.17 20.09
CA GLN F 257 36.66 -0.85 20.60
C GLN F 257 36.68 -1.20 22.09
N PHE F 258 35.82 -0.55 22.87
CA PHE F 258 35.80 -0.83 24.30
C PHE F 258 35.05 -2.13 24.58
N ASN F 259 34.93 -2.47 25.86
CA ASN F 259 34.21 -3.66 26.29
C ASN F 259 33.24 -3.23 27.37
N THR F 260 33.50 -2.11 28.00
CA THR F 260 32.60 -1.62 29.02
C THR F 260 32.03 -0.29 28.57
N PRO F 261 30.75 -0.03 28.81
CA PRO F 261 30.20 1.27 28.41
C PRO F 261 30.72 2.33 29.36
N VAL F 262 31.65 3.16 28.90
CA VAL F 262 32.22 4.19 29.75
C VAL F 262 31.24 5.36 29.82
N GLN F 263 30.57 5.50 30.95
CA GLN F 263 29.60 6.56 31.13
C GLN F 263 30.28 7.91 31.30
N ILE F 264 29.94 8.87 30.45
CA ILE F 264 30.48 10.21 30.51
C ILE F 264 29.30 11.14 30.79
N ASN F 265 29.40 11.90 31.87
CA ASN F 265 28.35 12.83 32.28
C ASN F 265 28.78 14.25 31.95
N CYS F 266 28.06 14.87 31.03
CA CYS F 266 28.38 16.22 30.56
C CYS F 266 27.33 17.24 30.94
N THR F 267 27.76 18.27 31.65
CA THR F 267 26.86 19.34 32.08
C THR F 267 27.38 20.67 31.57
N HIS F 299 31.22 21.19 29.85
CA HIS F 299 32.16 20.37 30.61
C HIS F 299 31.59 18.97 30.86
N CYS F 300 32.48 17.98 30.87
CA CYS F 300 32.10 16.59 31.10
C CYS F 300 32.76 15.98 32.32
N ASN F 301 31.96 15.53 33.28
CA ASN F 301 32.48 14.89 34.48
C ASN F 301 32.94 13.47 34.15
N VAL F 302 34.14 13.37 33.58
CA VAL F 302 34.71 12.08 33.20
C VAL F 302 35.18 11.37 34.47
N SER F 303 34.77 10.12 34.63
CA SER F 303 35.18 9.36 35.81
C SER F 303 36.67 9.07 35.73
N LYS F 304 37.28 8.75 36.87
CA LYS F 304 38.72 8.49 36.88
C LYS F 304 39.04 7.02 37.09
N ALA F 305 38.24 6.32 37.90
CA ALA F 305 38.50 4.90 38.13
C ALA F 305 38.22 4.09 36.88
N THR F 306 37.15 4.42 36.15
CA THR F 306 36.83 3.71 34.93
C THR F 306 37.84 4.08 33.85
N TRP F 307 38.30 5.33 33.85
CA TRP F 307 39.29 5.75 32.85
C TRP F 307 40.63 5.09 33.11
N ASN F 308 41.01 4.94 34.39
CA ASN F 308 42.26 4.27 34.72
C ASN F 308 42.12 2.79 34.38
N GLU F 309 40.93 2.22 34.55
CA GLU F 309 40.74 0.82 34.24
C GLU F 309 40.78 0.57 32.73
N THR F 310 40.21 1.47 31.92
CA THR F 310 40.22 1.26 30.48
C THR F 310 41.64 1.48 29.98
N LEU F 311 42.40 2.41 30.58
CA LEU F 311 43.79 2.61 30.16
C LEU F 311 44.61 1.39 30.56
N GLY F 312 44.28 0.77 31.71
CA GLY F 312 45.00 -0.43 32.14
C GLY F 312 44.71 -1.66 31.30
N LYS F 313 43.46 -1.83 30.88
CA LYS F 313 43.10 -2.98 30.05
C LYS F 313 43.73 -2.83 28.67
N VAL F 314 43.67 -1.61 28.11
CA VAL F 314 44.26 -1.38 26.80
C VAL F 314 45.78 -1.48 26.85
N VAL F 315 46.41 -0.99 27.94
CA VAL F 315 47.86 -1.06 28.02
C VAL F 315 48.32 -2.51 28.14
N LYS F 316 47.55 -3.36 28.86
CA LYS F 316 47.96 -4.76 28.94
C LYS F 316 47.77 -5.45 27.60
N GLN F 317 46.70 -5.12 26.87
CA GLN F 317 46.49 -5.73 25.56
C GLN F 317 47.55 -5.29 24.56
N LEU F 318 48.02 -4.03 24.67
CA LEU F 318 49.06 -3.56 23.78
C LEU F 318 50.36 -4.28 24.10
N ARG F 319 50.59 -4.57 25.39
CA ARG F 319 51.80 -5.31 25.75
C ARG F 319 51.72 -6.75 25.27
N LYS F 320 50.53 -7.36 25.33
CA LYS F 320 50.34 -8.73 24.87
C LYS F 320 50.56 -8.77 23.37
N HIS F 321 50.10 -7.74 22.67
CA HIS F 321 50.28 -7.65 21.22
C HIS F 321 51.74 -7.32 20.97
N PHE F 322 52.28 -6.29 21.61
CA PHE F 322 53.70 -5.99 21.41
C PHE F 322 54.43 -5.54 22.67
N GLY F 323 55.54 -6.22 22.96
CA GLY F 323 56.39 -5.90 24.10
C GLY F 323 56.13 -6.70 25.35
N ASN F 324 57.04 -7.62 25.69
CA ASN F 324 56.86 -8.42 26.89
C ASN F 324 57.13 -7.55 28.11
N ASN F 325 58.37 -7.07 28.26
CA ASN F 325 58.75 -6.19 29.36
C ASN F 325 58.85 -4.75 28.87
N THR F 326 57.70 -4.09 28.74
CA THR F 326 57.70 -2.72 28.26
C THR F 326 56.73 -1.84 29.03
N ILE F 327 57.07 -0.57 29.11
CA ILE F 327 56.26 0.44 29.78
C ILE F 327 55.59 1.26 28.68
N ILE F 328 54.28 1.45 28.79
CA ILE F 328 53.55 2.23 27.80
C ILE F 328 52.94 3.43 28.51
N ARG F 329 53.35 4.62 28.10
CA ARG F 329 52.89 5.86 28.69
C ARG F 329 52.00 6.58 27.69
N PHE F 330 51.02 7.33 28.19
CA PHE F 330 50.09 8.06 27.34
C PHE F 330 50.44 9.54 27.29
N ALA F 331 50.36 10.14 26.11
CA ALA F 331 50.67 11.54 25.90
C ALA F 331 49.41 12.33 25.59
N ASN F 332 49.54 13.65 25.59
CA ASN F 332 48.41 14.54 25.32
C ASN F 332 48.01 14.54 23.84
N SER F 333 47.09 15.41 23.45
CA SER F 333 46.60 15.46 22.08
C SER F 333 47.65 15.68 20.99
N SER F 334 47.35 15.19 19.79
CA SER F 334 48.25 15.29 18.65
C SER F 334 48.24 16.69 18.05
N GLY F 335 47.06 17.28 17.90
CA GLY F 335 46.95 18.61 17.33
C GLY F 335 46.11 18.62 16.07
N GLY F 336 45.52 19.77 15.73
CA GLY F 336 44.71 19.86 14.53
C GLY F 336 43.46 20.69 14.69
N ASP F 337 42.35 20.20 14.16
CA ASP F 337 41.08 20.92 14.24
C ASP F 337 40.41 20.80 15.61
N LEU F 338 39.21 21.34 15.73
CA LEU F 338 38.45 21.29 16.99
C LEU F 338 38.12 19.84 17.33
N GLU F 339 37.54 19.11 16.38
CA GLU F 339 37.18 17.71 16.60
C GLU F 339 38.40 16.80 16.71
N VAL F 340 39.59 17.29 16.37
CA VAL F 340 40.79 16.47 16.45
C VAL F 340 41.36 16.53 17.85
N THR F 341 41.63 17.72 18.37
CA THR F 341 42.17 17.85 19.72
C THR F 341 41.11 17.48 20.73
N THR F 342 39.90 18.01 20.57
CA THR F 342 38.80 17.69 21.45
C THR F 342 38.07 16.46 20.90
N HIS F 343 36.89 16.16 21.42
CA HIS F 343 36.13 15.00 20.98
C HIS F 343 34.66 15.32 20.76
N SER F 344 34.16 15.05 19.55
CA SER F 344 32.75 15.29 19.24
C SER F 344 31.98 14.04 19.61
N PHE F 345 30.79 14.24 20.17
CA PHE F 345 29.95 13.14 20.60
C PHE F 345 28.52 13.66 20.79
N ASN F 346 27.56 12.76 20.64
CA ASN F 346 26.15 13.13 20.79
C ASN F 346 25.80 13.36 22.25
N CYS F 347 25.73 14.62 22.65
CA CYS F 347 25.35 15.02 24.01
C CYS F 347 24.01 15.73 23.90
N GLY F 348 22.93 14.96 23.93
CA GLY F 348 21.59 15.50 23.80
C GLY F 348 21.35 16.23 22.50
N GLY F 349 22.05 15.84 21.44
CA GLY F 349 21.92 16.49 20.16
C GLY F 349 23.10 17.37 19.87
N GLU F 350 23.58 18.07 20.89
CA GLU F 350 24.73 18.96 20.74
C GLU F 350 26.04 18.18 20.71
N PHE F 351 27.15 18.91 20.63
CA PHE F 351 28.48 18.30 20.58
C PHE F 351 29.46 19.07 21.46
N PHE F 352 29.62 18.65 22.71
CA PHE F 352 30.57 19.32 23.58
C PHE F 352 31.97 18.96 23.11
N TYR F 353 32.93 19.86 23.36
CA TYR F 353 34.30 19.65 22.92
C TYR F 353 35.37 19.77 24.00
N CYS F 354 35.66 18.66 24.65
CA CYS F 354 36.68 18.58 25.69
C CYS F 354 37.99 18.03 25.16
N ASN F 355 39.08 18.78 25.34
CA ASN F 355 40.39 18.31 24.90
C ASN F 355 40.74 17.14 25.80
N THR F 356 40.98 15.98 25.19
CA THR F 356 41.34 14.78 25.94
C THR F 356 42.85 14.73 26.14
N SER F 357 43.41 15.81 26.71
CA SER F 357 44.84 15.90 26.97
C SER F 357 45.09 15.71 28.45
N GLY F 358 44.09 15.96 29.29
CA GLY F 358 44.21 15.78 30.72
C GLY F 358 43.84 14.39 31.15
N LEU F 359 43.53 13.51 30.20
CA LEU F 359 43.15 12.13 30.46
C LEU F 359 44.28 11.16 30.17
N PHE F 360 45.01 11.37 29.08
CA PHE F 360 46.10 10.49 28.67
C PHE F 360 47.48 10.90 29.19
N ASN F 361 47.73 10.64 30.48
CA ASN F 361 49.02 10.94 31.08
C ASN F 361 49.35 9.82 32.07
N SER F 362 48.78 8.64 31.86
CA SER F 362 49.00 7.51 32.76
C SER F 362 50.18 6.62 32.38
N THR F 363 51.05 6.39 33.35
CA THR F 363 52.22 5.53 33.17
C THR F 363 51.89 4.19 33.80
N TRP F 364 51.86 3.14 32.99
CA TRP F 364 51.55 1.81 33.49
C TRP F 364 52.84 1.01 33.66
N ILE F 365 52.84 0.12 34.64
CA ILE F 365 54.01 -0.68 34.98
C ILE F 365 53.82 -2.15 34.63
N SER F 366 54.72 -2.67 33.78
CA SER F 366 54.66 -4.09 33.41
C SER F 366 55.47 -4.86 34.45
N ASN F 367 56.69 -4.40 34.72
CA ASN F 367 57.57 -5.04 35.70
C ASN F 367 57.20 -4.68 37.13
N ASN F 379 39.83 11.14 42.51
CA ASN F 379 39.17 10.04 41.84
C ASN F 379 37.66 10.22 41.95
N ASP F 380 37.18 11.44 41.70
CA ASP F 380 35.75 11.73 41.77
C ASP F 380 35.21 12.02 40.38
N SER F 381 35.80 12.99 39.68
CA SER F 381 35.38 13.37 38.33
C SER F 381 36.43 14.21 37.62
N ILE F 382 36.88 13.77 36.46
CA ILE F 382 37.86 14.54 35.67
C ILE F 382 37.01 15.46 34.80
N THR F 383 36.66 16.63 35.35
CA THR F 383 35.83 17.59 34.64
C THR F 383 36.67 18.31 33.60
N LEU F 384 36.65 17.84 32.38
CA LEU F 384 37.42 18.47 31.32
C LEU F 384 36.67 19.69 30.79
N PRO F 385 37.39 20.69 30.25
CA PRO F 385 36.73 21.89 29.71
C PRO F 385 36.20 21.64 28.31
N CYS F 386 34.87 21.63 28.18
CA CYS F 386 34.21 21.43 26.89
C CYS F 386 33.81 22.77 26.25
N ARG F 387 33.22 22.69 25.05
CA ARG F 387 32.84 23.89 24.32
C ARG F 387 31.45 23.79 23.71
N ILE F 388 30.71 24.90 23.75
CA ILE F 388 29.38 24.97 23.17
C ILE F 388 29.55 24.99 21.66
N LYS F 389 28.88 24.07 20.97
CA LYS F 389 28.99 23.90 19.53
C LYS F 389 27.96 24.68 18.72
N GLN F 390 28.42 25.66 17.96
CA GLN F 390 27.58 26.45 17.06
C GLN F 390 28.12 26.44 15.63
N ILE F 391 29.43 26.52 15.46
CA ILE F 391 30.08 26.50 14.15
C ILE F 391 31.27 25.58 14.18
N ILE F 392 31.22 24.51 13.39
CA ILE F 392 32.28 23.52 13.28
C ILE F 392 32.49 23.14 11.83
N ASN F 393 33.60 22.47 11.56
CA ASN F 393 33.85 21.99 10.21
C ASN F 393 32.89 20.85 9.99
N MET F 394 32.33 20.74 8.79
CA MET F 394 31.41 19.65 8.52
C MET F 394 32.15 18.34 8.43
N TRP F 395 31.56 17.29 8.99
CA TRP F 395 32.19 15.99 8.98
C TRP F 395 31.78 15.21 7.73
N GLN F 396 30.68 15.62 7.08
CA GLN F 396 30.23 14.94 5.87
C GLN F 396 31.25 15.11 4.76
N ARG F 397 31.56 16.36 4.42
CA ARG F 397 32.55 16.67 3.40
C ARG F 397 33.40 17.84 3.87
N ILE F 398 34.19 18.39 2.96
CA ILE F 398 35.07 19.50 3.28
C ILE F 398 34.31 20.82 3.28
N GLY F 399 34.22 21.46 4.45
CA GLY F 399 33.53 22.71 4.59
C GLY F 399 33.24 23.02 6.04
N GLN F 400 32.37 24.01 6.24
CA GLN F 400 31.97 24.43 7.58
C GLN F 400 30.46 24.44 7.76
N ALA F 401 30.02 24.58 9.00
CA ALA F 401 28.60 24.57 9.33
C ALA F 401 28.26 25.68 10.33
N MET F 402 26.96 25.83 10.57
CA MET F 402 26.44 26.81 11.52
C MET F 402 25.06 26.34 11.95
N TYR F 403 24.83 26.29 13.25
CA TYR F 403 23.57 25.81 13.81
C TYR F 403 22.90 26.85 14.71
N ALA F 404 21.76 26.46 15.26
CA ALA F 404 20.95 27.25 16.17
C ALA F 404 21.50 27.16 17.59
N PRO F 405 21.34 28.21 18.39
CA PRO F 405 21.84 28.19 19.75
C PRO F 405 21.11 27.13 20.57
N PRO F 406 21.76 26.58 21.59
CA PRO F 406 21.11 25.56 22.41
C PRO F 406 19.99 26.14 23.25
N ILE F 407 19.07 25.25 23.64
CA ILE F 407 17.93 25.65 24.47
C ILE F 407 18.34 25.66 25.93
N GLN F 408 19.54 25.20 26.25
CA GLN F 408 20.03 25.14 27.62
C GLN F 408 21.40 25.78 27.78
N GLY F 409 21.57 26.55 28.86
CA GLY F 409 22.88 27.14 29.11
C GLY F 409 23.86 26.07 29.57
N VAL F 410 23.43 25.24 30.52
CA VAL F 410 24.19 24.10 31.01
C VAL F 410 23.39 22.95 30.43
N ILE F 411 24.01 22.22 29.50
CA ILE F 411 23.33 21.13 28.80
C ILE F 411 23.58 19.77 29.44
N ARG F 412 22.50 19.13 29.88
CA ARG F 412 22.56 17.81 30.49
C ARG F 412 22.38 16.75 29.42
N CYS F 413 23.10 15.65 29.57
CA CYS F 413 23.00 14.51 28.66
C CYS F 413 23.61 13.30 29.34
N VAL F 414 23.19 12.12 28.89
CA VAL F 414 23.68 10.85 29.42
C VAL F 414 24.21 10.06 28.23
N SER F 415 25.50 9.76 28.25
CA SER F 415 26.10 9.03 27.15
C SER F 415 27.13 8.01 27.59
N ASN F 416 27.08 6.83 26.98
CA ASN F 416 28.02 5.75 27.24
C ASN F 416 28.91 5.67 26.00
N ILE F 417 30.21 5.75 26.21
CA ILE F 417 31.17 5.75 25.11
C ILE F 417 31.85 4.37 25.08
N THR F 418 31.89 3.76 23.89
CA THR F 418 32.47 2.41 23.68
C THR F 418 33.35 2.33 22.44
N GLY F 419 34.65 2.55 22.61
CA GLY F 419 35.56 2.50 21.49
C GLY F 419 36.87 3.20 21.76
N LEU F 420 37.94 2.81 21.07
CA LEU F 420 39.23 3.44 21.27
C LEU F 420 40.00 3.55 19.95
N ILE F 421 39.92 4.70 19.32
CA ILE F 421 40.63 4.97 18.08
C ILE F 421 41.44 6.22 18.39
N LEU F 422 42.76 6.11 18.33
CA LEU F 422 43.63 7.23 18.63
C LEU F 422 44.90 7.15 17.79
N THR F 423 45.66 8.25 17.77
CA THR F 423 46.89 8.32 17.00
C THR F 423 48.12 7.86 17.79
N ARG F 424 49.31 8.02 17.20
CA ARG F 424 50.51 7.63 17.91
C ARG F 424 51.66 8.52 17.48
N ASP F 425 52.68 8.59 18.34
CA ASP F 425 53.86 9.39 18.01
C ASP F 425 54.56 8.72 16.84
N GLY F 426 54.97 7.48 17.03
CA GLY F 426 55.63 6.73 15.98
C GLY F 426 57.13 6.70 16.05
N GLY F 427 57.74 7.04 17.17
CA GLY F 427 59.18 7.01 17.27
C GLY F 427 59.67 5.63 17.63
N SER F 428 60.99 5.51 17.76
CA SER F 428 61.59 4.23 18.12
C SER F 428 62.62 4.37 19.26
N THR F 429 62.19 4.32 20.55
CA THR F 429 60.83 4.24 21.18
C THR F 429 59.98 3.03 20.66
N ASN F 430 60.62 1.88 20.43
CA ASN F 430 59.87 0.74 19.95
C ASN F 430 59.37 -0.12 21.11
N SER F 431 60.29 -0.65 21.92
CA SER F 431 59.94 -1.48 23.06
C SER F 431 60.49 -0.89 24.34
N THR F 432 61.25 0.21 24.25
CA THR F 432 61.78 0.87 25.43
C THR F 432 60.54 1.41 26.12
N THR F 433 59.80 2.26 25.42
CA THR F 433 58.55 2.81 25.91
C THR F 433 57.66 3.01 24.70
N GLU F 434 56.36 2.88 24.91
CA GLU F 434 55.38 3.09 23.86
C GLU F 434 54.56 4.30 24.24
N THR F 435 54.38 5.21 23.30
CA THR F 435 53.63 6.43 23.59
C THR F 435 52.56 6.62 22.53
N PHE F 436 51.33 6.87 23.00
CA PHE F 436 50.18 7.04 22.12
C PHE F 436 49.45 8.33 22.45
N ARG F 437 48.91 8.97 21.42
CA ARG F 437 48.18 10.22 21.59
C ARG F 437 46.74 10.10 21.09
N PRO F 438 45.81 10.86 21.67
CA PRO F 438 44.42 10.81 21.19
C PRO F 438 44.31 11.45 19.82
N GLY F 439 43.16 11.23 19.19
CA GLY F 439 42.89 11.74 17.87
C GLY F 439 42.21 10.67 17.05
N GLY F 440 42.21 10.84 15.73
CA GLY F 440 41.59 9.86 14.88
C GLY F 440 40.09 9.97 14.77
N GLY F 441 39.41 8.82 14.64
CA GLY F 441 37.97 8.81 14.51
C GLY F 441 37.57 9.28 13.12
N ASP F 442 38.00 8.55 12.11
CA ASP F 442 37.69 8.90 10.72
C ASP F 442 36.24 8.54 10.44
N MET F 443 35.63 9.25 9.48
CA MET F 443 34.25 8.95 9.14
C MET F 443 34.29 7.67 8.32
N ARG F 444 35.32 7.54 7.47
CA ARG F 444 35.52 6.36 6.67
C ARG F 444 35.86 5.17 7.58
N ASP F 445 36.72 5.38 8.58
CA ASP F 445 37.09 4.30 9.49
C ASP F 445 36.03 3.93 10.51
N ASN F 446 35.24 4.90 11.02
CA ASN F 446 34.19 4.55 11.98
C ASN F 446 33.16 3.73 11.23
N TRP F 447 32.95 4.11 9.96
CA TRP F 447 32.07 3.43 9.04
C TRP F 447 32.52 1.98 8.86
N ARG F 448 33.82 1.74 8.78
CA ARG F 448 34.34 0.39 8.68
C ARG F 448 34.25 -0.34 10.03
N SER F 449 34.40 0.42 11.12
CA SER F 449 34.41 -0.09 12.48
C SER F 449 33.08 -0.62 12.99
N GLU F 450 31.95 -0.23 12.40
CA GLU F 450 30.70 -0.80 12.91
C GLU F 450 30.43 -2.20 12.38
N LEU F 451 30.57 -2.38 11.07
CA LEU F 451 30.29 -3.64 10.34
C LEU F 451 31.47 -4.57 10.10
N TYR F 452 32.42 -4.61 11.03
CA TYR F 452 33.69 -5.36 10.97
C TYR F 452 33.78 -6.89 11.02
N LYS F 453 32.66 -7.63 11.10
CA LYS F 453 32.79 -9.09 11.15
C LYS F 453 31.97 -9.81 10.10
N TYR F 454 31.64 -9.16 9.00
CA TYR F 454 30.77 -9.75 8.02
C TYR F 454 31.21 -9.76 6.56
N LYS F 455 30.45 -10.50 5.75
CA LYS F 455 30.63 -10.60 4.31
C LYS F 455 29.32 -11.14 3.74
N VAL F 456 29.07 -10.84 2.46
CA VAL F 456 27.83 -11.25 1.79
C VAL F 456 28.05 -12.22 0.63
N VAL F 457 27.38 -13.37 0.70
CA VAL F 457 27.42 -14.40 -0.33
C VAL F 457 26.00 -14.87 -0.63
N LYS F 458 25.76 -15.30 -1.87
CA LYS F 458 24.44 -15.76 -2.28
C LYS F 458 24.52 -17.09 -3.01
N ILE F 459 23.36 -17.72 -3.25
CA ILE F 459 23.33 -19.02 -3.90
C ILE F 459 21.96 -19.42 -4.46
N GLU F 460 21.97 -20.29 -5.48
CA GLU F 460 20.93 -21.02 -6.16
C GLU F 460 21.07 -22.47 -5.73
N PRO F 461 19.98 -23.22 -5.61
CA PRO F 461 20.09 -24.60 -5.09
C PRO F 461 20.76 -25.64 -5.99
N LEU F 462 22.10 -25.67 -6.09
CA LEU F 462 22.81 -26.64 -6.95
C LEU F 462 24.13 -27.19 -6.42
N GLY F 463 24.72 -28.16 -7.14
CA GLY F 463 25.98 -28.81 -6.76
C GLY F 463 26.13 -30.23 -7.34
N VAL F 464 27.34 -30.71 -7.63
CA VAL F 464 27.49 -32.04 -8.21
C VAL F 464 28.34 -33.11 -7.52
N ALA F 465 28.26 -34.33 -8.09
CA ALA F 465 28.91 -35.61 -7.84
C ALA F 465 28.97 -36.31 -9.19
N PRO F 466 30.09 -36.45 -9.81
CA PRO F 466 30.08 -37.12 -11.12
C PRO F 466 29.90 -38.63 -11.04
N THR F 467 28.72 -39.12 -11.37
CA THR F 467 28.45 -40.54 -11.26
C THR F 467 28.08 -41.25 -12.55
N ARG F 468 27.89 -42.55 -12.42
CA ARG F 468 27.44 -43.40 -13.50
C ARG F 468 26.12 -43.93 -13.00
N CYS F 469 25.36 -43.07 -12.32
CA CYS F 469 24.08 -43.51 -11.84
C CYS F 469 23.23 -43.84 -13.03
N LYS F 470 23.18 -42.87 -13.95
CA LYS F 470 22.43 -42.87 -15.22
C LYS F 470 20.89 -42.94 -15.28
N ARG F 471 20.20 -41.88 -14.93
CA ARG F 471 18.74 -41.96 -15.02
C ARG F 471 18.18 -41.45 -16.37
N ARG F 472 16.99 -41.93 -16.78
CA ARG F 472 16.36 -41.47 -18.01
C ARG F 472 15.99 -40.04 -17.69
N VAL F 473 16.51 -39.11 -18.49
CA VAL F 473 16.29 -37.69 -18.31
C VAL F 473 16.78 -37.25 -16.92
N LYS G 1 -17.04 -27.79 48.63
CA LYS G 1 -18.09 -27.53 49.60
C LYS G 1 -17.48 -27.02 50.91
N LYS G 2 -18.08 -25.97 51.47
CA LYS G 2 -17.61 -25.37 52.70
C LYS G 2 -18.75 -25.12 53.68
N VAL G 3 -18.51 -25.42 54.95
CA VAL G 3 -19.48 -25.23 56.01
C VAL G 3 -19.11 -23.96 56.78
N VAL G 4 -20.01 -22.99 56.81
CA VAL G 4 -19.78 -21.72 57.50
C VAL G 4 -20.84 -21.51 58.58
N LEU G 5 -20.40 -21.16 59.78
CA LEU G 5 -21.30 -20.91 60.88
C LEU G 5 -21.78 -19.46 60.83
N GLY G 6 -22.72 -19.11 61.70
CA GLY G 6 -23.22 -17.75 61.72
C GLY G 6 -24.26 -17.57 62.80
N LYS G 7 -24.63 -16.31 63.00
CA LYS G 7 -25.62 -15.91 63.99
C LYS G 7 -26.57 -14.90 63.34
N LYS G 8 -27.80 -14.83 63.86
CA LYS G 8 -28.80 -13.93 63.33
C LYS G 8 -28.38 -12.47 63.48
N GLY G 9 -28.34 -11.75 62.36
CA GLY G 9 -27.96 -10.35 62.37
C GLY G 9 -26.48 -10.08 62.23
N ASP G 10 -25.80 -10.84 61.38
CA ASP G 10 -24.37 -10.67 61.15
C ASP G 10 -24.06 -10.46 59.67
N THR G 11 -23.22 -9.48 59.38
CA THR G 11 -22.83 -9.21 58.00
C THR G 11 -21.91 -10.36 57.59
N VAL G 12 -22.46 -11.34 56.88
CA VAL G 12 -21.70 -12.51 56.46
C VAL G 12 -21.41 -12.41 54.97
N GLU G 13 -20.28 -13.00 54.55
CA GLU G 13 -19.85 -13.02 53.17
C GLU G 13 -19.68 -14.47 52.73
N LEU G 14 -20.24 -14.81 51.58
CA LEU G 14 -20.14 -16.14 51.01
C LEU G 14 -19.41 -16.04 49.69
N THR G 15 -18.19 -16.54 49.66
CA THR G 15 -17.39 -16.46 48.44
C THR G 15 -17.77 -17.48 47.37
N CYS G 16 -17.48 -17.12 46.11
CA CYS G 16 -17.74 -17.97 44.95
C CYS G 16 -16.41 -17.95 44.22
N THR G 17 -15.50 -18.84 44.60
CA THR G 17 -14.15 -18.89 44.05
C THR G 17 -13.98 -19.92 42.95
N ALA G 18 -13.46 -19.47 41.81
CA ALA G 18 -13.18 -20.31 40.67
C ALA G 18 -11.70 -20.68 40.68
N SER G 19 -11.26 -21.38 39.64
CA SER G 19 -9.87 -21.80 39.55
C SER G 19 -9.05 -20.81 38.72
N GLN G 20 -9.66 -20.23 37.69
CA GLN G 20 -8.99 -19.28 36.81
C GLN G 20 -9.37 -17.85 37.19
N LYS G 21 -8.40 -16.94 37.11
CA LYS G 21 -8.61 -15.52 37.44
C LYS G 21 -9.37 -14.77 36.35
N LYS G 22 -10.66 -15.09 36.23
CA LYS G 22 -11.53 -14.47 35.24
C LYS G 22 -12.94 -14.23 35.77
N SER G 23 -13.64 -13.29 35.15
CA SER G 23 -15.02 -12.96 35.51
C SER G 23 -15.97 -13.58 34.51
N ILE G 24 -16.75 -14.56 34.96
CA ILE G 24 -17.70 -15.25 34.08
C ILE G 24 -19.13 -15.15 34.57
N GLN G 25 -20.05 -15.73 33.80
CA GLN G 25 -21.48 -15.74 34.12
C GLN G 25 -21.74 -16.67 35.30
N PHE G 26 -21.88 -16.10 36.49
CA PHE G 26 -22.13 -16.87 37.70
C PHE G 26 -23.58 -16.69 38.11
N HIS G 27 -24.05 -17.58 38.97
CA HIS G 27 -25.42 -17.53 39.47
C HIS G 27 -25.54 -17.96 40.92
N TRP G 28 -25.84 -17.01 41.80
CA TRP G 28 -26.03 -17.34 43.21
C TRP G 28 -27.42 -17.92 43.40
N LYS G 29 -27.51 -19.04 44.11
CA LYS G 29 -28.78 -19.71 44.32
C LYS G 29 -28.97 -20.25 45.73
N ASN G 30 -30.23 -20.53 46.06
CA ASN G 30 -30.61 -21.11 47.34
C ASN G 30 -30.60 -22.63 47.16
N SER G 31 -31.15 -23.37 48.12
CA SER G 31 -31.19 -24.82 47.98
C SER G 31 -32.18 -25.24 46.90
N ASN G 32 -33.13 -24.38 46.57
CA ASN G 32 -34.14 -24.66 45.55
C ASN G 32 -33.71 -24.18 44.17
N GLN G 33 -32.42 -23.87 44.00
CA GLN G 33 -31.83 -23.39 42.74
C GLN G 33 -32.52 -22.13 42.20
N ILE G 34 -33.03 -21.30 43.09
CA ILE G 34 -33.71 -20.05 42.72
C ILE G 34 -32.62 -18.98 42.60
N LYS G 35 -32.70 -18.17 41.54
CA LYS G 35 -31.70 -17.15 41.27
C LYS G 35 -31.61 -16.04 42.33
N ILE G 36 -30.55 -16.05 43.13
CA ILE G 36 -30.39 -15.00 44.14
C ILE G 36 -29.86 -13.79 43.38
N LEU G 37 -28.70 -13.92 42.76
CA LEU G 37 -28.09 -12.86 41.98
C LEU G 37 -27.06 -13.45 41.02
N GLY G 38 -26.58 -12.60 40.11
CA GLY G 38 -25.58 -13.01 39.13
C GLY G 38 -24.99 -11.80 38.43
N ASN G 39 -24.67 -11.94 37.14
CA ASN G 39 -24.11 -10.83 36.39
C ASN G 39 -24.30 -10.94 34.88
N GLN G 40 -24.23 -9.81 34.20
CA GLN G 40 -24.31 -9.77 32.76
C GLN G 40 -22.93 -9.34 32.26
N GLY G 41 -21.90 -9.79 32.95
CA GLY G 41 -20.52 -9.48 32.63
C GLY G 41 -20.00 -8.25 33.35
N SER G 42 -20.81 -7.19 33.42
CA SER G 42 -20.39 -5.95 34.07
C SER G 42 -21.48 -5.31 34.93
N PHE G 43 -22.59 -6.00 35.13
CA PHE G 43 -23.68 -5.46 35.94
C PHE G 43 -24.02 -6.39 37.10
N LEU G 44 -24.76 -5.86 38.07
CA LEU G 44 -25.19 -6.62 39.23
C LEU G 44 -26.67 -6.96 39.07
N THR G 45 -26.95 -8.19 38.64
CA THR G 45 -28.33 -8.62 38.44
C THR G 45 -28.86 -9.35 39.66
N LYS G 46 -29.54 -8.61 40.53
CA LYS G 46 -30.12 -9.24 41.71
C LYS G 46 -31.32 -10.04 41.23
N GLY G 47 -31.10 -11.34 41.01
CA GLY G 47 -32.12 -12.23 40.50
C GLY G 47 -33.36 -12.32 41.36
N PRO G 48 -34.39 -13.00 40.85
CA PRO G 48 -35.64 -13.13 41.60
C PRO G 48 -35.44 -13.98 42.84
N SER G 49 -35.47 -13.36 44.01
CA SER G 49 -35.27 -14.07 45.26
C SER G 49 -35.87 -13.36 46.45
N LYS G 50 -35.85 -14.04 47.59
CA LYS G 50 -36.39 -13.49 48.83
C LYS G 50 -35.35 -12.60 49.50
N LEU G 51 -34.07 -12.86 49.26
CA LEU G 51 -32.96 -12.12 49.85
C LEU G 51 -32.45 -11.03 48.92
N ASN G 52 -33.35 -10.41 48.16
CA ASN G 52 -32.99 -9.35 47.23
C ASN G 52 -32.34 -8.17 47.95
N ASP G 53 -32.91 -7.73 49.06
CA ASP G 53 -32.37 -6.62 49.81
C ASP G 53 -31.28 -7.06 50.80
N ARG G 54 -31.11 -8.36 50.99
CA ARG G 54 -30.08 -8.85 51.92
C ARG G 54 -28.77 -9.19 51.20
N ALA G 55 -28.84 -10.01 50.16
CA ALA G 55 -27.65 -10.42 49.43
C ALA G 55 -27.09 -9.31 48.56
N ASP G 56 -25.77 -9.27 48.44
CA ASP G 56 -25.06 -8.28 47.63
C ASP G 56 -23.68 -8.80 47.29
N SER G 57 -23.29 -8.65 46.03
CA SER G 57 -21.99 -9.11 45.55
C SER G 57 -20.94 -8.02 45.50
N ARG G 58 -19.68 -8.43 45.55
CA ARG G 58 -18.55 -7.49 45.48
C ARG G 58 -18.13 -7.36 44.02
N ARG G 59 -17.90 -6.12 43.60
CA ARG G 59 -17.53 -5.85 42.22
C ARG G 59 -16.08 -6.14 41.86
N SER G 60 -15.14 -5.66 42.69
CA SER G 60 -13.71 -5.78 42.43
C SER G 60 -13.05 -7.15 42.42
N LEU G 61 -13.70 -8.20 42.93
CA LEU G 61 -13.06 -9.50 42.94
C LEU G 61 -13.51 -10.44 41.82
N TRP G 62 -14.40 -9.97 40.94
CA TRP G 62 -14.87 -10.82 39.85
C TRP G 62 -13.73 -11.16 38.89
N ASP G 63 -12.89 -10.18 38.57
CA ASP G 63 -11.75 -10.42 37.71
C ASP G 63 -10.73 -11.24 38.49
N GLN G 64 -10.78 -11.16 39.82
CA GLN G 64 -9.88 -11.90 40.70
C GLN G 64 -10.41 -13.31 40.95
N GLY G 65 -11.46 -13.72 40.24
CA GLY G 65 -12.01 -15.05 40.36
C GLY G 65 -13.13 -15.24 41.37
N ASN G 66 -13.31 -14.30 42.30
CA ASN G 66 -14.35 -14.45 43.31
C ASN G 66 -15.62 -13.69 42.93
N PHE G 67 -16.77 -14.34 43.10
CA PHE G 67 -18.07 -13.73 42.82
C PHE G 67 -18.86 -13.86 44.12
N PRO G 68 -18.42 -13.20 45.20
CA PRO G 68 -19.08 -13.39 46.50
C PRO G 68 -20.48 -12.85 46.64
N LEU G 69 -21.00 -13.01 47.86
CA LEU G 69 -22.34 -12.59 48.22
C LEU G 69 -22.34 -12.19 49.68
N ILE G 70 -22.62 -10.91 49.95
CA ILE G 70 -22.63 -10.35 51.30
C ILE G 70 -24.06 -10.15 51.75
N ILE G 71 -24.41 -10.76 52.88
CA ILE G 71 -25.75 -10.67 53.45
C ILE G 71 -25.79 -9.84 54.73
N LYS G 72 -26.53 -8.74 54.71
CA LYS G 72 -26.71 -7.92 55.90
C LYS G 72 -28.01 -8.26 56.60
N ASN G 73 -28.03 -8.09 57.93
CA ASN G 73 -29.19 -8.42 58.79
C ASN G 73 -29.52 -9.89 58.56
N LEU G 74 -28.55 -10.73 58.89
CA LEU G 74 -28.65 -12.18 58.71
C LEU G 74 -29.77 -12.76 59.57
N LYS G 75 -30.42 -13.80 59.06
CA LYS G 75 -31.53 -14.46 59.74
C LYS G 75 -31.40 -15.98 59.70
N ILE G 76 -32.26 -16.65 60.48
CA ILE G 76 -32.28 -18.11 60.50
C ILE G 76 -32.82 -18.50 59.13
N GLU G 77 -33.77 -17.71 58.61
CA GLU G 77 -34.33 -17.95 57.29
C GLU G 77 -33.30 -17.65 56.21
N ASP G 78 -32.30 -16.84 56.53
CA ASP G 78 -31.24 -16.50 55.58
C ASP G 78 -30.16 -17.59 55.59
N SER G 79 -30.29 -18.58 56.46
CA SER G 79 -29.34 -19.68 56.54
C SER G 79 -29.75 -20.77 55.56
N ASP G 80 -28.96 -20.97 54.53
CA ASP G 80 -29.26 -21.98 53.53
C ASP G 80 -27.97 -22.44 52.88
N THR G 81 -28.05 -23.54 52.14
CA THR G 81 -26.90 -24.08 51.43
C THR G 81 -26.88 -23.35 50.09
N TYR G 82 -26.26 -22.17 50.07
CA TYR G 82 -26.22 -21.36 48.88
C TYR G 82 -25.32 -21.91 47.77
N ILE G 83 -25.89 -22.04 46.57
CA ILE G 83 -25.19 -22.62 45.43
C ILE G 83 -24.35 -21.60 44.64
N CYS G 84 -23.04 -21.74 44.73
CA CYS G 84 -22.06 -20.92 44.05
C CYS G 84 -21.86 -21.50 42.64
N GLU G 85 -22.69 -21.09 41.68
CA GLU G 85 -22.58 -21.62 40.33
C GLU G 85 -21.47 -20.97 39.52
N VAL G 86 -20.30 -21.60 39.50
CA VAL G 86 -19.15 -21.11 38.76
C VAL G 86 -18.37 -22.31 38.23
N GLU G 87 -17.92 -22.21 36.96
CA GLU G 87 -17.11 -23.17 36.21
C GLU G 87 -17.59 -24.63 36.24
N ASP G 88 -18.86 -24.84 36.58
CA ASP G 88 -19.53 -26.13 36.74
C ASP G 88 -18.92 -27.02 37.83
N GLN G 89 -17.99 -26.47 38.61
CA GLN G 89 -17.40 -27.09 39.79
C GLN G 89 -17.86 -26.11 40.85
N LYS G 90 -19.08 -26.33 41.32
CA LYS G 90 -19.75 -25.43 42.24
C LYS G 90 -19.37 -25.59 43.71
N GLU G 91 -18.77 -24.55 44.27
CA GLU G 91 -18.40 -24.52 45.68
C GLU G 91 -19.63 -24.08 46.47
N GLU G 92 -20.62 -24.97 46.52
CA GLU G 92 -21.88 -24.70 47.20
C GLU G 92 -21.59 -24.52 48.68
N VAL G 93 -21.70 -23.28 49.15
CA VAL G 93 -21.40 -22.92 50.52
C VAL G 93 -22.59 -23.20 51.44
N GLN G 94 -22.28 -23.63 52.65
CA GLN G 94 -23.25 -23.95 53.68
C GLN G 94 -23.24 -22.87 54.75
N LEU G 95 -24.42 -22.48 55.23
CA LEU G 95 -24.55 -21.45 56.26
C LEU G 95 -25.42 -21.95 57.39
N LEU G 96 -24.93 -21.82 58.63
CA LEU G 96 -25.65 -22.25 59.82
C LEU G 96 -25.99 -21.08 60.74
N VAL G 97 -27.28 -20.76 60.83
CA VAL G 97 -27.78 -19.69 61.68
C VAL G 97 -28.98 -20.21 62.46
N PHE G 98 -28.85 -20.30 63.78
CA PHE G 98 -29.93 -20.79 64.63
C PHE G 98 -29.97 -20.03 65.94
N LYS H 1 -38.20 6.73 -45.09
CA LYS H 1 -38.58 7.90 -45.86
C LYS H 1 -39.95 8.40 -45.44
N LYS H 2 -40.08 9.71 -45.24
CA LYS H 2 -41.34 10.32 -44.83
C LYS H 2 -41.67 11.54 -45.67
N VAL H 3 -42.94 11.67 -46.05
CA VAL H 3 -43.43 12.79 -46.84
C VAL H 3 -44.15 13.75 -45.90
N VAL H 4 -43.69 14.99 -45.84
CA VAL H 4 -44.26 16.01 -44.98
C VAL H 4 -44.73 17.19 -45.82
N LEU H 5 -45.96 17.64 -45.60
CA LEU H 5 -46.52 18.77 -46.32
C LEU H 5 -46.12 20.07 -45.60
N GLY H 6 -46.44 21.19 -46.22
CA GLY H 6 -46.10 22.47 -45.61
C GLY H 6 -46.57 23.62 -46.46
N LYS H 7 -46.47 24.81 -45.87
CA LYS H 7 -46.87 26.06 -46.51
C LYS H 7 -45.76 27.08 -46.29
N LYS H 8 -45.67 28.06 -47.19
CA LYS H 8 -44.66 29.10 -47.10
C LYS H 8 -44.83 29.96 -45.84
N GLY H 9 -43.79 30.01 -45.02
CA GLY H 9 -43.83 30.79 -43.80
C GLY H 9 -44.34 30.05 -42.58
N ASP H 10 -43.96 28.78 -42.43
CA ASP H 10 -44.37 27.97 -41.30
C ASP H 10 -43.17 27.38 -40.58
N THR H 11 -43.19 27.46 -39.25
CA THR H 11 -42.11 26.89 -38.45
C THR H 11 -42.26 25.38 -38.52
N VAL H 12 -41.49 24.75 -39.39
CA VAL H 12 -41.57 23.30 -39.59
C VAL H 12 -40.36 22.64 -38.94
N GLU H 13 -40.55 21.41 -38.48
CA GLU H 13 -39.51 20.60 -37.86
C GLU H 13 -39.35 19.31 -38.63
N LEU H 14 -38.11 18.97 -38.95
CA LEU H 14 -37.78 17.76 -39.67
C LEU H 14 -36.92 16.88 -38.77
N THR H 15 -37.48 15.79 -38.28
CA THR H 15 -36.74 14.92 -37.38
C THR H 15 -35.72 14.02 -38.07
N CYS H 16 -34.70 13.63 -37.31
CA CYS H 16 -33.64 12.75 -37.77
C CYS H 16 -33.57 11.68 -36.67
N THR H 17 -34.41 10.66 -36.79
CA THR H 17 -34.52 9.62 -35.78
C THR H 17 -33.72 8.37 -36.09
N ALA H 18 -32.90 7.95 -35.14
CA ALA H 18 -32.09 6.76 -35.24
C ALA H 18 -32.80 5.62 -34.51
N SER H 19 -32.14 4.47 -34.44
CA SER H 19 -32.72 3.31 -33.77
C SER H 19 -32.24 3.21 -32.33
N GLN H 20 -31.00 3.60 -32.06
CA GLN H 20 -30.43 3.54 -30.73
C GLN H 20 -30.44 4.93 -30.09
N LYS H 21 -30.70 4.97 -28.78
CA LYS H 21 -30.78 6.22 -28.02
C LYS H 21 -29.39 6.80 -27.73
N LYS H 22 -28.74 7.30 -28.78
CA LYS H 22 -27.41 7.88 -28.67
C LYS H 22 -27.24 9.09 -29.59
N SER H 23 -26.27 9.94 -29.24
CA SER H 23 -25.95 11.13 -30.02
C SER H 23 -24.69 10.87 -30.85
N ILE H 24 -24.84 10.81 -32.17
CA ILE H 24 -23.71 10.55 -33.05
C ILE H 24 -23.49 11.66 -34.08
N GLN H 25 -22.46 11.50 -34.90
CA GLN H 25 -22.12 12.47 -35.94
C GLN H 25 -23.15 12.40 -37.07
N PHE H 26 -24.09 13.34 -37.07
CA PHE H 26 -25.12 13.40 -38.08
C PHE H 26 -24.82 14.54 -39.03
N HIS H 27 -25.48 14.51 -40.20
CA HIS H 27 -25.30 15.54 -41.21
C HIS H 27 -26.58 15.86 -41.96
N TRP H 28 -27.13 17.05 -41.73
CA TRP H 28 -28.33 17.46 -42.45
C TRP H 28 -27.93 17.94 -43.82
N LYS H 29 -28.64 17.45 -44.84
CA LYS H 29 -28.34 17.81 -46.23
C LYS H 29 -29.55 18.08 -47.09
N ASN H 30 -29.32 18.75 -48.21
CA ASN H 30 -30.34 19.05 -49.20
C ASN H 30 -30.35 17.89 -50.20
N SER H 31 -31.02 18.06 -51.34
CA SER H 31 -31.03 16.99 -52.34
C SER H 31 -29.67 16.87 -53.02
N ASN H 32 -28.87 17.93 -52.98
CA ASN H 32 -27.54 17.94 -53.57
C ASN H 32 -26.46 17.51 -52.60
N GLN H 33 -26.85 16.90 -51.47
CA GLN H 33 -25.95 16.42 -50.42
C GLN H 33 -25.02 17.51 -49.86
N ILE H 34 -25.50 18.75 -49.86
CA ILE H 34 -24.75 19.89 -49.35
C ILE H 34 -25.02 19.96 -47.86
N LYS H 35 -23.96 20.20 -47.07
CA LYS H 35 -24.07 20.23 -45.61
C LYS H 35 -24.93 21.36 -45.06
N ILE H 36 -26.13 21.02 -44.57
CA ILE H 36 -26.98 22.05 -43.98
C ILE H 36 -26.43 22.32 -42.58
N LEU H 37 -26.40 21.29 -41.75
CA LEU H 37 -25.88 21.40 -40.39
C LEU H 37 -25.54 20.00 -39.86
N GLY H 38 -24.87 19.97 -38.72
CA GLY H 38 -24.48 18.73 -38.07
C GLY H 38 -23.99 18.97 -36.67
N ASN H 39 -23.00 18.20 -36.22
CA ASN H 39 -22.46 18.37 -34.87
C ASN H 39 -21.06 17.83 -34.70
N GLN H 40 -20.37 18.35 -33.68
CA GLN H 40 -19.03 17.87 -33.33
C GLN H 40 -19.17 17.18 -31.98
N GLY H 41 -20.29 16.50 -31.78
CA GLY H 41 -20.59 15.79 -30.55
C GLY H 41 -21.33 16.62 -29.54
N SER H 42 -20.93 17.89 -29.36
CA SER H 42 -21.58 18.76 -28.39
C SER H 42 -21.80 20.17 -28.90
N PHE H 43 -21.55 20.43 -30.17
CA PHE H 43 -21.73 21.76 -30.73
C PHE H 43 -22.69 21.74 -31.91
N LEU H 44 -23.18 22.93 -32.28
CA LEU H 44 -24.10 23.07 -33.40
C LEU H 44 -23.33 23.65 -34.59
N THR H 45 -22.95 22.79 -35.52
CA THR H 45 -22.20 23.22 -36.70
C THR H 45 -23.11 23.47 -37.87
N LYS H 46 -23.52 24.73 -38.04
CA LYS H 46 -24.37 25.07 -39.16
C LYS H 46 -23.49 25.03 -40.39
N GLY H 47 -23.52 23.90 -41.10
CA GLY H 47 -22.70 23.68 -42.27
C GLY H 47 -22.93 24.68 -43.39
N PRO H 48 -22.07 24.61 -44.42
CA PRO H 48 -22.21 25.55 -45.54
C PRO H 48 -23.48 25.29 -46.31
N SER H 49 -24.44 26.19 -46.20
CA SER H 49 -25.71 26.03 -46.89
C SER H 49 -26.44 27.35 -47.11
N LYS H 50 -27.54 27.27 -47.86
CA LYS H 50 -28.34 28.46 -48.16
C LYS H 50 -29.30 28.73 -47.01
N LEU H 51 -29.69 27.69 -46.28
CA LEU H 51 -30.64 27.78 -45.17
C LEU H 51 -29.93 27.91 -43.83
N ASN H 52 -28.78 28.59 -43.81
CA ASN H 52 -28.01 28.77 -42.57
C ASN H 52 -28.82 29.49 -41.50
N ASP H 53 -29.51 30.58 -41.88
CA ASP H 53 -30.31 31.32 -40.92
C ASP H 53 -31.72 30.74 -40.75
N ARG H 54 -32.11 29.78 -41.60
CA ARG H 54 -33.42 29.17 -41.48
C ARG H 54 -33.41 27.88 -40.66
N ALA H 55 -32.54 26.94 -41.01
CA ALA H 55 -32.47 25.67 -40.32
C ALA H 55 -31.81 25.81 -38.94
N ASP H 56 -32.30 25.00 -38.00
CA ASP H 56 -31.80 24.99 -36.63
C ASP H 56 -32.15 23.67 -35.97
N SER H 57 -31.19 23.06 -35.28
CA SER H 57 -31.39 21.78 -34.61
C SER H 57 -31.71 21.92 -33.13
N ARG H 58 -32.36 20.90 -32.58
CA ARG H 58 -32.70 20.87 -31.17
C ARG H 58 -31.58 20.17 -30.42
N ARG H 59 -31.17 20.76 -29.29
CA ARG H 59 -30.08 20.21 -28.50
C ARG H 59 -30.44 19.00 -27.62
N SER H 60 -31.55 19.09 -26.89
CA SER H 60 -31.97 18.06 -25.93
C SER H 60 -32.40 16.69 -26.45
N LEU H 61 -32.66 16.53 -27.74
CA LEU H 61 -33.08 15.21 -28.22
C LEU H 61 -31.99 14.40 -28.89
N TRP H 62 -30.75 14.92 -28.94
CA TRP H 62 -29.66 14.19 -29.56
C TRP H 62 -29.35 12.92 -28.79
N ASP H 63 -29.34 13.00 -27.46
CA ASP H 63 -29.10 11.82 -26.64
C ASP H 63 -30.34 10.92 -26.72
N GLN H 64 -31.49 11.51 -27.04
CA GLN H 64 -32.74 10.79 -27.18
C GLN H 64 -32.88 10.19 -28.58
N GLY H 65 -31.81 10.25 -29.39
CA GLY H 65 -31.81 9.68 -30.72
C GLY H 65 -32.23 10.59 -31.86
N ASN H 66 -32.89 11.71 -31.57
CA ASN H 66 -33.33 12.62 -32.63
C ASN H 66 -32.35 13.76 -32.86
N PHE H 67 -32.07 14.05 -34.12
CA PHE H 67 -31.18 15.14 -34.50
C PHE H 67 -31.99 16.01 -35.45
N PRO H 68 -33.08 16.64 -34.97
CA PRO H 68 -33.95 17.37 -35.88
C PRO H 68 -33.41 18.65 -36.49
N LEU H 69 -34.28 19.30 -37.24
CA LEU H 69 -33.96 20.52 -37.95
C LEU H 69 -35.23 21.37 -38.05
N ILE H 70 -35.21 22.53 -37.42
CA ILE H 70 -36.35 23.44 -37.37
C ILE H 70 -36.09 24.61 -38.32
N ILE H 71 -37.00 24.82 -39.28
CA ILE H 71 -36.91 25.89 -40.24
C ILE H 71 -37.95 26.98 -40.02
N LYS H 72 -37.49 28.20 -39.76
CA LYS H 72 -38.38 29.33 -39.60
C LYS H 72 -38.46 30.13 -40.90
N ASN H 73 -39.62 30.76 -41.13
CA ASN H 73 -39.90 31.54 -42.35
C ASN H 73 -39.69 30.60 -43.55
N LEU H 74 -40.51 29.55 -43.57
CA LEU H 74 -40.44 28.52 -44.60
C LEU H 74 -40.77 29.09 -45.97
N LYS H 75 -40.13 28.55 -47.01
CA LYS H 75 -40.30 28.99 -48.38
C LYS H 75 -40.47 27.82 -49.34
N ILE H 76 -40.86 28.15 -50.58
CA ILE H 76 -41.02 27.13 -51.62
C ILE H 76 -39.59 26.66 -51.90
N GLU H 77 -38.62 27.59 -51.85
CA GLU H 77 -37.23 27.25 -52.05
C GLU H 77 -36.70 26.44 -50.88
N ASP H 78 -37.35 26.54 -49.72
CA ASP H 78 -36.94 25.80 -48.54
C ASP H 78 -37.53 24.40 -48.57
N SER H 79 -38.35 24.09 -49.57
CA SER H 79 -38.96 22.77 -49.72
C SER H 79 -38.01 21.88 -50.51
N ASP H 80 -37.47 20.87 -49.84
CA ASP H 80 -36.54 19.96 -50.49
C ASP H 80 -36.58 18.63 -49.78
N THR H 81 -36.00 17.61 -50.41
CA THR H 81 -35.94 16.28 -49.83
C THR H 81 -34.68 16.28 -48.97
N TYR H 82 -34.82 16.74 -47.72
CA TYR H 82 -33.68 16.85 -46.83
C TYR H 82 -33.16 15.51 -46.33
N ILE H 83 -31.85 15.29 -46.49
CA ILE H 83 -31.21 14.04 -46.12
C ILE H 83 -30.78 13.97 -44.65
N CYS H 84 -31.46 13.13 -43.89
CA CYS H 84 -31.20 12.86 -42.48
C CYS H 84 -30.10 11.81 -42.40
N GLU H 85 -28.84 12.23 -42.43
CA GLU H 85 -27.73 11.27 -42.37
C GLU H 85 -27.44 10.77 -40.96
N VAL H 86 -28.01 9.63 -40.62
CA VAL H 86 -27.80 9.01 -39.31
C VAL H 86 -27.80 7.49 -39.49
N GLU H 87 -26.87 6.82 -38.79
CA GLU H 87 -26.67 5.36 -38.73
C GLU H 87 -26.62 4.63 -40.06
N ASP H 88 -26.38 5.36 -41.16
CA ASP H 88 -26.34 4.90 -42.54
C ASP H 88 -27.67 4.32 -43.03
N GLN H 89 -28.73 4.44 -42.23
CA GLN H 89 -30.10 4.10 -42.57
C GLN H 89 -30.75 5.47 -42.47
N LYS H 90 -30.64 6.21 -43.56
CA LYS H 90 -31.08 7.60 -43.62
C LYS H 90 -32.56 7.81 -43.85
N GLU H 91 -33.23 8.42 -42.87
CA GLU H 91 -34.64 8.74 -42.96
C GLU H 91 -34.77 10.08 -43.69
N GLU H 92 -34.44 10.07 -44.98
CA GLU H 92 -34.46 11.26 -45.81
C GLU H 92 -35.89 11.77 -45.87
N VAL H 93 -36.14 12.89 -45.20
CA VAL H 93 -37.46 13.49 -45.10
C VAL H 93 -37.77 14.34 -46.32
N GLN H 94 -39.04 14.31 -46.74
CA GLN H 94 -39.55 15.05 -47.88
C GLN H 94 -40.40 16.21 -47.39
N LEU H 95 -40.26 17.38 -48.03
CA LEU H 95 -41.02 18.56 -47.67
C LEU H 95 -41.68 19.15 -48.90
N LEU H 96 -42.99 19.44 -48.79
CA LEU H 96 -43.77 20.00 -49.88
C LEU H 96 -44.32 21.38 -49.54
N VAL H 97 -43.79 22.40 -50.20
CA VAL H 97 -44.23 23.79 -50.01
C VAL H 97 -44.44 24.42 -51.37
N PHE H 98 -45.68 24.77 -51.69
CA PHE H 98 -45.99 25.39 -52.97
C PHE H 98 -47.08 26.45 -52.81
N LYS I 1 56.95 8.71 -9.35
CA LYS I 1 58.05 9.46 -8.74
C LYS I 1 58.38 10.70 -9.56
N LYS I 2 58.51 11.84 -8.88
CA LYS I 2 58.82 13.10 -9.53
C LYS I 2 59.92 13.85 -8.80
N VAL I 3 60.83 14.44 -9.58
CA VAL I 3 61.94 15.22 -9.04
C VAL I 3 61.60 16.69 -9.22
N VAL I 4 61.54 17.42 -8.11
CA VAL I 4 61.21 18.84 -8.11
C VAL I 4 62.34 19.65 -7.50
N LEU I 5 62.73 20.72 -8.18
CA LEU I 5 63.79 21.58 -7.70
C LEU I 5 63.20 22.64 -6.76
N GLY I 6 64.06 23.43 -6.15
CA GLY I 6 63.57 24.45 -5.23
C GLY I 6 64.72 25.25 -4.66
N LYS I 7 64.36 26.33 -3.98
CA LYS I 7 65.30 27.24 -3.35
C LYS I 7 64.80 27.55 -1.95
N LYS I 8 65.71 27.91 -1.05
CA LYS I 8 65.36 28.23 0.33
C LYS I 8 64.45 29.45 0.42
N GLY I 9 63.27 29.26 1.00
CA GLY I 9 62.33 30.35 1.17
C GLY I 9 61.34 30.53 0.03
N ASP I 10 60.84 29.44 -0.52
CA ASP I 10 59.88 29.48 -1.61
C ASP I 10 58.62 28.69 -1.28
N THR I 11 57.46 29.29 -1.56
CA THR I 11 56.19 28.61 -1.32
C THR I 11 56.09 27.52 -2.37
N VAL I 12 56.39 26.28 -1.97
CA VAL I 12 56.37 25.15 -2.88
C VAL I 12 55.17 24.27 -2.57
N GLU I 13 54.68 23.58 -3.59
CA GLU I 13 53.54 22.67 -3.47
C GLU I 13 53.95 21.29 -3.97
N LEU I 14 53.62 20.28 -3.19
CA LEU I 14 53.92 18.89 -3.52
C LEU I 14 52.60 18.14 -3.64
N THR I 15 52.24 17.78 -4.87
CA THR I 15 50.98 17.10 -5.09
C THR I 15 51.00 15.62 -4.71
N CYS I 16 49.82 15.10 -4.39
CA CYS I 16 49.62 13.69 -4.05
C CYS I 16 48.45 13.30 -4.94
N THR I 17 48.76 12.92 -6.18
CA THR I 17 47.74 12.59 -7.16
C THR I 17 47.45 11.10 -7.28
N ALA I 18 46.19 10.75 -7.13
CA ALA I 18 45.74 9.37 -7.25
C ALA I 18 45.21 9.18 -8.67
N SER I 19 44.68 7.99 -8.94
CA SER I 19 44.14 7.69 -10.26
C SER I 19 42.64 7.94 -10.31
N GLN I 20 41.93 7.65 -9.22
CA GLN I 20 40.49 7.82 -9.15
C GLN I 20 40.15 9.14 -8.45
N LYS I 21 39.11 9.81 -8.94
CA LYS I 21 38.68 11.10 -8.39
C LYS I 21 37.91 10.94 -7.08
N LYS I 22 38.63 10.56 -6.02
CA LYS I 22 38.06 10.36 -4.70
C LYS I 22 38.98 10.83 -3.59
N SER I 23 38.40 11.12 -2.43
CA SER I 23 39.14 11.55 -1.27
C SER I 23 39.28 10.38 -0.30
N ILE I 24 40.52 9.90 -0.14
CA ILE I 24 40.77 8.76 0.74
C ILE I 24 41.75 9.10 1.86
N GLN I 25 42.01 8.13 2.73
CA GLN I 25 42.94 8.29 3.84
C GLN I 25 44.36 8.32 3.31
N PHE I 26 44.91 9.53 3.19
CA PHE I 26 46.26 9.70 2.70
C PHE I 26 47.17 10.05 3.88
N HIS I 27 48.48 9.89 3.67
CA HIS I 27 49.46 10.18 4.71
C HIS I 27 50.73 10.78 4.14
N TRP I 28 50.97 12.05 4.42
CA TRP I 28 52.20 12.67 3.97
C TRP I 28 53.31 12.28 4.93
N LYS I 29 54.42 11.81 4.38
CA LYS I 29 55.54 11.38 5.19
C LYS I 29 56.87 11.87 4.66
N ASN I 30 57.89 11.85 5.52
CA ASN I 30 59.24 12.24 5.16
C ASN I 30 59.96 10.99 4.69
N SER I 31 61.29 11.05 4.53
CA SER I 31 62.02 9.86 4.10
C SER I 31 62.06 8.81 5.20
N ASN I 32 61.85 9.21 6.45
CA ASN I 32 61.84 8.30 7.58
C ASN I 32 60.43 7.80 7.89
N GLN I 33 59.50 8.00 6.96
CA GLN I 33 58.10 7.57 7.09
C GLN I 33 57.39 8.16 8.32
N ILE I 34 57.79 9.34 8.75
CA ILE I 34 57.18 10.01 9.90
C ILE I 34 56.00 10.80 9.37
N LYS I 35 54.87 10.74 10.07
CA LYS I 35 53.64 11.41 9.64
C LYS I 35 53.72 12.92 9.56
N ILE I 36 53.73 13.47 8.34
CA ILE I 36 53.75 14.92 8.19
C ILE I 36 52.33 15.39 8.44
N LEU I 37 51.39 14.93 7.62
CA LEU I 37 49.98 15.27 7.75
C LEU I 37 49.12 14.24 7.02
N GLY I 38 47.81 14.34 7.22
CA GLY I 38 46.87 13.44 6.61
C GLY I 38 45.44 13.93 6.78
N ASN I 39 44.49 13.00 6.96
CA ASN I 39 43.10 13.37 7.14
C ASN I 39 42.24 12.32 7.82
N GLN I 40 41.12 12.76 8.36
CA GLN I 40 40.14 11.87 8.97
C GLN I 40 38.91 11.96 8.09
N GLY I 41 39.12 12.09 6.78
CA GLY I 41 38.06 12.20 5.80
C GLY I 41 37.61 13.62 5.53
N SER I 42 37.47 14.43 6.58
CA SER I 42 37.03 15.81 6.42
C SER I 42 37.81 16.81 7.26
N PHE I 43 38.89 16.37 7.91
CA PHE I 43 39.69 17.26 8.74
C PHE I 43 41.14 17.28 8.28
N LEU I 44 41.89 18.28 8.74
CA LEU I 44 43.30 18.41 8.40
C LEU I 44 44.12 17.99 9.61
N THR I 45 44.58 16.74 9.61
CA THR I 45 45.37 16.22 10.72
C THR I 45 46.85 16.37 10.45
N LYS I 46 47.42 17.49 10.91
CA LYS I 46 48.84 17.74 10.75
C LYS I 46 49.54 16.78 11.70
N GLY I 47 50.03 15.66 11.17
CA GLY I 47 50.67 14.64 11.96
C GLY I 47 51.90 15.10 12.70
N PRO I 48 52.42 14.24 13.59
CA PRO I 48 53.61 14.60 14.36
C PRO I 48 54.82 14.71 13.46
N SER I 49 55.29 15.93 13.24
CA SER I 49 56.43 16.16 12.37
C SER I 49 57.15 17.46 12.70
N LYS I 50 58.27 17.68 12.03
CA LYS I 50 59.07 18.88 12.24
C LYS I 50 58.53 20.04 11.42
N LEU I 51 57.87 19.75 10.30
CA LEU I 51 57.33 20.76 9.39
C LEU I 51 55.86 21.03 9.64
N ASN I 52 55.45 20.96 10.92
CA ASN I 52 54.05 21.20 11.28
C ASN I 52 53.59 22.60 10.87
N ASP I 53 54.41 23.62 11.14
CA ASP I 53 54.06 24.98 10.77
C ASP I 53 54.43 25.30 9.32
N ARG I 54 55.14 24.41 8.65
CA ARG I 54 55.52 24.64 7.26
C ARG I 54 54.56 23.98 6.27
N ALA I 55 54.33 22.68 6.44
CA ALA I 55 53.45 21.94 5.53
C ALA I 55 51.98 22.27 5.75
N ASP I 56 51.23 22.25 4.65
CA ASP I 56 49.79 22.53 4.68
C ASP I 56 49.17 21.96 3.41
N SER I 57 48.05 21.26 3.58
CA SER I 57 47.36 20.64 2.46
C SER I 57 46.22 21.49 1.93
N ARG I 58 45.88 21.29 0.66
CA ARG I 58 44.77 22.00 0.04
C ARG I 58 43.51 21.19 0.25
N ARG I 59 42.45 21.87 0.65
CA ARG I 59 41.19 21.19 0.94
C ARG I 59 40.39 20.80 -0.30
N SER I 60 40.17 21.74 -1.22
CA SER I 60 39.33 21.53 -2.40
C SER I 60 39.74 20.49 -3.45
N LEU I 61 40.97 19.99 -3.44
CA LEU I 61 41.33 19.01 -4.46
C LEU I 61 41.31 17.57 -3.99
N TRP I 62 40.91 17.33 -2.74
CA TRP I 62 40.86 15.96 -2.22
C TRP I 62 39.82 15.13 -2.97
N ASP I 63 38.66 15.71 -3.25
CA ASP I 63 37.63 15.01 -4.01
C ASP I 63 38.11 14.91 -5.46
N GLN I 64 38.98 15.82 -5.88
CA GLN I 64 39.54 15.84 -7.23
C GLN I 64 40.73 14.90 -7.34
N GLY I 65 41.01 14.12 -6.29
CA GLY I 65 42.08 13.16 -6.30
C GLY I 65 43.43 13.64 -5.78
N ASN I 66 43.63 14.94 -5.65
CA ASN I 66 44.90 15.46 -5.18
C ASN I 66 44.88 15.75 -3.69
N PHE I 67 45.91 15.32 -2.98
CA PHE I 67 46.04 15.54 -1.54
C PHE I 67 47.37 16.25 -1.37
N PRO I 68 47.53 17.46 -1.93
CA PRO I 68 48.84 18.11 -1.90
C PRO I 68 49.35 18.57 -0.55
N LEU I 69 50.51 19.21 -0.60
CA LEU I 69 51.20 19.71 0.59
C LEU I 69 51.96 20.96 0.19
N ILE I 70 51.58 22.10 0.79
CA ILE I 70 52.19 23.39 0.51
C ILE I 70 53.12 23.76 1.66
N ILE I 71 54.39 24.02 1.35
CA ILE I 71 55.38 24.41 2.34
C ILE I 71 55.79 25.86 2.18
N LYS I 72 55.55 26.66 3.23
CA LYS I 72 55.99 28.04 3.24
C LYS I 72 57.31 28.19 3.99
N ASN I 73 58.11 29.18 3.60
CA ASN I 73 59.44 29.45 4.17
C ASN I 73 60.26 28.16 4.01
N LEU I 74 60.47 27.79 2.76
CA LEU I 74 61.19 26.57 2.41
C LEU I 74 62.64 26.63 2.86
N LYS I 75 63.19 25.48 3.24
CA LYS I 75 64.55 25.36 3.73
C LYS I 75 65.28 24.18 3.09
N ILE I 76 66.59 24.14 3.29
CA ILE I 76 67.40 23.03 2.79
C ILE I 76 66.96 21.84 3.63
N GLU I 77 66.68 22.07 4.91
CA GLU I 77 66.21 21.01 5.79
C GLU I 77 64.79 20.60 5.40
N ASP I 78 64.06 21.46 4.70
CA ASP I 78 62.70 21.15 4.26
C ASP I 78 62.75 20.38 2.96
N SER I 79 63.94 20.17 2.40
CA SER I 79 64.12 19.41 1.17
C SER I 79 64.27 17.94 1.51
N ASP I 80 63.27 17.14 1.15
CA ASP I 80 63.31 15.73 1.43
C ASP I 80 62.47 15.00 0.40
N THR I 81 62.61 13.68 0.35
CA THR I 81 61.83 12.85 -0.56
C THR I 81 60.54 12.54 0.18
N TYR I 82 59.58 13.45 0.08
CA TYR I 82 58.31 13.29 0.80
C TYR I 82 57.42 12.19 0.21
N ILE I 83 56.99 11.28 1.07
CA ILE I 83 56.18 10.14 0.66
C ILE I 83 54.68 10.46 0.56
N CYS I 84 54.16 10.47 -0.66
CA CYS I 84 52.76 10.69 -0.97
C CYS I 84 52.05 9.35 -0.84
N GLU I 85 51.60 9.00 0.37
CA GLU I 85 50.92 7.73 0.56
C GLU I 85 49.47 7.76 0.11
N VAL I 86 49.23 7.31 -1.13
CA VAL I 86 47.89 7.25 -1.69
C VAL I 86 47.80 6.02 -2.58
N GLU I 87 46.66 5.32 -2.49
CA GLU I 87 46.26 4.14 -3.25
C GLU I 87 47.30 3.01 -3.35
N ASP I 88 48.28 3.01 -2.44
CA ASP I 88 49.41 2.08 -2.35
C ASP I 88 50.32 2.12 -3.59
N GLN I 89 50.09 3.07 -4.49
CA GLN I 89 50.92 3.38 -5.64
C GLN I 89 51.33 4.80 -5.27
N LYS I 90 52.38 4.89 -4.46
CA LYS I 90 52.84 6.15 -3.90
C LYS I 90 53.73 6.99 -4.81
N GLU I 91 53.23 8.17 -5.16
CA GLU I 91 53.98 9.12 -5.99
C GLU I 91 54.88 9.92 -5.07
N GLU I 92 55.89 9.23 -4.52
CA GLU I 92 56.83 9.84 -3.59
C GLU I 92 57.59 10.94 -4.31
N VAL I 93 57.28 12.17 -3.95
CA VAL I 93 57.86 13.35 -4.59
C VAL I 93 59.22 13.71 -3.98
N GLN I 94 60.13 14.15 -4.84
CA GLN I 94 61.48 14.54 -4.48
C GLN I 94 61.59 16.07 -4.52
N LEU I 95 62.30 16.63 -3.55
CA LEU I 95 62.50 18.08 -3.46
C LEU I 95 63.98 18.39 -3.29
N LEU I 96 64.49 19.29 -4.13
CA LEU I 96 65.89 19.70 -4.10
C LEU I 96 66.05 21.16 -3.73
N VAL I 97 66.61 21.43 -2.56
CA VAL I 97 66.84 22.80 -2.09
C VAL I 97 68.28 22.91 -1.60
N ASP J 1 -4.75 28.21 30.52
CA ASP J 1 -5.15 28.54 29.15
C ASP J 1 -6.39 29.41 29.13
N ILE J 2 -6.86 29.79 30.31
CA ILE J 2 -8.06 30.62 30.43
C ILE J 2 -7.70 31.96 31.06
N MET J 4 -10.40 33.61 33.76
CA MET J 4 -11.37 34.62 33.37
C MET J 4 -10.99 35.97 33.95
N THR J 5 -11.26 37.05 33.22
CA THR J 5 -10.95 38.39 33.70
C THR J 5 -12.11 39.33 33.41
N GLN J 6 -12.04 40.53 33.99
CA GLN J 6 -13.07 41.55 33.79
C GLN J 6 -12.42 42.83 33.30
N SER J 7 -13.10 43.53 32.40
CA SER J 7 -12.54 44.77 31.86
C SER J 7 -12.46 45.93 32.86
N PRO J 8 -13.51 46.24 33.63
CA PRO J 8 -13.35 47.37 34.57
C PRO J 8 -12.56 46.94 35.81
N ALA J 9 -11.42 47.60 36.04
CA ALA J 9 -10.58 47.28 37.18
C ALA J 9 -10.92 48.15 38.39
N THR J 10 -11.13 49.44 38.18
CA THR J 10 -11.47 50.37 39.24
C THR J 10 -12.74 51.12 38.87
N LEU J 11 -13.73 51.09 39.76
CA LEU J 11 -14.99 51.79 39.50
C LEU J 11 -15.53 52.39 40.80
N SER J 12 -15.19 53.65 41.03
CA SER J 12 -15.64 54.38 42.23
C SER J 12 -16.87 55.22 41.93
N VAL J 13 -17.94 54.59 41.45
CA VAL J 13 -19.16 55.33 41.13
C VAL J 13 -20.11 55.36 42.32
N SER J 14 -20.94 56.41 42.38
CA SER J 14 -21.91 56.54 43.44
C SER J 14 -23.03 55.53 43.20
N PRO J 15 -23.68 55.03 44.26
CA PRO J 15 -24.77 54.07 44.07
C PRO J 15 -25.94 54.71 43.34
N GLY J 16 -26.36 54.08 42.26
CA GLY J 16 -27.44 54.55 41.42
C GLY J 16 -26.96 54.61 39.98
N GLU J 17 -25.68 54.93 39.81
CA GLU J 17 -25.07 54.99 38.50
C GLU J 17 -24.99 53.61 37.88
N ARG J 18 -25.29 53.52 36.58
CA ARG J 18 -25.23 52.23 35.90
C ARG J 18 -23.77 51.78 35.87
N ALA J 19 -23.44 50.78 36.66
CA ALA J 19 -22.08 50.28 36.76
C ALA J 19 -21.71 49.46 35.54
N THR J 20 -20.44 49.06 35.47
CA THR J 20 -19.90 48.26 34.39
C THR J 20 -19.32 46.98 34.95
N LEU J 21 -19.83 45.84 34.48
CA LEU J 21 -19.38 44.53 34.90
C LEU J 21 -19.22 43.70 33.65
N SER J 22 -17.98 43.38 33.31
CA SER J 22 -17.65 42.61 32.12
C SER J 22 -17.16 41.21 32.45
N CYS J 23 -16.82 40.45 31.41
CA CYS J 23 -16.31 39.10 31.58
C CYS J 23 -15.45 38.75 30.37
N ARG J 24 -14.14 38.85 30.54
CA ARG J 24 -13.18 38.55 29.48
C ARG J 24 -12.60 37.15 29.64
N ALA J 25 -12.56 36.41 28.55
CA ALA J 25 -12.03 35.05 28.53
C ALA J 25 -10.82 34.98 27.62
N SER J 26 -10.27 33.78 27.48
CA SER J 26 -9.12 33.54 26.63
C SER J 26 -9.55 32.72 25.42
N GLU J 27 -10.75 32.15 25.45
CA GLU J 27 -11.28 31.37 24.35
C GLU J 27 -12.80 31.50 24.28
N SER J 28 -13.36 31.21 23.12
CA SER J 28 -14.80 31.32 22.93
C SER J 28 -15.59 30.28 23.74
N VAL J 29 -16.68 30.73 24.35
CA VAL J 29 -17.52 29.83 25.14
C VAL J 29 -18.89 29.78 24.49
N SER J 30 -19.59 30.92 24.52
CA SER J 30 -20.88 31.22 23.91
C SER J 30 -22.10 30.49 24.47
N SER J 31 -21.89 29.54 25.38
CA SER J 31 -23.03 28.83 25.93
C SER J 31 -22.96 28.51 27.42
N ASP J 32 -21.79 28.66 28.05
CA ASP J 32 -21.63 28.28 29.46
C ASP J 32 -20.93 29.30 30.34
N LEU J 33 -21.70 30.13 31.04
CA LEU J 33 -21.09 31.09 31.95
C LEU J 33 -21.93 31.33 33.18
N ALA J 34 -21.27 31.33 34.33
CA ALA J 34 -21.88 31.60 35.61
C ALA J 34 -21.46 33.00 36.04
N TRP J 35 -22.24 33.62 36.92
CA TRP J 35 -21.91 34.93 37.44
C TRP J 35 -21.93 34.84 38.96
N TYR J 36 -21.13 35.69 39.61
CA TYR J 36 -21.04 35.66 41.05
C TYR J 36 -21.04 37.03 41.69
N GLN J 37 -21.49 37.09 42.95
CA GLN J 37 -21.56 38.32 43.74
C GLN J 37 -20.77 38.09 45.04
N GLN J 38 -19.47 38.35 45.00
CA GLN J 38 -18.60 38.16 46.15
C GLN J 38 -18.15 39.47 46.81
N LYS J 39 -18.78 39.81 47.92
CA LYS J 39 -18.37 41.00 48.64
C LYS J 39 -16.99 40.68 49.21
N PRO J 40 -16.11 41.67 49.36
CA PRO J 40 -14.75 41.40 49.86
C PRO J 40 -14.75 40.79 51.25
N GLY J 41 -14.20 39.58 51.34
CA GLY J 41 -14.14 38.83 52.57
C GLY J 41 -15.28 37.86 52.76
N GLN J 42 -16.20 37.77 51.80
CA GLN J 42 -17.36 36.89 51.84
C GLN J 42 -17.34 35.85 50.73
N ALA J 43 -18.42 35.08 50.62
CA ALA J 43 -18.61 34.04 49.63
C ALA J 43 -19.31 34.59 48.39
N PRO J 44 -18.98 34.06 47.21
CA PRO J 44 -19.62 34.55 45.97
C PRO J 44 -21.07 34.11 45.87
N ARG J 45 -21.97 35.07 45.65
CA ARG J 45 -23.38 34.78 45.49
C ARG J 45 -23.68 34.66 44.00
N LEU J 46 -24.15 33.49 43.58
CA LEU J 46 -24.45 33.26 42.18
C LEU J 46 -25.60 34.16 41.74
N LEU J 47 -25.43 34.83 40.61
CA LEU J 47 -26.43 35.73 40.07
C LEU J 47 -27.03 35.19 38.77
N ILE J 48 -26.18 34.86 37.81
CA ILE J 48 -26.59 34.36 36.50
C ILE J 48 -25.89 33.05 36.22
N TYR J 49 -26.64 32.06 35.74
CA TYR J 49 -26.08 30.78 35.36
C TYR J 49 -26.66 30.51 33.99
N GLY J 50 -25.82 30.08 33.05
CA GLY J 50 -26.23 29.83 31.70
C GLY J 50 -26.01 31.00 30.77
N ALA J 51 -25.65 32.17 31.33
CA ALA J 51 -25.36 33.45 30.68
C ALA J 51 -26.55 34.07 29.96
N SER J 52 -27.75 33.48 30.05
CA SER J 52 -28.91 34.04 29.38
C SER J 52 -30.15 33.95 30.26
N THR J 53 -30.00 33.55 31.52
CA THR J 53 -31.14 33.43 32.43
C THR J 53 -30.66 33.64 33.86
N ARG J 54 -31.50 34.30 34.65
CA ARG J 54 -31.18 34.59 36.04
C ARG J 54 -31.31 33.36 36.93
N ALA J 55 -30.97 33.51 38.20
CA ALA J 55 -31.05 32.43 39.16
C ALA J 55 -32.24 32.65 40.09
N THR J 56 -32.50 31.66 40.94
CA THR J 56 -33.61 31.75 41.88
C THR J 56 -33.20 32.63 43.05
N GLY J 57 -33.95 33.71 43.27
CA GLY J 57 -33.66 34.66 44.32
C GLY J 57 -32.90 35.88 43.84
N VAL J 58 -32.50 35.92 42.58
CA VAL J 58 -31.77 37.03 42.00
C VAL J 58 -32.77 37.94 41.28
N PRO J 59 -32.86 39.21 41.66
CA PRO J 59 -33.81 40.11 41.00
C PRO J 59 -33.40 40.43 39.57
N ALA J 60 -34.32 41.08 38.85
CA ALA J 60 -34.13 41.44 37.46
C ALA J 60 -33.19 42.62 37.24
N ARG J 61 -32.57 43.17 38.29
CA ARG J 61 -31.65 44.29 38.08
C ARG J 61 -30.37 43.76 37.47
N PHE J 62 -30.04 42.49 37.72
CA PHE J 62 -28.82 41.88 37.18
C PHE J 62 -29.11 41.32 35.79
N SER J 63 -29.04 42.17 34.78
CA SER J 63 -29.28 41.76 33.40
C SER J 63 -27.98 41.38 32.73
N GLY J 64 -27.54 40.14 32.92
CA GLY J 64 -26.31 39.66 32.33
C GLY J 64 -26.57 39.10 30.95
N SER J 65 -25.72 39.48 30.00
CA SER J 65 -25.85 39.02 28.63
C SER J 65 -24.50 38.85 27.95
N GLY J 66 -24.54 38.46 26.68
CA GLY J 66 -23.33 38.24 25.91
C GLY J 66 -23.37 36.87 25.26
N SER J 67 -22.69 36.75 24.13
CA SER J 67 -22.63 35.48 23.39
C SER J 67 -21.28 35.33 22.72
N GLY J 68 -20.44 34.46 23.26
CA GLY J 68 -19.11 34.22 22.74
C GLY J 68 -18.12 34.04 23.87
N ALA J 69 -17.05 34.83 23.86
CA ALA J 69 -16.05 34.78 24.92
C ALA J 69 -16.18 35.96 25.86
N GLU J 70 -16.58 37.11 25.33
CA GLU J 70 -16.78 38.32 26.11
C GLU J 70 -18.23 38.40 26.56
N PHE J 71 -18.44 38.68 27.84
CA PHE J 71 -19.77 38.80 28.41
C PHE J 71 -19.86 40.08 29.22
N THR J 72 -21.08 40.46 29.57
CA THR J 72 -21.29 41.69 30.33
C THR J 72 -22.55 41.65 31.19
N LEU J 73 -22.37 41.78 32.51
CA LEU J 73 -23.48 41.80 33.44
C LEU J 73 -23.85 43.27 33.59
N THR J 74 -25.10 43.61 33.27
CA THR J 74 -25.56 44.98 33.37
C THR J 74 -26.55 45.17 34.52
N ILE J 75 -26.35 46.26 35.26
CA ILE J 75 -27.20 46.60 36.40
C ILE J 75 -27.99 47.85 36.01
N SER J 76 -29.32 47.76 36.07
CA SER J 76 -30.16 48.90 35.71
C SER J 76 -29.95 50.05 36.69
N SER J 77 -30.12 49.78 37.98
CA SER J 77 -29.92 50.77 39.02
C SER J 77 -29.04 50.14 40.09
N LEU J 78 -27.90 50.77 40.36
CA LEU J 78 -26.96 50.25 41.35
C LEU J 78 -27.62 50.43 42.72
N GLN J 79 -28.14 49.34 43.27
CA GLN J 79 -28.79 49.40 44.57
C GLN J 79 -27.74 49.46 45.67
N SER J 80 -28.19 49.62 46.91
CA SER J 80 -27.29 49.70 48.05
C SER J 80 -26.77 48.33 48.49
N GLU J 81 -27.12 47.27 47.76
CA GLU J 81 -26.66 45.93 48.06
C GLU J 81 -25.89 45.41 46.86
N ASP J 82 -25.75 46.22 45.81
CA ASP J 82 -25.03 45.81 44.60
C ASP J 82 -23.53 45.95 44.73
N PHE J 83 -23.03 46.53 45.82
CA PHE J 83 -21.58 46.67 45.97
C PHE J 83 -20.98 45.32 46.34
N ALA J 84 -20.07 44.84 45.49
CA ALA J 84 -19.39 43.57 45.68
C ALA J 84 -18.27 43.49 44.65
N VAL J 85 -17.59 42.34 44.64
CA VAL J 85 -16.52 42.04 43.70
C VAL J 85 -17.12 40.88 42.90
N TYR J 86 -17.63 41.18 41.71
CA TYR J 86 -18.29 40.20 40.88
C TYR J 86 -17.34 39.32 40.08
N TYR J 87 -17.79 38.10 39.79
CA TYR J 87 -16.99 37.15 39.04
C TYR J 87 -17.78 36.44 37.95
N CYS J 88 -17.08 35.72 37.10
CA CYS J 88 -17.72 34.97 36.02
C CYS J 88 -16.92 33.69 35.76
N GLN J 89 -17.63 32.57 35.69
CA GLN J 89 -17.00 31.27 35.49
C GLN J 89 -17.54 30.47 34.32
N GLN J 90 -16.64 30.07 33.43
CA GLN J 90 -16.96 29.25 32.28
C GLN J 90 -17.24 27.84 32.79
N TYR J 91 -18.09 27.10 32.08
CA TYR J 91 -18.32 25.69 32.39
C TYR J 91 -18.44 24.95 31.05
N ASN J 92 -17.56 25.28 30.10
CA ASN J 92 -17.60 24.72 28.75
C ASN J 92 -16.55 23.68 28.35
N ASN J 93 -15.26 23.98 28.50
CA ASN J 93 -14.27 23.01 28.04
C ASN J 93 -13.98 21.82 28.97
N TRP J 94 -13.23 20.86 28.44
CA TRP J 94 -12.84 19.66 29.14
C TRP J 94 -11.32 19.45 29.05
N PRO J 95 -10.66 19.08 30.15
CA PRO J 95 -11.10 18.85 31.54
C PRO J 95 -11.46 20.15 32.25
N PRO J 96 -12.23 20.07 33.35
CA PRO J 96 -12.61 21.30 34.05
C PRO J 96 -11.44 21.99 34.73
N ARG J 97 -11.07 23.15 34.19
CA ARG J 97 -10.00 24.00 34.69
C ARG J 97 -10.52 25.44 34.66
N TYR J 98 -11.76 25.61 35.09
CA TYR J 98 -12.44 26.90 35.04
C TYR J 98 -12.08 27.94 36.10
N THR J 99 -11.39 29.00 35.68
CA THR J 99 -11.02 30.07 36.58
C THR J 99 -12.20 31.02 36.75
N PHE J 100 -12.09 31.92 37.73
CA PHE J 100 -13.12 32.90 38.01
C PHE J 100 -12.66 34.22 37.38
N GLY J 101 -13.54 35.22 37.39
CA GLY J 101 -13.22 36.51 36.82
C GLY J 101 -12.18 37.28 37.61
N GLN J 102 -12.05 38.55 37.25
CA GLN J 102 -11.09 39.43 37.92
C GLN J 102 -11.78 40.20 39.04
N GLY J 103 -12.93 40.79 38.75
CA GLY J 103 -13.60 41.51 39.81
C GLY J 103 -13.59 43.01 39.60
N THR J 104 -14.65 43.65 40.09
CA THR J 104 -14.80 45.11 40.00
C THR J 104 -15.60 45.57 41.22
N ARG J 105 -14.98 46.43 42.03
CA ARG J 105 -15.64 46.93 43.22
C ARG J 105 -16.64 48.04 42.86
N LEU J 106 -17.76 48.08 43.58
CA LEU J 106 -18.80 49.08 43.36
C LEU J 106 -18.92 49.91 44.62
N GLU J 107 -17.77 50.29 45.20
CA GLU J 107 -17.70 51.07 46.42
C GLU J 107 -18.35 52.44 46.28
N ILE J 108 -18.97 52.91 47.36
CA ILE J 108 -19.64 54.21 47.41
C ILE J 108 -18.65 55.34 47.18
N ASP K 1 -22.16 34.66 6.59
CA ASP K 1 -20.75 34.61 6.94
C ASP K 1 -20.07 35.95 6.67
N ILE K 2 -20.86 36.93 6.26
CA ILE K 2 -20.34 38.26 5.97
C ILE K 2 -20.95 39.28 6.93
N MET K 4 -21.94 43.03 5.39
CA MET K 4 -21.04 44.17 5.52
C MET K 4 -21.63 45.18 6.51
N THR K 5 -20.77 45.85 7.28
CA THR K 5 -21.23 46.85 8.23
C THR K 5 -20.36 48.09 8.16
N GLN K 6 -20.78 49.15 8.84
CA GLN K 6 -20.06 50.40 8.87
C GLN K 6 -19.82 50.80 10.33
N SER K 7 -18.64 51.37 10.59
CA SER K 7 -18.33 51.77 11.97
C SER K 7 -19.15 52.94 12.50
N PRO K 8 -19.31 54.06 11.78
CA PRO K 8 -20.13 55.15 12.35
C PRO K 8 -21.61 54.83 12.23
N ALA K 9 -22.29 54.77 13.38
CA ALA K 9 -23.72 54.48 13.40
C ALA K 9 -24.55 55.75 13.40
N THR K 10 -24.16 56.75 14.17
CA THR K 10 -24.86 58.03 14.26
C THR K 10 -23.88 59.16 14.01
N LEU K 11 -24.20 60.02 13.05
CA LEU K 11 -23.33 61.15 12.72
C LEU K 11 -24.16 62.39 12.38
N SER K 12 -24.43 63.21 13.39
CA SER K 12 -25.21 64.43 13.21
C SER K 12 -24.31 65.65 13.02
N VAL K 13 -23.43 65.61 12.03
CA VAL K 13 -22.53 66.73 11.78
C VAL K 13 -23.13 67.72 10.80
N SER K 14 -22.70 68.98 10.93
CA SER K 14 -23.17 70.02 10.04
C SER K 14 -22.52 69.83 8.66
N PRO K 15 -23.20 70.21 7.59
CA PRO K 15 -22.61 70.06 6.25
C PRO K 15 -21.36 70.93 6.09
N GLY K 16 -20.27 70.28 5.71
CA GLY K 16 -18.99 70.92 5.53
C GLY K 16 -17.94 70.17 6.32
N GLU K 17 -18.36 69.62 7.46
CA GLU K 17 -17.47 68.85 8.32
C GLU K 17 -17.09 67.55 7.62
N ARG K 18 -15.82 67.17 7.74
CA ARG K 18 -15.34 65.93 7.12
C ARG K 18 -16.03 64.77 7.84
N ALA K 19 -16.98 64.14 7.15
CA ALA K 19 -17.73 63.04 7.72
C ALA K 19 -16.89 61.76 7.77
N THR K 20 -17.47 60.74 8.39
CA THR K 20 -16.83 59.44 8.54
C THR K 20 -17.71 58.38 7.91
N LEU K 21 -17.15 57.66 6.95
CA LEU K 21 -17.84 56.59 6.25
C LEU K 21 -16.88 55.41 6.17
N SER K 22 -17.18 54.35 6.91
CA SER K 22 -16.35 53.17 6.97
C SER K 22 -16.99 51.97 6.27
N CYS K 23 -16.29 50.85 6.29
CA CYS K 23 -16.80 49.61 5.69
C CYS K 23 -16.16 48.42 6.40
N ARG K 24 -16.92 47.81 7.31
CA ARG K 24 -16.45 46.67 8.08
C ARG K 24 -16.98 45.37 7.49
N ALA K 25 -16.10 44.38 7.34
CA ALA K 25 -16.44 43.09 6.79
C ALA K 25 -16.21 42.01 7.84
N SER K 26 -16.45 40.76 7.45
CA SER K 26 -16.25 39.62 8.33
C SER K 26 -15.06 38.81 7.86
N GLU K 27 -14.57 39.08 6.64
CA GLU K 27 -13.42 38.40 6.08
C GLU K 27 -12.64 39.33 5.16
N SER K 28 -11.38 39.00 4.92
CA SER K 28 -10.53 39.83 4.07
C SER K 28 -10.96 39.80 2.61
N VAL K 29 -10.96 40.97 1.98
CA VAL K 29 -11.33 41.07 0.58
C VAL K 29 -10.13 41.58 -0.20
N SER K 30 -9.73 42.81 0.08
CA SER K 30 -8.57 43.54 -0.42
C SER K 30 -8.56 43.90 -1.90
N SER K 31 -9.53 43.41 -2.67
CA SER K 31 -9.54 43.75 -4.08
C SER K 31 -10.91 44.02 -4.69
N ASP K 32 -12.00 43.70 -3.98
CA ASP K 32 -13.34 43.85 -4.55
C ASP K 32 -14.37 44.54 -3.64
N LEU K 33 -14.56 45.84 -3.83
CA LEU K 33 -15.56 46.54 -3.03
C LEU K 33 -16.24 47.65 -3.81
N ALA K 34 -17.55 47.69 -3.70
CA ALA K 34 -18.37 48.72 -4.32
C ALA K 34 -18.83 49.66 -3.23
N TRP K 35 -19.19 50.88 -3.60
CA TRP K 35 -19.70 51.87 -2.65
C TRP K 35 -21.03 52.36 -3.18
N TYR K 36 -21.90 52.79 -2.26
CA TYR K 36 -23.22 53.24 -2.65
C TYR K 36 -23.67 54.50 -1.92
N GLN K 37 -24.56 55.26 -2.56
CA GLN K 37 -25.13 56.49 -2.01
C GLN K 37 -26.65 56.36 -2.02
N GLN K 38 -27.20 55.80 -0.94
CA GLN K 38 -28.64 55.60 -0.82
C GLN K 38 -29.31 56.54 0.16
N LYS K 39 -29.98 57.56 -0.37
CA LYS K 39 -30.71 58.48 0.48
C LYS K 39 -31.88 57.67 1.05
N PRO K 40 -32.33 57.97 2.26
CA PRO K 40 -33.43 57.18 2.87
C PRO K 40 -34.70 57.24 2.04
N GLY K 41 -35.15 56.07 1.57
CA GLY K 41 -36.32 55.94 0.75
C GLY K 41 -36.03 55.93 -0.74
N GLN K 42 -34.76 56.03 -1.13
CA GLN K 42 -34.33 56.06 -2.52
C GLN K 42 -33.45 54.87 -2.86
N ALA K 43 -32.91 54.86 -4.09
CA ALA K 43 -32.04 53.84 -4.63
C ALA K 43 -30.57 54.18 -4.37
N PRO K 44 -29.73 53.17 -4.15
CA PRO K 44 -28.30 53.44 -3.89
C PRO K 44 -27.58 53.89 -5.13
N ARG K 45 -26.88 55.02 -5.04
CA ARG K 45 -26.11 55.56 -6.14
C ARG K 45 -24.67 55.08 -5.99
N LEU K 46 -24.18 54.32 -6.97
CA LEU K 46 -22.82 53.81 -6.91
C LEU K 46 -21.83 54.96 -6.97
N LEU K 47 -20.86 54.95 -6.05
CA LEU K 47 -19.84 55.98 -5.98
C LEU K 47 -18.47 55.44 -6.36
N ILE K 48 -18.03 54.36 -5.71
CA ILE K 48 -16.73 53.75 -5.94
C ILE K 48 -16.92 52.27 -6.26
N TYR K 49 -16.23 51.80 -7.29
CA TYR K 49 -16.26 50.38 -7.65
C TYR K 49 -14.80 50.01 -7.83
N GLY K 50 -14.42 48.86 -7.26
CA GLY K 50 -13.05 48.42 -7.31
C GLY K 50 -12.24 48.81 -6.09
N ALA K 51 -12.79 49.68 -5.24
CA ALA K 51 -12.26 50.22 -3.99
C ALA K 51 -11.02 51.08 -4.17
N SER K 52 -10.59 51.36 -5.40
CA SER K 52 -9.40 52.18 -5.62
C SER K 52 -9.62 53.14 -6.79
N THR K 53 -10.82 53.23 -7.33
CA THR K 53 -11.10 54.12 -8.45
C THR K 53 -12.57 54.53 -8.41
N ARG K 54 -12.82 55.79 -8.78
CA ARG K 54 -14.17 56.34 -8.78
C ARG K 54 -14.99 55.82 -9.96
N ALA K 55 -16.26 56.21 -9.99
CA ALA K 55 -17.16 55.81 -11.06
C ALA K 55 -17.41 56.99 -12.00
N THR K 56 -18.10 56.72 -13.09
CA THR K 56 -18.41 57.76 -14.07
C THR K 56 -19.56 58.61 -13.54
N GLY K 57 -19.31 59.92 -13.40
CA GLY K 57 -20.29 60.83 -12.88
C GLY K 57 -20.13 61.13 -11.40
N VAL K 58 -19.20 60.46 -10.73
CA VAL K 58 -18.94 60.66 -9.32
C VAL K 58 -17.76 61.63 -9.17
N PRO K 59 -17.94 62.77 -8.49
CA PRO K 59 -16.85 63.72 -8.34
C PRO K 59 -15.76 63.19 -7.43
N ALA K 60 -14.64 63.93 -7.41
CA ALA K 60 -13.47 63.56 -6.63
C ALA K 60 -13.62 63.83 -5.13
N ARG K 61 -14.79 64.28 -4.66
CA ARG K 61 -14.94 64.50 -3.22
C ARG K 61 -15.04 63.16 -2.51
N PHE K 62 -15.52 62.13 -3.20
CA PHE K 62 -15.66 60.80 -2.63
C PHE K 62 -14.35 60.03 -2.78
N SER K 63 -13.42 60.25 -1.87
CA SER K 63 -12.12 59.57 -1.90
C SER K 63 -12.17 58.31 -1.06
N GLY K 64 -12.65 57.22 -1.67
CA GLY K 64 -12.75 55.96 -0.97
C GLY K 64 -11.46 55.18 -1.11
N SER K 65 -10.99 54.63 0.01
CA SER K 65 -9.75 53.86 0.01
C SER K 65 -9.80 52.73 1.02
N GLY K 66 -8.70 51.98 1.11
CA GLY K 66 -8.61 50.85 2.01
C GLY K 66 -8.14 49.62 1.27
N SER K 67 -7.45 48.73 1.98
CA SER K 67 -6.95 47.49 1.40
C SER K 67 -6.99 46.36 2.42
N GLY K 68 -7.94 45.46 2.24
CA GLY K 68 -8.12 44.32 3.14
C GLY K 68 -9.59 44.06 3.35
N ALA K 69 -10.01 44.03 4.61
CA ALA K 69 -11.41 43.82 4.96
C ALA K 69 -12.08 45.11 5.38
N GLU K 70 -11.33 45.99 6.03
CA GLU K 70 -11.82 47.29 6.48
C GLU K 70 -11.54 48.34 5.40
N PHE K 71 -12.55 49.13 5.07
CA PHE K 71 -12.43 50.17 4.07
C PHE K 71 -12.98 51.47 4.63
N THR K 72 -12.69 52.58 3.95
CA THR K 72 -13.16 53.88 4.41
C THR K 72 -13.33 54.87 3.26
N LEU K 73 -14.57 55.35 3.08
CA LEU K 73 -14.86 56.34 2.06
C LEU K 73 -14.71 57.70 2.75
N THR K 74 -13.82 58.53 2.23
CA THR K 74 -13.56 59.84 2.79
C THR K 74 -14.10 60.96 1.92
N ILE K 75 -14.76 61.92 2.55
CA ILE K 75 -15.33 63.08 1.87
C ILE K 75 -14.51 64.30 2.28
N SER K 76 -13.96 65.01 1.29
CA SER K 76 -13.16 66.19 1.59
C SER K 76 -14.02 67.29 2.21
N SER K 77 -15.10 67.66 1.54
CA SER K 77 -16.03 68.67 2.03
C SER K 77 -17.43 68.09 1.89
N LEU K 78 -18.15 68.01 3.01
CA LEU K 78 -19.51 67.46 3.00
C LEU K 78 -20.39 68.46 2.26
N GLN K 79 -20.71 68.17 1.02
CA GLN K 79 -21.56 69.06 0.23
C GLN K 79 -23.02 68.92 0.65
N SER K 80 -23.88 69.76 0.09
CA SER K 80 -25.29 69.72 0.41
C SER K 80 -26.04 68.58 -0.27
N GLU K 81 -25.32 67.72 -1.00
CA GLU K 81 -25.91 66.58 -1.68
C GLU K 81 -25.26 65.32 -1.15
N ASP K 82 -24.33 65.44 -0.20
CA ASP K 82 -23.64 64.30 0.37
C ASP K 82 -24.44 63.59 1.46
N PHE K 83 -25.59 64.14 1.86
CA PHE K 83 -26.37 63.49 2.89
C PHE K 83 -27.10 62.29 2.29
N ALA K 84 -26.82 61.11 2.84
CA ALA K 84 -27.41 59.85 2.39
C ALA K 84 -27.04 58.78 3.41
N VAL K 85 -27.43 57.55 3.11
CA VAL K 85 -27.12 56.37 3.91
C VAL K 85 -26.24 55.57 2.97
N TYR K 86 -24.94 55.64 3.18
CA TYR K 86 -23.97 54.97 2.32
C TYR K 86 -23.79 53.49 2.62
N TYR K 87 -23.42 52.74 1.57
CA TYR K 87 -23.21 51.31 1.71
C TYR K 87 -21.94 50.84 1.01
N CYS K 88 -21.58 49.59 1.26
CA CYS K 88 -20.40 49.00 0.65
C CYS K 88 -20.65 47.51 0.41
N GLN K 89 -20.34 47.05 -0.81
CA GLN K 89 -20.57 45.66 -1.18
C GLN K 89 -19.35 44.95 -1.73
N GLN K 90 -19.02 43.81 -1.12
CA GLN K 90 -17.93 42.97 -1.56
C GLN K 90 -18.37 42.27 -2.84
N TYR K 91 -17.41 41.94 -3.71
CA TYR K 91 -17.69 41.15 -4.90
C TYR K 91 -16.53 40.18 -5.08
N ASN K 92 -16.06 39.57 -3.98
CA ASN K 92 -14.90 38.69 -3.99
C ASN K 92 -15.12 37.17 -3.84
N ASN K 93 -15.84 36.72 -2.82
CA ASN K 93 -15.98 35.28 -2.64
C ASN K 93 -17.02 34.59 -3.51
N TRP K 94 -17.00 33.26 -3.49
CA TRP K 94 -17.90 32.40 -4.25
C TRP K 94 -18.54 31.36 -3.33
N PRO K 95 -19.85 31.11 -3.45
CA PRO K 95 -20.88 31.71 -4.31
C PRO K 95 -21.23 33.13 -3.90
N PRO K 96 -21.85 33.92 -4.81
CA PRO K 96 -22.19 35.30 -4.44
C PRO K 96 -23.26 35.40 -3.39
N ARG K 97 -22.88 35.84 -2.19
CA ARG K 97 -23.74 36.05 -1.04
C ARG K 97 -23.36 37.39 -0.43
N TYR K 98 -23.14 38.38 -1.28
CA TYR K 98 -22.67 39.70 -0.87
C TYR K 98 -23.68 40.65 -0.25
N THR K 99 -23.54 40.89 1.06
CA THR K 99 -24.42 41.80 1.75
C THR K 99 -23.95 43.23 1.53
N PHE K 100 -24.78 44.20 1.92
CA PHE K 100 -24.46 45.61 1.81
C PHE K 100 -24.02 46.08 3.18
N GLY K 101 -23.53 47.32 3.25
CA GLY K 101 -23.07 47.88 4.50
C GLY K 101 -24.19 48.16 5.50
N GLN K 102 -23.82 48.89 6.54
CA GLN K 102 -24.79 49.24 7.58
C GLN K 102 -25.38 50.63 7.30
N GLY K 103 -24.55 51.60 6.99
CA GLY K 103 -25.11 52.89 6.70
C GLY K 103 -24.80 53.92 7.77
N THR K 104 -24.69 55.18 7.34
CA THR K 104 -24.41 56.30 8.23
C THR K 104 -25.07 57.54 7.64
N ARG K 105 -26.00 58.13 8.39
CA ARG K 105 -26.70 59.32 7.93
C ARG K 105 -25.83 60.56 8.11
N LEU K 106 -25.94 61.49 7.17
CA LEU K 106 -25.17 62.73 7.18
C LEU K 106 -26.17 63.88 7.28
N GLU K 107 -27.18 63.72 8.14
CA GLU K 107 -28.23 64.71 8.34
C GLU K 107 -27.67 66.03 8.86
N ILE K 108 -28.30 67.13 8.44
CA ILE K 108 -27.92 68.49 8.83
C ILE K 108 -28.09 68.68 10.34
N ASP L 1 7.80 41.54 5.00
CA ASP L 1 6.79 40.83 5.79
C ASP L 1 6.82 41.28 7.24
N ILE L 2 7.67 42.24 7.55
CA ILE L 2 7.81 42.75 8.90
C ILE L 2 7.38 44.22 8.95
N MET L 4 9.60 46.78 11.38
CA MET L 4 9.16 47.12 12.74
C MET L 4 8.69 48.58 12.78
N THR L 5 7.68 48.88 13.59
CA THR L 5 7.18 50.24 13.72
C THR L 5 6.94 50.57 15.19
N GLN L 6 6.69 51.84 15.46
CA GLN L 6 6.42 52.32 16.81
C GLN L 6 5.09 53.06 16.83
N SER L 7 4.34 52.89 17.91
CA SER L 7 3.03 53.56 18.00
C SER L 7 3.11 55.09 18.15
N PRO L 8 3.92 55.67 19.04
CA PRO L 8 3.94 57.14 19.10
C PRO L 8 4.75 57.73 17.95
N ALA L 9 4.08 58.54 17.14
CA ALA L 9 4.73 59.18 16.01
C ALA L 9 5.29 60.55 16.36
N THR L 10 4.53 61.35 17.10
CA THR L 10 4.92 62.68 17.51
C THR L 10 4.78 62.80 19.02
N LEU L 11 5.86 63.20 19.70
CA LEU L 11 5.82 63.35 21.15
C LEU L 11 6.66 64.57 21.58
N SER L 12 6.01 65.72 21.70
CA SER L 12 6.67 66.95 22.10
C SER L 12 6.51 67.21 23.60
N VAL L 13 6.93 66.26 24.42
CA VAL L 13 6.82 66.42 25.87
C VAL L 13 8.06 67.06 26.47
N SER L 14 7.88 67.74 27.60
CA SER L 14 8.98 68.38 28.27
C SER L 14 9.82 67.30 28.95
N PRO L 15 11.13 67.51 29.09
CA PRO L 15 11.98 66.51 29.75
C PRO L 15 11.59 66.33 31.21
N GLY L 16 11.32 65.08 31.57
CA GLY L 16 10.90 64.72 32.92
C GLY L 16 9.62 63.92 32.84
N GLU L 17 8.79 64.24 31.85
CA GLU L 17 7.54 63.54 31.62
C GLU L 17 7.81 62.12 31.17
N ARG L 18 7.04 61.17 31.69
CA ARG L 18 7.22 59.77 31.30
C ARG L 18 6.82 59.65 29.83
N ALA L 19 7.82 59.46 28.98
CA ALA L 19 7.59 59.36 27.54
C ALA L 19 6.99 58.01 27.18
N THR L 20 6.63 57.88 25.90
CA THR L 20 6.05 56.66 25.36
C THR L 20 6.91 56.16 24.22
N LEU L 21 7.40 54.92 24.35
CA LEU L 21 8.23 54.29 23.34
C LEU L 21 7.70 52.88 23.17
N SER L 22 7.11 52.61 22.02
CA SER L 22 6.52 51.32 21.70
C SER L 22 7.32 50.57 20.64
N CYS L 23 6.84 49.38 20.29
CA CYS L 23 7.48 48.57 19.27
C CYS L 23 6.43 47.65 18.65
N ARG L 24 5.95 48.04 17.47
CA ARG L 24 4.94 47.28 16.74
C ARG L 24 5.58 46.43 15.65
N ALA L 25 5.18 45.17 15.58
CA ALA L 25 5.68 44.23 14.59
C ALA L 25 4.54 43.78 13.68
N SER L 26 4.87 42.87 12.76
CA SER L 26 3.90 42.32 11.84
C SER L 26 3.64 40.86 12.18
N GLU L 27 4.48 40.28 13.03
CA GLU L 27 4.31 38.90 13.46
C GLU L 27 4.83 38.71 14.88
N SER L 28 4.37 37.65 15.54
CA SER L 28 4.77 37.38 16.91
C SER L 28 6.25 37.02 17.04
N VAL L 29 6.91 37.57 18.05
CA VAL L 29 8.31 37.28 18.28
C VAL L 29 8.45 36.61 19.63
N SER L 30 8.14 37.36 20.69
CA SER L 30 8.06 37.00 22.10
C SER L 30 9.38 36.63 22.77
N SER L 31 10.47 36.53 22.02
CA SER L 31 11.73 36.19 22.66
C SER L 31 12.96 36.92 22.13
N ASP L 32 12.86 37.62 21.00
CA ASP L 32 14.02 38.27 20.39
C ASP L 32 13.83 39.71 19.94
N LEU L 33 14.20 40.67 20.80
CA LEU L 33 14.09 42.07 20.41
C LEU L 33 15.21 42.91 20.98
N ALA L 34 15.77 43.75 20.12
CA ALA L 34 16.81 44.69 20.49
C ALA L 34 16.18 46.08 20.55
N TRP L 35 16.81 46.98 21.28
CA TRP L 35 16.35 48.35 21.38
C TRP L 35 17.51 49.26 21.01
N TYR L 36 17.20 50.44 20.48
CA TYR L 36 18.23 51.37 20.04
C TYR L 36 17.94 52.80 20.43
N GLN L 37 19.02 53.59 20.57
CA GLN L 37 18.95 55.02 20.92
C GLN L 37 19.70 55.79 19.84
N GLN L 38 18.98 56.17 18.79
CA GLN L 38 19.57 56.90 17.66
C GLN L 38 19.15 58.37 17.62
N LYS L 39 20.04 59.25 18.06
CA LYS L 39 19.76 60.67 17.99
C LYS L 39 19.76 61.01 16.49
N PRO L 40 18.96 61.99 16.05
CA PRO L 40 18.90 62.32 14.61
C PRO L 40 20.25 62.77 14.06
N GLY L 41 20.75 62.00 13.09
CA GLY L 41 22.03 62.24 12.47
C GLY L 41 23.18 61.46 13.08
N GLN L 42 22.90 60.63 14.08
CA GLN L 42 23.89 59.82 14.78
C GLN L 42 23.63 58.33 14.62
N ALA L 43 24.42 57.52 15.32
CA ALA L 43 24.35 56.06 15.31
C ALA L 43 23.43 55.57 16.43
N PRO L 44 22.72 54.46 16.20
CA PRO L 44 21.83 53.94 17.24
C PRO L 44 22.58 53.30 18.39
N ARG L 45 22.28 53.74 19.61
CA ARG L 45 22.90 53.21 20.81
C ARG L 45 22.01 52.11 21.37
N LEU L 46 22.54 50.89 21.43
CA LEU L 46 21.76 49.77 21.93
C LEU L 46 21.45 49.97 23.40
N LEU L 47 20.17 49.77 23.76
CA LEU L 47 19.72 49.94 25.13
C LEU L 47 19.31 48.61 25.75
N ILE L 48 18.43 47.87 25.08
CA ILE L 48 17.92 46.59 25.56
C ILE L 48 18.14 45.54 24.49
N TYR L 49 18.64 44.37 24.90
CA TYR L 49 18.81 43.25 23.99
C TYR L 49 18.21 42.07 24.72
N GLY L 50 17.42 41.28 24.01
CA GLY L 50 16.73 40.16 24.59
C GLY L 50 15.32 40.48 25.05
N ALA L 51 14.95 41.76 25.05
CA ALA L 51 13.65 42.34 25.42
C ALA L 51 13.29 42.15 26.89
N SER L 52 14.18 41.59 27.72
CA SER L 52 13.87 41.39 29.13
C SER L 52 15.08 41.71 30.01
N THR L 53 16.15 42.23 29.43
CA THR L 53 17.35 42.56 30.20
C THR L 53 18.08 43.72 29.53
N ARG L 54 18.65 44.59 30.35
CA ARG L 54 19.37 45.75 29.86
C ARG L 54 20.75 45.38 29.30
N ALA L 55 21.45 46.37 28.77
CA ALA L 55 22.77 46.17 28.21
C ALA L 55 23.82 46.75 29.15
N THR L 56 25.09 46.51 28.81
CA THR L 56 26.19 47.02 29.63
C THR L 56 26.39 48.49 29.33
N GLY L 57 26.27 49.33 30.37
CA GLY L 57 26.41 50.76 30.22
C GLY L 57 25.08 51.49 30.12
N VAL L 58 23.97 50.76 30.07
CA VAL L 58 22.64 51.33 29.97
C VAL L 58 22.03 51.39 31.38
N PRO L 59 21.66 52.57 31.85
CA PRO L 59 21.09 52.67 33.21
C PRO L 59 19.70 52.05 33.28
N ALA L 60 19.22 51.93 34.52
CA ALA L 60 17.91 51.32 34.79
C ALA L 60 16.73 52.21 34.46
N ARG L 61 16.95 53.40 33.88
CA ARG L 61 15.80 54.24 33.53
C ARG L 61 15.10 53.65 32.31
N PHE L 62 15.83 52.92 31.47
CA PHE L 62 15.26 52.30 30.28
C PHE L 62 14.67 50.94 30.63
N SER L 63 13.45 50.94 31.13
CA SER L 63 12.77 49.70 31.50
C SER L 63 11.93 49.18 30.34
N GLY L 64 12.57 48.45 29.43
CA GLY L 64 11.89 47.91 28.28
C GLY L 64 11.29 46.56 28.61
N SER L 65 10.04 46.36 28.21
CA SER L 65 9.34 45.11 28.47
C SER L 65 8.38 44.75 27.34
N GLY L 66 7.69 43.64 27.51
CA GLY L 66 6.73 43.16 26.53
C GLY L 66 7.03 41.72 26.18
N SER L 67 5.97 40.99 25.79
CA SER L 67 6.11 39.59 25.41
C SER L 67 5.13 39.24 24.30
N GLY L 68 5.65 39.08 23.08
CA GLY L 68 4.85 38.76 21.92
C GLY L 68 5.37 39.52 20.71
N ALA L 69 4.48 40.26 20.06
CA ALA L 69 4.85 41.06 18.90
C ALA L 69 4.96 42.54 19.25
N GLU L 70 4.11 42.99 20.18
CA GLU L 70 4.11 44.37 20.64
C GLU L 70 5.00 44.49 21.86
N PHE L 71 5.87 45.50 21.87
CA PHE L 71 6.78 45.75 22.97
C PHE L 71 6.71 47.22 23.37
N THR L 72 7.27 47.54 24.54
CA THR L 72 7.24 48.91 25.01
C THR L 72 8.41 49.24 25.93
N LEU L 73 9.22 50.21 25.52
CA LEU L 73 10.35 50.65 26.32
C LEU L 73 9.82 51.80 27.17
N THR L 74 9.92 51.66 28.48
CA THR L 74 9.45 52.66 29.41
C THR L 74 10.58 53.40 30.10
N ILE L 75 10.47 54.72 30.18
CA ILE L 75 11.45 55.58 30.81
C ILE L 75 10.82 56.14 32.08
N SER L 76 11.47 55.91 33.22
CA SER L 76 10.94 56.39 34.50
C SER L 76 10.94 57.91 34.53
N SER L 77 12.09 58.53 34.28
CA SER L 77 12.23 59.97 34.24
C SER L 77 12.99 60.32 32.98
N LEU L 78 12.37 61.15 32.13
CA LEU L 78 12.98 61.55 30.87
C LEU L 78 14.16 62.45 31.20
N GLN L 79 15.37 61.92 31.14
CA GLN L 79 16.56 62.70 31.44
C GLN L 79 16.89 63.62 30.28
N SER L 80 17.90 64.47 30.47
CA SER L 80 18.31 65.41 29.44
C SER L 80 19.15 64.75 28.34
N GLU L 81 19.34 63.43 28.42
CA GLU L 81 20.10 62.68 27.43
C GLU L 81 19.19 61.64 26.80
N ASP L 82 17.92 61.59 27.23
CA ASP L 82 16.97 60.62 26.71
C ASP L 82 16.36 61.04 25.37
N PHE L 83 16.63 62.26 24.90
CA PHE L 83 16.05 62.69 23.63
C PHE L 83 16.81 62.01 22.49
N ALA L 84 16.08 61.25 21.68
CA ALA L 84 16.62 60.52 20.55
C ALA L 84 15.45 59.98 19.74
N VAL L 85 15.78 59.21 18.70
CA VAL L 85 14.81 58.55 17.85
C VAL L 85 15.10 57.07 18.11
N TYR L 86 14.28 56.45 18.95
CA TYR L 86 14.48 55.07 19.36
C TYR L 86 13.99 54.05 18.35
N TYR L 87 14.62 52.88 18.35
CA TYR L 87 14.25 51.81 17.45
C TYR L 87 14.18 50.45 18.14
N CYS L 88 13.66 49.46 17.42
CA CYS L 88 13.55 48.11 17.94
C CYS L 88 13.72 47.12 16.81
N GLN L 89 14.57 46.12 17.03
CA GLN L 89 14.87 45.12 16.01
C GLN L 89 14.67 43.68 16.46
N GLN L 90 13.86 42.95 15.70
CA GLN L 90 13.61 41.54 15.93
C GLN L 90 14.86 40.77 15.53
N TYR L 91 15.10 39.63 16.17
CA TYR L 91 16.19 38.74 15.77
C TYR L 91 15.67 37.31 15.90
N ASN L 92 14.43 37.08 15.45
CA ASN L 92 13.77 35.78 15.58
C ASN L 92 13.59 34.91 14.33
N ASN L 93 13.02 35.43 13.25
CA ASN L 93 12.78 34.57 12.10
C ASN L 93 13.98 34.31 11.18
N TRP L 94 13.81 33.37 10.25
CA TRP L 94 14.81 32.99 9.28
C TRP L 94 14.23 33.01 7.87
N PRO L 95 14.95 33.55 6.88
CA PRO L 95 16.28 34.20 6.88
C PRO L 95 16.24 35.57 7.55
N PRO L 96 17.41 36.11 7.95
CA PRO L 96 17.41 37.42 8.59
C PRO L 96 17.04 38.55 7.65
N ARG L 97 15.86 39.13 7.89
CA ARG L 97 15.32 40.27 7.14
C ARG L 97 14.73 41.23 8.16
N TYR L 98 15.46 41.45 9.24
CA TYR L 98 15.02 42.28 10.35
C TYR L 98 15.07 43.79 10.20
N THR L 99 13.90 44.41 10.07
CA THR L 99 13.82 45.86 9.95
C THR L 99 13.94 46.49 11.33
N PHE L 100 14.11 47.81 11.36
CA PHE L 100 14.21 48.57 12.60
C PHE L 100 12.84 49.21 12.82
N GLY L 101 12.68 49.84 13.98
CA GLY L 101 11.43 50.48 14.33
C GLY L 101 11.14 51.73 13.51
N GLN L 102 10.14 52.47 13.96
CA GLN L 102 9.74 53.71 13.29
C GLN L 102 10.43 54.91 13.95
N GLY L 103 10.39 54.98 15.27
CA GLY L 103 11.05 56.10 15.91
C GLY L 103 10.08 57.09 16.51
N THR L 104 10.52 57.72 17.60
CA THR L 104 9.74 58.72 18.31
C THR L 104 10.70 59.72 18.93
N ARG L 105 10.56 60.98 18.53
CA ARG L 105 11.44 62.03 19.04
C ARG L 105 10.98 62.48 20.43
N LEU L 106 11.95 62.80 21.28
CA LEU L 106 11.69 63.24 22.65
C LEU L 106 12.21 64.66 22.79
N GLU L 107 11.95 65.48 21.77
CA GLU L 107 12.39 66.87 21.73
C GLU L 107 11.80 67.70 22.87
N ILE L 108 12.60 68.65 23.36
CA ILE L 108 12.20 69.55 24.44
C ILE L 108 11.00 70.41 24.05
N GLU M 1 -29.19 20.92 47.80
CA GLU M 1 -28.99 22.03 48.72
C GLU M 1 -28.30 21.59 50.00
N VAL M 2 -27.09 22.07 50.22
CA VAL M 2 -26.29 21.75 51.39
C VAL M 2 -25.69 22.98 52.04
N GLN M 3 -25.42 22.87 53.34
CA GLN M 3 -24.81 23.93 54.13
C GLN M 3 -23.40 23.47 54.46
N LEU M 4 -22.43 24.36 54.32
CA LEU M 4 -21.03 24.01 54.49
C LEU M 4 -20.28 24.80 55.55
N VAL M 5 -19.65 24.08 56.48
CA VAL M 5 -18.86 24.67 57.56
C VAL M 5 -17.44 24.11 57.48
N GLU M 6 -16.46 24.99 57.35
CA GLU M 6 -15.06 24.61 57.24
C GLU M 6 -14.32 24.53 58.57
N SER M 7 -13.00 24.41 58.51
CA SER M 7 -12.16 24.38 59.69
C SER M 7 -11.80 25.81 60.08
N GLY M 8 -11.00 25.97 61.13
CA GLY M 8 -10.61 27.29 61.56
C GLY M 8 -9.38 27.81 60.86
N ALA M 9 -9.22 29.14 60.92
CA ALA M 9 -8.08 29.81 60.32
C ALA M 9 -6.82 29.42 61.06
N GLU M 10 -5.84 28.87 60.37
CA GLU M 10 -4.61 28.41 60.99
C GLU M 10 -3.36 29.13 60.46
N VAL M 11 -2.34 29.21 61.30
CA VAL M 11 -1.08 29.85 60.98
C VAL M 11 -0.03 28.77 60.71
N LYS M 12 0.64 28.85 59.57
CA LYS M 12 1.67 27.89 59.19
C LYS M 12 2.94 28.56 58.71
N LYS M 13 3.94 27.74 58.38
CA LYS M 13 5.23 28.19 57.88
C LYS M 13 5.34 27.84 56.40
N PRO M 14 6.12 28.62 55.62
CA PRO M 14 6.26 28.31 54.19
C PRO M 14 7.01 27.02 53.95
N GLY M 15 6.32 26.00 53.44
CA GLY M 15 6.94 24.72 53.19
C GLY M 15 6.56 23.68 54.23
N SER M 16 5.31 23.73 54.68
CA SER M 16 4.79 22.81 55.67
C SER M 16 3.42 22.30 55.23
N SER M 17 2.92 21.27 55.90
CA SER M 17 1.63 20.69 55.58
C SER M 17 0.55 21.13 56.55
N VAL M 18 -0.62 21.48 56.01
CA VAL M 18 -1.77 21.92 56.77
C VAL M 18 -2.96 21.15 56.21
N LYS M 19 -4.01 21.01 57.01
CA LYS M 19 -5.20 20.29 56.59
C LYS M 19 -6.44 21.12 56.91
N VAL M 20 -7.26 21.40 55.89
CA VAL M 20 -8.45 22.22 56.03
C VAL M 20 -9.71 21.42 55.72
N SER M 21 -10.55 21.23 56.73
CA SER M 21 -11.78 20.47 56.60
C SER M 21 -12.95 21.26 56.02
N CYS M 22 -14.00 20.54 55.63
CA CYS M 22 -15.22 21.14 55.10
C CYS M 22 -16.40 20.22 55.41
N LYS M 23 -17.13 20.53 56.48
CA LYS M 23 -18.29 19.74 56.86
C LYS M 23 -19.49 20.20 56.04
N ALA M 24 -20.26 19.25 55.51
CA ALA M 24 -21.42 19.58 54.70
C ALA M 24 -22.64 18.82 55.19
N SER M 25 -23.63 19.55 55.69
CA SER M 25 -24.88 19.00 56.18
C SER M 25 -26.00 19.52 55.28
N GLY M 26 -26.87 18.62 54.83
CA GLY M 26 -27.94 19.02 53.94
C GLY M 26 -28.50 17.85 53.16
N ASP M 27 -28.54 18.00 51.84
CA ASP M 27 -29.03 16.99 50.93
C ASP M 27 -27.91 15.95 50.76
N THR M 28 -28.03 15.05 49.77
CA THR M 28 -27.05 14.01 49.55
C THR M 28 -25.63 14.54 49.34
N PHE M 29 -24.74 14.20 50.27
CA PHE M 29 -23.35 14.64 50.27
C PHE M 29 -22.52 14.05 49.13
N ILE M 30 -22.82 12.83 48.69
CA ILE M 30 -22.03 12.23 47.63
C ILE M 30 -22.48 12.65 46.23
N ARG M 31 -23.75 13.03 46.05
CA ARG M 31 -24.23 13.45 44.74
C ARG M 31 -23.77 14.85 44.34
N TYR M 32 -23.22 15.61 45.27
CA TYR M 32 -22.80 16.98 44.99
C TYR M 32 -21.29 17.16 44.89
N SER M 33 -20.85 17.72 43.78
CA SER M 33 -19.44 17.98 43.56
C SER M 33 -19.04 19.22 44.33
N PHE M 34 -18.07 19.10 45.21
CA PHE M 34 -17.63 20.24 46.00
C PHE M 34 -16.45 20.91 45.32
N THR M 35 -16.34 22.22 45.48
CA THR M 35 -15.29 23.00 44.84
C THR M 35 -14.61 23.97 45.79
N TRP M 36 -13.31 23.79 45.99
CA TRP M 36 -12.54 24.68 46.84
C TRP M 36 -12.13 25.93 46.07
N VAL M 37 -12.46 27.10 46.60
CA VAL M 37 -12.16 28.38 45.97
C VAL M 37 -11.38 29.27 46.92
N ARG M 38 -10.08 29.43 46.68
CA ARG M 38 -9.27 30.28 47.53
C ARG M 38 -9.59 31.74 47.24
N GLN M 39 -9.20 32.62 48.17
CA GLN M 39 -9.42 34.06 48.03
C GLN M 39 -8.16 34.85 48.36
N ALA M 40 -7.40 35.18 47.31
CA ALA M 40 -6.21 35.99 47.52
C ALA M 40 -6.66 37.36 48.00
N PRO M 41 -5.96 37.97 48.96
CA PRO M 41 -6.41 39.27 49.49
C PRO M 41 -6.32 40.40 48.48
N GLY M 42 -7.49 40.87 48.04
CA GLY M 42 -7.59 42.00 47.12
C GLY M 42 -7.88 41.80 45.65
N GLN M 43 -7.27 40.79 45.02
CA GLN M 43 -7.45 40.57 43.59
C GLN M 43 -8.37 39.41 43.22
N GLY M 44 -8.42 39.10 41.92
CA GLY M 44 -9.26 38.03 41.42
C GLY M 44 -8.91 36.68 42.01
N LEU M 45 -9.87 35.77 41.95
CA LEU M 45 -9.73 34.44 42.50
C LEU M 45 -8.88 33.51 41.65
N GLU M 46 -8.22 32.56 42.32
CA GLU M 46 -7.40 31.55 41.67
C GLU M 46 -8.14 30.22 41.79
N TRP M 47 -8.48 29.60 40.66
CA TRP M 47 -9.18 28.33 40.71
C TRP M 47 -8.23 27.24 41.18
N MET M 48 -8.57 26.62 42.32
CA MET M 48 -7.73 25.55 42.85
C MET M 48 -8.11 24.18 42.30
N GLY M 49 -9.35 23.76 42.53
CA GLY M 49 -9.77 22.47 42.05
C GLY M 49 -11.23 22.21 42.38
N ARG M 50 -11.76 21.18 41.74
CA ARG M 50 -13.15 20.76 41.90
C ARG M 50 -13.20 19.26 42.15
N ILE M 51 -13.84 18.87 43.26
CA ILE M 51 -13.94 17.46 43.63
C ILE M 51 -15.37 16.93 43.69
N ILE M 52 -15.64 15.89 42.89
CA ILE M 52 -16.94 15.24 42.91
C ILE M 52 -16.80 14.28 44.08
N THR M 53 -17.77 14.28 44.98
CA THR M 53 -17.66 13.44 46.17
C THR M 53 -17.74 11.94 45.93
N ILE M 54 -18.78 11.47 45.22
CA ILE M 54 -18.92 10.03 44.98
C ILE M 54 -17.78 9.54 44.08
N LEU M 55 -17.26 10.41 43.21
CA LEU M 55 -16.16 10.01 42.36
C LEU M 55 -14.86 10.11 43.15
N ASP M 56 -14.83 11.02 44.13
CA ASP M 56 -13.67 11.29 45.00
C ASP M 56 -12.47 11.66 44.12
N VAL M 57 -12.75 12.36 43.04
CA VAL M 57 -11.73 12.80 42.09
C VAL M 57 -11.53 14.30 42.29
N ALA M 58 -10.46 14.67 42.97
CA ALA M 58 -10.17 16.07 43.24
C ALA M 58 -9.37 16.65 42.09
N HIS M 59 -9.95 17.61 41.38
CA HIS M 59 -9.23 18.26 40.31
C HIS M 59 -8.26 19.21 40.98
N TYR M 60 -7.21 19.59 40.27
CA TYR M 60 -6.23 20.51 40.84
C TYR M 60 -5.74 21.47 39.77
N ALA M 61 -5.31 22.66 40.21
CA ALA M 61 -4.80 23.64 39.29
C ALA M 61 -3.46 23.16 38.73
N PRO M 62 -3.13 23.53 37.49
CA PRO M 62 -1.85 23.09 36.91
C PRO M 62 -0.63 23.60 37.66
N HIS M 63 -0.73 24.78 38.27
CA HIS M 63 0.38 25.32 39.03
C HIS M 63 0.40 24.71 40.42
N LEU M 64 -0.74 24.18 40.88
CA LEU M 64 -0.85 23.56 42.19
C LEU M 64 -0.65 22.06 42.15
N GLN M 65 -0.14 21.52 41.05
CA GLN M 65 0.07 20.06 40.94
C GLN M 65 1.21 19.59 41.82
N GLY M 66 0.89 18.85 42.87
CA GLY M 66 1.89 18.32 43.78
C GLY M 66 2.03 19.07 45.09
N ARG M 67 1.29 20.15 45.29
CA ARG M 67 1.38 20.91 46.53
C ARG M 67 0.03 20.98 47.22
N VAL M 68 -0.99 20.32 46.68
CA VAL M 68 -2.31 20.31 47.28
C VAL M 68 -2.98 18.95 47.07
N THR M 69 -3.52 18.39 48.17
CA THR M 69 -4.19 17.10 48.15
C THR M 69 -5.56 17.21 48.82
N ILE M 70 -6.60 17.44 48.01
CA ILE M 70 -7.95 17.57 48.52
C ILE M 70 -8.56 16.19 48.71
N THR M 71 -8.74 15.77 49.96
CA THR M 71 -9.33 14.48 50.26
C THR M 71 -10.77 14.70 50.70
N ALA M 72 -11.54 13.61 50.78
CA ALA M 72 -12.93 13.72 51.17
C ALA M 72 -13.33 12.49 51.96
N ASP M 73 -14.24 12.70 52.92
CA ASP M 73 -14.75 11.62 53.77
C ASP M 73 -16.27 11.58 53.64
N LYS M 74 -16.78 10.52 53.01
CA LYS M 74 -18.21 10.38 52.81
C LYS M 74 -18.95 10.09 54.11
N SER M 75 -18.29 9.40 55.05
CA SER M 75 -18.92 9.07 56.32
C SER M 75 -19.14 10.26 57.24
N THR M 76 -18.08 11.01 57.53
CA THR M 76 -18.20 12.16 58.41
C THR M 76 -18.67 13.41 57.66
N SER M 77 -18.93 13.26 56.35
CA SER M 77 -19.38 14.36 55.46
C SER M 77 -18.41 15.52 55.53
N THR M 78 -17.12 15.22 55.58
CA THR M 78 -16.06 16.21 55.70
C THR M 78 -15.03 16.12 54.58
N VAL M 79 -14.91 17.18 53.79
CA VAL M 79 -13.96 17.26 52.70
C VAL M 79 -12.72 18.00 53.20
N TYR M 80 -11.57 17.34 53.16
CA TYR M 80 -10.34 17.95 53.62
C TYR M 80 -9.50 18.53 52.49
N LEU M 81 -8.61 19.46 52.84
CA LEU M 81 -7.72 20.09 51.88
C LEU M 81 -6.33 20.17 52.49
N GLU M 82 -5.38 19.47 51.89
CA GLU M 82 -4.00 19.43 52.36
C GLU M 82 -3.11 20.34 51.53
N LEU M 83 -2.40 21.26 52.19
CA LEU M 83 -1.48 22.18 51.52
C LEU M 83 -0.04 22.06 51.98
N ARG M 84 0.82 21.55 51.12
CA ARG M 84 2.23 21.39 51.38
C ARG M 84 2.97 22.35 50.45
N ASN M 85 4.26 22.55 50.74
CA ASN M 85 5.14 23.46 49.98
C ASN M 85 4.50 24.85 49.97
N LEU M 86 4.15 25.33 51.16
CA LEU M 86 3.49 26.62 51.32
C LEU M 86 4.35 27.83 50.96
N ARG M 87 3.68 28.94 50.66
CA ARG M 87 4.32 30.20 50.30
C ARG M 87 3.63 31.38 50.98
N SER M 88 4.14 32.58 50.72
CA SER M 88 3.57 33.78 51.33
C SER M 88 2.16 34.09 50.82
N ASP M 89 1.96 34.03 49.50
CA ASP M 89 0.66 34.33 48.92
C ASP M 89 -0.35 33.20 49.14
N ASP M 90 0.05 32.11 49.81
CA ASP M 90 -0.87 31.01 50.07
C ASP M 90 -1.85 31.43 51.15
N THR M 91 -1.59 32.55 51.83
CA THR M 91 -2.49 33.10 52.83
C THR M 91 -3.72 33.52 52.03
N ALA M 92 -4.82 32.79 52.19
CA ALA M 92 -6.03 33.09 51.45
C ALA M 92 -7.21 32.49 52.19
N VAL M 93 -8.39 32.96 51.83
CA VAL M 93 -9.64 32.50 52.41
C VAL M 93 -10.17 31.41 51.49
N TYR M 94 -10.07 30.15 51.91
CA TYR M 94 -10.50 29.03 51.09
C TYR M 94 -11.99 28.81 51.20
N PHE M 95 -12.64 28.50 50.07
CA PHE M 95 -14.09 28.28 50.02
C PHE M 95 -14.57 27.01 49.35
N CYS M 96 -14.84 25.97 50.15
CA CYS M 96 -15.38 24.74 49.60
C CYS M 96 -16.82 25.13 49.28
N ALA M 97 -17.34 24.68 48.13
CA ALA M 97 -18.68 25.07 47.72
C ALA M 97 -19.52 23.89 47.28
N GLY M 98 -20.78 23.88 47.71
CA GLY M 98 -21.73 22.85 47.36
C GLY M 98 -22.64 23.38 46.28
N VAL M 99 -23.18 22.47 45.47
CA VAL M 99 -24.07 22.84 44.38
C VAL M 99 -24.87 21.63 43.92
N TYR M 100 -26.15 21.86 43.59
CA TYR M 100 -27.00 20.77 43.12
C TYR M 100 -26.52 20.32 41.75
N GLU M 101 -25.89 19.16 41.70
CA GLU M 101 -25.34 18.60 40.47
C GLU M 101 -26.25 17.55 39.86
N GLY M 102 -27.39 17.27 40.49
CA GLY M 102 -28.27 16.26 39.95
C GLY M 102 -27.91 14.91 40.52
N GLU M 103 -27.96 13.86 39.72
CA GLU M 103 -27.64 12.51 40.19
C GLU M 103 -26.34 11.96 39.60
N ALA M 104 -25.24 12.12 40.34
CA ALA M 104 -23.96 11.59 39.90
C ALA M 104 -23.88 10.08 40.11
N ASP M 105 -24.84 9.51 40.82
CA ASP M 105 -24.90 8.09 41.13
C ASP M 105 -25.94 7.30 40.32
N GLU M 106 -27.05 7.93 39.95
CA GLU M 106 -28.14 7.25 39.26
C GLU M 106 -28.35 7.55 37.77
N GLY M 107 -28.38 8.82 37.40
CA GLY M 107 -28.69 9.21 36.04
C GLY M 107 -28.17 10.56 35.62
N GLU M 108 -29.06 11.35 35.01
CA GLU M 108 -28.79 12.69 34.50
C GLU M 108 -27.89 13.52 35.42
N TYR M 109 -26.77 13.96 34.85
CA TYR M 109 -25.73 14.71 35.54
C TYR M 109 -25.00 15.52 34.49
N ASP M 110 -25.08 16.85 34.59
CA ASP M 110 -24.47 17.71 33.60
C ASP M 110 -23.05 18.16 33.96
N ASN M 111 -22.56 17.80 35.15
CA ASN M 111 -21.24 18.15 35.67
C ASN M 111 -21.09 19.66 35.62
N ASN M 112 -21.98 20.34 36.34
CA ASN M 112 -22.01 21.79 36.35
C ASN M 112 -20.79 22.45 36.98
N GLY M 113 -20.34 23.55 36.38
CA GLY M 113 -19.20 24.29 36.86
C GLY M 113 -19.62 25.42 37.77
N PHE M 114 -20.89 25.82 37.69
CA PHE M 114 -21.35 26.90 38.54
C PHE M 114 -21.52 26.43 39.99
N LEU M 115 -21.47 27.38 40.91
CA LEU M 115 -21.57 27.11 42.34
C LEU M 115 -22.60 27.98 43.05
N LYS M 116 -23.68 27.36 43.54
CA LYS M 116 -24.73 28.09 44.22
C LYS M 116 -24.44 28.24 45.71
N HIS M 117 -24.27 27.13 46.41
CA HIS M 117 -23.98 27.19 47.85
C HIS M 117 -22.48 27.29 48.05
N TRP M 118 -22.08 27.73 49.24
CA TRP M 118 -20.67 27.92 49.58
C TRP M 118 -20.35 27.49 51.00
N GLY M 119 -19.09 27.67 51.40
CA GLY M 119 -18.66 27.30 52.73
C GLY M 119 -18.77 28.43 53.71
N GLN M 120 -17.73 28.62 54.52
CA GLN M 120 -17.70 29.69 55.51
C GLN M 120 -16.42 30.49 55.35
N GLY M 121 -15.46 29.97 54.58
CA GLY M 121 -14.22 30.66 54.38
C GLY M 121 -13.20 30.36 55.46
N THR M 122 -11.93 30.19 55.09
CA THR M 122 -10.86 29.90 56.04
C THR M 122 -9.57 30.57 55.63
N LEU M 123 -9.20 31.63 56.35
CA LEU M 123 -7.96 32.37 56.07
C LEU M 123 -6.77 31.60 56.64
N VAL M 124 -6.21 30.69 55.84
CA VAL M 124 -5.06 29.91 56.30
C VAL M 124 -3.82 30.75 56.07
N THR M 125 -3.42 31.51 57.09
CA THR M 125 -2.24 32.35 56.97
C THR M 125 -0.97 31.49 57.02
N VAL M 126 0.04 31.92 56.27
CA VAL M 126 1.31 31.22 56.20
C VAL M 126 2.43 32.19 56.52
N SER M 127 3.14 31.95 57.61
CA SER M 127 4.24 32.82 58.02
C SER M 127 5.42 32.01 58.54
N GLU N 1 -26.25 48.86 -20.13
CA GLU N 1 -27.02 49.94 -19.54
C GLU N 1 -28.52 49.74 -19.76
N VAL N 2 -29.25 49.53 -18.66
CA VAL N 2 -30.69 49.30 -18.69
C VAL N 2 -31.41 50.17 -17.67
N GLN N 3 -32.69 50.44 -17.96
CA GLN N 3 -33.56 51.22 -17.08
C GLN N 3 -34.57 50.24 -16.52
N LEU N 4 -34.84 50.34 -15.21
CA LEU N 4 -35.70 49.38 -14.54
C LEU N 4 -36.90 49.98 -13.83
N VAL N 5 -38.10 49.48 -14.16
CA VAL N 5 -39.35 49.91 -13.56
C VAL N 5 -40.04 48.70 -12.93
N GLU N 6 -40.30 48.78 -11.63
CA GLU N 6 -40.92 47.69 -10.88
C GLU N 6 -42.45 47.77 -10.84
N SER N 7 -43.06 46.94 -9.98
CA SER N 7 -44.49 46.93 -9.80
C SER N 7 -44.86 47.94 -8.72
N GLY N 8 -46.13 48.05 -8.39
CA GLY N 8 -46.57 49.00 -7.39
C GLY N 8 -46.50 48.45 -5.98
N ALA N 9 -46.49 49.38 -5.02
CA ALA N 9 -46.45 49.02 -3.61
C ALA N 9 -47.77 48.36 -3.23
N GLU N 10 -47.69 47.14 -2.71
CA GLU N 10 -48.87 46.38 -2.34
C GLU N 10 -48.95 46.03 -0.86
N VAL N 11 -50.17 45.87 -0.36
CA VAL N 11 -50.44 45.54 1.03
C VAL N 11 -50.84 44.07 1.12
N LYS N 12 -50.15 43.32 1.99
CA LYS N 12 -50.43 41.90 2.18
C LYS N 12 -50.55 41.53 3.65
N LYS N 13 -50.85 40.25 3.90
CA LYS N 13 -50.99 39.70 5.24
C LYS N 13 -49.81 38.80 5.54
N PRO N 14 -49.42 38.66 6.82
CA PRO N 14 -48.28 37.80 7.15
C PRO N 14 -48.58 36.33 6.89
N GLY N 15 -47.91 35.74 5.91
CA GLY N 15 -48.12 34.36 5.56
C GLY N 15 -48.94 34.19 4.30
N SER N 16 -48.72 35.08 3.33
CA SER N 16 -49.42 35.05 2.06
C SER N 16 -48.42 35.24 0.93
N SER N 17 -48.87 35.00 -0.30
CA SER N 17 -48.02 35.14 -1.46
C SER N 17 -48.30 36.43 -2.23
N VAL N 18 -47.22 37.11 -2.63
CA VAL N 18 -47.28 38.36 -3.37
C VAL N 18 -46.29 38.20 -4.51
N LYS N 19 -46.49 38.98 -5.58
CA LYS N 19 -45.61 38.91 -6.75
C LYS N 19 -45.21 40.32 -7.15
N VAL N 20 -43.89 40.57 -7.21
CA VAL N 20 -43.34 41.88 -7.53
C VAL N 20 -42.55 41.85 -8.83
N SER N 21 -43.04 42.55 -9.84
CA SER N 21 -42.40 42.59 -11.15
C SER N 21 -41.25 43.59 -11.25
N CYS N 22 -40.48 43.46 -12.33
CA CYS N 22 -39.36 44.36 -12.63
C CYS N 22 -39.14 44.43 -14.13
N LYS N 23 -39.70 45.47 -14.75
CA LYS N 23 -39.53 45.65 -16.19
C LYS N 23 -38.19 46.31 -16.45
N ALA N 24 -37.47 45.82 -17.45
CA ALA N 24 -36.15 46.37 -17.79
C ALA N 24 -36.06 46.66 -19.28
N SER N 25 -35.94 47.93 -19.62
CA SER N 25 -35.81 48.39 -21.00
C SER N 25 -34.43 49.01 -21.15
N GLY N 26 -33.72 48.64 -22.20
CA GLY N 26 -32.38 49.17 -22.40
C GLY N 26 -31.55 48.29 -23.32
N ASP N 27 -30.37 47.90 -22.84
CA ASP N 27 -29.44 47.05 -23.57
C ASP N 27 -29.95 45.61 -23.42
N THR N 28 -29.13 44.62 -23.79
CA THR N 28 -29.53 43.22 -23.74
C THR N 28 -29.97 42.77 -22.36
N PHE N 29 -31.26 42.41 -22.25
CA PHE N 29 -31.88 41.99 -21.00
C PHE N 29 -31.36 40.66 -20.46
N ILE N 30 -30.96 39.75 -21.33
CA ILE N 30 -30.48 38.45 -20.87
C ILE N 30 -29.01 38.44 -20.47
N ARG N 31 -28.20 39.35 -21.03
CA ARG N 31 -26.78 39.41 -20.69
C ARG N 31 -26.52 40.04 -19.33
N TYR N 32 -27.51 40.69 -18.74
CA TYR N 32 -27.33 41.37 -17.47
C TYR N 32 -27.96 40.65 -16.28
N SER N 33 -27.15 40.39 -15.26
CA SER N 33 -27.63 39.74 -14.05
C SER N 33 -28.35 40.77 -13.19
N PHE N 34 -29.61 40.49 -12.88
CA PHE N 34 -30.39 41.41 -12.07
C PHE N 34 -30.30 41.01 -10.60
N THR N 35 -30.36 42.00 -9.72
CA THR N 35 -30.23 41.76 -8.29
C THR N 35 -31.28 42.50 -7.47
N TRP N 36 -32.10 41.74 -6.75
CA TRP N 36 -33.14 42.32 -5.91
C TRP N 36 -32.53 42.72 -4.57
N VAL N 37 -32.71 43.99 -4.19
CA VAL N 37 -32.18 44.53 -2.94
C VAL N 37 -33.29 45.15 -2.11
N ARG N 38 -33.69 44.47 -1.04
CA ARG N 38 -34.74 45.01 -0.18
C ARG N 38 -34.18 46.16 0.64
N GLN N 39 -35.09 46.96 1.20
CA GLN N 39 -34.70 48.10 2.04
C GLN N 39 -35.51 48.14 3.33
N ALA N 40 -34.95 47.57 4.39
CA ALA N 40 -35.62 47.61 5.68
C ALA N 40 -35.68 49.08 6.13
N PRO N 41 -36.79 49.52 6.71
CA PRO N 41 -36.90 50.94 7.09
C PRO N 41 -35.95 51.35 8.21
N GLY N 42 -34.94 52.15 7.85
CA GLY N 42 -33.99 52.68 8.79
C GLY N 42 -32.59 52.11 8.91
N GLN N 43 -32.45 50.79 8.87
CA GLN N 43 -31.14 50.17 9.04
C GLN N 43 -30.49 49.64 7.75
N GLY N 44 -29.36 48.93 7.91
CA GLY N 44 -28.64 48.38 6.79
C GLY N 44 -29.47 47.42 5.97
N LEU N 45 -29.03 47.24 4.72
CA LEU N 45 -29.72 46.38 3.78
C LEU N 45 -29.49 44.90 4.01
N GLU N 46 -30.49 44.10 3.63
CA GLU N 46 -30.43 42.65 3.72
C GLU N 46 -30.33 42.10 2.31
N TRP N 47 -29.25 41.39 2.02
CA TRP N 47 -29.07 40.83 0.69
C TRP N 47 -30.06 39.69 0.48
N MET N 48 -30.94 39.85 -0.51
CA MET N 48 -31.92 38.82 -0.80
C MET N 48 -31.40 37.79 -1.80
N GLY N 49 -31.04 38.22 -2.99
CA GLY N 49 -30.56 37.30 -3.99
C GLY N 49 -30.16 38.03 -5.26
N ARG N 50 -29.44 37.29 -6.11
CA ARG N 50 -28.95 37.78 -7.38
C ARG N 50 -29.31 36.80 -8.49
N ILE N 51 -29.99 37.28 -9.53
CA ILE N 51 -30.41 36.43 -10.63
C ILE N 51 -29.83 36.82 -11.99
N ILE N 52 -29.12 35.88 -12.60
CA ILE N 52 -28.56 36.10 -13.93
C ILE N 52 -29.75 35.77 -14.83
N THR N 53 -30.05 36.64 -15.78
CA THR N 53 -31.23 36.42 -16.61
C THR N 53 -31.14 35.25 -17.59
N ILE N 54 -30.06 35.19 -18.39
CA ILE N 54 -29.94 34.09 -19.35
C ILE N 54 -29.76 32.76 -18.62
N LEU N 55 -29.17 32.78 -17.42
CA LEU N 55 -29.01 31.56 -16.66
C LEU N 55 -30.32 31.25 -15.95
N ASP N 56 -31.09 32.30 -15.63
CA ASP N 56 -32.38 32.21 -14.93
C ASP N 56 -32.17 31.50 -13.59
N VAL N 57 -31.01 31.74 -12.97
CA VAL N 57 -30.64 31.15 -11.70
C VAL N 57 -30.76 32.24 -10.64
N ALA N 58 -31.83 32.21 -9.87
CA ALA N 58 -32.06 33.21 -8.83
C ALA N 58 -31.39 32.75 -7.55
N HIS N 59 -30.40 33.52 -7.11
CA HIS N 59 -29.74 33.18 -5.85
C HIS N 59 -30.71 33.64 -4.77
N TYR N 60 -30.56 33.07 -3.57
CA TYR N 60 -31.43 33.46 -2.47
C TYR N 60 -30.65 33.50 -1.16
N ALA N 61 -31.12 34.32 -0.23
CA ALA N 61 -30.47 34.42 1.06
C ALA N 61 -30.68 33.11 1.83
N PRO N 62 -29.73 32.72 2.69
CA PRO N 62 -29.89 31.48 3.45
C PRO N 62 -31.09 31.51 4.39
N HIS N 63 -31.44 32.67 4.92
CA HIS N 63 -32.59 32.79 5.80
C HIS N 63 -33.87 32.85 4.98
N LEU N 64 -33.76 33.25 3.71
CA LEU N 64 -34.91 33.37 2.84
C LEU N 64 -35.12 32.12 1.98
N GLN N 65 -34.47 31.01 2.31
CA GLN N 65 -34.63 29.78 1.54
C GLN N 65 -36.01 29.15 1.75
N GLY N 66 -36.84 29.18 0.71
CA GLY N 66 -38.17 28.61 0.78
C GLY N 66 -39.30 29.60 0.97
N ARG N 67 -39.00 30.89 1.10
CA ARG N 67 -40.04 31.89 1.28
C ARG N 67 -39.97 32.95 0.19
N VAL N 68 -39.07 32.78 -0.78
CA VAL N 68 -38.95 33.73 -1.89
C VAL N 68 -38.59 32.99 -3.17
N THR N 69 -39.32 33.29 -4.25
CA THR N 69 -39.12 32.69 -5.56
C THR N 69 -39.02 33.77 -6.62
N ILE N 70 -37.80 34.18 -6.94
CA ILE N 70 -37.56 35.20 -7.94
C ILE N 70 -37.57 34.57 -9.33
N THR N 71 -38.61 34.84 -10.11
CA THR N 71 -38.72 34.31 -11.45
C THR N 71 -38.38 35.43 -12.45
N ALA N 72 -38.18 35.06 -13.71
CA ALA N 72 -37.84 36.05 -14.72
C ALA N 72 -38.46 35.66 -16.05
N ASP N 73 -38.83 36.68 -16.83
CA ASP N 73 -39.42 36.48 -18.15
C ASP N 73 -38.57 37.22 -19.18
N LYS N 74 -37.89 36.45 -20.03
CA LYS N 74 -37.03 37.05 -21.05
C LYS N 74 -37.84 37.73 -22.15
N SER N 75 -39.04 37.23 -22.43
CA SER N 75 -39.87 37.82 -23.49
C SER N 75 -40.44 39.18 -23.13
N THR N 76 -41.12 39.29 -21.99
CA THR N 76 -41.71 40.57 -21.59
C THR N 76 -40.70 41.45 -20.86
N SER N 77 -39.45 40.97 -20.73
CA SER N 77 -38.35 41.67 -20.05
C SER N 77 -38.77 42.05 -18.64
N THR N 78 -39.47 41.14 -17.97
CA THR N 78 -39.98 41.36 -16.62
C THR N 78 -39.53 40.29 -15.63
N VAL N 79 -38.79 40.72 -14.61
CA VAL N 79 -38.29 39.84 -13.56
C VAL N 79 -39.26 39.92 -12.39
N TYR N 80 -39.85 38.79 -12.01
CA TYR N 80 -40.79 38.77 -10.90
C TYR N 80 -40.15 38.30 -9.59
N LEU N 81 -40.80 38.65 -8.48
CA LEU N 81 -40.32 38.27 -7.16
C LEU N 81 -41.53 37.83 -6.34
N GLU N 82 -41.54 36.55 -5.96
CA GLU N 82 -42.62 35.97 -5.18
C GLU N 82 -42.24 35.84 -3.72
N LEU N 83 -43.07 36.39 -2.83
CA LEU N 83 -42.83 36.34 -1.38
C LEU N 83 -43.96 35.65 -0.63
N ARG N 84 -43.67 34.46 -0.10
CA ARG N 84 -44.61 33.69 0.70
C ARG N 84 -44.06 33.65 2.12
N ASN N 85 -44.92 33.21 3.06
CA ASN N 85 -44.59 33.13 4.49
C ASN N 85 -44.13 34.51 4.96
N LEU N 86 -44.94 35.52 4.68
CA LEU N 86 -44.62 36.89 5.01
C LEU N 86 -44.61 37.19 6.51
N ARG N 87 -43.91 38.27 6.88
CA ARG N 87 -43.76 38.72 8.26
C ARG N 87 -43.90 40.23 8.34
N SER N 88 -43.80 40.76 9.57
CA SER N 88 -43.92 42.20 9.77
C SER N 88 -42.76 42.99 9.17
N ASP N 89 -41.53 42.54 9.40
CA ASP N 89 -40.36 43.23 8.87
C ASP N 89 -40.17 43.01 7.37
N ASP N 90 -41.05 42.25 6.73
CA ASP N 90 -40.96 42.02 5.29
C ASP N 90 -41.37 43.29 4.55
N THR N 91 -41.96 44.25 5.27
CA THR N 91 -42.34 45.54 4.70
C THR N 91 -41.01 46.20 4.37
N ALA N 92 -40.70 46.31 3.10
CA ALA N 92 -39.42 46.90 2.69
C ALA N 92 -39.55 47.36 1.25
N VAL N 93 -38.61 48.22 0.85
CA VAL N 93 -38.56 48.77 -0.49
C VAL N 93 -37.61 47.90 -1.28
N TYR N 94 -38.16 47.07 -2.17
CA TYR N 94 -37.36 46.13 -2.95
C TYR N 94 -36.75 46.81 -4.16
N PHE N 95 -35.49 46.49 -4.45
CA PHE N 95 -34.76 47.09 -5.58
C PHE N 95 -34.08 46.12 -6.55
N CYS N 96 -34.75 45.82 -7.66
CA CYS N 96 -34.14 44.98 -8.67
C CYS N 96 -33.11 45.91 -9.30
N ALA N 97 -31.92 45.41 -9.61
CA ALA N 97 -30.87 46.25 -10.14
C ALA N 97 -30.20 45.66 -11.37
N GLY N 98 -29.97 46.50 -12.37
CA GLY N 98 -29.30 46.10 -13.59
C GLY N 98 -27.86 46.56 -13.54
N VAL N 99 -26.99 45.85 -14.26
CA VAL N 99 -25.57 46.18 -14.29
C VAL N 99 -24.92 45.54 -15.50
N TYR N 100 -23.98 46.26 -16.13
CA TYR N 100 -23.27 45.72 -17.29
C TYR N 100 -22.37 44.60 -16.82
N GLU N 101 -22.75 43.36 -17.14
CA GLU N 101 -22.01 42.17 -16.75
C GLU N 101 -21.14 41.64 -17.88
N GLY N 102 -21.17 42.28 -19.04
CA GLY N 102 -20.37 41.80 -20.14
C GLY N 102 -21.20 40.83 -20.96
N GLU N 103 -20.58 39.76 -21.44
CA GLU N 103 -21.28 38.76 -22.25
C GLU N 103 -21.46 37.41 -21.54
N ALA N 104 -22.61 37.23 -20.90
CA ALA N 104 -22.92 35.97 -20.24
C ALA N 104 -23.29 34.89 -21.23
N ASP N 105 -23.49 35.26 -22.49
CA ASP N 105 -23.88 34.35 -23.56
C ASP N 105 -22.77 34.00 -24.55
N GLU N 106 -21.84 34.93 -24.79
CA GLU N 106 -20.77 34.73 -25.77
C GLU N 106 -19.36 34.50 -25.27
N GLY N 107 -18.89 35.31 -24.33
CA GLY N 107 -17.51 35.23 -23.88
C GLY N 107 -17.27 35.80 -22.51
N GLU N 108 -16.22 36.63 -22.39
CA GLU N 108 -15.76 37.28 -21.17
C GLU N 108 -16.92 37.78 -20.29
N TYR N 109 -16.92 37.28 -19.07
CA TYR N 109 -17.96 37.54 -18.07
C TYR N 109 -17.30 37.35 -16.70
N ASP N 110 -17.22 38.42 -15.93
CA ASP N 110 -16.58 38.34 -14.62
C ASP N 110 -17.52 38.06 -13.47
N ASN N 111 -18.83 38.00 -13.74
CA ASN N 111 -19.89 37.74 -12.76
C ASN N 111 -19.75 38.78 -11.64
N ASN N 112 -19.89 40.04 -12.02
CA ASN N 112 -19.72 41.14 -11.09
C ASN N 112 -20.80 41.22 -10.02
N GLY N 113 -20.37 41.57 -8.81
CA GLY N 113 -21.28 41.70 -7.68
C GLY N 113 -21.74 43.12 -7.50
N PHE N 114 -21.02 44.07 -8.09
CA PHE N 114 -21.41 45.46 -7.96
C PHE N 114 -22.63 45.77 -8.83
N LEU N 115 -23.36 46.82 -8.46
CA LEU N 115 -24.59 47.22 -9.14
C LEU N 115 -24.59 48.70 -9.49
N LYS N 116 -24.57 49.01 -10.79
CA LYS N 116 -24.57 50.40 -11.24
C LYS N 116 -25.98 50.94 -11.40
N HIS N 117 -26.79 50.29 -12.24
CA HIS N 117 -28.17 50.73 -12.44
C HIS N 117 -29.07 50.09 -11.40
N TRP N 118 -30.25 50.67 -11.21
CA TRP N 118 -31.20 50.19 -10.21
C TRP N 118 -32.64 50.25 -10.71
N GLY N 119 -33.58 49.86 -9.85
CA GLY N 119 -34.98 49.87 -10.20
C GLY N 119 -35.67 51.17 -9.84
N GLN N 120 -36.86 51.06 -9.24
CA GLN N 120 -37.62 52.24 -8.83
C GLN N 120 -38.01 52.07 -7.37
N GLY N 121 -37.87 50.87 -6.82
CA GLY N 121 -38.23 50.63 -5.44
C GLY N 121 -39.70 50.28 -5.28
N THR N 122 -40.00 49.34 -4.40
CA THR N 122 -41.38 48.92 -4.16
C THR N 122 -41.58 48.56 -2.69
N LEU N 123 -42.28 49.43 -1.97
CA LEU N 123 -42.57 49.21 -0.54
C LEU N 123 -43.72 48.22 -0.40
N VAL N 124 -43.39 46.93 -0.36
CA VAL N 124 -44.43 45.90 -0.23
C VAL N 124 -44.75 45.77 1.24
N THR N 125 -45.75 46.52 1.71
CA THR N 125 -46.14 46.46 3.10
C THR N 125 -46.88 45.17 3.39
N VAL N 126 -46.67 44.64 4.60
CA VAL N 126 -47.32 43.40 5.04
C VAL N 126 -48.03 43.67 6.36
N SER N 127 -49.36 43.52 6.35
CA SER N 127 -50.15 43.74 7.54
C SER N 127 -51.27 42.70 7.67
N GLU O 1 34.96 44.16 19.75
CA GLU O 1 34.92 45.61 19.73
C GLU O 1 35.78 46.17 18.61
N VAL O 2 35.14 46.81 17.64
CA VAL O 2 35.81 47.41 16.48
C VAL O 2 35.34 48.84 16.22
N GLN O 3 36.21 49.62 15.59
CA GLN O 3 35.93 51.00 15.21
C GLN O 3 35.80 51.00 13.70
N LEU O 4 34.79 51.70 13.20
CA LEU O 4 34.49 51.70 11.76
C LEU O 4 34.50 53.06 11.09
N VAL O 5 35.28 53.20 10.03
CA VAL O 5 35.38 54.42 9.24
C VAL O 5 35.02 54.10 7.79
N GLU O 6 34.00 54.78 7.27
CA GLU O 6 33.52 54.58 5.91
C GLU O 6 34.19 55.48 4.87
N SER O 7 33.64 55.48 3.66
CA SER O 7 34.15 56.31 2.58
C SER O 7 33.48 57.68 2.66
N GLY O 8 33.80 58.57 1.73
CA GLY O 8 33.21 59.89 1.74
C GLY O 8 31.88 59.97 1.02
N ALA O 9 31.13 61.03 1.34
CA ALA O 9 29.84 61.27 0.72
C ALA O 9 30.03 61.60 -0.75
N GLU O 10 29.41 60.84 -1.63
CA GLU O 10 29.56 61.03 -3.06
C GLU O 10 28.26 61.37 -3.77
N VAL O 11 28.37 62.08 -4.89
CA VAL O 11 27.24 62.49 -5.70
C VAL O 11 27.18 61.63 -6.95
N LYS O 12 26.02 61.02 -7.20
CA LYS O 12 25.83 60.16 -8.37
C LYS O 12 24.56 60.50 -9.13
N LYS O 13 24.33 59.79 -10.24
CA LYS O 13 23.18 59.94 -11.09
C LYS O 13 22.26 58.73 -10.92
N PRO O 14 20.93 58.91 -11.11
CA PRO O 14 20.02 57.76 -10.96
C PRO O 14 20.23 56.72 -12.04
N GLY O 15 20.72 55.54 -11.66
CA GLY O 15 20.98 54.47 -12.61
C GLY O 15 22.45 54.31 -12.91
N SER O 16 23.29 54.52 -11.89
CA SER O 16 24.73 54.40 -12.04
C SER O 16 25.29 53.58 -10.88
N SER O 17 26.55 53.18 -10.99
CA SER O 17 27.20 52.39 -9.95
C SER O 17 28.13 53.23 -9.09
N VAL O 18 28.05 53.01 -7.77
CA VAL O 18 28.87 53.72 -6.80
C VAL O 18 29.40 52.65 -5.87
N LYS O 19 30.51 52.94 -5.18
CA LYS O 19 31.12 51.98 -4.26
C LYS O 19 31.43 52.69 -2.95
N VAL O 20 30.91 52.15 -1.85
CA VAL O 20 31.09 52.72 -0.53
C VAL O 20 31.85 51.78 0.40
N SER O 21 33.04 52.20 0.80
CA SER O 21 33.91 51.40 1.67
C SER O 21 33.57 51.50 3.15
N CYS O 22 34.14 50.59 3.94
CA CYS O 22 33.97 50.56 5.39
C CYS O 22 35.20 49.94 6.03
N LYS O 23 36.12 50.79 6.49
CA LYS O 23 37.33 50.30 7.14
C LYS O 23 37.01 49.99 8.60
N ALA O 24 37.49 48.86 9.09
CA ALA O 24 37.24 48.45 10.46
C ALA O 24 38.54 48.06 11.15
N SER O 25 38.92 48.83 12.16
CA SER O 25 40.11 48.58 12.96
C SER O 25 39.68 48.27 14.37
N GLY O 26 40.23 47.20 14.95
CA GLY O 26 39.84 46.81 16.30
C GLY O 26 40.17 45.37 16.59
N ASP O 27 39.15 44.62 17.03
CA ASP O 27 39.28 43.21 17.35
C ASP O 27 39.23 42.44 16.02
N THR O 28 39.08 41.11 16.07
CA THR O 28 39.06 40.29 14.87
C THR O 28 38.00 40.71 13.86
N PHE O 29 38.47 41.15 12.68
CA PHE O 29 37.60 41.63 11.61
C PHE O 29 36.75 40.55 10.96
N ILE O 30 37.23 39.32 10.92
CA ILE O 30 36.47 38.25 10.27
C ILE O 30 35.43 37.62 11.20
N ARG O 31 35.65 37.66 12.52
CA ARG O 31 34.70 37.08 13.45
C ARG O 31 33.44 37.93 13.65
N TYR O 32 33.45 39.17 13.19
CA TYR O 32 32.32 40.06 13.38
C TYR O 32 31.49 40.30 12.12
N SER O 33 30.19 40.05 12.24
CA SER O 33 29.28 40.26 11.12
C SER O 33 28.98 41.74 11.01
N PHE O 34 29.26 42.33 9.86
CA PHE O 34 29.00 43.75 9.66
C PHE O 34 27.63 43.94 9.03
N THR O 35 26.98 45.06 9.37
CA THR O 35 25.64 45.33 8.88
C THR O 35 25.50 46.76 8.38
N TRP O 36 25.16 46.90 7.09
CA TRP O 36 24.96 48.21 6.50
C TRP O 36 23.54 48.70 6.78
N VAL O 37 23.43 49.89 7.36
CA VAL O 37 22.14 50.48 7.71
C VAL O 37 22.00 51.86 7.08
N ARG O 38 21.17 51.96 6.05
CA ARG O 38 20.96 53.25 5.40
C ARG O 38 20.10 54.13 6.29
N GLN O 39 20.10 55.43 6.01
CA GLN O 39 19.32 56.41 6.77
C GLN O 39 18.57 57.35 5.84
N ALA O 40 17.32 57.02 5.56
CA ALA O 40 16.49 57.89 4.73
C ALA O 40 16.28 59.19 5.50
N PRO O 41 16.33 60.34 4.83
CA PRO O 41 16.20 61.62 5.55
C PRO O 41 14.82 61.84 6.16
N GLY O 42 14.76 61.77 7.49
CA GLY O 42 13.54 62.02 8.23
C GLY O 42 12.72 60.89 8.81
N GLN O 43 12.55 59.79 8.08
CA GLN O 43 11.73 58.68 8.55
C GLN O 43 12.50 57.45 9.05
N GLY O 44 11.76 56.38 9.34
CA GLY O 44 12.35 55.16 9.83
C GLY O 44 13.36 54.56 8.86
N LEU O 45 14.24 53.73 9.43
CA LEU O 45 15.29 53.09 8.67
C LEU O 45 14.82 51.92 7.81
N GLU O 46 15.54 51.72 6.70
CA GLU O 46 15.27 50.62 5.78
C GLU O 46 16.40 49.62 5.91
N TRP O 47 16.07 48.39 6.30
CA TRP O 47 17.11 47.37 6.46
C TRP O 47 17.63 46.97 5.09
N MET O 48 18.93 47.18 4.86
CA MET O 48 19.53 46.82 3.59
C MET O 48 20.05 45.39 3.58
N GLY O 49 20.98 45.08 4.47
CA GLY O 49 21.54 43.75 4.52
C GLY O 49 22.55 43.61 5.64
N ARG O 50 22.89 42.36 5.92
CA ARG O 50 23.83 41.99 6.96
C ARG O 50 24.86 41.01 6.39
N ILE O 51 26.13 41.36 6.53
CA ILE O 51 27.21 40.53 6.01
C ILE O 51 28.18 40.00 7.07
N ILE O 52 28.30 38.68 7.16
CA ILE O 52 29.22 38.05 8.08
C ILE O 52 30.53 38.09 7.29
N THR O 53 31.60 38.56 7.92
CA THR O 53 32.85 38.71 7.19
C THR O 53 33.55 37.41 6.80
N ILE O 54 33.74 36.50 7.75
CA ILE O 54 34.42 35.24 7.42
C ILE O 54 33.55 34.41 6.47
N LEU O 55 32.23 34.56 6.55
CA LEU O 55 31.35 33.82 5.64
C LEU O 55 31.30 34.56 4.31
N ASP O 56 31.48 35.88 4.34
CA ASP O 56 31.46 36.77 3.18
C ASP O 56 30.10 36.62 2.48
N VAL O 57 29.06 36.42 3.27
CA VAL O 57 27.70 36.25 2.77
C VAL O 57 26.94 37.53 3.08
N ALA O 58 26.75 38.37 2.08
CA ALA O 58 26.06 39.64 2.24
C ALA O 58 24.57 39.42 2.05
N HIS O 59 23.79 39.63 3.11
CA HIS O 59 22.36 39.50 2.99
C HIS O 59 21.90 40.76 2.28
N TYR O 60 20.73 40.71 1.67
CA TYR O 60 20.19 41.87 0.98
C TYR O 60 18.68 41.97 1.17
N ALA O 61 18.18 43.20 1.09
CA ALA O 61 16.74 43.40 1.24
C ALA O 61 16.03 42.83 0.02
N PRO O 62 14.79 42.33 0.20
CA PRO O 62 14.06 41.77 -0.96
C PRO O 62 13.79 42.78 -2.06
N HIS O 63 13.62 44.05 -1.71
CA HIS O 63 13.39 45.08 -2.71
C HIS O 63 14.71 45.50 -3.34
N LEU O 64 15.81 45.28 -2.63
CA LEU O 64 17.14 45.65 -3.10
C LEU O 64 17.85 44.50 -3.81
N GLN O 65 17.14 43.43 -4.15
CA GLN O 65 17.76 42.30 -4.83
C GLN O 65 18.15 42.63 -6.27
N GLY O 66 19.46 42.71 -6.53
CA GLY O 66 19.95 43.02 -7.86
C GLY O 66 20.41 44.44 -8.08
N ARG O 67 20.29 45.31 -7.07
CA ARG O 67 20.72 46.69 -7.22
C ARG O 67 21.77 47.04 -6.17
N VAL O 68 22.18 46.08 -5.36
CA VAL O 68 23.20 46.31 -4.34
C VAL O 68 24.09 45.09 -4.17
N THR O 69 25.40 45.30 -4.18
CA THR O 69 26.40 44.24 -4.05
C THR O 69 27.41 44.60 -2.96
N ILE O 70 27.16 44.14 -1.74
CA ILE O 70 28.04 44.41 -0.61
C ILE O 70 29.20 43.42 -0.62
N THR O 71 30.40 43.90 -0.95
CA THR O 71 31.57 43.06 -0.97
C THR O 71 32.40 43.35 0.28
N ALA O 72 33.39 42.49 0.55
CA ALA O 72 34.22 42.68 1.73
C ALA O 72 35.64 42.21 1.43
N ASP O 73 36.59 42.89 2.06
CA ASP O 73 38.01 42.56 1.90
C ASP O 73 38.60 42.28 3.27
N LYS O 74 38.95 41.02 3.51
CA LYS O 74 39.52 40.63 4.80
C LYS O 74 40.93 41.17 5.00
N SER O 75 41.68 41.33 3.91
CA SER O 75 43.05 41.81 4.02
C SER O 75 43.15 43.29 4.39
N THR O 76 42.49 44.16 3.63
CA THR O 76 42.54 45.59 3.93
C THR O 76 41.53 45.98 4.99
N SER O 77 40.77 45.00 5.53
CA SER O 77 39.75 45.21 6.55
C SER O 77 38.73 46.25 6.09
N THR O 78 38.37 46.19 4.81
CA THR O 78 37.46 47.13 4.19
C THR O 78 36.26 46.45 3.54
N VAL O 79 35.06 46.76 4.04
CA VAL O 79 33.82 46.22 3.50
C VAL O 79 33.24 47.24 2.53
N TYR O 80 33.06 46.84 1.28
CA TYR O 80 32.52 47.74 0.28
C TYR O 80 31.03 47.54 0.04
N LEU O 81 30.38 48.56 -0.52
CA LEU O 81 28.96 48.51 -0.82
C LEU O 81 28.75 49.13 -2.20
N GLU O 82 28.29 48.32 -3.14
CA GLU O 82 28.05 48.75 -4.51
C GLU O 82 26.57 48.99 -4.75
N LEU O 83 26.23 50.18 -5.24
CA LEU O 83 24.85 50.55 -5.54
C LEU O 83 24.62 50.91 -7.00
N ARG O 84 23.89 50.06 -7.72
CA ARG O 84 23.55 50.28 -9.12
C ARG O 84 22.05 50.48 -9.17
N ASN O 85 21.57 50.96 -10.33
CA ASN O 85 20.15 51.26 -10.58
C ASN O 85 19.67 52.23 -9.51
N LEU O 86 20.41 53.33 -9.34
CA LEU O 86 20.11 54.33 -8.33
C LEU O 86 18.82 55.10 -8.57
N ARG O 87 18.28 55.68 -7.49
CA ARG O 87 17.05 56.46 -7.51
C ARG O 87 17.20 57.71 -6.65
N SER O 88 16.14 58.52 -6.61
CA SER O 88 16.16 59.76 -5.82
C SER O 88 16.23 59.52 -4.32
N ASP O 89 15.42 58.59 -3.80
CA ASP O 89 15.42 58.30 -2.38
C ASP O 89 16.61 57.47 -1.95
N ASP O 90 17.52 57.12 -2.88
CA ASP O 90 18.70 56.37 -2.52
C ASP O 90 19.69 57.27 -1.78
N THR O 91 19.44 58.58 -1.80
CA THR O 91 20.24 59.54 -1.06
C THR O 91 19.99 59.22 0.40
N ALA O 92 20.98 58.65 1.07
CA ALA O 92 20.81 58.25 2.47
C ALA O 92 22.18 58.14 3.10
N VAL O 93 22.19 58.14 4.43
CA VAL O 93 23.40 58.03 5.22
C VAL O 93 23.56 56.55 5.56
N TYR O 94 24.50 55.89 4.89
CA TYR O 94 24.72 54.47 5.08
C TYR O 94 25.58 54.20 6.31
N PHE O 95 25.22 53.17 7.09
CA PHE O 95 25.94 52.82 8.31
C PHE O 95 26.37 51.36 8.46
N CYS O 96 27.62 51.08 8.12
CA CYS O 96 28.13 49.73 8.31
C CYS O 96 28.32 49.65 9.83
N ALA O 97 27.97 48.51 10.43
CA ALA O 97 28.05 48.39 11.87
C ALA O 97 28.75 47.13 12.32
N GLY O 98 29.62 47.26 13.33
CA GLY O 98 30.34 46.15 13.90
C GLY O 98 29.68 45.75 15.19
N VAL O 99 29.82 44.48 15.58
CA VAL O 99 29.23 43.96 16.79
C VAL O 99 29.92 42.66 17.19
N TYR O 100 30.11 42.47 18.50
CA TYR O 100 30.74 41.25 19.00
C TYR O 100 29.80 40.09 18.77
N GLU O 101 30.12 39.24 17.80
CA GLU O 101 29.32 38.10 17.45
C GLU O 101 29.84 36.80 18.06
N GLY O 102 30.94 36.87 18.79
CA GLY O 102 31.50 35.66 19.36
C GLY O 102 32.49 35.06 18.40
N GLU O 103 32.51 33.74 18.29
CA GLU O 103 33.44 33.06 17.39
C GLU O 103 32.76 32.40 16.18
N ALA O 104 32.72 33.12 15.06
CA ALA O 104 32.14 32.57 13.85
C ALA O 104 33.06 31.58 13.17
N ASP O 105 34.31 31.50 13.64
CA ASP O 105 35.34 30.61 13.10
C ASP O 105 35.64 29.39 13.96
N GLU O 106 35.52 29.50 15.27
CA GLU O 106 35.86 28.42 16.19
C GLU O 106 34.75 27.67 16.89
N GLY O 107 33.79 28.39 17.47
CA GLY O 107 32.75 27.76 18.26
C GLY O 107 31.49 28.57 18.39
N GLU O 108 30.99 28.68 19.63
CA GLU O 108 29.78 29.40 20.02
C GLU O 108 29.59 30.70 19.26
N TYR O 109 28.46 30.80 18.57
CA TYR O 109 28.09 31.92 17.73
C TYR O 109 26.57 31.95 17.65
N ASP O 110 25.95 32.99 18.17
CA ASP O 110 24.50 33.08 18.20
C ASP O 110 23.90 33.81 17.00
N ASN O 111 24.74 34.36 16.11
CA ASN O 111 24.34 35.10 14.92
C ASN O 111 23.41 36.23 15.35
N ASN O 112 23.94 37.11 16.19
CA ASN O 112 23.16 38.21 16.74
C ASN O 112 22.72 39.25 15.71
N GLY O 113 21.50 39.74 15.88
CA GLY O 113 20.94 40.74 14.99
C GLY O 113 21.16 42.13 15.53
N PHE O 114 21.43 42.24 16.82
CA PHE O 114 21.66 43.56 17.40
C PHE O 114 23.01 44.12 16.99
N LEU O 115 23.14 45.45 17.04
CA LEU O 115 24.36 46.15 16.64
C LEU O 115 24.83 47.15 17.69
N LYS O 116 25.99 46.87 18.29
CA LYS O 116 26.53 47.76 19.32
C LYS O 116 27.39 48.86 18.70
N HIS O 117 28.44 48.50 17.97
CA HIS O 117 29.29 49.49 17.34
C HIS O 117 28.73 49.87 15.98
N TRP O 118 29.17 51.01 15.47
CA TRP O 118 28.69 51.52 14.18
C TRP O 118 29.80 52.15 13.35
N GLY O 119 29.44 52.68 12.19
CA GLY O 119 30.40 53.31 11.32
C GLY O 119 30.53 54.80 11.55
N GLN O 120 30.56 55.58 10.48
CA GLN O 120 30.67 57.02 10.57
C GLN O 120 29.56 57.66 9.76
N GLY O 121 28.87 56.88 8.93
CA GLY O 121 27.81 57.41 8.11
C GLY O 121 28.30 57.99 6.80
N THR O 122 27.57 57.76 5.71
CA THR O 122 27.95 58.27 4.40
C THR O 122 26.72 58.66 3.59
N LEU O 123 26.49 59.96 3.44
CA LEU O 123 25.36 60.48 2.68
C LEU O 123 25.65 60.40 1.19
N VAL O 124 25.34 59.26 0.58
CA VAL O 124 25.59 59.09 -0.85
C VAL O 124 24.43 59.72 -1.60
N THR O 125 24.57 60.98 -1.96
CA THR O 125 23.52 61.67 -2.68
C THR O 125 23.46 61.19 -4.13
N VAL O 126 22.26 61.14 -4.67
CA VAL O 126 22.03 60.71 -6.05
C VAL O 126 21.24 61.78 -6.78
N SER O 127 21.84 62.37 -7.80
CA SER O 127 21.18 63.42 -8.58
C SER O 127 21.47 63.27 -10.06
N GLN P 1 54.12 -5.05 -6.69
CA GLN P 1 54.30 -4.21 -5.51
C GLN P 1 54.63 -5.07 -4.29
N ILE P 2 54.73 -6.37 -4.50
CA ILE P 2 55.05 -7.32 -3.44
C ILE P 2 56.21 -8.20 -3.87
N HIS P 3 57.29 -8.19 -3.08
CA HIS P 3 58.49 -8.97 -3.36
C HIS P 3 58.82 -9.88 -2.20
N LEU P 4 59.22 -11.12 -2.51
CA LEU P 4 59.56 -12.11 -1.50
C LEU P 4 61.07 -12.29 -1.43
N VAL P 5 61.60 -12.40 -0.21
CA VAL P 5 63.02 -12.59 0.04
C VAL P 5 63.23 -13.77 0.98
N GLN P 6 64.13 -14.68 0.58
CA GLN P 6 64.46 -15.85 1.36
C GLN P 6 65.79 -15.62 2.08
N SER P 7 66.31 -16.66 2.74
CA SER P 7 67.58 -16.52 3.45
C SER P 7 68.76 -16.41 2.49
N GLY P 8 69.96 -16.28 3.04
CA GLY P 8 71.14 -16.17 2.20
C GLY P 8 71.76 -17.48 1.81
N THR P 9 73.10 -17.53 1.80
CA THR P 9 73.84 -18.72 1.45
C THR P 9 74.20 -19.46 2.73
N GLU P 10 73.90 -20.76 2.76
CA GLU P 10 74.16 -21.58 3.93
C GLU P 10 74.76 -22.93 3.56
N VAL P 11 75.83 -23.30 4.26
CA VAL P 11 76.53 -24.56 4.06
C VAL P 11 76.59 -25.26 5.40
N LYS P 12 75.91 -26.40 5.52
CA LYS P 12 75.86 -27.14 6.77
C LYS P 12 76.57 -28.49 6.70
N LYS P 13 76.88 -29.03 7.88
CA LYS P 13 77.58 -30.30 7.99
C LYS P 13 76.63 -31.47 7.68
N PRO P 14 77.17 -32.59 7.20
CA PRO P 14 76.33 -33.76 6.91
C PRO P 14 75.72 -34.34 8.17
N GLY P 15 74.39 -34.31 8.24
CA GLY P 15 73.68 -34.81 9.40
C GLY P 15 73.42 -33.71 10.40
N SER P 16 72.90 -32.59 9.91
CA SER P 16 72.60 -31.43 10.76
C SER P 16 71.20 -30.89 10.49
N SER P 17 70.89 -29.72 11.05
CA SER P 17 69.61 -29.08 10.86
C SER P 17 69.78 -27.76 10.13
N VAL P 18 68.69 -27.28 9.53
CA VAL P 18 68.73 -26.03 8.79
C VAL P 18 67.62 -25.11 9.29
N THR P 19 67.85 -23.80 9.15
CA THR P 19 66.88 -22.78 9.53
C THR P 19 67.00 -21.67 8.50
N VAL P 20 66.18 -21.74 7.46
CA VAL P 20 66.18 -20.75 6.41
C VAL P 20 64.97 -19.85 6.65
N SER P 21 65.00 -18.66 6.08
CA SER P 21 63.94 -17.69 6.25
C SER P 21 63.20 -17.36 4.97
N CYS P 22 62.06 -16.72 5.12
CA CYS P 22 61.23 -16.25 4.01
C CYS P 22 60.58 -14.93 4.40
N LYS P 23 61.25 -13.84 4.05
CA LYS P 23 60.71 -12.52 4.35
C LYS P 23 59.67 -12.20 3.30
N ALA P 24 58.58 -11.56 3.71
CA ALA P 24 57.49 -11.24 2.80
C ALA P 24 57.11 -9.77 2.90
N TYR P 25 57.67 -8.95 2.01
CA TYR P 25 57.38 -7.54 2.01
C TYR P 25 55.96 -7.31 1.49
N GLY P 26 55.26 -6.33 2.08
CA GLY P 26 53.90 -6.06 1.67
C GLY P 26 52.91 -7.14 2.03
N VAL P 27 53.19 -7.88 3.11
CA VAL P 27 52.36 -8.98 3.56
C VAL P 27 51.99 -8.76 5.03
N ASN P 28 50.73 -9.02 5.38
CA ASN P 28 50.26 -8.82 6.75
C ASN P 28 50.54 -9.90 7.78
N THR P 29 49.99 -11.09 7.56
CA THR P 29 50.14 -12.17 8.52
C THR P 29 50.02 -13.53 7.85
N PHE P 30 50.56 -14.55 8.51
CA PHE P 30 50.48 -15.90 7.98
C PHE P 30 49.06 -16.40 8.10
N GLY P 31 48.25 -15.77 8.96
CA GLY P 31 46.86 -16.15 9.08
C GLY P 31 46.12 -15.89 7.80
N LEU P 32 46.48 -14.80 7.11
CA LEU P 32 45.90 -14.45 5.82
C LEU P 32 46.78 -14.93 4.69
N TYR P 33 48.06 -15.14 4.95
CA TYR P 33 49.01 -15.56 3.92
C TYR P 33 49.74 -16.83 4.31
N ALA P 34 49.14 -17.98 4.00
CA ALA P 34 49.75 -19.25 4.31
C ALA P 34 50.91 -19.50 3.34
N VAL P 35 51.96 -20.13 3.83
CA VAL P 35 53.15 -20.39 3.04
C VAL P 35 53.43 -21.88 2.82
N ASN P 36 53.50 -22.29 1.56
CA ASN P 36 53.81 -23.67 1.22
C ASN P 36 55.29 -23.78 0.88
N TRP P 37 56.01 -24.64 1.59
CA TRP P 37 57.43 -24.81 1.35
C TRP P 37 57.73 -25.91 0.33
N VAL P 38 58.54 -25.55 -0.66
CA VAL P 38 58.92 -26.44 -1.75
C VAL P 38 60.45 -26.44 -1.87
N ARG P 39 61.03 -27.63 -2.02
CA ARG P 39 62.48 -27.71 -2.17
C ARG P 39 62.79 -27.83 -3.65
N GLN P 40 64.07 -27.89 -3.99
CA GLN P 40 64.51 -28.05 -5.37
C GLN P 40 65.89 -28.68 -5.41
N ALA P 41 66.01 -29.78 -6.15
CA ALA P 41 67.32 -30.38 -6.32
C ALA P 41 68.11 -29.38 -7.16
N PRO P 42 69.39 -29.14 -6.85
CA PRO P 42 70.15 -28.11 -7.60
C PRO P 42 70.20 -28.38 -9.09
N GLY P 43 69.55 -27.49 -9.84
CA GLY P 43 69.45 -27.58 -11.27
C GLY P 43 68.23 -28.33 -11.77
N GLN P 44 67.68 -29.22 -10.94
CA GLN P 44 66.52 -30.04 -11.29
C GLN P 44 65.18 -29.41 -10.93
N SER P 45 64.11 -30.20 -11.00
CA SER P 45 62.76 -29.78 -10.70
C SER P 45 62.58 -29.44 -9.21
N LEU P 46 61.43 -28.86 -8.88
CA LEU P 46 61.08 -28.47 -7.52
C LEU P 46 60.07 -29.43 -6.92
N GLU P 47 60.42 -30.04 -5.79
CA GLU P 47 59.53 -30.98 -5.11
C GLU P 47 58.90 -30.32 -3.89
N TYR P 48 57.57 -30.32 -3.85
CA TYR P 48 56.81 -29.75 -2.75
C TYR P 48 57.11 -30.48 -1.44
N ILE P 49 57.63 -29.76 -0.45
CA ILE P 49 57.94 -30.40 0.82
C ILE P 49 56.67 -30.48 1.66
N GLY P 50 56.12 -29.33 2.01
CA GLY P 50 54.93 -29.27 2.83
C GLY P 50 54.36 -27.88 2.93
N GLN P 51 53.77 -27.57 4.09
CA GLN P 51 53.15 -26.28 4.27
C GLN P 51 52.92 -25.85 5.71
N ILE P 52 52.63 -24.56 5.89
CA ILE P 52 52.41 -24.01 7.22
C ILE P 52 51.08 -23.26 7.28
N TRP P 53 50.09 -23.77 6.56
CA TRP P 53 48.77 -23.14 6.52
C TRP P 53 48.19 -22.99 7.93
N ARG P 54 47.60 -21.83 8.20
CA ARG P 54 47.02 -21.55 9.51
C ARG P 54 47.94 -22.00 10.64
N TRP P 55 49.19 -21.55 10.58
CA TRP P 55 50.17 -21.89 11.61
C TRP P 55 50.12 -23.39 11.93
N LYS P 56 50.24 -24.22 10.90
CA LYS P 56 50.20 -25.67 11.07
C LYS P 56 51.53 -26.25 10.60
N SER P 57 52.32 -26.76 11.55
CA SER P 57 53.61 -27.35 11.22
C SER P 57 53.39 -28.71 10.58
N SER P 58 53.63 -28.81 9.27
CA SER P 58 53.43 -30.07 8.56
C SER P 58 54.28 -30.19 7.30
N ALA P 59 54.28 -31.39 6.74
CA ALA P 59 55.02 -31.69 5.53
C ALA P 59 54.37 -32.91 4.88
N SER P 60 54.89 -33.31 3.72
CA SER P 60 54.36 -34.46 3.02
C SER P 60 54.80 -35.74 3.73
N HIS P 61 54.21 -36.88 3.34
CA HIS P 61 54.59 -38.15 3.94
C HIS P 61 56.03 -38.50 3.63
N HIS P 62 56.52 -38.03 2.48
CA HIS P 62 57.91 -38.25 2.09
C HIS P 62 58.82 -37.39 2.97
N PHE P 63 58.28 -36.29 3.49
CA PHE P 63 59.02 -35.35 4.34
C PHE P 63 58.55 -35.36 5.79
N ARG P 64 57.62 -36.24 6.14
CA ARG P 64 57.11 -36.28 7.51
C ARG P 64 58.15 -36.83 8.48
N GLY P 65 58.23 -36.23 9.67
CA GLY P 65 59.17 -36.64 10.68
C GLY P 65 60.57 -36.11 10.48
N ARG P 66 60.82 -35.38 9.40
CA ARG P 66 62.13 -34.82 9.10
C ARG P 66 62.00 -33.33 8.87
N VAL P 67 60.83 -32.89 8.40
CA VAL P 67 60.58 -31.48 8.14
C VAL P 67 59.32 -30.97 8.83
N LEU P 68 59.47 -29.90 9.61
CA LEU P 68 58.37 -29.24 10.28
C LEU P 68 58.55 -27.76 9.99
N ILE P 69 57.43 -27.04 9.84
CA ILE P 69 57.48 -25.63 9.45
C ILE P 69 56.90 -24.65 10.46
N SER P 70 57.72 -23.68 10.86
CA SER P 70 57.34 -22.59 11.75
C SER P 70 57.42 -21.33 10.90
N ALA P 71 56.50 -20.40 11.10
CA ALA P 71 56.52 -19.14 10.35
C ALA P 71 56.28 -18.01 11.33
N VAL P 72 57.38 -17.43 11.83
CA VAL P 72 57.30 -16.34 12.80
C VAL P 72 56.55 -15.16 12.20
N ASP P 73 55.38 -14.85 12.75
CA ASP P 73 54.53 -13.79 12.25
C ASP P 73 54.88 -12.43 12.84
N LEU P 74 55.30 -11.52 11.97
CA LEU P 74 55.61 -10.15 12.33
C LEU P 74 55.09 -9.26 11.21
N THR P 75 54.68 -8.06 11.57
CA THR P 75 54.18 -7.13 10.57
C THR P 75 54.56 -5.74 11.00
N GLY P 76 54.61 -4.83 10.03
CA GLY P 76 54.99 -3.48 10.35
C GLY P 76 56.48 -3.24 10.28
N SER P 77 57.14 -3.20 11.45
CA SER P 77 58.58 -2.97 11.50
C SER P 77 59.35 -4.13 10.88
N SER P 78 58.77 -5.33 10.83
CA SER P 78 59.40 -6.49 10.26
C SER P 78 58.40 -7.28 9.43
N PRO P 79 58.78 -7.71 8.23
CA PRO P 79 57.86 -8.48 7.38
C PRO P 79 57.63 -9.88 7.94
N PRO P 80 56.57 -10.56 7.51
CA PRO P 80 56.32 -11.93 8.01
C PRO P 80 57.45 -12.86 7.58
N ILE P 81 58.11 -13.45 8.58
CA ILE P 81 59.25 -14.33 8.38
C ILE P 81 58.84 -15.79 8.51
N SER P 82 58.80 -16.49 7.38
CA SER P 82 58.46 -17.91 7.38
C SER P 82 59.76 -18.70 7.49
N SER P 83 59.90 -19.46 8.57
CA SER P 83 61.09 -20.26 8.76
C SER P 83 60.88 -21.67 8.21
N LEU P 84 61.92 -22.48 8.27
CA LEU P 84 61.86 -23.86 7.80
C LEU P 84 62.86 -24.71 8.57
N GLU P 85 62.40 -25.82 9.12
CA GLU P 85 63.25 -26.72 9.88
C GLU P 85 63.30 -28.09 9.24
N ILE P 86 64.49 -28.47 8.78
CA ILE P 86 64.73 -29.77 8.15
C ILE P 86 65.85 -30.42 8.93
N LYS P 87 65.54 -31.50 9.64
CA LYS P 87 66.51 -32.19 10.45
C LYS P 87 67.29 -33.23 9.64
N ASN P 88 68.43 -33.65 10.20
CA ASN P 88 69.32 -34.65 9.59
C ASN P 88 69.72 -34.31 8.15
N LEU P 89 70.43 -33.18 7.99
CA LEU P 89 70.84 -32.77 6.66
C LEU P 89 71.95 -33.66 6.13
N THR P 90 71.59 -34.67 5.34
CA THR P 90 72.57 -35.56 4.76
C THR P 90 73.12 -34.86 3.51
N SER P 91 74.05 -35.52 2.82
CA SER P 91 74.59 -34.93 1.60
C SER P 91 73.52 -34.94 0.52
N ASP P 92 72.55 -35.86 0.64
CA ASP P 92 71.44 -35.94 -0.30
C ASP P 92 70.47 -34.79 -0.11
N ASP P 93 70.53 -34.10 1.03
CA ASP P 93 69.65 -32.96 1.31
C ASP P 93 70.18 -31.68 0.69
N THR P 94 71.18 -31.79 -0.20
CA THR P 94 71.73 -30.66 -0.92
C THR P 94 70.60 -30.19 -1.82
N ALA P 95 70.04 -29.03 -1.54
CA ALA P 95 68.91 -28.56 -2.33
C ALA P 95 68.77 -27.06 -2.27
N VAL P 96 67.89 -26.54 -3.11
CA VAL P 96 67.58 -25.12 -3.19
C VAL P 96 66.19 -24.99 -2.59
N TYR P 97 66.09 -24.28 -1.48
CA TYR P 97 64.80 -24.15 -0.80
C TYR P 97 63.96 -23.01 -1.35
N PHE P 98 62.64 -23.14 -1.19
CA PHE P 98 61.70 -22.14 -1.67
C PHE P 98 60.44 -22.01 -0.83
N CYS P 99 59.98 -20.77 -0.68
CA CYS P 99 58.77 -20.45 0.05
C CYS P 99 57.81 -19.77 -0.92
N THR P 100 56.56 -19.61 -0.52
CA THR P 100 55.57 -18.97 -1.36
C THR P 100 54.48 -18.29 -0.54
N THR P 101 54.35 -16.99 -0.70
CA THR P 101 53.34 -16.22 0.01
C THR P 101 52.17 -15.89 -0.92
N THR P 102 50.99 -16.39 -0.57
CA THR P 102 49.77 -16.17 -1.33
C THR P 102 48.65 -15.99 -0.32
N SER P 103 47.72 -15.09 -0.62
CA SER P 103 46.61 -14.82 0.29
C SER P 103 45.70 -16.02 0.52
N THR P 104 45.16 -16.09 1.74
CA THR P 104 44.25 -17.16 2.12
C THR P 104 42.89 -16.51 2.39
N TYR P 105 42.85 -15.18 2.54
CA TYR P 105 41.57 -14.52 2.78
C TYR P 105 40.67 -14.56 1.56
N ASP P 106 41.23 -14.33 0.37
CA ASP P 106 40.42 -14.39 -0.85
C ASP P 106 40.03 -15.84 -0.98
N LYS P 107 38.73 -16.09 -0.98
CA LYS P 107 38.30 -17.47 -1.03
C LYS P 107 37.33 -17.82 -2.13
N TRP P 108 37.17 -16.98 -3.20
CA TRP P 108 36.33 -17.29 -4.38
C TRP P 108 36.81 -16.82 -5.79
N SER P 109 38.11 -16.88 -6.11
CA SER P 109 38.64 -16.49 -7.41
C SER P 109 39.55 -17.54 -8.12
N GLY P 110 40.34 -18.33 -7.37
CA GLY P 110 41.20 -19.39 -7.85
C GLY P 110 42.55 -19.75 -7.24
N LEU P 111 42.84 -19.29 -6.02
CA LEU P 111 44.15 -19.52 -5.41
C LEU P 111 44.56 -20.85 -4.73
N HIS P 112 43.62 -21.67 -4.22
CA HIS P 112 44.09 -22.88 -3.53
C HIS P 112 43.30 -24.19 -3.49
N HIS P 113 44.03 -25.31 -3.33
CA HIS P 113 43.49 -26.67 -3.22
C HIS P 113 44.02 -27.53 -2.09
N ASP P 114 43.20 -27.68 -1.05
CA ASP P 114 43.48 -28.49 0.13
C ASP P 114 44.88 -28.17 0.64
N GLY P 115 45.12 -26.89 0.83
CA GLY P 115 46.44 -26.47 1.24
C GLY P 115 47.41 -26.18 0.11
N VAL P 116 47.45 -27.01 -0.93
CA VAL P 116 48.37 -26.75 -2.04
C VAL P 116 47.76 -25.60 -2.82
N MET P 117 48.32 -24.41 -2.62
CA MET P 117 47.82 -23.19 -3.25
C MET P 117 48.55 -22.80 -4.52
N ALA P 118 47.96 -21.84 -5.24
CA ALA P 118 48.57 -21.32 -6.46
C ALA P 118 49.79 -20.53 -6.04
N PHE P 119 50.95 -20.92 -6.56
CA PHE P 119 52.19 -20.26 -6.19
C PHE P 119 52.36 -19.02 -7.06
N SER P 120 51.88 -17.87 -6.55
CA SER P 120 51.95 -16.62 -7.29
C SER P 120 53.37 -16.06 -7.33
N SER P 121 53.96 -15.81 -6.16
CA SER P 121 55.30 -15.27 -6.07
C SER P 121 56.26 -16.24 -5.39
N TRP P 122 57.54 -15.97 -5.55
CA TRP P 122 58.60 -16.79 -4.98
C TRP P 122 59.72 -15.91 -4.45
N GLY P 123 60.59 -16.49 -3.65
CA GLY P 123 61.73 -15.79 -3.09
C GLY P 123 62.90 -15.82 -4.05
N GLN P 124 64.10 -15.70 -3.49
CA GLN P 124 65.31 -15.72 -4.30
C GLN P 124 65.71 -17.15 -4.66
N GLY P 125 65.85 -18.00 -3.65
CA GLY P 125 66.26 -19.38 -3.85
C GLY P 125 67.57 -19.58 -3.11
N THR P 126 67.59 -20.49 -2.13
CA THR P 126 68.78 -20.73 -1.32
C THR P 126 69.51 -22.03 -1.63
N LEU P 127 70.62 -21.93 -2.37
CA LEU P 127 71.41 -23.10 -2.70
C LEU P 127 72.21 -23.51 -1.48
N ILE P 128 71.93 -24.71 -0.96
CA ILE P 128 72.60 -25.23 0.21
C ILE P 128 73.31 -26.53 -0.15
N SER P 129 74.64 -26.49 -0.17
CA SER P 129 75.46 -27.65 -0.46
C SER P 129 75.93 -28.22 0.86
N VAL P 130 75.25 -29.26 1.33
CA VAL P 130 75.59 -29.88 2.61
C VAL P 130 76.93 -30.61 2.48
N SER P 131 77.97 -30.03 3.06
CA SER P 131 79.31 -30.60 3.01
C SER P 131 80.00 -30.50 4.37
N ASP Q 1 52.09 -39.95 -7.43
CA ASP Q 1 51.42 -38.73 -7.82
C ASP Q 1 50.95 -38.78 -9.26
N ILE Q 2 50.72 -37.60 -9.84
CA ILE Q 2 50.31 -37.48 -11.23
C ILE Q 2 51.48 -36.84 -11.94
N GLN Q 3 52.27 -37.65 -12.64
CA GLN Q 3 53.46 -37.20 -13.33
C GLN Q 3 53.19 -36.30 -14.51
N MET Q 4 53.44 -35.01 -14.34
CA MET Q 4 53.23 -34.06 -15.42
C MET Q 4 54.41 -34.21 -16.38
N THR Q 5 54.14 -34.11 -17.68
CA THR Q 5 55.19 -34.23 -18.70
C THR Q 5 54.92 -33.19 -19.79
N GLN Q 6 55.59 -32.06 -19.68
CA GLN Q 6 55.44 -30.97 -20.63
C GLN Q 6 56.05 -31.32 -21.98
N SER Q 7 55.23 -31.25 -23.03
CA SER Q 7 55.67 -31.58 -24.37
C SER Q 7 55.64 -30.39 -25.31
N PRO Q 8 56.69 -30.16 -26.11
CA PRO Q 8 57.93 -30.95 -26.16
C PRO Q 8 58.96 -30.43 -25.16
N SER Q 9 60.22 -30.81 -25.35
CA SER Q 9 61.30 -30.37 -24.49
C SER Q 9 61.96 -29.13 -25.09
N THR Q 10 62.20 -29.16 -26.40
CA THR Q 10 62.81 -28.05 -27.12
C THR Q 10 62.07 -27.81 -28.43
N LEU Q 11 61.97 -26.54 -28.82
CA LEU Q 11 61.31 -26.19 -30.07
C LEU Q 11 61.89 -24.88 -30.61
N SER Q 12 61.98 -24.80 -31.93
CA SER Q 12 62.52 -23.63 -32.60
C SER Q 12 61.40 -22.79 -33.21
N ALA Q 13 61.48 -21.49 -33.03
CA ALA Q 13 60.45 -20.59 -33.57
C ALA Q 13 61.02 -19.19 -33.70
N SER Q 14 60.35 -18.38 -34.51
CA SER Q 14 60.73 -17.00 -34.73
C SER Q 14 59.92 -16.11 -33.79
N ILE Q 15 60.02 -14.79 -33.95
CA ILE Q 15 59.28 -13.84 -33.13
C ILE Q 15 57.97 -13.52 -33.84
N GLY Q 16 56.85 -13.73 -33.16
CA GLY Q 16 55.55 -13.48 -33.74
C GLY Q 16 54.91 -14.74 -34.28
N ASP Q 17 54.98 -15.83 -33.52
CA ASP Q 17 54.42 -17.11 -33.92
C ASP Q 17 53.38 -17.63 -32.94
N THR Q 18 52.65 -18.65 -33.35
CA THR Q 18 51.62 -19.29 -32.55
C THR Q 18 51.94 -20.77 -32.41
N VAL Q 19 52.48 -21.16 -31.26
CA VAL Q 19 52.88 -22.53 -30.98
C VAL Q 19 52.16 -23.09 -29.76
N ARG Q 20 51.58 -24.28 -29.91
CA ARG Q 20 50.90 -24.94 -28.81
C ARG Q 20 51.90 -25.82 -28.07
N ILE Q 21 51.92 -25.71 -26.74
CA ILE Q 21 52.83 -26.47 -25.90
C ILE Q 21 52.05 -27.46 -25.04
N SER Q 22 52.10 -28.73 -25.41
CA SER Q 22 51.39 -29.78 -24.70
C SER Q 22 51.95 -30.02 -23.30
N CYS Q 23 51.18 -30.74 -22.49
CA CYS Q 23 51.58 -31.06 -21.11
C CYS Q 23 50.87 -32.35 -20.71
N ARG Q 24 51.61 -33.47 -20.75
CA ARG Q 24 51.01 -34.75 -20.39
C ARG Q 24 50.68 -34.82 -18.91
N ALA Q 25 49.67 -35.62 -18.59
CA ALA Q 25 49.21 -35.82 -17.21
C ALA Q 25 48.33 -37.05 -17.20
N SER Q 26 48.58 -37.97 -16.25
CA SER Q 26 47.78 -39.18 -16.18
C SER Q 26 46.33 -38.82 -15.87
N GLN Q 27 46.12 -37.84 -15.01
CA GLN Q 27 44.78 -37.37 -14.72
C GLN Q 27 44.53 -36.09 -15.50
N SER Q 28 43.28 -35.89 -15.88
CA SER Q 28 42.97 -34.64 -16.54
C SER Q 28 42.62 -33.77 -15.34
N ILE Q 29 42.51 -32.47 -15.56
CA ILE Q 29 42.11 -31.61 -14.46
C ILE Q 29 41.02 -30.73 -15.02
N THR Q 30 39.86 -30.76 -14.39
CA THR Q 30 38.74 -29.96 -14.83
C THR Q 30 39.09 -28.50 -14.62
N GLY Q 31 39.16 -27.75 -15.71
CA GLY Q 31 39.49 -26.35 -15.61
C GLY Q 31 40.97 -26.03 -15.57
N ASN Q 32 41.84 -27.02 -15.70
CA ASN Q 32 43.29 -26.87 -15.74
C ASN Q 32 44.00 -26.25 -14.53
N TRP Q 33 43.97 -26.96 -13.40
CA TRP Q 33 44.65 -26.51 -12.17
C TRP Q 33 46.14 -26.79 -12.32
N VAL Q 34 46.71 -26.21 -13.36
CA VAL Q 34 48.10 -26.34 -13.74
C VAL Q 34 48.55 -24.94 -14.10
N ALA Q 35 49.48 -24.40 -13.33
CA ALA Q 35 49.99 -23.07 -13.59
C ALA Q 35 51.26 -23.20 -14.42
N TRP Q 36 51.32 -22.43 -15.49
CA TRP Q 36 52.48 -22.45 -16.38
C TRP Q 36 53.52 -21.49 -15.82
N TYR Q 37 54.69 -22.00 -15.47
CA TYR Q 37 55.77 -21.20 -14.90
C TYR Q 37 56.87 -20.94 -15.91
N GLN Q 38 56.80 -19.78 -16.57
CA GLN Q 38 57.79 -19.41 -17.56
C GLN Q 38 59.11 -19.02 -16.90
N GLN Q 39 60.04 -19.96 -16.81
CA GLN Q 39 61.35 -19.66 -16.24
C GLN Q 39 62.22 -19.15 -17.37
N ARG Q 40 62.28 -17.82 -17.49
CA ARG Q 40 63.06 -17.18 -18.53
C ARG Q 40 64.54 -17.20 -18.13
N PRO Q 41 65.46 -17.16 -19.12
CA PRO Q 41 66.89 -17.14 -18.77
C PRO Q 41 67.22 -15.83 -18.07
N GLY Q 42 67.55 -15.93 -16.79
CA GLY Q 42 67.85 -14.77 -15.98
C GLY Q 42 66.69 -14.29 -15.13
N LYS Q 43 65.72 -15.16 -14.85
CA LYS Q 43 64.56 -14.78 -14.04
C LYS Q 43 63.95 -16.03 -13.44
N ALA Q 44 63.38 -15.86 -12.25
CA ALA Q 44 62.73 -16.95 -11.56
C ALA Q 44 61.40 -17.27 -12.24
N PRO Q 45 60.84 -18.47 -12.02
CA PRO Q 45 59.55 -18.78 -12.64
C PRO Q 45 58.46 -17.83 -12.15
N ARG Q 46 57.43 -17.66 -12.96
CA ARG Q 46 56.34 -16.75 -12.60
C ARG Q 46 54.99 -17.29 -13.04
N LEU Q 47 53.94 -16.62 -12.61
CA LEU Q 47 52.58 -17.00 -12.95
C LEU Q 47 52.17 -16.32 -14.25
N LEU Q 48 51.76 -17.13 -15.23
CA LEU Q 48 51.35 -16.60 -16.53
C LEU Q 48 49.84 -16.51 -16.65
N ILE Q 49 49.15 -17.63 -16.46
CA ILE Q 49 47.69 -17.66 -16.53
C ILE Q 49 47.20 -18.52 -15.39
N TYR Q 50 46.49 -17.91 -14.46
CA TYR Q 50 45.94 -18.69 -13.36
C TYR Q 50 44.77 -19.41 -14.01
N ARG Q 51 44.53 -20.64 -13.54
CA ARG Q 51 43.44 -21.49 -14.00
C ARG Q 51 43.45 -21.92 -15.47
N GLY Q 52 44.63 -22.09 -16.05
CA GLY Q 52 44.73 -22.56 -17.42
C GLY Q 52 44.38 -21.61 -18.52
N ALA Q 53 43.16 -21.06 -18.49
CA ALA Q 53 42.71 -20.13 -19.52
C ALA Q 53 41.96 -18.94 -18.96
N ALA Q 54 41.98 -18.70 -17.65
CA ALA Q 54 41.27 -17.57 -17.09
C ALA Q 54 42.01 -16.27 -17.40
N LEU Q 55 41.27 -15.17 -17.34
CA LEU Q 55 41.82 -13.85 -17.63
C LEU Q 55 42.62 -13.25 -16.47
N LEU Q 56 43.91 -13.04 -16.69
CA LEU Q 56 44.79 -12.43 -15.70
C LEU Q 56 45.23 -11.06 -16.22
N GLY Q 57 45.01 -10.03 -15.42
CA GLY Q 57 45.37 -8.68 -15.82
C GLY Q 57 46.76 -8.23 -15.47
N GLY Q 58 47.69 -9.16 -15.35
CA GLY Q 58 49.07 -8.83 -15.03
C GLY Q 58 50.01 -9.39 -16.08
N VAL Q 59 49.46 -10.28 -16.92
CA VAL Q 59 50.18 -10.92 -18.00
C VAL Q 59 49.44 -10.60 -19.29
N PRO Q 60 50.14 -10.24 -20.37
CA PRO Q 60 49.45 -9.90 -21.62
C PRO Q 60 48.70 -11.09 -22.21
N SER Q 61 47.83 -10.78 -23.18
CA SER Q 61 46.99 -11.75 -23.83
C SER Q 61 47.67 -12.56 -24.93
N ARG Q 62 49.01 -12.53 -25.00
CA ARG Q 62 49.70 -13.31 -26.02
C ARG Q 62 49.69 -14.77 -25.60
N PHE Q 63 49.49 -15.03 -24.31
CA PHE Q 63 49.46 -16.39 -23.78
C PHE Q 63 48.03 -16.93 -23.77
N SER Q 64 47.82 -18.06 -24.44
CA SER Q 64 46.52 -18.72 -24.49
C SER Q 64 46.75 -20.22 -24.46
N GLY Q 65 45.71 -20.98 -24.12
CA GLY Q 65 45.86 -22.41 -24.03
C GLY Q 65 44.64 -23.17 -24.51
N SER Q 66 44.79 -24.50 -24.49
CA SER Q 66 43.76 -25.45 -24.86
C SER Q 66 44.06 -26.75 -24.13
N ALA Q 67 43.00 -27.49 -23.79
CA ALA Q 67 43.14 -28.74 -23.05
C ALA Q 67 42.56 -29.89 -23.84
N ALA Q 68 43.35 -30.97 -24.01
CA ALA Q 68 42.94 -32.17 -24.73
C ALA Q 68 43.25 -33.38 -23.86
N GLY Q 69 42.31 -33.73 -22.98
CA GLY Q 69 42.44 -34.88 -22.09
C GLY Q 69 43.70 -34.93 -21.23
N THR Q 70 44.56 -35.91 -21.53
CA THR Q 70 45.80 -36.07 -20.80
C THR Q 70 46.78 -34.94 -21.14
N ASP Q 71 46.63 -34.35 -22.32
CA ASP Q 71 47.49 -33.27 -22.77
C ASP Q 71 46.85 -31.91 -22.54
N PHE Q 72 47.71 -30.90 -22.37
CA PHE Q 72 47.26 -29.52 -22.15
C PHE Q 72 48.15 -28.63 -23.03
N THR Q 73 47.67 -28.36 -24.25
CA THR Q 73 48.43 -27.55 -25.21
C THR Q 73 48.25 -26.05 -25.05
N LEU Q 74 49.23 -25.40 -24.41
CA LEU Q 74 49.20 -23.96 -24.21
C LEU Q 74 49.53 -23.32 -25.56
N THR Q 75 48.51 -22.83 -26.26
CA THR Q 75 48.70 -22.24 -27.60
C THR Q 75 49.08 -20.77 -27.47
N ILE Q 76 50.38 -20.51 -27.28
CA ILE Q 76 50.87 -19.15 -27.13
C ILE Q 76 51.05 -18.48 -28.50
N GLY Q 77 50.21 -17.49 -28.77
CA GLY Q 77 50.30 -16.78 -30.03
C GLY Q 77 51.17 -15.54 -29.90
N ASN Q 78 51.73 -15.11 -31.04
CA ASN Q 78 52.62 -13.95 -31.15
C ASN Q 78 53.82 -14.07 -30.20
N LEU Q 79 54.64 -15.08 -30.46
CA LEU Q 79 55.83 -15.31 -29.65
C LEU Q 79 56.79 -14.13 -29.74
N GLN Q 80 57.44 -13.81 -28.64
CA GLN Q 80 58.37 -12.69 -28.59
C GLN Q 80 59.75 -13.11 -28.10
N ALA Q 81 60.63 -12.11 -27.92
CA ALA Q 81 61.98 -12.39 -27.45
C ALA Q 81 61.95 -12.89 -26.01
N GLU Q 82 61.05 -12.36 -25.19
CA GLU Q 82 60.94 -12.79 -23.80
C GLU Q 82 60.24 -14.13 -23.74
N ASP Q 83 59.54 -14.53 -24.80
CA ASP Q 83 58.85 -15.81 -24.82
C ASP Q 83 59.81 -16.96 -25.03
N PHE Q 84 61.05 -16.68 -25.43
CA PHE Q 84 62.04 -17.74 -25.61
C PHE Q 84 62.53 -18.16 -24.23
N GLY Q 85 61.85 -19.12 -23.63
CA GLY Q 85 62.23 -19.56 -22.30
C GLY Q 85 61.75 -20.97 -22.05
N THR Q 86 61.87 -21.37 -20.78
CA THR Q 86 61.46 -22.69 -20.34
C THR Q 86 60.22 -22.61 -19.46
N PHE Q 87 59.06 -22.92 -20.04
CA PHE Q 87 57.81 -22.87 -19.32
C PHE Q 87 57.75 -24.08 -18.39
N TYR Q 88 56.84 -24.04 -17.41
CA TYR Q 88 56.68 -25.16 -16.48
C TYR Q 88 55.23 -25.39 -16.06
N CYS Q 89 54.57 -26.32 -16.74
CA CYS Q 89 53.20 -26.64 -16.41
C CYS Q 89 53.21 -27.45 -15.10
N GLN Q 90 52.84 -26.80 -14.00
CA GLN Q 90 52.81 -27.46 -12.70
C GLN Q 90 51.41 -27.63 -12.17
N GLN Q 91 50.99 -28.87 -11.99
CA GLN Q 91 49.69 -29.12 -11.41
C GLN Q 91 49.79 -28.68 -9.95
N TYR Q 92 48.81 -27.94 -9.50
CA TYR Q 92 48.80 -27.51 -8.12
C TYR Q 92 47.51 -28.09 -7.58
N ASP Q 93 47.09 -29.19 -8.25
CA ASP Q 93 45.91 -29.95 -7.89
C ASP Q 93 46.23 -31.07 -6.91
N THR Q 94 46.99 -32.08 -7.33
CA THR Q 94 47.22 -33.16 -6.40
C THR Q 94 48.23 -32.80 -5.32
N TYR Q 95 48.39 -33.69 -4.36
CA TYR Q 95 49.30 -33.52 -3.23
C TYR Q 95 50.36 -34.59 -3.24
N PRO Q 96 51.63 -34.25 -3.50
CA PRO Q 96 52.13 -32.90 -3.81
C PRO Q 96 52.00 -32.54 -5.29
N GLY Q 97 52.35 -31.30 -5.63
CA GLY Q 97 52.28 -30.85 -7.01
C GLY Q 97 53.59 -31.17 -7.71
N THR Q 98 53.48 -31.56 -8.97
CA THR Q 98 54.65 -31.93 -9.77
C THR Q 98 54.81 -31.13 -11.05
N PHE Q 99 56.07 -30.90 -11.43
CA PHE Q 99 56.36 -30.19 -12.66
C PHE Q 99 56.26 -31.10 -13.86
N GLY Q 100 56.31 -30.51 -15.04
CA GLY Q 100 56.32 -31.24 -16.29
C GLY Q 100 57.76 -31.53 -16.66
N GLN Q 101 58.00 -31.67 -17.96
CA GLN Q 101 59.35 -31.93 -18.44
C GLN Q 101 60.06 -30.64 -18.80
N GLY Q 102 59.33 -29.60 -19.13
CA GLY Q 102 59.85 -28.31 -19.52
C GLY Q 102 59.91 -28.18 -21.02
N THR Q 103 59.65 -26.98 -21.53
CA THR Q 103 59.69 -26.71 -22.97
C THR Q 103 60.55 -25.50 -23.29
N LYS Q 104 61.62 -25.74 -24.04
CA LYS Q 104 62.54 -24.67 -24.42
C LYS Q 104 62.14 -24.12 -25.79
N VAL Q 105 61.91 -22.82 -25.85
CA VAL Q 105 61.55 -22.13 -27.08
C VAL Q 105 62.80 -21.39 -27.54
N GLU Q 106 63.28 -21.72 -28.74
CA GLU Q 106 64.48 -21.11 -29.27
C GLU Q 106 64.28 -20.65 -30.71
N VAL Q 107 65.36 -20.17 -31.32
CA VAL Q 107 65.33 -19.70 -32.70
C VAL Q 107 65.28 -20.90 -33.64
N GLN R 1 -26.88 -2.92 -47.00
CA GLN R 1 -26.58 -1.50 -47.18
C GLN R 1 -25.43 -1.30 -48.16
N ILE R 2 -24.92 -2.41 -48.70
CA ILE R 2 -23.82 -2.39 -49.65
C ILE R 2 -24.21 -3.19 -50.89
N HIS R 3 -24.17 -2.55 -52.05
CA HIS R 3 -24.51 -3.18 -53.32
C HIS R 3 -23.36 -3.06 -54.31
N LEU R 4 -23.10 -4.15 -55.04
CA LEU R 4 -22.04 -4.19 -56.03
C LEU R 4 -22.58 -4.11 -57.44
N VAL R 5 -21.92 -3.34 -58.29
CA VAL R 5 -22.33 -3.15 -59.68
C VAL R 5 -21.14 -3.41 -60.61
N GLN R 6 -21.35 -4.23 -61.63
CA GLN R 6 -20.33 -4.56 -62.59
C GLN R 6 -20.59 -3.78 -63.88
N SER R 7 -19.81 -4.06 -64.93
CA SER R 7 -19.98 -3.35 -66.19
C SER R 7 -21.28 -3.76 -66.90
N GLY R 8 -21.53 -3.17 -68.06
CA GLY R 8 -22.74 -3.49 -68.80
C GLY R 8 -22.61 -4.67 -69.75
N THR R 9 -23.21 -4.55 -70.91
CA THR R 9 -23.18 -5.59 -71.94
C THR R 9 -22.04 -5.27 -72.91
N GLU R 10 -21.19 -6.25 -73.16
CA GLU R 10 -20.06 -6.07 -74.05
C GLU R 10 -19.87 -7.25 -74.99
N VAL R 11 -19.69 -6.95 -76.28
CA VAL R 11 -19.47 -7.96 -77.32
C VAL R 11 -18.19 -7.58 -78.04
N LYS R 12 -17.17 -8.44 -77.91
CA LYS R 12 -15.88 -8.19 -78.53
C LYS R 12 -15.54 -9.15 -79.65
N LYS R 13 -14.57 -8.75 -80.48
CA LYS R 13 -14.15 -9.56 -81.61
C LYS R 13 -13.29 -10.73 -81.15
N PRO R 14 -13.27 -11.83 -81.92
CA PRO R 14 -12.45 -13.00 -81.55
C PRO R 14 -10.97 -12.66 -81.61
N GLY R 15 -10.31 -12.75 -80.46
CA GLY R 15 -8.89 -12.45 -80.37
C GLY R 15 -8.66 -11.00 -80.01
N SER R 16 -9.36 -10.54 -78.97
CA SER R 16 -9.25 -9.16 -78.51
C SER R 16 -9.06 -9.09 -77.01
N SER R 17 -9.16 -7.89 -76.45
CA SER R 17 -9.02 -7.67 -75.02
C SER R 17 -10.33 -7.15 -74.44
N VAL R 18 -10.49 -7.30 -73.12
CA VAL R 18 -11.70 -6.84 -72.45
C VAL R 18 -11.32 -5.95 -71.28
N THR R 19 -12.23 -5.05 -70.93
CA THR R 19 -12.05 -4.14 -69.80
C THR R 19 -13.43 -3.97 -69.17
N VAL R 20 -13.72 -4.80 -68.17
CA VAL R 20 -14.99 -4.73 -67.48
C VAL R 20 -14.73 -4.04 -66.15
N SER R 21 -15.79 -3.52 -65.55
CA SER R 21 -15.69 -2.80 -64.29
C SER R 21 -16.42 -3.48 -63.14
N CYS R 22 -16.10 -3.03 -61.93
CA CYS R 22 -16.74 -3.51 -60.71
C CYS R 22 -16.88 -2.33 -59.75
N LYS R 23 -18.02 -1.66 -59.80
CA LYS R 23 -18.26 -0.54 -58.91
C LYS R 23 -18.68 -1.11 -57.56
N ALA R 24 -18.22 -0.49 -56.48
CA ALA R 24 -18.51 -0.97 -55.14
C ALA R 24 -19.05 0.16 -54.28
N TYR R 25 -20.38 0.25 -54.18
CA TYR R 25 -21.01 1.28 -53.37
C TYR R 25 -20.82 0.95 -51.89
N GLY R 26 -20.60 1.98 -51.08
CA GLY R 26 -20.39 1.77 -49.66
C GLY R 26 -19.08 1.09 -49.32
N VAL R 27 -18.07 1.25 -50.16
CA VAL R 27 -16.76 0.64 -50.00
C VAL R 27 -15.70 1.73 -50.02
N ASN R 28 -14.71 1.61 -49.13
CA ASN R 28 -13.65 2.62 -49.04
C ASN R 28 -12.47 2.50 -50.00
N THR R 29 -11.73 1.40 -49.93
CA THR R 29 -10.55 1.25 -50.75
C THR R 29 -10.23 -0.23 -50.98
N PHE R 30 -9.47 -0.50 -52.04
CA PHE R 30 -9.08 -1.86 -52.34
C PHE R 30 -8.04 -2.32 -51.34
N GLY R 31 -7.41 -1.37 -50.63
CA GLY R 31 -6.45 -1.74 -49.61
C GLY R 31 -7.15 -2.47 -48.48
N LEU R 32 -8.38 -2.06 -48.17
CA LEU R 32 -9.20 -2.70 -47.14
C LEU R 32 -10.14 -3.71 -47.77
N TYR R 33 -10.46 -3.54 -49.04
CA TYR R 33 -11.39 -4.42 -49.74
C TYR R 33 -10.79 -5.04 -50.99
N ALA R 34 -10.10 -6.17 -50.81
CA ALA R 34 -9.49 -6.86 -51.94
C ALA R 34 -10.58 -7.54 -52.74
N VAL R 35 -10.40 -7.58 -54.07
CA VAL R 35 -11.37 -8.15 -54.98
C VAL R 35 -10.85 -9.38 -55.73
N ASN R 36 -11.54 -10.50 -55.58
CA ASN R 36 -11.19 -11.72 -56.29
C ASN R 36 -12.06 -11.85 -57.53
N TRP R 37 -11.45 -11.96 -58.69
CA TRP R 37 -12.19 -12.08 -59.94
C TRP R 37 -12.45 -13.52 -60.32
N VAL R 38 -13.73 -13.82 -60.61
CA VAL R 38 -14.20 -15.15 -60.97
C VAL R 38 -14.99 -15.07 -62.26
N ARG R 39 -14.74 -15.98 -63.19
CA ARG R 39 -15.48 -15.98 -64.44
C ARG R 39 -16.60 -17.00 -64.31
N GLN R 40 -17.41 -17.11 -65.37
CA GLN R 40 -18.50 -18.09 -65.41
C GLN R 40 -18.83 -18.44 -66.84
N ALA R 41 -18.82 -19.72 -67.16
CA ALA R 41 -19.24 -20.13 -68.49
C ALA R 41 -20.72 -19.85 -68.54
N PRO R 42 -21.25 -19.32 -69.66
CA PRO R 42 -22.68 -18.95 -69.71
C PRO R 42 -23.60 -20.12 -69.41
N GLY R 43 -24.30 -20.01 -68.29
CA GLY R 43 -25.20 -21.03 -67.80
C GLY R 43 -24.56 -22.05 -66.89
N GLN R 44 -23.25 -22.25 -67.00
CA GLN R 44 -22.51 -23.21 -66.20
C GLN R 44 -21.96 -22.66 -64.89
N SER R 45 -21.08 -23.43 -64.24
CA SER R 45 -20.45 -23.06 -62.98
C SER R 45 -19.51 -21.86 -63.13
N LEU R 46 -19.05 -21.33 -62.00
CA LEU R 46 -18.15 -20.20 -61.94
C LEU R 46 -16.73 -20.64 -61.61
N GLU R 47 -15.78 -20.32 -62.49
CA GLU R 47 -14.38 -20.67 -62.27
C GLU R 47 -13.59 -19.45 -61.82
N TYR R 48 -12.92 -19.58 -60.67
CA TYR R 48 -12.11 -18.51 -60.11
C TYR R 48 -10.95 -18.18 -61.04
N ILE R 49 -10.89 -16.93 -61.50
CA ILE R 49 -9.80 -16.54 -62.39
C ILE R 49 -8.57 -16.19 -61.56
N GLY R 50 -8.68 -15.17 -60.74
CA GLY R 50 -7.58 -14.73 -59.92
C GLY R 50 -7.98 -13.69 -58.91
N GLN R 51 -7.07 -12.78 -58.61
CA GLN R 51 -7.34 -11.75 -57.62
C GLN R 51 -6.47 -10.51 -57.68
N ILE R 52 -6.90 -9.47 -56.98
CA ILE R 52 -6.16 -8.21 -56.95
C ILE R 52 -5.89 -7.76 -55.52
N TRP R 53 -5.65 -8.72 -54.63
CA TRP R 53 -5.39 -8.42 -53.23
C TRP R 53 -4.22 -7.46 -53.08
N ARG R 54 -4.37 -6.47 -52.20
CA ARG R 54 -3.33 -5.48 -51.96
C ARG R 54 -2.74 -4.98 -53.27
N TRP R 55 -3.61 -4.53 -54.17
CA TRP R 55 -3.17 -4.02 -55.46
C TRP R 55 -2.13 -4.92 -56.09
N LYS R 56 -2.45 -6.20 -56.21
CA LYS R 56 -1.53 -7.19 -56.80
C LYS R 56 -2.17 -7.76 -58.05
N SER R 57 -1.61 -7.44 -59.21
CA SER R 57 -2.13 -7.95 -60.48
C SER R 57 -1.75 -9.42 -60.62
N SER R 58 -2.72 -10.32 -60.49
CA SER R 58 -2.44 -11.74 -60.59
C SER R 58 -3.66 -12.56 -61.01
N ALA R 59 -3.40 -13.83 -61.32
CA ALA R 59 -4.44 -14.77 -61.72
C ALA R 59 -3.93 -16.18 -61.43
N SER R 60 -4.77 -17.17 -61.70
CA SER R 60 -4.38 -18.54 -61.48
C SER R 60 -3.42 -18.99 -62.58
N HIS R 61 -2.80 -20.16 -62.39
CA HIS R 61 -1.86 -20.68 -63.39
C HIS R 61 -2.58 -20.99 -64.69
N HIS R 62 -3.88 -21.32 -64.61
CA HIS R 62 -4.68 -21.59 -65.80
C HIS R 62 -4.96 -20.27 -66.51
N PHE R 63 -4.93 -19.16 -65.77
CA PHE R 63 -5.19 -17.83 -66.29
C PHE R 63 -3.96 -16.94 -66.30
N ARG R 64 -2.80 -17.46 -65.94
CA ARG R 64 -1.58 -16.65 -65.91
C ARG R 64 -1.09 -16.32 -67.31
N GLY R 65 -0.63 -15.09 -67.50
CA GLY R 65 -0.15 -14.64 -68.78
C GLY R 65 -1.23 -14.21 -69.74
N ARG R 66 -2.50 -14.34 -69.35
CA ARG R 66 -3.62 -13.96 -70.20
C ARG R 66 -4.52 -13.01 -69.44
N VAL R 67 -4.55 -13.11 -68.11
CA VAL R 67 -5.36 -12.27 -67.26
C VAL R 67 -4.56 -11.58 -66.16
N LEU R 68 -4.66 -10.25 -66.11
CA LEU R 68 -4.02 -9.44 -65.09
C LEU R 68 -5.11 -8.51 -64.58
N ILE R 69 -5.08 -8.20 -63.29
CA ILE R 69 -6.12 -7.39 -62.67
C ILE R 69 -5.68 -6.05 -62.08
N SER R 70 -6.30 -4.98 -62.54
CA SER R 70 -6.09 -3.63 -62.04
C SER R 70 -7.40 -3.23 -61.38
N ALA R 71 -7.33 -2.50 -60.27
CA ALA R 71 -8.53 -2.06 -59.56
C ALA R 71 -8.35 -0.58 -59.21
N VAL R 72 -8.83 0.30 -60.08
CA VAL R 72 -8.70 1.74 -59.88
C VAL R 72 -9.41 2.14 -58.58
N ASP R 73 -8.63 2.59 -57.62
CA ASP R 73 -9.16 2.97 -56.31
C ASP R 73 -9.64 4.41 -56.26
N LEU R 74 -10.93 4.57 -56.02
CA LEU R 74 -11.56 5.87 -55.87
C LEU R 74 -12.57 5.75 -54.74
N THR R 75 -12.78 6.83 -54.01
CA THR R 75 -13.73 6.81 -52.92
C THR R 75 -14.36 8.17 -52.84
N GLY R 76 -15.55 8.22 -52.25
CA GLY R 76 -16.24 9.49 -52.15
C GLY R 76 -17.12 9.80 -53.34
N SER R 77 -16.63 10.67 -54.24
CA SER R 77 -17.40 11.03 -55.42
C SER R 77 -17.58 9.85 -56.38
N SER R 78 -16.69 8.86 -56.31
CA SER R 78 -16.77 7.68 -57.15
C SER R 78 -16.45 6.43 -56.34
N PRO R 79 -17.23 5.37 -56.49
CA PRO R 79 -16.98 4.14 -55.72
C PRO R 79 -15.73 3.43 -56.24
N PRO R 80 -15.15 2.52 -55.45
CA PRO R 80 -13.96 1.78 -55.91
C PRO R 80 -14.29 0.95 -57.14
N ILE R 81 -13.59 1.24 -58.23
CA ILE R 81 -13.79 0.57 -59.51
C ILE R 81 -12.72 -0.48 -59.77
N SER R 82 -13.11 -1.75 -59.67
CA SER R 82 -12.19 -2.85 -59.92
C SER R 82 -12.30 -3.23 -61.39
N SER R 83 -11.20 -3.07 -62.13
CA SER R 83 -11.21 -3.40 -63.53
C SER R 83 -10.74 -4.85 -63.74
N LEU R 84 -10.73 -5.30 -64.98
CA LEU R 84 -10.30 -6.65 -65.33
C LEU R 84 -9.79 -6.66 -66.75
N GLU R 85 -8.58 -7.19 -66.94
CA GLU R 85 -7.97 -7.26 -68.25
C GLU R 85 -7.71 -8.71 -68.65
N ILE R 86 -8.39 -9.16 -69.70
CA ILE R 86 -8.24 -10.51 -70.23
C ILE R 86 -7.87 -10.36 -71.70
N LYS R 87 -6.65 -10.74 -72.04
CA LYS R 87 -6.18 -10.62 -73.41
C LYS R 87 -6.55 -11.83 -74.25
N ASN R 88 -6.47 -11.66 -75.57
CA ASN R 88 -6.77 -12.70 -76.55
C ASN R 88 -8.16 -13.34 -76.35
N LEU R 89 -9.20 -12.52 -76.48
CA LEU R 89 -10.55 -13.04 -76.30
C LEU R 89 -10.97 -13.92 -77.45
N THR R 90 -10.80 -15.23 -77.30
CA THR R 90 -11.21 -16.17 -78.33
C THR R 90 -12.70 -16.40 -78.17
N SER R 91 -13.28 -17.24 -79.04
CA SER R 91 -14.70 -17.54 -78.94
C SER R 91 -14.93 -18.37 -77.68
N ASP R 92 -13.91 -19.10 -77.23
CA ASP R 92 -14.00 -19.89 -76.01
C ASP R 92 -14.02 -19.01 -74.76
N ASP R 93 -13.62 -17.74 -74.89
CA ASP R 93 -13.63 -16.81 -73.77
C ASP R 93 -15.00 -16.20 -73.55
N THR R 94 -16.03 -16.75 -74.21
CA THR R 94 -17.40 -16.31 -74.03
C THR R 94 -17.74 -16.68 -72.60
N ALA R 95 -17.90 -15.68 -71.74
CA ALA R 95 -18.17 -15.99 -70.34
C ALA R 95 -18.88 -14.83 -69.66
N VAL R 96 -19.33 -15.09 -68.44
CA VAL R 96 -20.00 -14.13 -67.59
C VAL R 96 -18.99 -13.80 -66.50
N TYR R 97 -18.55 -12.55 -66.46
CA TYR R 97 -17.55 -12.15 -65.50
C TYR R 97 -18.14 -11.75 -64.15
N PHE R 98 -17.34 -11.89 -63.09
CA PHE R 98 -17.76 -11.56 -61.74
C PHE R 98 -16.65 -11.06 -60.83
N CYS R 99 -16.99 -10.09 -59.99
CA CYS R 99 -16.08 -9.50 -59.03
C CYS R 99 -16.68 -9.75 -57.65
N THR R 100 -15.88 -9.50 -56.62
CA THR R 100 -16.35 -9.69 -55.24
C THR R 100 -15.63 -8.78 -54.27
N THR R 101 -16.39 -7.91 -53.60
CA THR R 101 -15.82 -6.99 -52.62
C THR R 101 -16.09 -7.49 -51.21
N THR R 102 -15.02 -7.75 -50.47
CA THR R 102 -15.09 -8.22 -49.10
C THR R 102 -13.95 -7.56 -48.35
N SER R 103 -14.20 -7.19 -47.09
CA SER R 103 -13.19 -6.52 -46.28
C SER R 103 -11.95 -7.37 -46.03
N THR R 104 -10.81 -6.69 -45.93
CA THR R 104 -9.54 -7.35 -45.67
C THR R 104 -9.06 -6.83 -44.32
N TYR R 105 -9.64 -5.74 -43.80
CA TYR R 105 -9.24 -5.24 -42.49
C TYR R 105 -9.63 -6.17 -41.37
N ASP R 106 -10.85 -6.72 -41.42
CA ASP R 106 -11.29 -7.64 -40.39
C ASP R 106 -10.42 -8.86 -40.56
N LYS R 107 -9.67 -9.19 -39.53
CA LYS R 107 -8.76 -10.31 -39.68
C LYS R 107 -8.88 -11.40 -38.63
N TRP R 108 -10.00 -11.49 -37.86
CA TRP R 108 -10.26 -12.60 -36.89
C TRP R 108 -11.72 -13.10 -36.72
N SER R 109 -12.53 -13.21 -37.79
CA SER R 109 -13.90 -13.71 -37.72
C SER R 109 -14.26 -14.85 -38.72
N GLY R 110 -13.69 -14.86 -39.93
CA GLY R 110 -13.86 -15.87 -40.95
C GLY R 110 -13.87 -15.59 -42.45
N LEU R 111 -13.42 -14.41 -42.88
CA LEU R 111 -13.47 -14.04 -44.30
C LEU R 111 -12.48 -14.54 -45.37
N HIS R 112 -11.24 -14.93 -45.02
CA HIS R 112 -10.32 -15.33 -46.10
C HIS R 112 -9.22 -16.38 -45.93
N HIS R 113 -8.87 -17.03 -47.05
CA HIS R 113 -7.79 -18.03 -47.13
C HIS R 113 -6.79 -17.88 -48.26
N ASP R 114 -5.59 -17.41 -47.91
CA ASP R 114 -4.47 -17.21 -48.82
C ASP R 114 -4.95 -16.47 -50.06
N GLY R 115 -5.62 -15.37 -49.84
CA GLY R 115 -6.18 -14.63 -50.94
C GLY R 115 -7.59 -15.04 -51.35
N VAL R 116 -7.88 -16.35 -51.40
CA VAL R 116 -9.22 -16.77 -51.78
C VAL R 116 -10.11 -16.48 -50.58
N MET R 117 -10.88 -15.40 -50.65
CA MET R 117 -11.73 -14.96 -49.57
C MET R 117 -13.17 -15.41 -49.67
N ALA R 118 -13.91 -15.23 -48.57
CA ALA R 118 -15.33 -15.57 -48.55
C ALA R 118 -16.04 -14.56 -49.43
N PHE R 119 -16.74 -15.07 -50.43
CA PHE R 119 -17.44 -14.19 -51.37
C PHE R 119 -18.78 -13.80 -50.79
N SER R 120 -18.81 -12.68 -50.08
CA SER R 120 -20.05 -12.22 -49.44
C SER R 120 -21.04 -11.66 -50.45
N SER R 121 -20.63 -10.64 -51.20
CA SER R 121 -21.50 -10.03 -52.19
C SER R 121 -20.96 -10.20 -53.60
N TRP R 122 -21.83 -9.96 -54.58
CA TRP R 122 -21.48 -10.08 -55.99
C TRP R 122 -22.12 -8.94 -56.77
N GLY R 123 -21.66 -8.76 -58.00
CA GLY R 123 -22.19 -7.73 -58.87
C GLY R 123 -23.39 -8.26 -59.65
N GLN R 124 -23.63 -7.66 -60.80
CA GLN R 124 -24.76 -8.08 -61.64
C GLN R 124 -24.43 -9.33 -62.44
N GLY R 125 -23.33 -9.29 -63.18
CA GLY R 125 -22.92 -10.40 -64.02
C GLY R 125 -22.92 -9.93 -65.45
N THR R 126 -21.76 -9.96 -66.10
CA THR R 126 -21.62 -9.48 -67.48
C THR R 126 -21.49 -10.58 -68.53
N LEU R 127 -22.58 -10.85 -69.24
CA LEU R 127 -22.57 -11.86 -70.30
C LEU R 127 -21.86 -11.28 -71.51
N ILE R 128 -20.73 -11.86 -71.88
CA ILE R 128 -19.95 -11.42 -73.02
C ILE R 128 -19.83 -12.54 -74.04
N SER R 129 -20.50 -12.37 -75.17
CA SER R 129 -20.47 -13.33 -76.26
C SER R 129 -19.45 -12.84 -77.28
N VAL R 130 -18.24 -13.40 -77.23
CA VAL R 130 -17.18 -12.98 -78.14
C VAL R 130 -17.51 -13.46 -79.55
N SER R 131 -17.91 -12.53 -80.41
CA SER R 131 -18.27 -12.84 -81.79
C SER R 131 -17.71 -11.80 -82.75
N ASP S 1 -7.37 -29.50 -58.90
CA ASP S 1 -7.95 -28.94 -57.69
C ASP S 1 -8.70 -30.00 -56.89
N ILE S 2 -9.61 -29.56 -56.04
CA ILE S 2 -10.44 -30.44 -55.22
C ILE S 2 -11.84 -30.28 -55.77
N GLN S 3 -12.27 -31.23 -56.59
CA GLN S 3 -13.58 -31.19 -57.23
C GLN S 3 -14.75 -31.35 -56.27
N MET S 4 -15.43 -30.24 -55.99
CA MET S 4 -16.58 -30.30 -55.11
C MET S 4 -17.75 -30.88 -55.91
N THR S 5 -18.56 -31.70 -55.26
CA THR S 5 -19.72 -32.32 -55.92
C THR S 5 -20.89 -32.32 -54.94
N GLN S 6 -21.75 -31.31 -55.09
CA GLN S 6 -22.91 -31.15 -54.22
C GLN S 6 -23.95 -32.23 -54.50
N SER S 7 -24.32 -32.99 -53.46
CA SER S 7 -25.28 -34.06 -53.60
C SER S 7 -26.55 -33.80 -52.80
N PRO S 8 -27.74 -34.02 -53.38
CA PRO S 8 -27.96 -34.46 -54.76
C PRO S 8 -28.05 -33.27 -55.72
N SER S 9 -28.60 -33.51 -56.91
CA SER S 9 -28.77 -32.46 -57.91
C SER S 9 -30.15 -31.86 -57.79
N THR S 10 -31.17 -32.71 -57.62
CA THR S 10 -32.56 -32.29 -57.48
C THR S 10 -33.22 -33.08 -56.36
N LEU S 11 -34.12 -32.42 -55.62
CA LEU S 11 -34.85 -33.08 -54.55
C LEU S 11 -36.20 -32.39 -54.36
N SER S 12 -37.21 -33.19 -54.02
CA SER S 12 -38.55 -32.70 -53.80
C SER S 12 -38.87 -32.65 -52.31
N ALA S 13 -39.48 -31.54 -51.87
CA ALA S 13 -39.82 -31.38 -50.47
C ALA S 13 -40.93 -30.36 -50.33
N SER S 14 -41.59 -30.40 -49.18
CA SER S 14 -42.67 -29.47 -48.87
C SER S 14 -42.10 -28.29 -48.06
N ILE S 15 -42.96 -27.42 -47.55
CA ILE S 15 -42.53 -26.28 -46.75
C ILE S 15 -42.55 -26.70 -45.29
N GLY S 16 -41.41 -26.55 -44.61
CA GLY S 16 -41.31 -26.92 -43.22
C GLY S 16 -40.70 -28.31 -43.03
N ASP S 17 -39.64 -28.59 -43.77
CA ASP S 17 -38.97 -29.88 -43.70
C ASP S 17 -37.50 -29.75 -43.32
N THR S 18 -36.89 -30.88 -43.00
CA THR S 18 -35.48 -30.96 -42.60
C THR S 18 -34.76 -31.92 -43.55
N VAL S 19 -34.02 -31.37 -44.50
CA VAL S 19 -33.29 -32.15 -45.50
C VAL S 19 -31.81 -31.84 -45.47
N ARG S 20 -30.99 -32.90 -45.43
CA ARG S 20 -29.54 -32.76 -45.43
C ARG S 20 -29.06 -32.77 -46.87
N ILE S 21 -28.21 -31.82 -47.22
CA ILE S 21 -27.67 -31.69 -48.57
C ILE S 21 -26.17 -31.96 -48.56
N SER S 22 -25.77 -33.14 -49.03
CA SER S 22 -24.37 -33.53 -49.07
C SER S 22 -23.55 -32.71 -50.05
N CYS S 23 -22.23 -32.79 -49.92
CA CYS S 23 -21.31 -32.08 -50.80
C CYS S 23 -20.00 -32.86 -50.84
N ARG S 24 -19.78 -33.60 -51.92
CA ARG S 24 -18.57 -34.39 -52.06
C ARG S 24 -17.34 -33.51 -52.24
N ALA S 25 -16.20 -34.02 -51.78
CA ALA S 25 -14.92 -33.33 -51.87
C ALA S 25 -13.83 -34.35 -51.63
N SER S 26 -12.80 -34.36 -52.50
CA SER S 26 -11.72 -35.32 -52.35
C SER S 26 -10.99 -35.05 -51.03
N GLN S 27 -10.82 -33.78 -50.68
CA GLN S 27 -10.21 -33.43 -49.42
C GLN S 27 -11.30 -33.04 -48.44
N SER S 28 -11.06 -33.32 -47.18
CA SER S 28 -12.02 -32.87 -46.20
C SER S 28 -11.49 -31.49 -45.87
N ILE S 29 -12.26 -30.69 -45.17
CA ILE S 29 -11.77 -29.38 -44.78
C ILE S 29 -12.10 -29.24 -43.31
N THR S 30 -11.07 -29.01 -42.52
CA THR S 30 -11.25 -28.87 -41.08
C THR S 30 -12.06 -27.61 -40.83
N GLY S 31 -13.25 -27.76 -40.27
CA GLY S 31 -14.07 -26.62 -39.99
C GLY S 31 -14.94 -26.16 -41.14
N ASN S 32 -14.93 -26.86 -42.27
CA ASN S 32 -15.75 -26.57 -43.45
C ASN S 32 -15.59 -25.21 -44.13
N TRP S 33 -14.41 -24.99 -44.74
CA TRP S 33 -14.14 -23.76 -45.49
C TRP S 33 -14.81 -23.86 -46.84
N VAL S 34 -16.13 -24.04 -46.79
CA VAL S 34 -17.00 -24.20 -47.94
C VAL S 34 -18.22 -23.34 -47.64
N ALA S 35 -18.42 -22.30 -48.43
CA ALA S 35 -19.55 -21.42 -48.24
C ALA S 35 -20.68 -21.90 -49.14
N TRP S 36 -21.87 -22.04 -48.57
CA TRP S 36 -23.03 -22.47 -49.32
C TRP S 36 -23.67 -21.24 -49.98
N TYR S 37 -23.72 -21.24 -51.30
CA TYR S 37 -24.28 -20.13 -52.05
C TYR S 37 -25.67 -20.45 -52.61
N GLN S 38 -26.69 -20.04 -51.87
CA GLN S 38 -28.07 -20.28 -52.28
C GLN S 38 -28.46 -19.38 -53.44
N GLN S 39 -28.36 -19.89 -54.67
CA GLN S 39 -28.76 -19.11 -55.82
C GLN S 39 -30.24 -19.35 -56.04
N ARG S 40 -31.05 -18.46 -55.51
CA ARG S 40 -32.50 -18.56 -55.62
C ARG S 40 -32.93 -18.11 -57.00
N PRO S 41 -34.09 -18.61 -57.49
CA PRO S 41 -34.56 -18.16 -58.81
C PRO S 41 -34.93 -16.68 -58.76
N GLY S 42 -34.14 -15.86 -59.45
CA GLY S 42 -34.35 -14.44 -59.46
C GLY S 42 -33.46 -13.69 -58.50
N LYS S 43 -32.32 -14.26 -58.11
CA LYS S 43 -31.40 -13.62 -57.19
C LYS S 43 -30.02 -14.22 -57.36
N ALA S 44 -29.00 -13.39 -57.14
CA ALA S 44 -27.62 -13.82 -57.24
C ALA S 44 -27.29 -14.69 -56.03
N PRO S 45 -26.22 -15.50 -56.10
CA PRO S 45 -25.84 -16.32 -54.95
C PRO S 45 -25.47 -15.45 -53.76
N ARG S 46 -25.64 -16.00 -52.55
CA ARG S 46 -25.33 -15.24 -51.35
C ARG S 46 -24.69 -16.12 -50.28
N LEU S 47 -24.23 -15.47 -49.22
CA LEU S 47 -23.59 -16.18 -48.12
C LEU S 47 -24.66 -16.59 -47.11
N LEU S 48 -24.71 -17.89 -46.80
CA LEU S 48 -25.69 -18.42 -45.86
C LEU S 48 -25.08 -18.64 -44.48
N ILE S 49 -24.02 -19.43 -44.41
CA ILE S 49 -23.34 -19.71 -43.15
C ILE S 49 -21.84 -19.65 -43.41
N TYR S 50 -21.18 -18.67 -42.81
CA TYR S 50 -19.75 -18.61 -42.99
C TYR S 50 -19.23 -19.73 -42.10
N ARG S 51 -18.15 -20.35 -42.53
CA ARG S 51 -17.48 -21.44 -41.82
C ARG S 51 -18.26 -22.72 -41.58
N GLY S 52 -19.15 -23.07 -42.51
CA GLY S 52 -19.91 -24.31 -42.40
C GLY S 52 -21.01 -24.38 -41.37
N ALA S 53 -20.67 -24.13 -40.11
CA ALA S 53 -21.65 -24.19 -39.03
C ALA S 53 -21.53 -23.03 -38.04
N ALA S 54 -20.76 -22.00 -38.35
CA ALA S 54 -20.62 -20.89 -37.42
C ALA S 54 -21.89 -20.03 -37.42
N LEU S 55 -22.08 -19.28 -36.33
CA LEU S 55 -23.25 -18.44 -36.18
C LEU S 55 -23.15 -17.12 -36.94
N LEU S 56 -24.05 -16.92 -37.91
CA LEU S 56 -24.12 -15.70 -38.70
C LEU S 56 -25.42 -14.98 -38.36
N GLY S 57 -25.30 -13.71 -37.96
CA GLY S 57 -26.47 -12.93 -37.58
C GLY S 57 -27.15 -12.18 -38.70
N GLY S 58 -27.02 -12.66 -39.93
CA GLY S 58 -27.66 -12.02 -41.07
C GLY S 58 -28.54 -13.00 -41.80
N VAL S 59 -28.38 -14.28 -41.46
CA VAL S 59 -29.14 -15.37 -42.04
C VAL S 59 -29.85 -16.08 -40.90
N PRO S 60 -31.13 -16.43 -41.04
CA PRO S 60 -31.84 -17.11 -39.95
C PRO S 60 -31.24 -18.47 -39.63
N SER S 61 -31.66 -19.00 -38.47
CA SER S 61 -31.18 -20.28 -37.97
C SER S 61 -31.84 -21.51 -38.59
N ARG S 62 -32.57 -21.35 -39.69
CA ARG S 62 -33.20 -22.50 -40.32
C ARG S 62 -32.12 -23.31 -41.05
N PHE S 63 -30.99 -22.67 -41.36
CA PHE S 63 -29.90 -23.32 -42.05
C PHE S 63 -28.91 -23.91 -41.04
N SER S 64 -28.66 -25.21 -41.15
CA SER S 64 -27.72 -25.91 -40.29
C SER S 64 -27.01 -26.95 -41.13
N GLY S 65 -25.86 -27.44 -40.66
CA GLY S 65 -25.11 -28.42 -41.41
C GLY S 65 -24.44 -29.46 -40.53
N SER S 66 -23.80 -30.40 -41.22
CA SER S 66 -23.05 -31.50 -40.63
C SER S 66 -22.00 -31.93 -41.64
N ALA S 67 -20.86 -32.41 -41.14
CA ALA S 67 -19.75 -32.81 -41.99
C ALA S 67 -19.39 -34.27 -41.75
N ALA S 68 -19.33 -35.05 -42.83
CA ALA S 68 -18.99 -36.48 -42.77
C ALA S 68 -17.91 -36.75 -43.80
N GLY S 69 -16.64 -36.56 -43.40
CA GLY S 69 -15.49 -36.79 -44.25
C GLY S 69 -15.48 -36.10 -45.59
N THR S 70 -15.59 -36.89 -46.66
CA THR S 70 -15.60 -36.35 -48.01
C THR S 70 -16.91 -35.62 -48.28
N ASP S 71 -17.97 -35.98 -47.57
CA ASP S 71 -19.28 -35.37 -47.72
C ASP S 71 -19.53 -34.29 -46.67
N PHE S 72 -20.36 -33.32 -47.02
CA PHE S 72 -20.73 -32.22 -46.12
C PHE S 72 -22.24 -32.03 -46.27
N THR S 73 -23.00 -32.69 -45.40
CA THR S 73 -24.45 -32.64 -45.43
C THR S 73 -25.06 -31.44 -44.69
N LEU S 74 -25.44 -30.41 -45.44
CA LEU S 74 -26.05 -29.22 -44.87
C LEU S 74 -27.48 -29.60 -44.52
N THR S 75 -27.74 -29.84 -43.22
CA THR S 75 -29.06 -30.26 -42.75
C THR S 75 -29.94 -29.04 -42.51
N ILE S 76 -30.59 -28.55 -43.56
CA ILE S 76 -31.44 -27.38 -43.47
C ILE S 76 -32.83 -27.77 -42.95
N GLY S 77 -33.14 -27.33 -41.73
CA GLY S 77 -34.43 -27.62 -41.14
C GLY S 77 -35.43 -26.51 -41.42
N ASN S 78 -36.71 -26.88 -41.39
CA ASN S 78 -37.83 -25.96 -41.63
C ASN S 78 -37.71 -25.27 -42.99
N LEU S 79 -37.75 -26.07 -44.05
CA LEU S 79 -37.65 -25.54 -45.40
C LEU S 79 -38.81 -24.59 -45.70
N GLN S 80 -38.53 -23.53 -46.45
CA GLN S 80 -39.55 -22.55 -46.79
C GLN S 80 -39.66 -22.34 -48.29
N ALA S 81 -40.50 -21.38 -48.69
CA ALA S 81 -40.69 -21.08 -50.10
C ALA S 81 -39.41 -20.50 -50.71
N GLU S 82 -38.69 -19.69 -49.94
CA GLU S 82 -37.44 -19.10 -50.42
C GLU S 82 -36.33 -20.15 -50.40
N ASP S 83 -36.52 -21.24 -49.67
CA ASP S 83 -35.52 -22.29 -49.59
C ASP S 83 -35.52 -23.15 -50.85
N PHE S 84 -36.55 -23.04 -51.68
CA PHE S 84 -36.61 -23.80 -52.92
C PHE S 84 -35.67 -23.12 -53.91
N GLY S 85 -34.40 -23.52 -53.90
CA GLY S 85 -33.44 -22.93 -54.81
C GLY S 85 -32.27 -23.85 -55.06
N THR S 86 -31.25 -23.30 -55.69
CA THR S 86 -30.04 -24.04 -56.03
C THR S 86 -28.87 -23.56 -55.17
N PHE S 87 -28.55 -24.34 -54.13
CA PHE S 87 -27.45 -23.99 -53.25
C PHE S 87 -26.14 -24.28 -53.96
N TYR S 88 -25.04 -23.73 -53.45
CA TYR S 88 -23.73 -23.95 -54.05
C TYR S 88 -22.61 -24.05 -53.01
N CYS S 89 -22.26 -25.28 -52.64
CA CYS S 89 -21.18 -25.48 -51.69
C CYS S 89 -19.86 -25.21 -52.41
N GLN S 90 -19.25 -24.06 -52.13
CA GLN S 90 -17.99 -23.69 -52.77
C GLN S 90 -16.85 -23.65 -51.78
N GLN S 91 -15.86 -24.50 -51.99
CA GLN S 91 -14.69 -24.49 -51.14
C GLN S 91 -13.96 -23.18 -51.47
N TYR S 92 -13.56 -22.47 -50.44
CA TYR S 92 -12.83 -21.24 -50.65
C TYR S 92 -11.52 -21.50 -49.93
N ASP S 93 -11.20 -22.79 -49.84
CA ASP S 93 -9.97 -23.29 -49.24
C ASP S 93 -8.85 -23.42 -50.27
N THR S 94 -8.98 -24.34 -51.22
CA THR S 94 -7.87 -24.49 -52.16
C THR S 94 -7.81 -23.37 -53.18
N TYR S 95 -6.75 -23.37 -53.97
CA TYR S 95 -6.51 -22.36 -55.00
C TYR S 95 -6.46 -23.02 -56.37
N PRO S 96 -7.44 -22.76 -57.24
CA PRO S 96 -8.61 -21.90 -57.02
C PRO S 96 -9.77 -22.63 -56.33
N GLY S 97 -10.83 -21.89 -56.00
CA GLY S 97 -11.99 -22.48 -55.36
C GLY S 97 -12.95 -23.01 -56.42
N THR S 98 -13.56 -24.15 -56.14
CA THR S 98 -14.49 -24.79 -57.06
C THR S 98 -15.89 -25.02 -56.50
N PHE S 99 -16.88 -24.94 -57.38
CA PHE S 99 -18.26 -25.18 -56.97
C PHE S 99 -18.55 -26.67 -56.93
N GLY S 100 -19.71 -27.00 -56.38
CA GLY S 100 -20.19 -28.36 -56.34
C GLY S 100 -21.00 -28.63 -57.59
N GLN S 101 -21.93 -29.56 -57.48
CA GLN S 101 -22.79 -29.88 -58.61
C GLN S 101 -24.08 -29.06 -58.59
N GLY S 102 -24.50 -28.62 -57.41
CA GLY S 102 -25.71 -27.85 -57.22
C GLY S 102 -26.85 -28.75 -56.79
N THR S 103 -27.70 -28.23 -55.92
CA THR S 103 -28.86 -28.97 -55.42
C THR S 103 -30.14 -28.19 -55.56
N LYS S 104 -31.06 -28.70 -56.37
CA LYS S 104 -32.35 -28.06 -56.60
C LYS S 104 -33.39 -28.60 -55.64
N VAL S 105 -34.01 -27.71 -54.87
CA VAL S 105 -35.05 -28.07 -53.92
C VAL S 105 -36.37 -27.66 -54.55
N GLU S 106 -37.26 -28.64 -54.76
CA GLU S 106 -38.55 -28.37 -55.39
C GLU S 106 -39.69 -29.01 -54.61
N VAL S 107 -40.90 -28.92 -55.17
CA VAL S 107 -42.08 -29.49 -54.54
C VAL S 107 -42.07 -31.00 -54.73
N GLN T 1 -18.44 -35.44 35.36
CA GLN T 1 -19.46 -34.44 35.65
C GLN T 1 -20.79 -34.81 35.02
N ILE T 2 -20.82 -35.95 34.33
CA ILE T 2 -22.01 -36.45 33.66
C ILE T 2 -22.28 -37.88 34.09
N HIS T 3 -23.46 -38.13 34.64
CA HIS T 3 -23.86 -39.45 35.11
C HIS T 3 -25.16 -39.88 34.45
N LEU T 4 -25.22 -41.15 34.05
CA LEU T 4 -26.39 -41.72 33.40
C LEU T 4 -27.17 -42.61 34.35
N VAL T 5 -28.50 -42.50 34.31
CA VAL T 5 -29.39 -43.28 35.16
C VAL T 5 -30.46 -43.96 34.31
N GLN T 6 -30.64 -45.25 34.50
CA GLN T 6 -31.63 -46.03 33.79
C GLN T 6 -32.84 -46.28 34.68
N SER T 7 -33.79 -47.09 34.22
CA SER T 7 -34.98 -47.35 35.02
C SER T 7 -34.67 -48.24 36.22
N GLY T 8 -35.68 -48.55 37.02
CA GLY T 8 -35.47 -49.38 38.19
C GLY T 8 -35.57 -50.87 37.94
N THR T 9 -36.19 -51.58 38.88
CA THR T 9 -36.37 -53.02 38.79
C THR T 9 -37.75 -53.30 38.21
N GLU T 10 -37.80 -54.13 37.17
CA GLU T 10 -39.06 -54.45 36.52
C GLU T 10 -39.18 -55.94 36.22
N VAL T 11 -40.33 -56.51 36.56
CA VAL T 11 -40.64 -57.92 36.33
C VAL T 11 -41.94 -57.98 35.55
N LYS T 12 -41.86 -58.46 34.31
CA LYS T 12 -43.04 -58.54 33.45
C LYS T 12 -43.47 -59.97 33.15
N LYS T 13 -44.72 -60.10 32.69
CA LYS T 13 -45.29 -61.39 32.37
C LYS T 13 -44.74 -61.94 31.05
N PRO T 14 -44.70 -63.25 30.88
CA PRO T 14 -44.20 -63.84 29.62
C PRO T 14 -45.11 -63.49 28.46
N GLY T 15 -44.56 -62.76 27.49
CA GLY T 15 -45.31 -62.35 26.32
C GLY T 15 -45.93 -60.99 26.53
N SER T 16 -45.12 -60.04 26.99
CA SER T 16 -45.58 -58.68 27.26
C SER T 16 -44.65 -57.65 26.66
N SER T 17 -44.85 -56.38 26.99
CA SER T 17 -44.01 -55.29 26.51
C SER T 17 -43.27 -54.64 27.67
N VAL T 18 -42.19 -53.93 27.36
CA VAL T 18 -41.40 -53.27 28.38
C VAL T 18 -41.22 -51.80 28.01
N THR T 19 -41.04 -50.97 29.02
CA THR T 19 -40.79 -49.54 28.84
C THR T 19 -39.79 -49.13 29.93
N VAL T 20 -38.52 -49.16 29.58
CA VAL T 20 -37.47 -48.78 30.51
C VAL T 20 -37.02 -47.38 30.13
N SER T 21 -36.38 -46.70 31.06
CA SER T 21 -35.92 -45.33 30.85
C SER T 21 -34.41 -45.19 30.89
N CYS T 22 -33.94 -44.05 30.41
CA CYS T 22 -32.51 -43.70 30.42
C CYS T 22 -32.40 -42.19 30.66
N LYS T 23 -32.27 -41.82 31.93
CA LYS T 23 -32.12 -40.41 32.27
C LYS T 23 -30.67 -40.03 32.03
N ALA T 24 -30.46 -38.83 31.50
CA ALA T 24 -29.11 -38.37 31.18
C ALA T 24 -28.86 -37.00 31.80
N TYR T 25 -28.21 -37.00 32.96
CA TYR T 25 -27.91 -35.74 33.64
C TYR T 25 -26.77 -35.04 32.91
N GLY T 26 -26.84 -33.71 32.83
CA GLY T 26 -25.82 -32.96 32.14
C GLY T 26 -25.83 -33.14 30.64
N VAL T 27 -26.99 -33.45 30.07
CA VAL T 27 -27.15 -33.71 28.64
C VAL T 27 -28.23 -32.79 28.10
N ASN T 28 -28.00 -32.22 26.91
CA ASN T 28 -28.96 -31.30 26.31
C ASN T 28 -30.13 -31.89 25.53
N THR T 29 -29.83 -32.62 24.45
CA THR T 29 -30.88 -33.16 23.62
C THR T 29 -30.41 -34.40 22.88
N PHE T 30 -31.38 -35.21 22.43
CA PHE T 30 -31.04 -36.42 21.69
C PHE T 30 -30.56 -36.03 20.30
N GLY T 31 -30.86 -34.80 19.87
CA GLY T 31 -30.39 -34.34 18.58
C GLY T 31 -28.87 -34.24 18.59
N LEU T 32 -28.30 -33.84 19.72
CA LEU T 32 -26.85 -33.76 19.89
C LEU T 32 -26.32 -35.01 20.56
N TYR T 33 -27.16 -35.73 21.29
CA TYR T 33 -26.76 -36.93 22.02
C TYR T 33 -27.59 -38.15 21.64
N ALA T 34 -27.18 -38.83 20.57
CA ALA T 34 -27.90 -40.02 20.13
C ALA T 34 -27.60 -41.16 21.09
N VAL T 35 -28.60 -42.01 21.33
CA VAL T 35 -28.48 -43.12 22.26
C VAL T 35 -28.61 -44.48 21.59
N ASN T 36 -27.58 -45.32 21.75
CA ASN T 36 -27.59 -46.66 21.21
C ASN T 36 -27.99 -47.64 22.31
N TRP T 37 -29.05 -48.40 22.10
CA TRP T 37 -29.52 -49.36 23.09
C TRP T 37 -28.90 -50.74 22.93
N VAL T 38 -28.35 -51.25 24.02
CA VAL T 38 -27.67 -52.54 24.07
C VAL T 38 -28.27 -53.38 25.20
N ARG T 39 -28.56 -54.64 24.93
CA ARG T 39 -29.11 -55.51 25.97
C ARG T 39 -27.95 -56.31 26.56
N GLN T 40 -28.26 -57.14 27.54
CA GLN T 40 -27.27 -58.01 28.16
C GLN T 40 -27.94 -59.22 28.77
N ALA T 41 -27.48 -60.40 28.40
CA ALA T 41 -28.01 -61.61 29.02
C ALA T 41 -27.51 -61.56 30.46
N PRO T 42 -28.34 -61.91 31.46
CA PRO T 42 -27.90 -61.80 32.87
C PRO T 42 -26.64 -62.60 33.17
N GLY T 43 -25.57 -61.84 33.48
CA GLY T 43 -24.28 -62.40 33.76
C GLY T 43 -23.39 -62.55 32.55
N GLN T 44 -23.96 -62.64 31.35
CA GLN T 44 -23.23 -62.81 30.10
C GLN T 44 -22.85 -61.50 29.41
N SER T 45 -22.39 -61.60 28.16
CA SER T 45 -22.00 -60.45 27.35
C SER T 45 -23.17 -59.54 27.00
N LEU T 46 -22.85 -58.38 26.44
CA LEU T 46 -23.85 -57.39 26.03
C LEU T 46 -24.03 -57.40 24.53
N GLU T 47 -25.26 -57.62 24.07
CA GLU T 47 -25.57 -57.62 22.64
C GLU T 47 -26.27 -56.32 22.25
N TYR T 48 -25.69 -55.63 21.26
CA TYR T 48 -26.25 -54.38 20.76
C TYR T 48 -27.62 -54.61 20.14
N ILE T 49 -28.64 -53.95 20.67
CA ILE T 49 -29.99 -54.12 20.13
C ILE T 49 -30.15 -53.22 18.92
N GLY T 50 -30.06 -51.91 19.14
CA GLY T 50 -30.23 -50.96 18.07
C GLY T 50 -29.88 -49.55 18.48
N GLN T 51 -30.59 -48.57 17.92
CA GLN T 51 -30.30 -47.19 18.22
C GLN T 51 -31.41 -46.20 17.92
N ILE T 52 -31.28 -44.99 18.45
CA ILE T 52 -32.27 -43.94 18.24
C ILE T 52 -31.62 -42.67 17.74
N TRP T 53 -30.60 -42.82 16.90
CA TRP T 53 -29.88 -41.68 16.33
C TRP T 53 -30.84 -40.73 15.61
N ARG T 54 -30.66 -39.43 15.83
CA ARG T 54 -31.51 -38.43 15.21
C ARG T 54 -32.98 -38.82 15.27
N TRP T 55 -33.46 -39.13 16.48
CA TRP T 55 -34.84 -39.52 16.68
C TRP T 55 -35.30 -40.52 15.62
N LYS T 56 -34.53 -41.60 15.47
CA LYS T 56 -34.86 -42.64 14.49
C LYS T 56 -35.13 -43.94 15.24
N SER T 57 -36.38 -44.39 15.22
CA SER T 57 -36.76 -45.62 15.88
C SER T 57 -36.27 -46.81 15.05
N SER T 58 -35.24 -47.50 15.55
CA SER T 58 -34.68 -48.63 14.82
C SER T 58 -33.98 -49.64 15.73
N ALA T 59 -33.63 -50.78 15.14
CA ALA T 59 -32.94 -51.85 15.84
C ALA T 59 -32.23 -52.70 14.79
N SER T 60 -31.50 -53.70 15.26
CA SER T 60 -30.79 -54.58 14.35
C SER T 60 -31.77 -55.53 13.68
N HIS T 61 -31.29 -56.26 12.66
CA HIS T 61 -32.16 -57.21 11.95
C HIS T 61 -32.59 -58.33 12.88
N HIS T 62 -31.75 -58.66 13.87
CA HIS T 62 -32.08 -59.68 14.85
C HIS T 62 -33.15 -59.15 15.78
N PHE T 63 -33.24 -57.83 15.93
CA PHE T 63 -34.19 -57.17 16.80
C PHE T 63 -35.26 -56.38 16.04
N ARG T 64 -35.25 -56.45 14.72
CA ARG T 64 -36.23 -55.70 13.92
C ARG T 64 -37.62 -56.30 14.05
N GLY T 65 -38.63 -55.42 14.14
CA GLY T 65 -40.00 -55.85 14.28
C GLY T 65 -40.40 -56.23 15.68
N ARG T 66 -39.47 -56.20 16.63
CA ARG T 66 -39.75 -56.55 18.01
C ARG T 66 -39.30 -55.42 18.92
N VAL T 67 -38.30 -54.66 18.48
CA VAL T 67 -37.76 -53.54 19.25
C VAL T 67 -37.73 -52.25 18.46
N LEU T 68 -38.36 -51.20 19.01
CA LEU T 68 -38.36 -49.87 18.43
C LEU T 68 -38.00 -48.93 19.57
N ILE T 69 -37.26 -47.88 19.25
CA ILE T 69 -36.77 -46.95 20.28
C ILE T 69 -37.27 -45.52 20.18
N SER T 70 -37.87 -45.04 21.25
CA SER T 70 -38.34 -43.67 21.40
C SER T 70 -37.47 -43.06 22.50
N ALA T 71 -37.11 -41.78 22.35
CA ALA T 71 -36.29 -41.11 23.36
C ALA T 71 -36.91 -39.75 23.62
N VAL T 72 -37.78 -39.67 24.63
CA VAL T 72 -38.46 -38.42 24.97
C VAL T 72 -37.43 -37.36 25.33
N ASP T 73 -37.35 -36.32 24.51
CA ASP T 73 -36.38 -35.25 24.72
C ASP T 73 -36.89 -34.15 25.64
N LEU T 74 -36.21 -34.00 26.76
CA LEU T 74 -36.49 -32.97 27.74
C LEU T 74 -35.16 -32.44 28.24
N THR T 75 -35.14 -31.15 28.59
CA THR T 75 -33.91 -30.57 29.09
C THR T 75 -34.29 -29.53 30.12
N GLY T 76 -33.34 -29.21 30.99
CA GLY T 76 -33.63 -28.25 32.02
C GLY T 76 -34.23 -28.86 33.27
N SER T 77 -35.55 -28.72 33.44
CA SER T 77 -36.23 -29.26 34.60
C SER T 77 -36.19 -30.79 34.63
N SER T 78 -36.02 -31.42 33.47
CA SER T 78 -35.95 -32.87 33.37
C SER T 78 -34.87 -33.28 32.39
N PRO T 79 -34.04 -34.25 32.74
CA PRO T 79 -32.97 -34.69 31.84
C PRO T 79 -33.52 -35.44 30.66
N PRO T 80 -32.75 -35.59 29.58
CA PRO T 80 -33.24 -36.34 28.40
C PRO T 80 -33.50 -37.79 28.76
N ILE T 81 -34.76 -38.21 28.58
CA ILE T 81 -35.22 -39.54 28.91
C ILE T 81 -35.33 -40.41 27.68
N SER T 82 -34.41 -41.36 27.53
CA SER T 82 -34.43 -42.28 26.40
C SER T 82 -35.21 -43.51 26.82
N SER T 83 -36.32 -43.76 26.14
CA SER T 83 -37.14 -44.92 26.44
C SER T 83 -36.74 -46.10 25.58
N LEU T 84 -37.38 -47.25 25.80
CA LEU T 84 -37.10 -48.45 25.04
C LEU T 84 -38.34 -49.32 25.02
N GLU T 85 -38.75 -49.74 23.83
CA GLU T 85 -39.92 -50.58 23.66
C GLU T 85 -39.56 -51.91 23.03
N ILE T 86 -39.74 -52.99 23.78
CA ILE T 86 -39.47 -54.34 23.33
C ILE T 86 -40.76 -55.13 23.51
N LYS T 87 -41.37 -55.53 22.40
CA LYS T 87 -42.62 -56.27 22.45
C LYS T 87 -42.39 -57.77 22.60
N ASN T 88 -43.45 -58.46 23.00
CA ASN T 88 -43.45 -59.92 23.20
C ASN T 88 -42.33 -60.40 24.12
N LEU T 89 -42.38 -59.95 25.38
CA LEU T 89 -41.34 -60.35 26.32
C LEU T 89 -41.50 -61.81 26.73
N THR T 90 -40.76 -62.70 26.06
CA THR T 90 -40.81 -64.11 26.39
C THR T 90 -39.88 -64.33 27.59
N SER T 91 -39.78 -65.58 28.06
CA SER T 91 -38.89 -65.85 29.17
C SER T 91 -37.45 -65.71 28.69
N ASP T 92 -37.22 -65.90 27.39
CA ASP T 92 -35.89 -65.73 26.81
C ASP T 92 -35.46 -64.27 26.76
N ASP T 93 -36.41 -63.34 26.91
CA ASP T 93 -36.11 -61.92 26.90
C ASP T 93 -35.66 -61.43 28.26
N THR T 94 -35.34 -62.36 29.17
CA THR T 94 -34.82 -62.04 30.49
C THR T 94 -33.45 -61.45 30.22
N ALA T 95 -33.29 -60.14 30.45
CA ALA T 95 -32.02 -59.52 30.15
C ALA T 95 -31.83 -58.26 30.97
N VAL T 96 -30.61 -57.73 30.90
CA VAL T 96 -30.22 -56.50 31.59
C VAL T 96 -30.09 -55.47 30.48
N TYR T 97 -30.93 -54.44 30.53
CA TYR T 97 -30.93 -53.43 29.49
C TYR T 97 -29.91 -52.33 29.74
N PHE T 98 -29.47 -51.69 28.66
CA PHE T 98 -28.49 -50.62 28.74
C PHE T 98 -28.62 -49.55 27.66
N CYS T 99 -28.40 -48.31 28.06
CA CYS T 99 -28.44 -47.16 27.17
C CYS T 99 -27.06 -46.51 27.18
N THR T 100 -26.82 -45.61 26.25
CA THR T 100 -25.54 -44.92 26.17
C THR T 100 -25.68 -43.54 25.57
N THR T 101 -25.31 -42.51 26.34
CA THR T 101 -25.38 -41.14 25.87
C THR T 101 -23.98 -40.64 25.50
N THR T 102 -23.82 -40.27 24.23
CA THR T 102 -22.56 -39.77 23.71
C THR T 102 -22.91 -38.68 22.71
N SER T 103 -22.11 -37.62 22.67
CA SER T 103 -22.36 -36.50 21.78
C SER T 103 -22.30 -36.87 20.31
N THR T 104 -23.13 -36.18 19.51
CA THR T 104 -23.18 -36.40 18.08
C THR T 104 -22.71 -35.11 17.42
N TYR T 105 -22.66 -34.01 18.18
CA TYR T 105 -22.20 -32.74 17.59
C TYR T 105 -20.71 -32.78 17.26
N ASP T 106 -19.90 -33.34 18.15
CA ASP T 106 -18.48 -33.43 17.89
C ASP T 106 -18.35 -34.40 16.73
N LYS T 107 -17.79 -33.93 15.64
CA LYS T 107 -17.72 -34.79 14.48
C LYS T 107 -16.34 -34.97 13.88
N TRP T 108 -15.23 -34.65 14.60
CA TRP T 108 -13.84 -34.90 14.13
C TRP T 108 -12.77 -35.32 15.18
N SER T 109 -13.10 -36.15 16.18
CA SER T 109 -12.13 -36.61 17.18
C SER T 109 -12.07 -38.16 17.40
N GLY T 110 -13.19 -38.89 17.26
CA GLY T 110 -13.28 -40.33 17.37
C GLY T 110 -14.50 -41.07 17.94
N LEU T 111 -15.64 -40.39 18.10
CA LEU T 111 -16.81 -41.02 18.71
C LEU T 111 -17.76 -41.99 17.99
N HIS T 112 -17.88 -41.96 16.65
CA HIS T 112 -18.86 -42.87 16.03
C HIS T 112 -18.70 -43.46 14.63
N HIS T 113 -19.31 -44.65 14.42
CA HIS T 113 -19.33 -45.36 13.14
C HIS T 113 -20.67 -45.87 12.66
N ASP T 114 -21.23 -45.18 11.67
CA ASP T 114 -22.50 -45.50 11.02
C ASP T 114 -23.55 -45.78 12.10
N GLY T 115 -23.67 -44.85 13.01
CA GLY T 115 -24.58 -45.04 14.11
C GLY T 115 -24.00 -45.74 15.34
N VAL T 116 -23.21 -46.79 15.13
CA VAL T 116 -22.62 -47.49 16.29
C VAL T 116 -21.51 -46.57 16.80
N MET T 117 -21.79 -45.88 17.89
CA MET T 117 -20.86 -44.92 18.47
C MET T 117 -20.02 -45.47 19.61
N ALA T 118 -19.00 -44.69 19.98
CA ALA T 118 -18.15 -45.06 21.10
C ALA T 118 -18.98 -44.92 22.36
N PHE T 119 -19.09 -46.01 23.11
CA PHE T 119 -19.90 -46.00 24.32
C PHE T 119 -19.07 -45.45 25.47
N SER T 120 -19.15 -44.14 25.68
CA SER T 120 -18.38 -43.49 26.73
C SER T 120 -18.93 -43.80 28.12
N SER T 121 -20.18 -43.46 28.37
CA SER T 121 -20.81 -43.70 29.66
C SER T 121 -21.98 -44.69 29.55
N TRP T 122 -22.39 -45.20 30.70
CA TRP T 122 -23.48 -46.15 30.78
C TRP T 122 -24.35 -45.84 32.00
N GLY T 123 -25.52 -46.44 32.04
CA GLY T 123 -26.44 -46.26 33.13
C GLY T 123 -26.15 -47.26 34.24
N GLN T 124 -27.19 -47.56 35.03
CA GLN T 124 -27.02 -48.51 36.13
C GLN T 124 -27.08 -49.95 35.62
N GLY T 125 -28.13 -50.30 34.91
CA GLY T 125 -28.32 -51.65 34.40
C GLY T 125 -29.59 -52.20 35.01
N THR T 126 -30.58 -52.53 34.18
CA THR T 126 -31.86 -53.03 34.65
C THR T 126 -32.09 -54.52 34.46
N LEU T 127 -31.92 -55.29 35.54
CA LEU T 127 -32.15 -56.72 35.49
C LEU T 127 -33.65 -56.99 35.45
N ILE T 128 -34.12 -57.57 34.35
CA ILE T 128 -35.53 -57.88 34.17
C ILE T 128 -35.71 -59.38 33.99
N SER T 129 -36.29 -60.03 34.98
CA SER T 129 -36.56 -61.47 34.94
C SER T 129 -38.02 -61.64 34.54
N VAL T 130 -38.24 -61.93 33.26
CA VAL T 130 -39.60 -62.09 32.75
C VAL T 130 -40.19 -63.39 33.30
N SER T 131 -41.11 -63.25 34.25
CA SER T 131 -41.76 -64.39 34.88
C SER T 131 -43.25 -64.16 35.05
N ASP U 1 -21.73 -61.55 11.69
CA ASP U 1 -20.93 -60.39 12.08
C ASP U 1 -19.45 -60.74 12.16
N ILE U 2 -18.70 -59.94 12.90
CA ILE U 2 -17.27 -60.14 13.10
C ILE U 2 -17.13 -60.51 14.57
N GLN U 3 -16.99 -61.80 14.83
CA GLN U 3 -16.90 -62.32 16.20
C GLN U 3 -15.63 -61.91 16.93
N MET U 4 -15.74 -60.97 17.85
CA MET U 4 -14.59 -60.54 18.62
C MET U 4 -14.33 -61.61 19.67
N THR U 5 -13.05 -61.88 19.94
CA THR U 5 -12.68 -62.88 20.94
C THR U 5 -11.48 -62.36 21.72
N GLN U 6 -11.75 -61.77 22.88
CA GLN U 6 -10.73 -61.20 23.73
C GLN U 6 -9.88 -62.28 24.37
N SER U 7 -8.56 -62.21 24.14
CA SER U 7 -7.63 -63.19 24.67
C SER U 7 -6.66 -62.60 25.68
N PRO U 8 -6.43 -63.26 26.82
CA PRO U 8 -7.06 -64.51 27.25
C PRO U 8 -8.36 -64.25 28.00
N SER U 9 -8.83 -65.26 28.74
CA SER U 9 -10.05 -65.14 29.53
C SER U 9 -9.69 -64.75 30.95
N THR U 10 -8.66 -65.37 31.52
CA THR U 10 -8.19 -65.08 32.87
C THR U 10 -6.66 -65.01 32.89
N LEU U 11 -6.13 -64.13 33.71
CA LEU U 11 -4.69 -63.98 33.84
C LEU U 11 -4.34 -63.47 35.23
N SER U 12 -3.23 -63.94 35.76
CA SER U 12 -2.75 -63.55 37.08
C SER U 12 -1.59 -62.57 36.97
N ALA U 13 -1.63 -61.52 37.78
CA ALA U 13 -0.58 -60.51 37.76
C ALA U 13 -0.57 -59.76 39.08
N SER U 14 0.55 -59.09 39.35
CA SER U 14 0.71 -58.29 40.54
C SER U 14 0.38 -56.84 40.22
N ILE U 15 0.62 -55.93 41.16
CA ILE U 15 0.36 -54.51 40.95
C ILE U 15 1.63 -53.86 40.43
N GLY U 16 1.54 -53.21 39.28
CA GLY U 16 2.69 -52.57 38.67
C GLY U 16 3.32 -53.43 37.60
N ASP U 17 2.50 -54.02 36.74
CA ASP U 17 2.97 -54.88 35.66
C ASP U 17 2.53 -54.40 34.29
N THR U 18 3.13 -54.97 33.26
CA THR U 18 2.83 -54.65 31.86
C THR U 18 2.39 -55.91 31.14
N VAL U 19 1.08 -56.05 30.94
CA VAL U 19 0.50 -57.22 30.29
C VAL U 19 -0.30 -56.84 29.06
N ARG U 20 -0.03 -57.52 27.94
CA ARG U 20 -0.75 -57.27 26.70
C ARG U 20 -1.96 -58.19 26.65
N ILE U 21 -3.12 -57.62 26.32
CA ILE U 21 -4.37 -58.36 26.25
C ILE U 21 -4.87 -58.41 24.81
N SER U 22 -4.71 -59.56 24.18
CA SER U 22 -5.13 -59.75 22.80
C SER U 22 -6.65 -59.71 22.62
N CYS U 23 -7.08 -59.55 21.37
CA CYS U 23 -8.50 -59.50 21.04
C CYS U 23 -8.67 -60.00 19.60
N ARG U 24 -9.11 -61.24 19.45
CA ARG U 24 -9.29 -61.81 18.13
C ARG U 24 -10.43 -61.14 17.38
N ALA U 25 -10.33 -61.13 16.05
CA ALA U 25 -11.34 -60.54 15.18
C ALA U 25 -11.08 -61.06 13.78
N SER U 26 -12.13 -61.53 13.10
CA SER U 26 -11.96 -62.04 11.74
C SER U 26 -11.49 -60.92 10.83
N GLN U 27 -12.04 -59.72 11.02
CA GLN U 27 -11.61 -58.57 10.25
C GLN U 27 -10.67 -57.75 11.09
N SER U 28 -9.73 -57.10 10.44
CA SER U 28 -8.86 -56.22 11.18
C SER U 28 -9.63 -54.92 11.11
N ILE U 29 -9.25 -53.93 11.89
CA ILE U 29 -9.92 -52.65 11.80
C ILE U 29 -8.82 -51.62 11.74
N THR U 30 -8.83 -50.83 10.67
CA THR U 30 -7.82 -49.80 10.50
C THR U 30 -8.00 -48.76 11.59
N GLY U 31 -7.00 -48.62 12.45
CA GLY U 31 -7.09 -47.66 13.51
C GLY U 31 -7.77 -48.15 14.77
N ASN U 32 -8.18 -49.41 14.82
CA ASN U 32 -8.82 -50.04 15.98
C ASN U 32 -10.13 -49.45 16.50
N TRP U 33 -11.20 -49.56 15.70
CA TRP U 33 -12.54 -49.11 16.09
C TRP U 33 -13.13 -50.14 17.03
N VAL U 34 -12.43 -50.37 18.13
CA VAL U 34 -12.77 -51.31 19.17
C VAL U 34 -12.50 -50.59 20.47
N ALA U 35 -13.55 -50.34 21.24
CA ALA U 35 -13.42 -49.66 22.51
C ALA U 35 -13.30 -50.72 23.60
N TRP U 36 -12.31 -50.56 24.46
CA TRP U 36 -12.07 -51.49 25.56
C TRP U 36 -12.94 -51.06 26.73
N TYR U 37 -13.85 -51.93 27.15
CA TYR U 37 -14.77 -51.63 28.24
C TYR U 37 -14.38 -52.36 29.52
N GLN U 38 -13.65 -51.68 30.39
CA GLN U 38 -13.19 -52.25 31.64
C GLN U 38 -14.35 -52.37 32.63
N GLN U 39 -14.97 -53.54 32.70
CA GLN U 39 -16.05 -53.76 33.64
C GLN U 39 -15.41 -54.22 34.95
N ARG U 40 -15.18 -53.27 35.85
CA ARG U 40 -14.58 -53.56 37.12
C ARG U 40 -15.61 -54.17 38.05
N PRO U 41 -15.18 -54.96 39.05
CA PRO U 41 -16.16 -55.53 39.99
C PRO U 41 -16.78 -54.43 40.83
N GLY U 42 -18.07 -54.20 40.61
CA GLY U 42 -18.79 -53.15 41.28
C GLY U 42 -18.92 -51.87 40.49
N LYS U 43 -18.81 -51.94 39.17
CA LYS U 43 -18.93 -50.77 38.31
C LYS U 43 -19.32 -51.21 36.91
N ALA U 44 -20.07 -50.34 36.23
CA ALA U 44 -20.50 -50.60 34.88
C ALA U 44 -19.30 -50.43 33.93
N PRO U 45 -19.37 -50.99 32.72
CA PRO U 45 -18.25 -50.82 31.78
C PRO U 45 -18.07 -49.34 31.42
N ARG U 46 -16.85 -48.99 31.04
CA ARG U 46 -16.55 -47.60 30.71
C ARG U 46 -15.59 -47.50 29.52
N LEU U 47 -15.39 -46.28 29.06
CA LEU U 47 -14.50 -46.02 27.94
C LEU U 47 -13.09 -45.78 28.47
N LEU U 48 -12.13 -46.56 27.97
CA LEU U 48 -10.74 -46.44 28.40
C LEU U 48 -9.91 -45.64 27.40
N ILE U 49 -9.88 -46.09 26.15
CA ILE U 49 -9.14 -45.40 25.10
C ILE U 49 -10.01 -45.40 23.86
N TYR U 50 -10.42 -44.20 23.44
CA TYR U 50 -11.20 -44.13 22.23
C TYR U 50 -10.17 -44.34 21.13
N ARG U 51 -10.60 -44.99 20.06
CA ARG U 51 -9.78 -45.28 18.88
C ARG U 51 -8.55 -46.17 19.07
N GLY U 52 -8.64 -47.12 20.00
CA GLY U 52 -7.53 -48.05 20.22
C GLY U 52 -6.29 -47.53 20.88
N ALA U 53 -5.69 -46.48 20.32
CA ALA U 53 -4.46 -45.92 20.89
C ALA U 53 -4.47 -44.40 20.92
N ALA U 54 -5.59 -43.74 20.67
CA ALA U 54 -5.62 -42.29 20.68
C ALA U 54 -5.54 -41.77 22.11
N LEU U 55 -5.12 -40.51 22.25
CA LEU U 55 -4.98 -39.89 23.56
C LEU U 55 -6.29 -39.38 24.14
N LEU U 56 -6.69 -39.95 25.27
CA LEU U 56 -7.90 -39.56 25.99
C LEU U 56 -7.50 -38.92 27.31
N GLY U 57 -7.98 -37.70 27.54
CA GLY U 57 -7.64 -36.98 28.75
C GLY U 57 -8.55 -37.21 29.94
N GLY U 58 -9.21 -38.36 29.99
CA GLY U 58 -10.09 -38.68 31.10
C GLY U 58 -9.67 -39.98 31.75
N VAL U 59 -8.78 -40.70 31.06
CA VAL U 59 -8.25 -41.97 31.51
C VAL U 59 -6.74 -41.82 31.59
N PRO U 60 -6.09 -42.30 32.64
CA PRO U 60 -4.63 -42.16 32.75
C PRO U 60 -3.89 -42.93 31.64
N SER U 61 -2.60 -42.61 31.52
CA SER U 61 -1.74 -43.19 30.49
C SER U 61 -1.21 -44.57 30.83
N ARG U 62 -1.76 -45.25 31.84
CA ARG U 62 -1.28 -46.59 32.17
C ARG U 62 -1.82 -47.56 31.13
N PHE U 63 -2.88 -47.19 30.43
CA PHE U 63 -3.48 -48.02 29.40
C PHE U 63 -2.87 -47.72 28.04
N SER U 64 -2.33 -48.74 27.38
CA SER U 64 -1.74 -48.61 26.06
C SER U 64 -2.06 -49.88 25.29
N GLY U 65 -1.96 -49.82 23.96
CA GLY U 65 -2.26 -50.98 23.15
C GLY U 65 -1.36 -51.12 21.95
N SER U 66 -1.60 -52.22 21.23
CA SER U 66 -0.89 -52.59 20.01
C SER U 66 -1.83 -53.47 19.19
N ALA U 67 -1.71 -53.39 17.88
CA ALA U 67 -2.56 -54.15 16.97
C ALA U 67 -1.73 -55.05 16.07
N ALA U 68 -2.08 -56.34 16.04
CA ALA U 68 -1.39 -57.34 15.22
C ALA U 68 -2.43 -58.12 14.43
N GLY U 69 -2.81 -57.59 13.25
CA GLY U 69 -3.78 -58.21 12.37
C GLY U 69 -5.13 -58.56 12.98
N THR U 70 -5.37 -59.87 13.09
CA THR U 70 -6.63 -60.35 13.67
C THR U 70 -6.66 -60.10 15.17
N ASP U 71 -5.49 -60.00 15.79
CA ASP U 71 -5.38 -59.77 17.22
C ASP U 71 -5.12 -58.31 17.53
N PHE U 72 -5.55 -57.88 18.72
CA PHE U 72 -5.37 -56.50 19.19
C PHE U 72 -4.93 -56.59 20.64
N THR U 73 -3.62 -56.60 20.85
CA THR U 73 -3.03 -56.72 22.19
C THR U 73 -2.91 -55.39 22.95
N LEU U 74 -3.85 -55.15 23.85
CA LEU U 74 -3.85 -53.93 24.66
C LEU U 74 -2.76 -54.11 25.71
N THR U 75 -1.61 -53.48 25.50
CA THR U 75 -0.47 -53.61 26.40
C THR U 75 -0.59 -52.61 27.56
N ILE U 76 -1.32 -53.00 28.60
CA ILE U 76 -1.53 -52.14 29.75
C ILE U 76 -0.35 -52.22 30.70
N GLY U 77 0.39 -51.12 30.81
CA GLY U 77 1.54 -51.09 31.70
C GLY U 77 1.15 -50.52 33.05
N ASN U 78 1.94 -50.89 34.07
CA ASN U 78 1.75 -50.48 35.46
C ASN U 78 0.34 -50.83 35.96
N LEU U 79 0.07 -52.13 36.02
CA LEU U 79 -1.23 -52.61 36.48
C LEU U 79 -1.46 -52.20 37.93
N GLN U 80 -2.70 -51.87 38.27
CA GLN U 80 -3.05 -51.44 39.62
C GLN U 80 -4.17 -52.28 40.20
N ALA U 81 -4.63 -51.90 41.40
CA ALA U 81 -5.71 -52.62 42.06
C ALA U 81 -7.02 -52.46 41.28
N GLU U 82 -7.25 -51.28 40.70
CA GLU U 82 -8.46 -51.03 39.94
C GLU U 82 -8.35 -51.70 38.57
N ASP U 83 -7.13 -52.05 38.15
CA ASP U 83 -6.92 -52.70 36.87
C ASP U 83 -7.33 -54.17 36.92
N PHE U 84 -7.53 -54.72 38.11
CA PHE U 84 -7.95 -56.12 38.22
C PHE U 84 -9.44 -56.17 37.89
N GLY U 85 -9.77 -56.34 36.62
CA GLY U 85 -11.16 -56.39 36.22
C GLY U 85 -11.32 -57.14 34.92
N THR U 86 -12.53 -57.04 34.36
CA THR U 86 -12.87 -57.71 33.11
C THR U 86 -13.05 -56.68 32.00
N PHE U 87 -12.03 -56.56 31.16
CA PHE U 87 -12.06 -55.62 30.05
C PHE U 87 -12.99 -56.18 28.97
N TYR U 88 -13.41 -55.32 28.04
CA TYR U 88 -14.27 -55.75 26.95
C TYR U 88 -13.99 -55.05 25.63
N CYS U 89 -13.19 -55.69 24.79
CA CYS U 89 -12.87 -55.11 23.49
C CYS U 89 -14.10 -55.26 22.60
N GLN U 90 -14.82 -54.16 22.39
CA GLN U 90 -16.02 -54.18 21.56
C GLN U 90 -15.84 -53.39 20.28
N GLN U 91 -15.95 -54.09 19.15
CA GLN U 91 -15.87 -53.41 17.88
C GLN U 91 -17.14 -52.57 17.78
N TYR U 92 -16.99 -51.32 17.39
CA TYR U 92 -18.15 -50.46 17.22
C TYR U 92 -18.07 -50.07 15.76
N ASP U 93 -17.43 -50.95 14.99
CA ASP U 93 -17.27 -50.81 13.55
C ASP U 93 -18.40 -51.49 12.78
N THR U 94 -18.50 -52.80 12.84
CA THR U 94 -19.55 -53.42 12.05
C THR U 94 -20.94 -53.25 12.68
N TYR U 95 -21.95 -53.67 11.93
CA TYR U 95 -23.35 -53.56 12.36
C TYR U 95 -23.96 -54.95 12.46
N PRO U 96 -24.30 -55.42 13.67
CA PRO U 96 -24.10 -54.73 14.95
C PRO U 96 -22.71 -54.94 15.55
N GLY U 97 -22.43 -54.27 16.66
CA GLY U 97 -21.14 -54.41 17.33
C GLY U 97 -21.18 -55.59 18.29
N THR U 98 -20.07 -56.31 18.36
CA THR U 98 -19.96 -57.48 19.22
C THR U 98 -18.83 -57.42 20.23
N PHE U 99 -19.06 -58.02 21.40
CA PHE U 99 -18.04 -58.08 22.43
C PHE U 99 -17.04 -59.19 22.17
N GLY U 100 -15.97 -59.20 22.93
CA GLY U 100 -14.97 -60.24 22.86
C GLY U 100 -15.35 -61.33 23.83
N GLN U 101 -14.34 -62.04 24.32
CA GLN U 101 -14.60 -63.10 25.29
C GLN U 101 -14.47 -62.59 26.72
N GLY U 102 -13.71 -61.54 26.92
CA GLY U 102 -13.47 -60.95 28.22
C GLY U 102 -12.16 -61.45 28.81
N THR U 103 -11.47 -60.57 29.52
CA THR U 103 -10.20 -60.90 30.15
C THR U 103 -10.18 -60.53 31.63
N LYS U 104 -10.06 -61.53 32.49
CA LYS U 104 -10.03 -61.32 33.92
C LYS U 104 -8.58 -61.20 34.40
N VAL U 105 -8.28 -60.08 35.06
CA VAL U 105 -6.95 -59.84 35.60
C VAL U 105 -7.05 -60.07 37.10
N GLU U 106 -6.27 -61.01 37.61
CA GLU U 106 -6.29 -61.34 39.03
C GLU U 106 -4.89 -61.42 39.63
N VAL U 107 -4.81 -61.82 40.88
CA VAL U 107 -3.53 -61.95 41.57
C VAL U 107 -2.82 -63.22 41.08
#